data_1Q8K
#
_entry.id   1Q8K
#
_cell.length_a   1.000
_cell.length_b   1.000
_cell.length_c   1.000
_cell.angle_alpha   90.00
_cell.angle_beta   90.00
_cell.angle_gamma   90.00
#
_symmetry.space_group_name_H-M   'P 1'
#
_entity_poly.entity_id   1
_entity_poly.type   'polypeptide(L)'
_entity_poly.pdbx_seq_one_letter_code
;MSCRFYQHKFPEVEDVVMVNVRSIQEMGAYVSLLEYNNIEGMIHLSELSRRRIRSINKLIRIGRNECVKVIRVDKEKGYI
DLSKRRVSPEEAIKCEDKFTKSKTVYSILRHVAEVLEYTKDEQLESLFQRTAWVFDDKYKRPGYGAYDAFKHAVSDPSIL
DSLDLNEDEREVLINNINRRLTPQAVKIRADIEVACYGYEGIDAVKEALRAGLNCSTENMPIKINLIAPPRYVMTTTTLE
RTEGLSVLSQAMAVIKEKIEEKRGVFNVQMEPKVVTDTDETELARQMERLERENAEVDGDLEHHHHHH
;
_entity_poly.pdbx_strand_id   A
#
# COMPACT_ATOMS: atom_id res chain seq x y z
N MET A 1 10.71 -16.68 17.95
CA MET A 1 9.94 -15.78 17.02
C MET A 1 10.84 -15.26 15.90
N SER A 2 11.35 -16.15 15.08
CA SER A 2 12.24 -15.71 13.97
C SER A 2 11.46 -15.71 12.64
N CYS A 3 11.08 -16.86 12.16
CA CYS A 3 10.32 -16.95 10.87
C CYS A 3 9.18 -15.91 10.85
N ARG A 4 8.74 -15.53 9.68
CA ARG A 4 7.65 -14.52 9.59
C ARG A 4 7.11 -14.45 8.15
N PHE A 5 7.98 -14.37 7.18
CA PHE A 5 7.50 -14.28 5.78
C PHE A 5 6.94 -15.61 5.28
N TYR A 6 6.92 -16.63 6.10
CA TYR A 6 6.36 -17.95 5.65
C TYR A 6 6.45 -19.00 6.76
N GLN A 7 6.42 -18.59 7.99
CA GLN A 7 6.49 -19.57 9.12
C GLN A 7 7.62 -20.59 8.87
N HIS A 8 8.61 -20.22 8.12
CA HIS A 8 9.74 -21.18 7.82
C HIS A 8 9.24 -22.32 6.94
N LYS A 9 9.60 -22.34 5.69
CA LYS A 9 9.14 -23.43 4.78
C LYS A 9 9.79 -23.27 3.39
N PHE A 10 11.03 -23.66 3.26
CA PHE A 10 11.71 -23.52 1.93
C PHE A 10 12.02 -24.90 1.34
N PRO A 11 12.25 -24.92 0.04
CA PRO A 11 12.54 -26.20 -0.67
C PRO A 11 13.93 -26.72 -0.32
N GLU A 12 14.45 -27.62 -1.11
CA GLU A 12 15.82 -28.17 -0.83
C GLU A 12 16.74 -27.96 -2.02
N VAL A 13 17.78 -27.18 -1.84
CA VAL A 13 18.76 -26.93 -2.95
C VAL A 13 18.10 -26.19 -4.12
N GLU A 14 17.54 -25.05 -3.85
CA GLU A 14 16.88 -24.26 -4.94
C GLU A 14 16.29 -22.95 -4.38
N ASP A 15 16.92 -22.39 -3.39
CA ASP A 15 16.39 -21.12 -2.81
C ASP A 15 17.26 -19.93 -3.24
N VAL A 16 16.76 -19.13 -4.15
CA VAL A 16 17.54 -17.93 -4.60
C VAL A 16 16.91 -16.67 -4.02
N VAL A 17 17.56 -16.02 -3.10
CA VAL A 17 16.99 -14.79 -2.49
C VAL A 17 18.08 -13.87 -1.95
N MET A 18 17.71 -12.80 -1.31
CA MET A 18 18.73 -11.87 -0.74
C MET A 18 18.86 -12.10 0.77
N VAL A 19 20.06 -12.27 1.24
CA VAL A 19 20.27 -12.52 2.70
C VAL A 19 21.23 -11.48 3.28
N ASN A 20 21.33 -11.41 4.58
CA ASN A 20 22.27 -10.42 5.20
C ASN A 20 23.37 -11.16 5.96
N VAL A 21 24.61 -10.83 5.69
CA VAL A 21 25.75 -11.51 6.38
C VAL A 21 25.51 -11.64 7.90
N ARG A 22 26.07 -12.64 8.51
CA ARG A 22 25.89 -12.83 9.99
C ARG A 22 27.26 -13.07 10.64
N SER A 23 27.90 -14.16 10.31
CA SER A 23 29.24 -14.44 10.90
C SER A 23 30.24 -14.76 9.77
N ILE A 24 31.24 -13.95 9.59
CA ILE A 24 32.23 -14.20 8.52
C ILE A 24 33.39 -15.06 9.04
N GLN A 25 33.78 -16.07 8.29
CA GLN A 25 34.90 -16.95 8.73
C GLN A 25 35.92 -17.11 7.60
N GLU A 26 37.12 -17.52 7.92
CA GLU A 26 38.16 -17.70 6.85
C GLU A 26 37.84 -18.95 6.02
N MET A 27 37.25 -19.94 6.62
CA MET A 27 36.92 -21.19 5.86
C MET A 27 35.41 -21.24 5.57
N GLY A 28 34.79 -20.10 5.49
CA GLY A 28 33.32 -20.06 5.21
C GLY A 28 32.76 -18.73 5.68
N ALA A 29 31.60 -18.36 5.23
CA ALA A 29 31.01 -17.05 5.67
C ALA A 29 29.55 -17.23 6.04
N TYR A 30 29.26 -17.30 7.31
CA TYR A 30 27.85 -17.47 7.75
C TYR A 30 27.03 -16.22 7.41
N VAL A 31 25.83 -16.40 6.97
CA VAL A 31 24.98 -15.23 6.62
C VAL A 31 23.59 -15.36 7.22
N SER A 32 22.71 -14.46 6.90
CA SER A 32 21.34 -14.53 7.47
C SER A 32 20.32 -14.61 6.34
N LEU A 33 19.86 -15.79 6.02
CA LEU A 33 18.85 -15.93 4.93
C LEU A 33 17.51 -15.34 5.39
N LEU A 34 17.50 -14.06 5.68
CA LEU A 34 16.24 -13.40 6.13
C LEU A 34 15.68 -14.11 7.36
N GLU A 35 15.73 -13.46 8.50
CA GLU A 35 15.19 -14.10 9.75
C GLU A 35 13.66 -14.05 9.70
N TYR A 36 13.07 -14.30 8.56
CA TYR A 36 11.58 -14.26 8.46
C TYR A 36 11.11 -15.26 7.40
N ASN A 37 11.58 -15.12 6.19
CA ASN A 37 11.13 -16.04 5.11
C ASN A 37 11.95 -17.34 5.08
N ASN A 38 13.00 -17.43 5.85
CA ASN A 38 13.80 -18.68 5.85
C ASN A 38 14.55 -18.83 7.19
N ILE A 39 15.77 -18.35 7.26
CA ILE A 39 16.58 -18.46 8.52
C ILE A 39 18.01 -17.96 8.23
N GLU A 40 18.99 -18.46 8.94
CA GLU A 40 20.39 -18.02 8.68
C GLU A 40 20.94 -18.82 7.48
N GLY A 41 22.24 -18.91 7.35
CA GLY A 41 22.79 -19.69 6.20
C GLY A 41 24.32 -19.76 6.28
N MET A 42 24.90 -20.68 5.58
CA MET A 42 26.38 -20.83 5.59
C MET A 42 26.89 -20.87 4.15
N ILE A 43 27.78 -19.99 3.79
CA ILE A 43 28.29 -19.99 2.39
C ILE A 43 29.69 -20.64 2.34
N HIS A 44 30.04 -21.20 1.21
CA HIS A 44 31.37 -21.86 1.09
C HIS A 44 32.37 -20.93 0.40
N LEU A 45 33.31 -20.40 1.13
CA LEU A 45 34.33 -19.48 0.52
C LEU A 45 35.11 -20.23 -0.57
N SER A 46 35.26 -21.52 -0.42
CA SER A 46 36.00 -22.31 -1.43
C SER A 46 35.20 -22.41 -2.74
N GLU A 47 33.98 -21.93 -2.73
CA GLU A 47 33.15 -21.97 -3.97
C GLU A 47 32.44 -20.63 -4.11
N LEU A 48 32.93 -19.63 -3.42
CA LEU A 48 32.31 -18.29 -3.50
C LEU A 48 33.19 -17.34 -4.32
N SER A 49 34.48 -17.46 -4.19
CA SER A 49 35.40 -16.57 -4.94
C SER A 49 36.48 -17.39 -5.66
N ARG A 50 36.28 -17.68 -6.92
CA ARG A 50 37.30 -18.47 -7.68
C ARG A 50 38.66 -17.76 -7.63
N ARG A 51 39.66 -18.31 -8.26
CA ARG A 51 41.01 -17.65 -8.24
C ARG A 51 41.46 -17.42 -6.79
N ARG A 52 42.39 -16.52 -6.59
CA ARG A 52 42.87 -16.25 -5.20
C ARG A 52 41.69 -15.90 -4.29
N ILE A 53 41.89 -15.91 -3.01
CA ILE A 53 40.79 -15.58 -2.06
C ILE A 53 41.37 -15.03 -0.75
N ARG A 54 40.76 -14.03 -0.19
CA ARG A 54 41.27 -13.45 1.09
C ARG A 54 40.21 -13.56 2.19
N SER A 55 39.09 -12.91 2.02
CA SER A 55 38.02 -12.99 3.05
C SER A 55 36.68 -12.48 2.49
N ILE A 56 36.49 -12.59 1.20
CA ILE A 56 35.21 -12.13 0.55
C ILE A 56 34.67 -10.89 1.26
N ASN A 57 35.54 -10.00 1.67
CA ASN A 57 35.06 -8.77 2.37
C ASN A 57 34.29 -7.87 1.41
N LYS A 58 34.42 -8.09 0.13
CA LYS A 58 33.67 -7.26 -0.85
C LYS A 58 32.35 -7.94 -1.22
N LEU A 59 31.95 -8.93 -0.46
CA LEU A 59 30.67 -9.64 -0.75
C LEU A 59 29.72 -9.49 0.43
N ILE A 60 30.09 -9.99 1.58
CA ILE A 60 29.21 -9.88 2.77
C ILE A 60 30.06 -9.70 4.03
N ARG A 61 29.86 -8.61 4.75
CA ARG A 61 30.66 -8.39 5.99
C ARG A 61 29.85 -7.55 6.99
N ILE A 62 29.17 -8.21 7.89
CA ILE A 62 28.35 -7.50 8.93
C ILE A 62 27.82 -6.15 8.43
N GLY A 63 26.73 -6.16 7.68
CA GLY A 63 26.18 -4.87 7.17
C GLY A 63 26.11 -4.88 5.64
N ARG A 64 26.40 -5.99 5.02
CA ARG A 64 26.34 -6.05 3.53
C ARG A 64 25.45 -7.21 3.07
N ASN A 65 24.24 -6.93 2.68
CA ASN A 65 23.32 -8.01 2.23
C ASN A 65 23.55 -8.28 0.74
N GLU A 66 23.31 -9.49 0.29
CA GLU A 66 23.50 -9.82 -1.15
C GLU A 66 22.55 -10.94 -1.57
N CYS A 67 22.47 -11.23 -2.84
CA CYS A 67 21.57 -12.31 -3.30
C CYS A 67 22.36 -13.59 -3.59
N VAL A 68 22.05 -14.66 -2.90
CA VAL A 68 22.78 -15.93 -3.12
C VAL A 68 21.78 -17.08 -3.29
N LYS A 69 22.25 -18.22 -3.72
CA LYS A 69 21.33 -19.38 -3.91
C LYS A 69 21.75 -20.53 -3.00
N VAL A 70 20.81 -21.17 -2.35
CA VAL A 70 21.15 -22.31 -1.46
C VAL A 70 21.61 -23.50 -2.29
N ILE A 71 22.49 -24.31 -1.77
CA ILE A 71 22.99 -25.49 -2.53
C ILE A 71 22.57 -26.79 -1.85
N ARG A 72 22.32 -26.75 -0.56
CA ARG A 72 21.92 -28.00 0.15
C ARG A 72 21.61 -27.70 1.64
N VAL A 73 20.49 -28.17 2.12
CA VAL A 73 20.14 -27.92 3.55
C VAL A 73 20.32 -29.20 4.35
N ASP A 74 20.26 -29.09 5.66
CA ASP A 74 20.42 -30.31 6.51
C ASP A 74 19.13 -30.60 7.27
N LYS A 75 18.61 -31.79 7.12
CA LYS A 75 17.35 -32.17 7.83
C LYS A 75 17.66 -32.66 9.24
N GLU A 76 18.91 -32.82 9.55
CA GLU A 76 19.29 -33.29 10.91
C GLU A 76 19.03 -32.17 11.93
N LYS A 77 18.74 -30.99 11.45
CA LYS A 77 18.46 -29.85 12.37
C LYS A 77 17.82 -28.69 11.59
N GLY A 78 18.25 -28.48 10.37
CA GLY A 78 17.68 -27.38 9.55
C GLY A 78 18.79 -26.38 9.17
N TYR A 79 19.70 -26.80 8.34
CA TYR A 79 20.81 -25.88 7.94
C TYR A 79 20.66 -25.54 6.44
N ILE A 80 21.41 -24.60 5.94
CA ILE A 80 21.29 -24.24 4.50
C ILE A 80 22.65 -23.85 3.92
N ASP A 81 23.10 -24.56 2.91
CA ASP A 81 24.41 -24.22 2.28
C ASP A 81 24.21 -23.01 1.36
N LEU A 82 25.23 -22.23 1.13
CA LEU A 82 25.05 -21.03 0.27
C LEU A 82 26.20 -20.89 -0.74
N SER A 83 25.87 -20.47 -1.94
CA SER A 83 26.90 -20.26 -2.98
C SER A 83 26.39 -19.21 -3.97
N LYS A 84 27.26 -18.44 -4.58
CA LYS A 84 26.79 -17.42 -5.53
C LYS A 84 27.08 -17.87 -6.95
N ARG A 85 28.22 -18.50 -7.16
CA ARG A 85 28.60 -18.98 -8.52
C ARG A 85 28.26 -17.90 -9.54
N ARG A 86 28.34 -16.65 -9.13
CA ARG A 86 28.02 -15.52 -10.06
C ARG A 86 26.54 -15.58 -10.45
N VAL A 87 25.66 -15.21 -9.56
CA VAL A 87 24.20 -15.24 -9.88
C VAL A 87 23.87 -14.17 -10.92
N SER A 88 22.72 -14.28 -11.55
CA SER A 88 22.34 -13.27 -12.58
C SER A 88 21.42 -12.20 -11.97
N PRO A 89 21.30 -11.09 -12.67
CA PRO A 89 20.43 -10.00 -12.18
C PRO A 89 18.96 -10.41 -12.29
N GLU A 90 18.65 -11.33 -13.17
CA GLU A 90 17.24 -11.80 -13.31
C GLU A 90 16.81 -12.47 -12.00
N GLU A 91 17.71 -13.21 -11.40
CA GLU A 91 17.39 -13.88 -10.11
C GLU A 91 17.34 -12.84 -9.00
N ALA A 92 18.34 -12.02 -8.91
CA ALA A 92 18.36 -10.97 -7.82
C ALA A 92 17.16 -10.05 -7.95
N ILE A 93 16.60 -9.98 -9.12
CA ILE A 93 15.40 -9.12 -9.34
C ILE A 93 14.16 -9.91 -8.94
N LYS A 94 14.13 -11.17 -9.24
CA LYS A 94 12.95 -12.01 -8.86
C LYS A 94 12.83 -12.04 -7.34
N CYS A 95 13.94 -11.97 -6.66
CA CYS A 95 13.91 -11.99 -5.17
C CYS A 95 13.56 -10.59 -4.64
N GLU A 96 14.15 -9.58 -5.21
CA GLU A 96 13.84 -8.19 -4.76
C GLU A 96 12.32 -7.97 -4.77
N ASP A 97 11.65 -8.48 -5.76
CA ASP A 97 10.17 -8.31 -5.83
C ASP A 97 9.49 -9.28 -4.86
N LYS A 98 9.98 -10.49 -4.79
CA LYS A 98 9.39 -11.50 -3.86
C LYS A 98 9.27 -10.92 -2.45
N PHE A 99 10.28 -10.21 -1.99
CA PHE A 99 10.21 -9.63 -0.63
C PHE A 99 9.45 -8.30 -0.69
N THR A 100 9.53 -7.61 -1.80
CA THR A 100 8.79 -6.32 -1.92
C THR A 100 7.29 -6.58 -1.70
N LYS A 101 6.76 -7.59 -2.33
CA LYS A 101 5.33 -7.93 -2.16
C LYS A 101 5.13 -8.67 -0.85
N SER A 102 6.04 -9.55 -0.52
CA SER A 102 5.92 -10.31 0.76
C SER A 102 6.12 -9.37 1.95
N LYS A 103 6.79 -8.26 1.74
CA LYS A 103 7.02 -7.30 2.85
C LYS A 103 5.80 -6.39 2.99
N THR A 104 5.24 -5.96 1.89
CA THR A 104 4.03 -5.08 1.97
C THR A 104 2.93 -5.86 2.67
N VAL A 105 2.65 -7.04 2.18
CA VAL A 105 1.59 -7.89 2.82
C VAL A 105 2.03 -8.24 4.24
N TYR A 106 3.30 -8.48 4.42
CA TYR A 106 3.82 -8.79 5.77
C TYR A 106 3.52 -7.62 6.72
N SER A 107 3.84 -6.43 6.30
CA SER A 107 3.56 -5.23 7.15
C SER A 107 2.06 -4.97 7.21
N ILE A 108 1.37 -5.22 6.14
CA ILE A 108 -0.10 -5.01 6.13
C ILE A 108 -0.73 -5.82 7.27
N LEU A 109 -0.30 -7.04 7.44
CA LEU A 109 -0.85 -7.88 8.53
C LEU A 109 -0.27 -7.40 9.87
N ARG A 110 0.96 -6.94 9.88
CA ARG A 110 1.55 -6.44 11.15
C ARG A 110 0.70 -5.30 11.70
N HIS A 111 0.24 -4.43 10.84
CA HIS A 111 -0.61 -3.30 11.32
C HIS A 111 -1.98 -3.85 11.72
N VAL A 112 -2.53 -4.74 10.94
CA VAL A 112 -3.87 -5.32 11.29
C VAL A 112 -3.78 -5.91 12.70
N ALA A 113 -2.69 -6.56 13.00
CA ALA A 113 -2.52 -7.15 14.36
C ALA A 113 -2.21 -6.02 15.35
N GLU A 114 -1.57 -4.98 14.88
CA GLU A 114 -1.24 -3.84 15.79
C GLU A 114 -2.51 -3.15 16.28
N VAL A 115 -3.56 -3.17 15.51
CA VAL A 115 -4.84 -2.51 15.95
C VAL A 115 -5.73 -3.52 16.69
N LEU A 116 -5.64 -4.78 16.34
CA LEU A 116 -6.46 -5.80 17.05
C LEU A 116 -5.71 -6.32 18.27
N GLU A 117 -4.65 -5.65 18.61
CA GLU A 117 -3.83 -6.04 19.79
C GLU A 117 -3.18 -7.41 19.55
N TYR A 118 -2.27 -7.48 18.62
CA TYR A 118 -1.59 -8.78 18.34
C TYR A 118 -0.07 -8.61 18.38
N THR A 119 0.44 -8.16 19.49
CA THR A 119 1.92 -7.96 19.60
C THR A 119 2.54 -9.06 20.46
N LYS A 120 2.04 -10.26 20.34
CA LYS A 120 2.60 -11.38 21.14
C LYS A 120 3.60 -12.19 20.30
N ASP A 121 4.20 -11.56 19.32
CA ASP A 121 5.19 -12.26 18.45
C ASP A 121 4.55 -13.46 17.75
N GLU A 122 4.41 -14.57 18.42
CA GLU A 122 3.79 -15.76 17.78
C GLU A 122 2.43 -15.41 17.17
N GLN A 123 1.72 -14.49 17.77
CA GLN A 123 0.38 -14.11 17.23
C GLN A 123 0.53 -13.58 15.80
N LEU A 124 1.19 -12.46 15.63
CA LEU A 124 1.37 -11.89 14.26
C LEU A 124 1.94 -12.96 13.32
N GLU A 125 2.87 -13.75 13.79
CA GLU A 125 3.45 -14.83 12.95
C GLU A 125 2.39 -15.90 12.69
N SER A 126 1.44 -16.00 13.57
CA SER A 126 0.35 -17.01 13.39
C SER A 126 -0.60 -16.53 12.29
N LEU A 127 -0.94 -15.26 12.33
CA LEU A 127 -1.83 -14.71 11.28
C LEU A 127 -1.09 -14.76 9.96
N PHE A 128 0.18 -14.48 10.01
CA PHE A 128 1.03 -14.53 8.79
C PHE A 128 0.86 -15.90 8.11
N GLN A 129 1.02 -16.95 8.88
CA GLN A 129 0.89 -18.32 8.32
C GLN A 129 -0.59 -18.73 8.22
N ARG A 130 -1.48 -17.93 8.74
CA ARG A 130 -2.92 -18.28 8.67
C ARG A 130 -3.65 -17.44 7.62
N THR A 131 -2.95 -16.61 6.88
CA THR A 131 -3.66 -15.78 5.86
C THR A 131 -2.76 -15.47 4.65
N ALA A 132 -1.81 -14.60 4.82
CA ALA A 132 -0.92 -14.22 3.68
C ALA A 132 -0.14 -15.43 3.14
N TRP A 133 0.46 -16.21 3.99
CA TRP A 133 1.25 -17.38 3.50
C TRP A 133 0.32 -18.56 3.20
N VAL A 134 -0.89 -18.52 3.69
CA VAL A 134 -1.84 -19.63 3.38
C VAL A 134 -2.22 -19.51 1.91
N PHE A 135 -2.45 -18.30 1.48
CA PHE A 135 -2.82 -18.07 0.05
C PHE A 135 -1.58 -18.31 -0.82
N ASP A 136 -0.45 -17.84 -0.38
CA ASP A 136 0.81 -18.06 -1.18
C ASP A 136 0.98 -19.56 -1.44
N ASP A 137 0.64 -20.37 -0.48
CA ASP A 137 0.76 -21.85 -0.68
C ASP A 137 -0.46 -22.35 -1.42
N LYS A 138 -1.51 -21.59 -1.38
CA LYS A 138 -2.75 -21.97 -2.09
C LYS A 138 -2.48 -22.04 -3.59
N TYR A 139 -1.74 -21.11 -4.12
CA TYR A 139 -1.43 -21.16 -5.59
C TYR A 139 0.05 -21.48 -5.82
N LYS A 140 0.73 -21.93 -4.81
CA LYS A 140 2.17 -22.28 -4.96
C LYS A 140 2.98 -21.06 -5.43
N ARG A 141 2.95 -20.00 -4.68
CA ARG A 141 3.72 -18.78 -5.07
C ARG A 141 4.51 -18.25 -3.87
N PRO A 142 5.74 -17.88 -4.10
CA PRO A 142 6.61 -17.37 -3.00
C PRO A 142 6.22 -15.92 -2.64
N GLY A 143 5.07 -15.71 -2.06
CA GLY A 143 4.67 -14.33 -1.68
C GLY A 143 3.91 -13.68 -2.83
N TYR A 144 4.45 -13.76 -4.02
CA TYR A 144 3.78 -13.13 -5.20
C TYR A 144 2.31 -13.53 -5.28
N GLY A 145 2.00 -14.77 -5.03
CA GLY A 145 0.58 -15.24 -5.10
C GLY A 145 -0.27 -14.49 -4.06
N ALA A 146 0.03 -14.65 -2.80
CA ALA A 146 -0.77 -13.97 -1.74
C ALA A 146 -0.96 -12.48 -2.06
N TYR A 147 0.07 -11.83 -2.53
CA TYR A 147 -0.06 -10.38 -2.87
C TYR A 147 -1.16 -10.19 -3.90
N ASP A 148 -0.96 -10.72 -5.09
CA ASP A 148 -2.00 -10.57 -6.15
C ASP A 148 -3.38 -10.95 -5.61
N ALA A 149 -3.45 -12.04 -4.88
CA ALA A 149 -4.76 -12.45 -4.30
C ALA A 149 -5.20 -11.42 -3.26
N PHE A 150 -4.27 -10.81 -2.58
CA PHE A 150 -4.62 -9.79 -1.56
C PHE A 150 -5.11 -8.52 -2.27
N LYS A 151 -4.80 -8.38 -3.53
CA LYS A 151 -5.25 -7.18 -4.29
C LYS A 151 -6.58 -7.48 -4.97
N HIS A 152 -6.80 -8.71 -5.33
CA HIS A 152 -8.09 -9.09 -6.00
C HIS A 152 -9.12 -9.52 -4.96
N ALA A 153 -8.70 -9.71 -3.73
CA ALA A 153 -9.65 -10.13 -2.66
C ALA A 153 -10.58 -8.97 -2.31
N VAL A 154 -10.36 -7.81 -2.87
CA VAL A 154 -11.24 -6.64 -2.55
C VAL A 154 -12.55 -6.76 -3.33
N SER A 155 -12.48 -7.28 -4.53
CA SER A 155 -13.72 -7.44 -5.36
C SER A 155 -14.02 -8.92 -5.57
N ASP A 156 -13.06 -9.79 -5.37
CA ASP A 156 -13.30 -11.24 -5.57
C ASP A 156 -13.11 -12.01 -4.26
N PRO A 157 -14.05 -11.84 -3.36
CA PRO A 157 -13.98 -12.53 -2.05
C PRO A 157 -14.34 -14.02 -2.20
N SER A 158 -14.66 -14.46 -3.38
CA SER A 158 -15.03 -15.90 -3.57
C SER A 158 -13.86 -16.80 -3.18
N ILE A 159 -12.66 -16.28 -3.17
CA ILE A 159 -11.48 -17.10 -2.80
C ILE A 159 -11.24 -17.02 -1.28
N LEU A 160 -11.81 -16.03 -0.63
CA LEU A 160 -11.63 -15.89 0.84
C LEU A 160 -12.76 -16.61 1.58
N ASP A 161 -13.39 -17.57 0.94
CA ASP A 161 -14.52 -18.30 1.60
C ASP A 161 -13.96 -19.27 2.65
N SER A 162 -12.78 -19.78 2.45
CA SER A 162 -12.19 -20.73 3.43
C SER A 162 -11.37 -19.97 4.48
N LEU A 163 -11.62 -18.70 4.64
CA LEU A 163 -10.86 -17.91 5.65
C LEU A 163 -11.64 -17.84 6.97
N ASP A 164 -11.52 -18.84 7.79
CA ASP A 164 -12.26 -18.85 9.09
C ASP A 164 -11.62 -17.85 10.06
N LEU A 165 -12.02 -16.61 9.97
CA LEU A 165 -11.44 -15.58 10.89
C LEU A 165 -12.54 -14.95 11.74
N ASN A 166 -12.19 -14.03 12.60
CA ASN A 166 -13.22 -13.37 13.46
C ASN A 166 -13.88 -12.22 12.70
N GLU A 167 -15.05 -11.80 13.13
CA GLU A 167 -15.73 -10.68 12.42
C GLU A 167 -14.97 -9.37 12.61
N ASP A 168 -14.08 -9.37 13.54
CA ASP A 168 -13.27 -8.14 13.79
C ASP A 168 -11.97 -8.20 12.99
N GLU A 169 -11.40 -9.36 12.87
CA GLU A 169 -10.13 -9.49 12.09
C GLU A 169 -10.44 -9.65 10.60
N ARG A 170 -11.62 -10.10 10.27
CA ARG A 170 -11.99 -10.28 8.84
C ARG A 170 -12.40 -8.93 8.24
N GLU A 171 -13.11 -8.14 9.00
CA GLU A 171 -13.55 -6.81 8.49
C GLU A 171 -12.39 -5.82 8.59
N VAL A 172 -11.62 -5.88 9.66
CA VAL A 172 -10.48 -4.96 9.81
C VAL A 172 -9.41 -5.30 8.78
N LEU A 173 -9.08 -6.57 8.65
CA LEU A 173 -8.05 -6.97 7.66
C LEU A 173 -8.51 -6.58 6.26
N ILE A 174 -9.72 -6.94 5.89
CA ILE A 174 -10.23 -6.56 4.54
C ILE A 174 -10.21 -5.04 4.41
N ASN A 175 -10.59 -4.34 5.45
CA ASN A 175 -10.58 -2.85 5.40
C ASN A 175 -9.15 -2.37 5.17
N ASN A 176 -8.19 -3.10 5.69
CA ASN A 176 -6.76 -2.71 5.50
C ASN A 176 -6.32 -3.02 4.07
N ILE A 177 -6.72 -4.14 3.54
CA ILE A 177 -6.32 -4.50 2.15
C ILE A 177 -6.82 -3.42 1.19
N ASN A 178 -8.04 -2.98 1.36
CA ASN A 178 -8.58 -1.91 0.46
C ASN A 178 -7.92 -0.58 0.78
N ARG A 179 -7.75 -0.29 2.05
CA ARG A 179 -7.10 0.99 2.43
C ARG A 179 -5.65 1.00 1.95
N ARG A 180 -5.13 -0.15 1.60
CA ARG A 180 -3.72 -0.22 1.10
C ARG A 180 -3.72 -0.61 -0.37
N LEU A 181 -4.78 -1.20 -0.86
CA LEU A 181 -4.82 -1.60 -2.29
C LEU A 181 -5.94 -0.87 -3.04
N THR A 182 -7.17 -1.20 -2.76
CA THR A 182 -8.30 -0.53 -3.45
C THR A 182 -9.02 0.46 -2.52
N PRO A 183 -8.80 1.73 -2.74
CA PRO A 183 -9.45 2.78 -1.91
C PRO A 183 -10.93 2.89 -2.28
N GLN A 184 -11.59 3.93 -1.82
CA GLN A 184 -13.04 4.10 -2.16
C GLN A 184 -13.32 5.53 -2.60
N ALA A 185 -13.06 5.83 -3.85
CA ALA A 185 -13.30 7.20 -4.39
C ALA A 185 -12.52 8.23 -3.59
N VAL A 186 -12.09 9.29 -4.23
CA VAL A 186 -11.29 10.33 -3.50
C VAL A 186 -12.16 11.56 -3.21
N LYS A 187 -11.84 12.28 -2.16
CA LYS A 187 -12.61 13.51 -1.84
C LYS A 187 -12.00 14.69 -2.58
N ILE A 188 -12.77 15.32 -3.43
CA ILE A 188 -12.23 16.46 -4.22
C ILE A 188 -13.03 17.73 -3.96
N ARG A 189 -12.41 18.87 -4.09
CA ARG A 189 -13.16 20.14 -3.87
C ARG A 189 -12.51 21.32 -4.61
N ALA A 190 -13.26 21.97 -5.45
CA ALA A 190 -12.73 23.17 -6.18
C ALA A 190 -13.68 24.34 -5.95
N ASP A 191 -13.24 25.56 -6.11
CA ASP A 191 -14.16 26.71 -5.87
C ASP A 191 -14.47 27.40 -7.19
N ILE A 192 -15.66 27.94 -7.32
CA ILE A 192 -16.03 28.63 -8.58
C ILE A 192 -16.93 29.82 -8.28
N GLU A 193 -17.04 30.74 -9.19
CA GLU A 193 -17.89 31.93 -8.94
C GLU A 193 -18.87 32.12 -10.10
N VAL A 194 -20.11 31.76 -9.91
CA VAL A 194 -21.11 31.92 -11.00
C VAL A 194 -21.87 33.23 -10.80
N ALA A 195 -22.16 33.93 -11.86
CA ALA A 195 -22.89 35.22 -11.73
C ALA A 195 -23.62 35.55 -13.04
N CYS A 196 -24.90 35.78 -12.97
CA CYS A 196 -25.67 36.13 -14.20
C CYS A 196 -26.30 37.51 -14.03
N TYR A 197 -25.52 38.55 -14.21
CA TYR A 197 -26.05 39.94 -14.04
C TYR A 197 -27.34 40.12 -14.86
N GLY A 198 -28.47 40.08 -14.20
CA GLY A 198 -29.77 40.24 -14.92
C GLY A 198 -30.86 39.50 -14.16
N TYR A 199 -32.02 40.10 -14.04
CA TYR A 199 -33.14 39.44 -13.31
C TYR A 199 -33.55 38.14 -14.02
N GLU A 200 -33.14 37.97 -15.24
CA GLU A 200 -33.51 36.72 -15.99
C GLU A 200 -32.28 35.81 -16.11
N GLY A 201 -31.20 36.15 -15.46
CA GLY A 201 -29.98 35.31 -15.52
C GLY A 201 -30.03 34.27 -14.41
N ILE A 202 -30.88 34.45 -13.44
CA ILE A 202 -30.98 33.48 -12.32
C ILE A 202 -31.33 32.09 -12.88
N ASP A 203 -31.91 32.04 -14.05
CA ASP A 203 -32.25 30.72 -14.65
C ASP A 203 -30.98 30.03 -15.14
N ALA A 204 -29.97 30.79 -15.47
CA ALA A 204 -28.70 30.19 -15.93
C ALA A 204 -27.84 29.87 -14.70
N VAL A 205 -28.05 30.61 -13.66
CA VAL A 205 -27.28 30.37 -12.41
C VAL A 205 -27.68 29.00 -11.84
N LYS A 206 -28.96 28.76 -11.70
CA LYS A 206 -29.41 27.45 -11.16
C LYS A 206 -29.15 26.34 -12.19
N GLU A 207 -29.46 26.58 -13.44
CA GLU A 207 -29.19 25.54 -14.48
C GLU A 207 -27.69 25.25 -14.55
N ALA A 208 -26.88 26.23 -14.25
CA ALA A 208 -25.40 26.03 -14.30
C ALA A 208 -24.97 25.05 -13.21
N LEU A 209 -25.30 25.33 -11.97
CA LEU A 209 -24.91 24.41 -10.87
C LEU A 209 -25.39 22.98 -11.18
N ARG A 210 -26.62 22.85 -11.60
CA ARG A 210 -27.15 21.48 -11.92
C ARG A 210 -26.30 20.85 -13.02
N ALA A 211 -25.82 21.64 -13.95
CA ALA A 211 -24.97 21.10 -15.05
C ALA A 211 -23.65 20.59 -14.47
N GLY A 212 -23.12 21.27 -13.50
CA GLY A 212 -21.84 20.83 -12.89
C GLY A 212 -22.08 19.56 -12.07
N LEU A 213 -23.22 19.47 -11.44
CA LEU A 213 -23.52 18.25 -10.63
C LEU A 213 -23.99 17.12 -11.55
N ASN A 214 -24.38 17.44 -12.75
CA ASN A 214 -24.86 16.39 -13.70
C ASN A 214 -23.68 15.85 -14.54
N CYS A 215 -22.64 16.63 -14.68
CA CYS A 215 -21.48 16.16 -15.49
C CYS A 215 -20.69 15.08 -14.72
N SER A 216 -21.03 14.85 -13.48
CA SER A 216 -20.31 13.81 -12.69
C SER A 216 -20.46 12.44 -13.34
N THR A 217 -20.18 11.38 -12.62
CA THR A 217 -20.31 10.01 -13.19
C THR A 217 -20.95 9.08 -12.16
N GLU A 218 -21.37 7.92 -12.57
CA GLU A 218 -22.00 6.96 -11.61
C GLU A 218 -21.06 6.67 -10.44
N ASN A 219 -21.62 6.48 -9.26
CA ASN A 219 -20.77 6.19 -8.06
C ASN A 219 -19.91 7.41 -7.69
N MET A 220 -20.09 8.52 -8.34
CA MET A 220 -19.28 9.73 -8.00
C MET A 220 -20.21 10.92 -7.73
N PRO A 221 -20.72 10.96 -6.52
CA PRO A 221 -21.65 12.06 -6.14
C PRO A 221 -20.89 13.37 -5.95
N ILE A 222 -21.43 14.44 -6.43
CA ILE A 222 -20.76 15.77 -6.28
C ILE A 222 -21.66 16.72 -5.49
N LYS A 223 -21.09 17.54 -4.66
CA LYS A 223 -21.91 18.48 -3.85
C LYS A 223 -21.43 19.93 -4.05
N ILE A 224 -22.26 20.76 -4.61
CA ILE A 224 -21.87 22.17 -4.83
C ILE A 224 -22.75 23.08 -3.95
N ASN A 225 -22.15 23.77 -3.02
CA ASN A 225 -22.95 24.66 -2.12
C ASN A 225 -22.43 26.10 -2.21
N LEU A 226 -23.26 27.05 -1.85
CA LEU A 226 -22.83 28.47 -1.91
C LEU A 226 -22.48 28.97 -0.50
N ILE A 227 -21.30 29.49 -0.33
CA ILE A 227 -20.91 30.01 1.02
C ILE A 227 -20.94 31.55 1.00
N ALA A 228 -20.98 32.12 -0.17
CA ALA A 228 -21.03 33.61 -0.29
C ALA A 228 -21.58 33.98 -1.67
N PRO A 229 -21.64 35.25 -1.95
CA PRO A 229 -22.15 35.69 -3.25
C PRO A 229 -21.16 35.39 -4.41
N PRO A 230 -20.08 36.13 -4.55
CA PRO A 230 -19.13 35.82 -5.65
C PRO A 230 -18.22 34.63 -5.30
N ARG A 231 -18.79 33.53 -4.84
CA ARG A 231 -17.93 32.37 -4.49
C ARG A 231 -18.79 31.11 -4.24
N TYR A 232 -18.27 29.96 -4.60
CA TYR A 232 -19.04 28.69 -4.38
C TYR A 232 -18.08 27.56 -4.00
N VAL A 233 -18.61 26.40 -3.74
CA VAL A 233 -17.74 25.24 -3.38
C VAL A 233 -18.23 23.99 -4.11
N MET A 234 -17.35 23.32 -4.82
CA MET A 234 -17.79 22.09 -5.55
C MET A 234 -16.95 20.90 -5.09
N THR A 235 -17.55 19.98 -4.40
CA THR A 235 -16.78 18.78 -3.93
C THR A 235 -17.41 17.52 -4.48
N THR A 236 -16.82 16.38 -4.23
CA THR A 236 -17.39 15.11 -4.76
C THR A 236 -16.57 13.92 -4.27
N THR A 237 -16.93 12.76 -4.72
CA THR A 237 -16.20 11.52 -4.33
C THR A 237 -15.91 10.71 -5.59
N THR A 238 -14.81 10.96 -6.22
CA THR A 238 -14.47 10.22 -7.48
C THR A 238 -13.05 9.70 -7.41
N LEU A 239 -12.87 8.42 -7.58
CA LEU A 239 -11.50 7.83 -7.53
C LEU A 239 -10.57 8.54 -8.52
N GLU A 240 -9.31 8.18 -8.50
CA GLU A 240 -8.31 8.82 -9.41
C GLU A 240 -8.07 10.26 -8.96
N ARG A 241 -6.83 10.66 -8.84
CA ARG A 241 -6.52 12.04 -8.39
C ARG A 241 -6.77 13.06 -9.52
N THR A 242 -6.38 12.74 -10.72
CA THR A 242 -6.60 13.70 -11.85
C THR A 242 -7.99 13.53 -12.45
N GLU A 243 -8.36 12.33 -12.80
CA GLU A 243 -9.72 12.11 -13.41
C GLU A 243 -10.80 12.76 -12.54
N GLY A 244 -10.71 12.58 -11.25
CA GLY A 244 -11.72 13.20 -10.35
C GLY A 244 -11.80 14.70 -10.63
N LEU A 245 -10.73 15.40 -10.40
CA LEU A 245 -10.74 16.87 -10.67
C LEU A 245 -11.09 17.09 -12.14
N SER A 246 -10.75 16.15 -12.98
CA SER A 246 -11.09 16.28 -14.42
C SER A 246 -12.60 16.51 -14.56
N VAL A 247 -13.37 15.88 -13.70
CA VAL A 247 -14.84 16.09 -13.77
C VAL A 247 -15.18 17.44 -13.12
N LEU A 248 -14.45 17.80 -12.09
CA LEU A 248 -14.70 19.12 -11.42
C LEU A 248 -14.49 20.23 -12.45
N SER A 249 -13.36 20.24 -13.11
CA SER A 249 -13.09 21.30 -14.13
C SER A 249 -14.11 21.20 -15.27
N GLN A 250 -14.37 20.00 -15.74
CA GLN A 250 -15.38 19.84 -16.83
C GLN A 250 -16.69 20.52 -16.42
N ALA A 251 -16.97 20.51 -15.15
CA ALA A 251 -18.20 21.16 -14.65
C ALA A 251 -17.97 22.68 -14.58
N MET A 252 -16.78 23.06 -14.17
CA MET A 252 -16.45 24.51 -14.08
C MET A 252 -16.52 25.13 -15.48
N ALA A 253 -16.29 24.34 -16.50
CA ALA A 253 -16.35 24.88 -17.88
C ALA A 253 -17.79 24.78 -18.37
N VAL A 254 -18.47 23.74 -17.96
CA VAL A 254 -19.89 23.57 -18.34
C VAL A 254 -20.69 24.72 -17.73
N ILE A 255 -20.53 24.96 -16.46
CA ILE A 255 -21.26 26.08 -15.83
C ILE A 255 -20.77 27.37 -16.46
N LYS A 256 -19.49 27.48 -16.69
CA LYS A 256 -18.98 28.70 -17.37
C LYS A 256 -19.78 28.89 -18.66
N GLU A 257 -20.25 27.79 -19.22
CA GLU A 257 -21.07 27.89 -20.45
C GLU A 257 -22.54 28.07 -20.07
N LYS A 258 -22.98 27.46 -18.98
CA LYS A 258 -24.40 27.63 -18.57
C LYS A 258 -24.61 28.98 -17.89
N ILE A 259 -23.55 29.74 -17.72
CA ILE A 259 -23.69 31.08 -17.06
C ILE A 259 -23.32 32.18 -18.05
N GLU A 260 -22.34 31.95 -18.88
CA GLU A 260 -21.94 32.98 -19.87
C GLU A 260 -22.92 33.00 -21.03
N GLU A 261 -23.49 31.87 -21.37
CA GLU A 261 -24.47 31.83 -22.49
C GLU A 261 -25.68 32.72 -22.16
N LYS A 262 -25.92 32.95 -20.90
CA LYS A 262 -27.08 33.81 -20.51
C LYS A 262 -26.58 35.11 -19.88
N ARG A 263 -25.51 35.67 -20.41
CA ARG A 263 -24.97 36.94 -19.86
C ARG A 263 -24.57 36.77 -18.39
N GLY A 264 -23.58 35.93 -18.13
CA GLY A 264 -23.14 35.72 -16.73
C GLY A 264 -21.61 35.71 -16.68
N VAL A 265 -21.06 35.15 -15.63
CA VAL A 265 -19.57 35.10 -15.50
C VAL A 265 -19.16 33.90 -14.64
N PHE A 266 -17.94 33.47 -14.76
CA PHE A 266 -17.45 32.32 -13.95
C PHE A 266 -16.04 32.60 -13.43
N ASN A 267 -15.76 32.21 -12.21
CA ASN A 267 -14.39 32.45 -11.67
C ASN A 267 -14.01 31.41 -10.61
N VAL A 268 -12.96 30.67 -10.87
CA VAL A 268 -12.50 29.64 -9.90
C VAL A 268 -11.89 30.33 -8.67
N GLN A 269 -11.88 29.67 -7.52
CA GLN A 269 -11.31 30.34 -6.31
C GLN A 269 -10.16 29.52 -5.71
N MET A 270 -10.17 28.23 -5.88
CA MET A 270 -9.06 27.39 -5.30
C MET A 270 -8.77 26.21 -6.21
N GLU A 271 -9.23 26.25 -7.43
CA GLU A 271 -8.98 25.14 -8.38
C GLU A 271 -9.37 23.78 -7.77
N PRO A 272 -9.25 22.76 -8.56
CA PRO A 272 -9.59 21.39 -8.08
C PRO A 272 -8.53 20.88 -7.09
N LYS A 273 -8.94 20.54 -5.90
CA LYS A 273 -7.97 20.04 -4.89
C LYS A 273 -8.41 18.66 -4.38
N VAL A 274 -7.68 17.63 -4.72
CA VAL A 274 -8.06 16.26 -4.26
C VAL A 274 -7.57 16.03 -2.82
N VAL A 275 -8.19 15.12 -2.12
CA VAL A 275 -7.75 14.81 -0.73
C VAL A 275 -7.03 13.47 -0.72
N THR A 276 -6.04 13.32 0.13
CA THR A 276 -5.28 12.03 0.17
C THR A 276 -5.77 11.16 1.33
N ASP A 277 -5.07 10.09 1.61
CA ASP A 277 -5.49 9.19 2.73
C ASP A 277 -4.86 9.65 4.05
N THR A 278 -3.80 10.41 3.98
CA THR A 278 -3.14 10.89 5.23
C THR A 278 -3.75 12.24 5.68
N ASP A 279 -4.45 12.90 4.80
CA ASP A 279 -5.06 14.21 5.17
C ASP A 279 -6.15 14.00 6.23
N GLU A 280 -6.58 12.78 6.42
CA GLU A 280 -7.64 12.51 7.45
C GLU A 280 -7.12 12.85 8.85
N THR A 281 -5.83 12.98 9.01
CA THR A 281 -5.25 13.29 10.35
C THR A 281 -5.26 14.80 10.60
N GLU A 282 -4.85 15.57 9.63
CA GLU A 282 -4.82 17.05 9.81
C GLU A 282 -6.24 17.63 9.73
N LEU A 283 -7.19 16.85 9.28
CA LEU A 283 -8.59 17.35 9.18
C LEU A 283 -9.22 17.47 10.59
N ALA A 284 -8.57 16.95 11.59
CA ALA A 284 -9.13 17.02 12.97
C ALA A 284 -8.69 18.32 13.66
N ARG A 285 -7.56 18.86 13.28
CA ARG A 285 -7.08 20.11 13.91
C ARG A 285 -7.72 21.34 13.23
N GLN A 286 -8.33 21.16 12.10
CA GLN A 286 -8.97 22.32 11.40
C GLN A 286 -10.38 22.54 11.93
N MET A 287 -11.31 21.71 11.54
CA MET A 287 -12.72 21.87 12.02
C MET A 287 -13.24 23.27 11.67
N GLU A 288 -14.26 23.73 12.36
CA GLU A 288 -14.82 25.08 12.08
C GLU A 288 -15.17 25.21 10.60
N ARG A 289 -16.38 24.88 10.23
CA ARG A 289 -16.79 24.99 8.80
C ARG A 289 -17.85 26.09 8.64
N LEU A 290 -18.92 26.01 9.38
CA LEU A 290 -19.99 27.05 9.28
C LEU A 290 -19.71 28.20 10.25
N GLU A 291 -18.78 28.02 11.15
CA GLU A 291 -18.47 29.11 12.13
C GLU A 291 -17.59 30.19 11.50
N ARG A 292 -17.22 30.03 10.25
CA ARG A 292 -16.36 31.04 9.59
C ARG A 292 -17.20 32.23 9.09
N GLU A 293 -18.47 32.24 9.39
CA GLU A 293 -19.34 33.37 8.93
C GLU A 293 -18.79 34.70 9.47
N ASN A 294 -18.85 35.74 8.67
CA ASN A 294 -18.34 37.06 9.13
C ASN A 294 -19.48 38.09 9.19
N ALA A 295 -20.59 37.80 8.55
CA ALA A 295 -21.72 38.78 8.56
C ALA A 295 -22.44 38.74 9.92
N GLU A 296 -22.12 39.67 10.78
CA GLU A 296 -22.78 39.71 12.12
C GLU A 296 -23.68 40.95 12.23
N VAL A 297 -24.63 41.07 11.34
CA VAL A 297 -25.53 42.26 11.39
C VAL A 297 -27.01 41.82 11.44
N ASP A 298 -27.40 41.14 12.49
CA ASP A 298 -28.81 40.68 12.60
C ASP A 298 -29.67 41.79 13.22
N GLY A 299 -30.31 42.58 12.40
CA GLY A 299 -31.17 43.68 12.93
C GLY A 299 -31.11 44.88 11.99
N ASP A 300 -30.50 45.95 12.41
CA ASP A 300 -30.40 47.16 11.53
C ASP A 300 -29.13 47.11 10.70
N MET A 1 -6.28 -22.55 -4.25
CA MET A 1 -6.82 -23.86 -3.78
C MET A 1 -6.58 -24.03 -2.28
N SER A 2 -5.33 -24.07 -1.87
CA SER A 2 -5.02 -24.23 -0.42
C SER A 2 -3.89 -23.29 -0.03
N CYS A 3 -4.20 -22.18 0.58
CA CYS A 3 -3.15 -21.20 1.00
C CYS A 3 -2.40 -20.67 -0.23
N ARG A 4 -2.47 -19.39 -0.46
CA ARG A 4 -1.75 -18.80 -1.63
C ARG A 4 -0.68 -17.82 -1.16
N PHE A 5 -0.83 -17.23 0.00
CA PHE A 5 0.20 -16.28 0.49
C PHE A 5 1.35 -17.05 1.14
N TYR A 6 1.19 -18.34 1.29
CA TYR A 6 2.27 -19.16 1.92
C TYR A 6 2.15 -20.61 1.46
N GLN A 7 3.19 -21.38 1.64
CA GLN A 7 3.17 -22.82 1.24
C GLN A 7 2.17 -23.64 2.08
N HIS A 8 1.42 -23.00 2.95
CA HIS A 8 0.44 -23.74 3.81
C HIS A 8 1.15 -24.59 4.85
N LYS A 9 1.30 -24.06 6.05
CA LYS A 9 1.98 -24.81 7.14
C LYS A 9 2.12 -23.90 8.35
N PHE A 10 1.08 -23.78 9.14
CA PHE A 10 1.14 -22.88 10.33
C PHE A 10 0.91 -23.69 11.62
N PRO A 11 1.77 -23.46 12.60
CA PRO A 11 1.63 -24.16 13.90
C PRO A 11 0.45 -23.58 14.69
N GLU A 12 0.46 -23.73 15.98
CA GLU A 12 -0.66 -23.18 16.80
C GLU A 12 -0.92 -21.71 16.44
N VAL A 13 -1.84 -21.48 15.55
CA VAL A 13 -2.15 -20.09 15.09
C VAL A 13 -2.25 -19.10 16.27
N GLU A 14 -3.44 -18.81 16.75
CA GLU A 14 -3.59 -17.85 17.88
C GLU A 14 -3.08 -16.46 17.49
N ASP A 15 -3.03 -16.20 16.21
CA ASP A 15 -2.55 -14.85 15.74
C ASP A 15 -3.74 -13.99 15.32
N VAL A 16 -3.50 -12.79 14.90
CA VAL A 16 -4.62 -11.90 14.47
C VAL A 16 -4.55 -11.67 12.95
N VAL A 17 -5.66 -11.81 12.28
CA VAL A 17 -5.65 -11.61 10.80
C VAL A 17 -7.01 -11.07 10.35
N MET A 18 -7.10 -10.60 9.14
CA MET A 18 -8.40 -10.08 8.62
C MET A 18 -9.01 -11.10 7.67
N VAL A 19 -10.27 -11.42 7.83
CA VAL A 19 -10.90 -12.43 6.95
C VAL A 19 -12.25 -11.93 6.42
N ASN A 20 -12.94 -12.76 5.67
CA ASN A 20 -14.27 -12.34 5.13
C ASN A 20 -15.31 -13.41 5.47
N VAL A 21 -16.48 -12.99 5.87
CA VAL A 21 -17.55 -13.96 6.23
C VAL A 21 -17.94 -14.81 5.01
N ARG A 22 -17.77 -16.10 5.11
CA ARG A 22 -18.14 -17.00 3.98
C ARG A 22 -19.47 -17.69 4.29
N SER A 23 -19.50 -18.50 5.32
CA SER A 23 -20.78 -19.19 5.69
C SER A 23 -21.16 -18.85 7.14
N ILE A 24 -22.26 -18.16 7.34
CA ILE A 24 -22.66 -17.80 8.72
C ILE A 24 -23.59 -18.86 9.32
N GLN A 25 -23.54 -19.04 10.62
CA GLN A 25 -24.42 -20.04 11.28
C GLN A 25 -25.08 -19.40 12.51
N GLU A 26 -25.92 -20.13 13.20
CA GLU A 26 -26.60 -19.55 14.40
C GLU A 26 -25.68 -19.65 15.62
N MET A 27 -24.80 -20.62 15.64
CA MET A 27 -23.88 -20.77 16.80
C MET A 27 -22.43 -20.48 16.38
N GLY A 28 -22.25 -19.67 15.38
CA GLY A 28 -20.87 -19.34 14.93
C GLY A 28 -20.93 -18.73 13.53
N ALA A 29 -19.82 -18.22 13.05
CA ALA A 29 -19.82 -17.61 11.67
C ALA A 29 -18.59 -18.09 10.89
N TYR A 30 -18.78 -18.96 9.95
CA TYR A 30 -17.63 -19.47 9.15
C TYR A 30 -17.04 -18.34 8.31
N VAL A 31 -15.73 -18.18 8.33
CA VAL A 31 -15.09 -17.10 7.53
C VAL A 31 -14.07 -17.68 6.56
N SER A 32 -13.53 -16.86 5.71
CA SER A 32 -12.52 -17.35 4.73
C SER A 32 -11.44 -16.27 4.52
N LEU A 33 -10.20 -16.59 4.80
CA LEU A 33 -9.13 -15.57 4.60
C LEU A 33 -8.96 -15.29 3.12
N LEU A 34 -9.89 -14.55 2.55
CA LEU A 34 -9.84 -14.22 1.08
C LEU A 34 -9.30 -15.40 0.25
N GLU A 35 -9.51 -16.61 0.71
CA GLU A 35 -9.02 -17.81 -0.03
C GLU A 35 -7.62 -17.56 -0.61
N TYR A 36 -6.80 -16.81 0.07
CA TYR A 36 -5.43 -16.53 -0.47
C TYR A 36 -4.41 -16.37 0.68
N ASN A 37 -4.67 -15.48 1.60
CA ASN A 37 -3.70 -15.27 2.73
C ASN A 37 -3.40 -16.58 3.45
N ASN A 38 -4.38 -17.43 3.60
CA ASN A 38 -4.13 -18.73 4.30
C ASN A 38 -5.23 -19.75 4.01
N ILE A 39 -6.39 -19.59 4.62
CA ILE A 39 -7.49 -20.59 4.39
C ILE A 39 -8.78 -20.14 5.10
N GLU A 40 -9.75 -21.01 5.22
CA GLU A 40 -11.02 -20.62 5.90
C GLU A 40 -11.04 -21.19 7.32
N GLY A 41 -11.93 -20.72 8.15
CA GLY A 41 -12.00 -21.23 9.55
C GLY A 41 -13.41 -21.02 10.10
N MET A 42 -13.57 -21.14 11.40
CA MET A 42 -14.91 -20.94 12.01
C MET A 42 -14.78 -20.04 13.24
N ILE A 43 -15.56 -19.01 13.31
CA ILE A 43 -15.47 -18.10 14.49
C ILE A 43 -16.64 -18.41 15.45
N HIS A 44 -16.55 -17.95 16.68
CA HIS A 44 -17.65 -18.23 17.64
C HIS A 44 -18.52 -16.98 17.85
N LEU A 45 -19.82 -17.13 17.71
CA LEU A 45 -20.73 -15.96 17.91
C LEU A 45 -20.70 -15.52 19.38
N SER A 46 -20.33 -16.41 20.26
CA SER A 46 -20.26 -16.05 21.72
C SER A 46 -19.08 -15.10 21.96
N GLU A 47 -18.25 -14.91 20.96
CA GLU A 47 -17.11 -13.99 21.11
C GLU A 47 -17.25 -12.91 20.05
N LEU A 48 -18.37 -12.90 19.37
CA LEU A 48 -18.60 -11.88 18.32
C LEU A 48 -19.23 -10.65 18.97
N SER A 49 -20.12 -10.87 19.91
CA SER A 49 -20.77 -9.71 20.59
C SER A 49 -20.99 -10.03 22.07
N ARG A 50 -21.95 -9.40 22.69
CA ARG A 50 -22.22 -9.66 24.14
C ARG A 50 -23.49 -10.49 24.31
N ARG A 51 -24.44 -10.34 23.42
CA ARG A 51 -25.70 -11.12 23.52
C ARG A 51 -26.06 -11.73 22.16
N ARG A 52 -26.94 -12.70 22.14
CA ARG A 52 -27.33 -13.34 20.85
C ARG A 52 -27.66 -12.27 19.78
N ILE A 53 -27.40 -12.56 18.54
CA ILE A 53 -27.69 -11.57 17.46
C ILE A 53 -28.89 -12.03 16.63
N ARG A 54 -29.95 -11.27 16.61
CA ARG A 54 -31.15 -11.66 15.81
C ARG A 54 -30.85 -11.49 14.33
N SER A 55 -30.15 -10.45 13.97
CA SER A 55 -29.83 -10.22 12.52
C SER A 55 -28.31 -10.19 12.32
N ILE A 56 -27.70 -11.34 12.26
CA ILE A 56 -26.22 -11.37 12.06
C ILE A 56 -25.84 -10.73 10.72
N ASN A 57 -26.76 -10.66 9.80
CA ASN A 57 -26.44 -10.05 8.48
C ASN A 57 -26.23 -8.53 8.62
N LYS A 58 -26.54 -7.98 9.77
CA LYS A 58 -26.34 -6.52 9.97
C LYS A 58 -24.86 -6.20 10.24
N LEU A 59 -24.03 -7.21 10.28
CA LEU A 59 -22.58 -6.97 10.54
C LEU A 59 -21.78 -7.19 9.25
N ILE A 60 -21.51 -8.43 8.91
CA ILE A 60 -20.75 -8.73 7.66
C ILE A 60 -21.29 -10.01 7.02
N ARG A 61 -21.80 -9.92 5.82
CA ARG A 61 -22.37 -11.12 5.15
C ARG A 61 -21.76 -11.33 3.76
N ILE A 62 -20.78 -12.18 3.65
CA ILE A 62 -20.14 -12.45 2.32
C ILE A 62 -19.87 -11.15 1.57
N GLY A 63 -18.74 -10.55 1.77
CA GLY A 63 -18.41 -9.28 1.07
C GLY A 63 -17.93 -8.23 2.09
N ARG A 64 -18.05 -8.52 3.36
CA ARG A 64 -17.60 -7.53 4.39
C ARG A 64 -16.50 -8.16 5.27
N ASN A 65 -15.26 -7.95 4.91
CA ASN A 65 -14.15 -8.55 5.72
C ASN A 65 -13.88 -7.70 6.96
N GLU A 66 -13.38 -8.31 8.00
CA GLU A 66 -13.09 -7.56 9.26
C GLU A 66 -11.88 -8.18 9.98
N CYS A 67 -11.35 -7.50 10.96
CA CYS A 67 -10.17 -8.05 11.69
C CYS A 67 -10.63 -9.04 12.76
N VAL A 68 -9.98 -10.17 12.86
CA VAL A 68 -10.38 -11.18 13.87
C VAL A 68 -9.15 -11.75 14.59
N LYS A 69 -9.36 -12.48 15.65
CA LYS A 69 -8.20 -13.07 16.40
C LYS A 69 -8.34 -14.59 16.47
N VAL A 70 -7.50 -15.30 15.76
CA VAL A 70 -7.60 -16.79 15.78
C VAL A 70 -7.32 -17.30 17.20
N ILE A 71 -7.93 -18.39 17.59
CA ILE A 71 -7.70 -18.92 18.98
C ILE A 71 -6.93 -20.24 18.93
N ARG A 72 -7.37 -21.19 18.15
CA ARG A 72 -6.66 -22.49 18.08
C ARG A 72 -7.25 -23.38 16.98
N VAL A 73 -6.43 -24.16 16.33
CA VAL A 73 -6.94 -25.04 15.25
C VAL A 73 -7.38 -26.39 15.81
N ASP A 74 -8.06 -27.16 15.01
CA ASP A 74 -8.50 -28.51 15.48
C ASP A 74 -7.63 -29.58 14.83
N LYS A 75 -7.01 -30.41 15.63
CA LYS A 75 -6.12 -31.48 15.08
C LYS A 75 -6.94 -32.65 14.57
N GLU A 76 -8.23 -32.58 14.73
CA GLU A 76 -9.09 -33.68 14.25
C GLU A 76 -9.18 -33.62 12.72
N LYS A 77 -8.68 -32.56 12.14
CA LYS A 77 -8.70 -32.43 10.65
C LYS A 77 -7.84 -31.23 10.21
N GLY A 78 -7.83 -30.19 10.99
CA GLY A 78 -7.02 -28.99 10.62
C GLY A 78 -7.95 -27.78 10.52
N TYR A 79 -8.68 -27.51 11.56
CA TYR A 79 -9.62 -26.34 11.54
C TYR A 79 -8.96 -25.12 12.16
N ILE A 80 -9.63 -24.00 12.15
CA ILE A 80 -9.02 -22.77 12.77
C ILE A 80 -10.12 -21.93 13.42
N ASP A 81 -10.19 -21.92 14.73
CA ASP A 81 -11.24 -21.11 15.42
C ASP A 81 -10.87 -19.62 15.37
N LEU A 82 -11.84 -18.75 15.43
CA LEU A 82 -11.55 -17.29 15.38
C LEU A 82 -12.51 -16.52 16.29
N SER A 83 -12.02 -15.50 16.95
CA SER A 83 -12.90 -14.70 17.85
C SER A 83 -12.76 -13.20 17.54
N LYS A 84 -13.83 -12.47 17.65
CA LYS A 84 -13.76 -11.00 17.36
C LYS A 84 -13.55 -10.20 18.65
N ARG A 85 -13.80 -10.80 19.78
CA ARG A 85 -13.62 -10.07 21.07
C ARG A 85 -12.13 -9.94 21.43
N ARG A 86 -11.27 -10.59 20.69
CA ARG A 86 -9.82 -10.50 21.00
C ARG A 86 -9.06 -9.76 19.90
N VAL A 87 -9.75 -8.97 19.12
CA VAL A 87 -9.06 -8.23 18.01
C VAL A 87 -8.51 -6.89 18.55
N SER A 88 -7.22 -6.79 18.69
CA SER A 88 -6.62 -5.52 19.21
C SER A 88 -6.11 -4.66 18.05
N PRO A 89 -6.03 -3.38 18.27
CA PRO A 89 -5.54 -2.45 17.23
C PRO A 89 -4.04 -2.65 17.01
N GLU A 90 -3.31 -2.91 18.06
CA GLU A 90 -1.84 -3.12 17.92
C GLU A 90 -1.59 -4.39 17.11
N GLU A 91 -2.42 -5.38 17.28
CA GLU A 91 -2.24 -6.65 16.52
C GLU A 91 -2.79 -6.46 15.10
N ALA A 92 -3.83 -5.70 14.94
CA ALA A 92 -4.40 -5.48 13.58
C ALA A 92 -3.50 -4.55 12.79
N ILE A 93 -2.65 -3.85 13.47
CA ILE A 93 -1.70 -2.93 12.79
C ILE A 93 -0.45 -3.71 12.37
N LYS A 94 0.06 -4.53 13.25
CA LYS A 94 1.26 -5.34 12.92
C LYS A 94 0.88 -6.40 11.89
N CYS A 95 -0.31 -6.93 11.99
CA CYS A 95 -0.75 -7.97 11.01
C CYS A 95 -1.14 -7.32 9.69
N GLU A 96 -1.87 -6.23 9.74
CA GLU A 96 -2.27 -5.55 8.47
C GLU A 96 -1.02 -5.19 7.66
N ASP A 97 0.01 -4.73 8.34
CA ASP A 97 1.28 -4.38 7.62
C ASP A 97 1.92 -5.66 7.09
N LYS A 98 1.94 -6.69 7.90
CA LYS A 98 2.55 -7.98 7.46
C LYS A 98 1.94 -8.40 6.11
N PHE A 99 0.66 -8.18 5.92
CA PHE A 99 0.03 -8.54 4.61
C PHE A 99 0.43 -7.54 3.56
N THR A 100 0.44 -6.27 3.88
CA THR A 100 0.82 -5.24 2.88
C THR A 100 2.10 -5.68 2.17
N LYS A 101 3.09 -6.11 2.91
CA LYS A 101 4.34 -6.57 2.28
C LYS A 101 4.14 -7.98 1.74
N SER A 102 3.24 -8.75 2.31
CA SER A 102 2.98 -10.12 1.81
C SER A 102 2.21 -10.04 0.50
N LYS A 103 1.50 -8.96 0.28
CA LYS A 103 0.73 -8.81 -0.99
C LYS A 103 1.64 -8.25 -2.07
N THR A 104 2.60 -7.45 -1.67
CA THR A 104 3.55 -6.89 -2.67
C THR A 104 4.45 -8.01 -3.18
N VAL A 105 5.02 -8.76 -2.27
CA VAL A 105 5.89 -9.91 -2.68
C VAL A 105 5.03 -10.95 -3.38
N TYR A 106 3.86 -11.17 -2.85
CA TYR A 106 2.94 -12.15 -3.45
C TYR A 106 2.58 -11.66 -4.86
N SER A 107 2.02 -10.49 -4.96
CA SER A 107 1.69 -9.94 -6.31
C SER A 107 2.96 -9.87 -7.15
N ILE A 108 4.08 -9.60 -6.53
CA ILE A 108 5.37 -9.53 -7.28
C ILE A 108 5.58 -10.88 -7.98
N LEU A 109 5.34 -11.96 -7.28
CA LEU A 109 5.51 -13.30 -7.89
C LEU A 109 4.55 -13.47 -9.06
N ARG A 110 3.32 -13.08 -8.88
CA ARG A 110 2.32 -13.20 -10.00
C ARG A 110 2.86 -12.51 -11.26
N HIS A 111 3.09 -11.23 -11.19
CA HIS A 111 3.61 -10.50 -12.38
C HIS A 111 4.94 -11.10 -12.82
N VAL A 112 5.82 -11.39 -11.88
CA VAL A 112 7.13 -12.00 -12.25
C VAL A 112 6.87 -13.23 -13.12
N ALA A 113 5.89 -14.01 -12.77
CA ALA A 113 5.55 -15.21 -13.58
C ALA A 113 4.86 -14.77 -14.87
N GLU A 114 4.00 -13.79 -14.80
CA GLU A 114 3.30 -13.32 -16.03
C GLU A 114 4.30 -12.77 -17.04
N VAL A 115 5.40 -12.24 -16.56
CA VAL A 115 6.42 -11.67 -17.49
C VAL A 115 7.32 -12.80 -18.04
N LEU A 116 7.58 -13.80 -17.23
CA LEU A 116 8.44 -14.92 -17.72
C LEU A 116 7.58 -16.06 -18.24
N GLU A 117 6.35 -15.78 -18.52
CA GLU A 117 5.42 -16.81 -19.05
C GLU A 117 5.24 -17.94 -18.03
N TYR A 118 4.58 -17.65 -16.95
CA TYR A 118 4.37 -18.70 -15.91
C TYR A 118 2.87 -18.84 -15.58
N THR A 119 2.08 -19.15 -16.58
CA THR A 119 0.61 -19.30 -16.34
C THR A 119 0.23 -20.78 -16.38
N LYS A 120 1.02 -21.62 -15.76
CA LYS A 120 0.72 -23.08 -15.78
C LYS A 120 0.30 -23.56 -14.38
N ASP A 121 -0.41 -22.73 -13.65
CA ASP A 121 -0.87 -23.12 -12.28
C ASP A 121 0.32 -23.55 -11.40
N GLU A 122 0.73 -24.80 -11.49
CA GLU A 122 1.87 -25.27 -10.66
C GLU A 122 3.08 -24.34 -10.82
N GLN A 123 3.18 -23.68 -11.94
CA GLN A 123 4.35 -22.76 -12.16
C GLN A 123 4.23 -21.55 -11.21
N LEU A 124 3.08 -20.93 -11.16
CA LEU A 124 2.92 -19.75 -10.25
C LEU A 124 3.06 -20.20 -8.80
N GLU A 125 2.39 -21.25 -8.42
CA GLU A 125 2.49 -21.75 -7.02
C GLU A 125 3.91 -22.24 -6.76
N SER A 126 4.61 -22.61 -7.79
CA SER A 126 6.02 -23.09 -7.61
C SER A 126 6.92 -21.90 -7.30
N LEU A 127 6.69 -20.79 -7.94
CA LEU A 127 7.51 -19.59 -7.66
C LEU A 127 7.22 -19.12 -6.23
N PHE A 128 5.96 -19.00 -5.89
CA PHE A 128 5.59 -18.58 -4.51
C PHE A 128 6.29 -19.50 -3.51
N GLN A 129 6.37 -20.76 -3.81
CA GLN A 129 7.04 -21.73 -2.88
C GLN A 129 8.56 -21.64 -3.02
N ARG A 130 9.04 -21.05 -4.08
CA ARG A 130 10.52 -20.94 -4.26
C ARG A 130 11.03 -19.55 -3.91
N THR A 131 10.23 -18.71 -3.31
CA THR A 131 10.72 -17.34 -2.95
C THR A 131 10.20 -16.89 -1.58
N ALA A 132 9.03 -16.33 -1.51
CA ALA A 132 8.49 -15.84 -0.20
C ALA A 132 8.22 -17.01 0.75
N TRP A 133 7.94 -18.17 0.24
CA TRP A 133 7.65 -19.32 1.15
C TRP A 133 8.96 -19.87 1.72
N VAL A 134 9.89 -20.25 0.87
CA VAL A 134 11.19 -20.76 1.38
C VAL A 134 11.75 -19.78 2.40
N PHE A 135 11.64 -18.51 2.11
CA PHE A 135 12.13 -17.48 3.06
C PHE A 135 11.23 -17.48 4.29
N ASP A 136 9.93 -17.52 4.08
CA ASP A 136 8.97 -17.53 5.23
C ASP A 136 9.45 -18.49 6.31
N ASP A 137 9.98 -19.62 5.93
CA ASP A 137 10.49 -20.59 6.94
C ASP A 137 11.97 -20.39 7.20
N LYS A 138 12.62 -19.72 6.31
CA LYS A 138 14.09 -19.46 6.46
C LYS A 138 14.34 -18.57 7.69
N TYR A 139 13.46 -17.67 7.98
CA TYR A 139 13.66 -16.79 9.18
C TYR A 139 12.52 -16.99 10.19
N LYS A 140 11.80 -18.06 10.06
CA LYS A 140 10.68 -18.35 11.01
C LYS A 140 9.77 -17.14 11.22
N ARG A 141 9.33 -16.52 10.16
CA ARG A 141 8.42 -15.34 10.31
C ARG A 141 7.20 -15.52 9.39
N PRO A 142 6.11 -14.91 9.76
CA PRO A 142 4.88 -15.01 8.95
C PRO A 142 5.00 -14.17 7.68
N GLY A 143 6.03 -14.38 6.90
CA GLY A 143 6.20 -13.60 5.65
C GLY A 143 6.95 -12.29 5.95
N TYR A 144 6.87 -11.81 7.16
CA TYR A 144 7.58 -10.54 7.52
C TYR A 144 9.05 -10.65 7.14
N GLY A 145 9.60 -11.84 7.16
CA GLY A 145 11.02 -12.01 6.79
C GLY A 145 11.14 -12.01 5.28
N ALA A 146 10.12 -12.46 4.60
CA ALA A 146 10.17 -12.50 3.11
C ALA A 146 10.31 -11.08 2.58
N TYR A 147 9.56 -10.16 3.12
CA TYR A 147 9.66 -8.73 2.64
C TYR A 147 10.87 -8.07 3.29
N ASP A 148 10.85 -7.98 4.60
CA ASP A 148 11.99 -7.34 5.32
C ASP A 148 13.33 -7.82 4.74
N ALA A 149 13.43 -9.09 4.42
CA ALA A 149 14.70 -9.61 3.84
C ALA A 149 14.77 -9.30 2.35
N PHE A 150 13.65 -9.33 1.66
CA PHE A 150 13.69 -9.02 0.20
C PHE A 150 14.10 -7.55 0.02
N LYS A 151 13.56 -6.67 0.82
CA LYS A 151 13.92 -5.24 0.72
C LYS A 151 15.34 -5.04 1.27
N HIS A 152 15.72 -5.84 2.23
CA HIS A 152 17.08 -5.70 2.81
C HIS A 152 18.10 -6.44 1.93
N ALA A 153 17.63 -7.18 0.95
CA ALA A 153 18.56 -7.91 0.05
C ALA A 153 18.93 -7.04 -1.15
N VAL A 154 18.16 -6.01 -1.43
CA VAL A 154 18.49 -5.13 -2.59
C VAL A 154 19.93 -4.63 -2.49
N SER A 155 20.38 -4.30 -1.31
CA SER A 155 21.79 -3.82 -1.15
C SER A 155 22.67 -4.97 -0.65
N ASP A 156 22.08 -6.08 -0.28
CA ASP A 156 22.87 -7.24 0.21
C ASP A 156 22.54 -8.49 -0.60
N PRO A 157 23.23 -8.66 -1.69
CA PRO A 157 23.00 -9.85 -2.56
C PRO A 157 23.55 -11.11 -1.90
N SER A 158 24.22 -10.98 -0.77
CA SER A 158 24.77 -12.18 -0.09
C SER A 158 23.63 -13.04 0.45
N ILE A 159 22.48 -12.44 0.69
CA ILE A 159 21.32 -13.20 1.21
C ILE A 159 20.71 -14.06 0.09
N LEU A 160 21.06 -13.78 -1.14
CA LEU A 160 20.51 -14.57 -2.27
C LEU A 160 21.62 -15.43 -2.89
N ASP A 161 22.67 -15.69 -2.14
CA ASP A 161 23.78 -16.52 -2.68
C ASP A 161 23.35 -17.98 -2.79
N SER A 162 22.63 -18.48 -1.83
CA SER A 162 22.18 -19.90 -1.88
C SER A 162 20.88 -20.03 -2.68
N LEU A 163 20.38 -18.93 -3.21
CA LEU A 163 19.12 -19.00 -4.00
C LEU A 163 19.46 -19.05 -5.49
N ASP A 164 20.08 -20.11 -5.94
CA ASP A 164 20.45 -20.24 -7.38
C ASP A 164 19.23 -19.96 -8.27
N LEU A 165 19.10 -18.75 -8.73
CA LEU A 165 17.94 -18.41 -9.62
C LEU A 165 18.45 -17.98 -10.99
N ASN A 166 17.57 -17.77 -11.93
CA ASN A 166 18.01 -17.36 -13.30
C ASN A 166 18.30 -15.86 -13.31
N GLU A 167 19.18 -15.42 -14.17
CA GLU A 167 19.50 -13.96 -14.24
C GLU A 167 18.29 -13.18 -14.73
N ASP A 168 17.34 -13.86 -15.26
CA ASP A 168 16.10 -13.19 -15.75
C ASP A 168 15.06 -13.17 -14.63
N GLU A 169 15.01 -14.21 -13.84
CA GLU A 169 14.04 -14.26 -12.72
C GLU A 169 14.58 -13.46 -11.54
N ARG A 170 15.85 -13.58 -11.26
CA ARG A 170 16.45 -12.82 -10.12
C ARG A 170 16.49 -11.34 -10.47
N GLU A 171 16.65 -11.02 -11.73
CA GLU A 171 16.70 -9.60 -12.15
C GLU A 171 15.29 -8.99 -12.09
N VAL A 172 14.31 -9.70 -12.57
CA VAL A 172 12.92 -9.16 -12.54
C VAL A 172 12.32 -9.31 -11.13
N LEU A 173 12.60 -10.40 -10.48
CA LEU A 173 12.07 -10.61 -9.10
C LEU A 173 12.63 -9.53 -8.17
N ILE A 174 13.91 -9.28 -8.23
CA ILE A 174 14.52 -8.25 -7.35
C ILE A 174 14.02 -6.85 -7.75
N ASN A 175 13.98 -6.56 -9.02
CA ASN A 175 13.50 -5.22 -9.48
C ASN A 175 12.13 -4.93 -8.86
N ASN A 176 11.26 -5.90 -8.81
CA ASN A 176 9.93 -5.67 -8.22
C ASN A 176 10.00 -5.77 -6.70
N ILE A 177 10.81 -6.67 -6.19
CA ILE A 177 10.93 -6.81 -4.69
C ILE A 177 11.22 -5.44 -4.07
N ASN A 178 11.97 -4.62 -4.74
CA ASN A 178 12.29 -3.27 -4.22
C ASN A 178 11.20 -2.29 -4.66
N ARG A 179 10.76 -2.42 -5.89
CA ARG A 179 9.68 -1.52 -6.38
C ARG A 179 8.37 -1.78 -5.62
N ARG A 180 8.31 -2.87 -4.88
CA ARG A 180 7.08 -3.18 -4.11
C ARG A 180 7.35 -3.09 -2.60
N LEU A 181 8.56 -3.38 -2.18
CA LEU A 181 8.85 -3.28 -0.71
C LEU A 181 9.64 -1.99 -0.42
N THR A 182 10.27 -1.43 -1.42
CA THR A 182 11.05 -0.18 -1.20
C THR A 182 10.52 0.95 -2.10
N PRO A 183 10.12 2.04 -1.50
CA PRO A 183 9.59 3.19 -2.28
C PRO A 183 10.73 3.86 -3.04
N GLN A 184 10.44 4.49 -4.16
CA GLN A 184 11.51 5.17 -4.94
C GLN A 184 11.05 6.55 -5.40
N ALA A 185 11.18 7.53 -4.56
CA ALA A 185 10.78 8.93 -4.92
C ALA A 185 9.29 8.99 -5.27
N VAL A 186 8.66 10.08 -4.99
CA VAL A 186 7.21 10.22 -5.31
C VAL A 186 7.00 11.09 -6.54
N LYS A 187 5.93 10.88 -7.26
CA LYS A 187 5.65 11.71 -8.46
C LYS A 187 4.78 12.89 -8.06
N ILE A 188 5.28 14.08 -8.18
CA ILE A 188 4.49 15.26 -7.77
C ILE A 188 4.20 16.17 -8.98
N ARG A 189 3.15 16.93 -8.92
CA ARG A 189 2.85 17.84 -10.05
C ARG A 189 1.99 19.04 -9.60
N ALA A 190 2.48 20.23 -9.84
CA ALA A 190 1.71 21.46 -9.49
C ALA A 190 1.60 22.35 -10.73
N ASP A 191 0.64 23.23 -10.80
CA ASP A 191 0.52 24.09 -12.01
C ASP A 191 0.88 25.53 -11.64
N ILE A 192 1.46 26.26 -12.56
CA ILE A 192 1.83 27.67 -12.26
C ILE A 192 1.76 28.53 -13.51
N GLU A 193 1.81 29.82 -13.36
CA GLU A 193 1.74 30.73 -14.55
C GLU A 193 2.81 31.81 -14.42
N VAL A 194 3.80 31.78 -15.27
CA VAL A 194 4.89 32.81 -15.22
C VAL A 194 4.73 33.77 -16.40
N ALA A 195 4.69 35.05 -16.13
CA ALA A 195 4.54 36.05 -17.23
C ALA A 195 5.33 37.31 -16.91
N CYS A 196 5.80 38.01 -17.92
CA CYS A 196 6.58 39.26 -17.67
C CYS A 196 5.97 40.44 -18.44
N TYR A 197 4.77 40.29 -18.90
CA TYR A 197 4.08 41.39 -19.65
C TYR A 197 5.04 42.08 -20.63
N GLY A 198 5.23 41.51 -21.80
CA GLY A 198 6.15 42.15 -22.79
C GLY A 198 6.83 41.08 -23.64
N TYR A 199 7.48 41.48 -24.70
CA TYR A 199 8.17 40.49 -25.58
C TYR A 199 9.61 40.28 -25.10
N GLU A 200 10.17 41.25 -24.43
CA GLU A 200 11.57 41.10 -23.92
C GLU A 200 11.56 40.46 -22.52
N GLY A 201 10.39 40.18 -22.00
CA GLY A 201 10.31 39.56 -20.65
C GLY A 201 10.33 38.03 -20.79
N ILE A 202 10.07 37.53 -21.98
CA ILE A 202 10.09 36.05 -22.18
C ILE A 202 11.43 35.49 -21.71
N ASP A 203 12.45 36.30 -21.69
CA ASP A 203 13.79 35.83 -21.22
C ASP A 203 13.73 35.55 -19.73
N ALA A 204 12.87 36.25 -19.03
CA ALA A 204 12.74 36.01 -17.56
C ALA A 204 11.76 34.87 -17.34
N VAL A 205 10.85 34.71 -18.27
CA VAL A 205 9.86 33.60 -18.17
C VAL A 205 10.61 32.26 -18.17
N LYS A 206 11.52 32.09 -19.10
CA LYS A 206 12.31 30.83 -19.15
C LYS A 206 13.30 30.80 -17.99
N GLU A 207 14.01 31.89 -17.78
CA GLU A 207 14.99 31.92 -16.64
C GLU A 207 14.28 31.54 -15.35
N ALA A 208 13.08 32.01 -15.17
CA ALA A 208 12.32 31.66 -13.94
C ALA A 208 12.10 30.16 -13.88
N LEU A 209 11.52 29.59 -14.91
CA LEU A 209 11.28 28.12 -14.93
C LEU A 209 12.57 27.39 -14.56
N ARG A 210 13.68 27.84 -15.09
CA ARG A 210 14.99 27.21 -14.76
C ARG A 210 15.25 27.34 -13.26
N ALA A 211 14.83 28.43 -12.67
CA ALA A 211 15.04 28.63 -11.21
C ALA A 211 14.27 27.56 -10.43
N GLY A 212 13.08 27.24 -10.88
CA GLY A 212 12.27 26.20 -10.18
C GLY A 212 12.86 24.81 -10.48
N LEU A 213 13.43 24.65 -11.64
CA LEU A 213 14.03 23.33 -11.99
C LEU A 213 15.39 23.17 -11.33
N ASN A 214 16.02 24.27 -10.98
CA ASN A 214 17.36 24.19 -10.32
C ASN A 214 17.21 24.22 -8.79
N CYS A 215 16.08 24.67 -8.30
CA CYS A 215 15.89 24.74 -6.82
C CYS A 215 15.63 23.34 -6.25
N SER A 216 15.49 22.35 -7.11
CA SER A 216 15.24 20.96 -6.60
C SER A 216 16.43 20.47 -5.78
N THR A 217 16.56 19.18 -5.61
CA THR A 217 17.70 18.63 -4.83
C THR A 217 18.43 17.55 -5.65
N GLU A 218 19.46 16.98 -5.09
CA GLU A 218 20.20 15.91 -5.83
C GLU A 218 19.29 14.70 -6.04
N ASN A 219 19.54 13.92 -7.07
CA ASN A 219 18.69 12.72 -7.34
C ASN A 219 17.22 13.13 -7.36
N MET A 220 16.95 14.38 -7.69
CA MET A 220 15.55 14.86 -7.74
C MET A 220 15.29 15.55 -9.08
N PRO A 221 14.97 14.76 -10.08
CA PRO A 221 14.71 15.30 -11.43
C PRO A 221 13.34 15.98 -11.49
N ILE A 222 13.32 17.26 -11.76
CA ILE A 222 12.03 18.00 -11.83
C ILE A 222 11.72 18.35 -13.29
N LYS A 223 10.46 18.47 -13.63
CA LYS A 223 10.10 18.81 -15.04
C LYS A 223 9.11 19.99 -15.06
N ILE A 224 9.55 21.12 -15.53
CA ILE A 224 8.66 22.31 -15.58
C ILE A 224 8.62 22.85 -17.01
N ASN A 225 7.48 22.75 -17.66
CA ASN A 225 7.38 23.24 -19.06
C ASN A 225 5.95 23.75 -19.33
N LEU A 226 5.73 24.37 -20.46
CA LEU A 226 4.37 24.89 -20.77
C LEU A 226 3.55 23.80 -21.48
N ILE A 227 2.47 23.39 -20.89
CA ILE A 227 1.60 22.36 -21.54
C ILE A 227 0.28 23.01 -21.98
N ALA A 228 0.11 24.26 -21.68
CA ALA A 228 -1.14 24.97 -22.08
C ALA A 228 -0.95 26.48 -21.91
N PRO A 229 -1.76 27.25 -22.61
CA PRO A 229 -1.67 28.72 -22.52
C PRO A 229 -2.15 29.30 -21.17
N PRO A 230 -3.10 28.66 -20.51
CA PRO A 230 -3.59 29.21 -19.21
C PRO A 230 -2.55 29.01 -18.10
N ARG A 231 -1.69 28.02 -18.21
CA ARG A 231 -0.69 27.82 -17.12
C ARG A 231 0.38 26.80 -17.54
N TYR A 232 1.38 26.60 -16.70
CA TYR A 232 2.47 25.64 -17.03
C TYR A 232 2.35 24.37 -16.19
N VAL A 233 3.26 23.46 -16.37
CA VAL A 233 3.22 22.19 -15.58
C VAL A 233 4.50 22.07 -14.72
N MET A 234 4.38 21.67 -13.49
CA MET A 234 5.60 21.54 -12.64
C MET A 234 5.58 20.18 -11.93
N THR A 235 6.33 19.24 -12.42
CA THR A 235 6.35 17.90 -11.77
C THR A 235 7.71 17.65 -11.13
N THR A 236 7.88 16.54 -10.46
CA THR A 236 9.19 16.25 -9.82
C THR A 236 9.18 14.87 -9.17
N THR A 237 10.30 14.21 -9.21
CA THR A 237 10.39 12.86 -8.58
C THR A 237 11.15 12.99 -7.26
N THR A 238 10.43 13.25 -6.20
CA THR A 238 11.10 13.43 -4.88
C THR A 238 10.34 12.68 -3.78
N LEU A 239 11.01 11.83 -3.07
CA LEU A 239 10.35 11.07 -1.97
C LEU A 239 9.65 12.02 -1.01
N GLU A 240 8.93 11.46 -0.06
CA GLU A 240 8.21 12.31 0.94
C GLU A 240 7.15 13.17 0.22
N ARG A 241 5.90 12.88 0.44
CA ARG A 241 4.81 13.66 -0.23
C ARG A 241 4.93 15.16 0.10
N THR A 242 5.33 15.48 1.30
CA THR A 242 5.44 16.92 1.69
C THR A 242 6.78 17.50 1.25
N GLU A 243 7.87 16.89 1.63
CA GLU A 243 9.21 17.43 1.23
C GLU A 243 9.25 17.74 -0.27
N GLY A 244 8.71 16.86 -1.07
CA GLY A 244 8.71 17.11 -2.55
C GLY A 244 8.00 18.42 -2.85
N LEU A 245 6.73 18.51 -2.54
CA LEU A 245 5.99 19.77 -2.80
C LEU A 245 6.73 20.93 -2.13
N SER A 246 7.39 20.66 -1.04
CA SER A 246 8.17 21.73 -0.36
C SER A 246 9.23 22.25 -1.32
N VAL A 247 9.77 21.39 -2.15
CA VAL A 247 10.80 21.86 -3.13
C VAL A 247 10.11 22.66 -4.23
N LEU A 248 8.89 22.31 -4.55
CA LEU A 248 8.15 23.06 -5.61
C LEU A 248 7.70 24.42 -5.08
N SER A 249 7.11 24.43 -3.90
CA SER A 249 6.67 25.73 -3.31
C SER A 249 7.86 26.67 -3.19
N GLN A 250 8.99 26.17 -2.77
CA GLN A 250 10.20 27.03 -2.66
C GLN A 250 10.60 27.50 -4.05
N ALA A 251 10.50 26.63 -5.03
CA ALA A 251 10.84 27.02 -6.42
C ALA A 251 9.72 27.91 -6.98
N MET A 252 8.53 27.75 -6.46
CA MET A 252 7.38 28.58 -6.92
C MET A 252 7.55 30.01 -6.39
N ALA A 253 8.19 30.16 -5.27
CA ALA A 253 8.41 31.52 -4.71
C ALA A 253 9.67 32.11 -5.34
N VAL A 254 10.60 31.25 -5.66
CA VAL A 254 11.84 31.72 -6.32
C VAL A 254 11.51 32.28 -7.69
N ILE A 255 10.70 31.58 -8.45
CA ILE A 255 10.30 32.10 -9.78
C ILE A 255 9.41 33.31 -9.55
N LYS A 256 8.54 33.24 -8.57
CA LYS A 256 7.68 34.41 -8.27
C LYS A 256 8.60 35.62 -8.08
N GLU A 257 9.81 35.38 -7.64
CA GLU A 257 10.77 36.50 -7.46
C GLU A 257 11.58 36.67 -8.75
N LYS A 258 11.86 35.59 -9.45
CA LYS A 258 12.64 35.73 -10.72
C LYS A 258 11.75 36.31 -11.82
N ILE A 259 10.48 36.49 -11.54
CA ILE A 259 9.57 37.06 -12.56
C ILE A 259 9.01 38.41 -12.07
N GLU A 260 8.78 38.54 -10.79
CA GLU A 260 8.26 39.82 -10.25
C GLU A 260 9.34 40.88 -10.32
N GLU A 261 10.58 40.52 -10.04
CA GLU A 261 11.68 41.53 -10.11
C GLU A 261 11.68 42.22 -11.48
N LYS A 262 11.13 41.57 -12.48
CA LYS A 262 11.09 42.17 -13.83
C LYS A 262 9.65 42.54 -14.20
N ARG A 263 8.89 42.98 -13.24
CA ARG A 263 7.46 43.36 -13.50
C ARG A 263 6.72 42.21 -14.19
N GLY A 264 6.71 41.05 -13.57
CA GLY A 264 6.00 39.89 -14.18
C GLY A 264 4.87 39.44 -13.25
N VAL A 265 4.46 38.21 -13.35
CA VAL A 265 3.35 37.71 -12.47
C VAL A 265 3.45 36.19 -12.30
N PHE A 266 2.86 35.68 -11.25
CA PHE A 266 2.90 34.21 -11.01
C PHE A 266 1.49 33.71 -10.63
N ASN A 267 1.12 32.54 -11.06
CA ASN A 267 -0.25 32.04 -10.70
C ASN A 267 -0.30 30.50 -10.67
N VAL A 268 -0.68 29.95 -9.55
CA VAL A 268 -0.78 28.46 -9.42
C VAL A 268 -2.14 27.98 -9.97
N GLN A 269 -2.24 26.74 -10.40
CA GLN A 269 -3.56 26.26 -10.94
C GLN A 269 -4.06 25.05 -10.15
N MET A 270 -3.18 24.23 -9.65
CA MET A 270 -3.62 23.03 -8.89
C MET A 270 -2.72 22.79 -7.67
N GLU A 271 -1.93 23.77 -7.31
CA GLU A 271 -1.03 23.62 -6.15
C GLU A 271 -0.16 22.36 -6.29
N PRO A 272 0.75 22.18 -5.36
CA PRO A 272 1.63 20.99 -5.39
C PRO A 272 0.83 19.74 -5.04
N LYS A 273 0.71 18.82 -5.96
CA LYS A 273 -0.09 17.58 -5.67
C LYS A 273 0.76 16.32 -5.89
N VAL A 274 0.97 15.57 -4.85
CA VAL A 274 1.76 14.32 -4.98
C VAL A 274 0.91 13.22 -5.64
N VAL A 275 1.54 12.24 -6.25
CA VAL A 275 0.75 11.16 -6.91
C VAL A 275 0.03 10.32 -5.85
N THR A 276 -0.75 9.37 -6.28
CA THR A 276 -1.49 8.50 -5.31
C THR A 276 -0.50 7.76 -4.41
N ASP A 277 -0.91 6.65 -3.84
CA ASP A 277 0.01 5.86 -2.94
C ASP A 277 0.33 6.68 -1.67
N THR A 278 1.02 7.77 -1.82
CA THR A 278 1.36 8.61 -0.63
C THR A 278 0.33 9.73 -0.49
N ASP A 279 -0.31 10.11 -1.56
CA ASP A 279 -1.34 11.19 -1.49
C ASP A 279 -2.71 10.60 -1.16
N GLU A 280 -2.87 9.31 -1.36
CA GLU A 280 -4.19 8.67 -1.06
C GLU A 280 -4.44 8.65 0.46
N THR A 281 -3.40 8.76 1.25
CA THR A 281 -3.59 8.75 2.73
C THR A 281 -4.01 10.13 3.23
N GLU A 282 -3.45 11.17 2.67
CA GLU A 282 -3.81 12.54 3.10
C GLU A 282 -5.23 12.91 2.61
N LEU A 283 -5.80 12.10 1.78
CA LEU A 283 -7.18 12.40 1.26
C LEU A 283 -8.24 11.83 2.21
N ALA A 284 -7.94 10.76 2.88
CA ALA A 284 -8.95 10.16 3.81
C ALA A 284 -8.75 10.69 5.24
N ARG A 285 -7.53 10.98 5.62
CA ARG A 285 -7.28 11.51 6.98
C ARG A 285 -7.77 12.95 7.11
N GLN A 286 -7.72 13.70 6.03
CA GLN A 286 -8.19 15.10 6.08
C GLN A 286 -9.72 15.14 6.20
N MET A 287 -10.37 14.02 6.03
CA MET A 287 -11.85 13.98 6.14
C MET A 287 -12.30 13.89 7.60
N GLU A 288 -11.37 13.74 8.51
CA GLU A 288 -11.73 13.64 9.97
C GLU A 288 -12.76 14.72 10.34
N ARG A 289 -13.97 14.32 10.61
CA ARG A 289 -15.02 15.32 10.98
C ARG A 289 -14.89 15.72 12.45
N LEU A 290 -14.14 14.98 13.22
CA LEU A 290 -13.97 15.32 14.67
C LEU A 290 -12.75 16.23 14.85
N GLU A 291 -11.87 16.29 13.89
CA GLU A 291 -10.67 17.15 14.01
C GLU A 291 -10.84 18.42 13.16
N ARG A 292 -11.97 18.58 12.51
CA ARG A 292 -12.19 19.79 11.68
C ARG A 292 -12.52 21.00 12.56
N GLU A 293 -12.71 20.79 13.84
CA GLU A 293 -13.03 21.93 14.75
C GLU A 293 -14.24 22.72 14.23
N ASN A 294 -14.68 23.71 14.97
CA ASN A 294 -15.84 24.52 14.53
C ASN A 294 -15.47 25.39 13.34
N ALA A 295 -16.43 25.95 12.66
CA ALA A 295 -16.13 26.81 11.47
C ALA A 295 -16.70 28.22 11.68
N GLU A 296 -17.95 28.44 11.34
CA GLU A 296 -18.53 29.80 11.52
C GLU A 296 -20.06 29.75 11.44
N VAL A 297 -20.60 29.59 10.25
CA VAL A 297 -22.09 29.55 10.10
C VAL A 297 -22.71 30.79 10.75
N ASP A 298 -21.96 31.87 10.83
CA ASP A 298 -22.49 33.11 11.46
C ASP A 298 -23.82 33.52 10.80
N GLY A 299 -24.90 33.38 11.51
CA GLY A 299 -26.23 33.75 10.93
C GLY A 299 -26.80 34.93 11.73
N ASP A 300 -26.26 36.10 11.55
CA ASP A 300 -26.78 37.28 12.29
C ASP A 300 -27.93 37.93 11.52
N MET A 1 -12.22 -12.27 -20.82
CA MET A 1 -13.02 -11.12 -21.35
C MET A 1 -13.27 -10.08 -20.25
N SER A 2 -12.99 -10.42 -19.02
CA SER A 2 -13.22 -9.44 -17.91
C SER A 2 -12.45 -9.88 -16.66
N CYS A 3 -12.03 -8.94 -15.85
CA CYS A 3 -11.27 -9.31 -14.61
C CYS A 3 -11.66 -8.39 -13.46
N ARG A 4 -11.56 -7.09 -13.65
CA ARG A 4 -11.92 -6.12 -12.58
C ARG A 4 -11.10 -6.38 -11.30
N PHE A 5 -11.18 -5.49 -10.35
CA PHE A 5 -10.42 -5.67 -9.08
C PHE A 5 -11.37 -6.12 -7.97
N TYR A 6 -12.63 -5.93 -8.16
CA TYR A 6 -13.64 -6.35 -7.14
C TYR A 6 -14.97 -6.63 -7.83
N GLN A 7 -15.80 -7.41 -7.21
CA GLN A 7 -17.14 -7.74 -7.81
C GLN A 7 -17.73 -6.51 -8.51
N HIS A 8 -17.49 -5.34 -7.98
CA HIS A 8 -18.03 -4.10 -8.62
C HIS A 8 -16.92 -3.42 -9.41
N LYS A 9 -17.18 -2.25 -9.94
CA LYS A 9 -16.12 -1.54 -10.72
C LYS A 9 -16.05 -0.07 -10.28
N PHE A 10 -16.87 0.33 -9.34
CA PHE A 10 -16.83 1.75 -8.89
C PHE A 10 -17.74 1.94 -7.66
N PRO A 11 -17.13 2.26 -6.54
CA PRO A 11 -17.91 2.48 -5.31
C PRO A 11 -18.49 3.89 -5.29
N GLU A 12 -18.89 4.37 -4.14
CA GLU A 12 -19.46 5.74 -4.06
C GLU A 12 -18.50 6.73 -4.71
N VAL A 13 -18.80 7.12 -5.92
CA VAL A 13 -17.94 8.08 -6.67
C VAL A 13 -16.67 7.36 -7.13
N GLU A 14 -15.52 7.83 -6.74
CA GLU A 14 -14.23 7.18 -7.15
C GLU A 14 -13.06 8.16 -6.90
N ASP A 15 -12.49 8.13 -5.73
CA ASP A 15 -11.36 9.05 -5.42
C ASP A 15 -10.36 9.10 -6.58
N VAL A 16 -9.42 10.01 -6.55
CA VAL A 16 -8.44 10.12 -7.66
C VAL A 16 -7.81 8.76 -7.97
N VAL A 17 -7.92 8.32 -9.19
CA VAL A 17 -7.34 7.00 -9.58
C VAL A 17 -6.74 7.09 -10.99
N MET A 18 -6.28 5.99 -11.52
CA MET A 18 -5.69 6.02 -12.89
C MET A 18 -6.73 5.57 -13.92
N VAL A 19 -6.59 6.00 -15.14
CA VAL A 19 -7.59 5.61 -16.18
C VAL A 19 -7.03 5.84 -17.59
N ASN A 20 -7.71 5.36 -18.60
CA ASN A 20 -7.22 5.56 -19.99
C ASN A 20 -8.29 6.27 -20.81
N VAL A 21 -7.99 7.43 -21.31
CA VAL A 21 -8.99 8.21 -22.12
C VAL A 21 -9.64 7.32 -23.20
N ARG A 22 -10.92 7.46 -23.38
CA ARG A 22 -11.62 6.65 -24.41
C ARG A 22 -11.95 7.53 -25.63
N SER A 23 -12.74 8.56 -25.44
CA SER A 23 -13.08 9.44 -26.59
C SER A 23 -13.38 10.87 -26.09
N ILE A 24 -12.61 11.84 -26.51
CA ILE A 24 -12.85 13.24 -26.05
C ILE A 24 -13.88 13.93 -26.96
N GLN A 25 -14.70 14.77 -26.40
CA GLN A 25 -15.71 15.49 -27.22
C GLN A 25 -15.53 16.99 -27.06
N GLU A 26 -16.47 17.77 -27.52
CA GLU A 26 -16.34 19.26 -27.40
C GLU A 26 -16.72 19.74 -26.00
N MET A 27 -17.84 19.29 -25.47
CA MET A 27 -18.25 19.74 -24.11
C MET A 27 -18.09 18.61 -23.09
N GLY A 28 -17.19 17.71 -23.32
CA GLY A 28 -16.99 16.58 -22.35
C GLY A 28 -16.11 15.51 -22.98
N ALA A 29 -15.79 14.48 -22.24
CA ALA A 29 -14.92 13.40 -22.79
C ALA A 29 -15.24 12.07 -22.12
N TYR A 30 -14.80 10.99 -22.71
CA TYR A 30 -15.08 9.64 -22.10
C TYR A 30 -13.78 9.00 -21.65
N VAL A 31 -13.79 8.37 -20.50
CA VAL A 31 -12.55 7.72 -20.00
C VAL A 31 -12.77 6.21 -19.91
N SER A 32 -11.70 5.46 -19.88
CA SER A 32 -11.82 3.98 -19.79
C SER A 32 -10.80 3.44 -18.78
N LEU A 33 -11.22 3.23 -17.56
CA LEU A 33 -10.27 2.71 -16.54
C LEU A 33 -9.86 1.28 -16.88
N LEU A 34 -8.77 1.14 -17.61
CA LEU A 34 -8.28 -0.22 -18.01
C LEU A 34 -9.43 -1.16 -18.37
N GLU A 35 -10.55 -0.63 -18.81
CA GLU A 35 -11.73 -1.49 -19.18
C GLU A 35 -11.82 -2.73 -18.29
N TYR A 36 -11.85 -2.56 -16.99
CA TYR A 36 -11.92 -3.76 -16.10
C TYR A 36 -12.59 -3.42 -14.76
N ASN A 37 -11.86 -2.87 -13.82
CA ASN A 37 -12.46 -2.55 -12.49
C ASN A 37 -13.18 -1.19 -12.50
N ASN A 38 -13.59 -0.72 -13.65
CA ASN A 38 -14.31 0.59 -13.70
C ASN A 38 -15.00 0.79 -15.07
N ILE A 39 -14.47 0.19 -16.11
CA ILE A 39 -15.10 0.34 -17.47
C ILE A 39 -14.98 1.78 -17.96
N GLU A 40 -15.73 2.15 -18.97
CA GLU A 40 -15.64 3.54 -19.50
C GLU A 40 -16.06 4.55 -18.43
N GLY A 41 -16.24 5.79 -18.79
CA GLY A 41 -16.64 6.83 -17.80
C GLY A 41 -16.95 8.14 -18.52
N MET A 42 -17.36 9.14 -17.79
CA MET A 42 -17.68 10.44 -18.43
C MET A 42 -16.98 11.58 -17.68
N ILE A 43 -16.20 12.36 -18.37
CA ILE A 43 -15.49 13.48 -17.70
C ILE A 43 -16.11 14.82 -18.14
N HIS A 44 -15.98 15.82 -17.32
CA HIS A 44 -16.57 17.15 -17.68
C HIS A 44 -15.47 18.18 -17.99
N LEU A 45 -15.36 18.60 -19.23
CA LEU A 45 -14.33 19.62 -19.59
C LEU A 45 -14.50 20.85 -18.70
N SER A 46 -15.68 21.06 -18.19
CA SER A 46 -15.94 22.23 -17.30
C SER A 46 -15.23 22.03 -15.97
N GLU A 47 -14.60 20.90 -15.77
CA GLU A 47 -13.88 20.64 -14.50
C GLU A 47 -12.44 20.30 -14.85
N LEU A 48 -12.04 20.60 -16.05
CA LEU A 48 -10.65 20.31 -16.46
C LEU A 48 -9.87 21.62 -16.55
N SER A 49 -10.52 22.67 -16.99
CA SER A 49 -9.82 23.99 -17.10
C SER A 49 -10.20 24.89 -15.92
N ARG A 50 -9.89 26.15 -16.01
CA ARG A 50 -10.23 27.08 -14.90
C ARG A 50 -11.29 28.08 -15.36
N ARG A 51 -11.00 28.87 -16.35
CA ARG A 51 -11.99 29.85 -16.86
C ARG A 51 -12.12 29.74 -18.38
N ARG A 52 -11.04 29.92 -19.09
CA ARG A 52 -11.08 29.82 -20.57
C ARG A 52 -10.45 28.51 -21.04
N ILE A 53 -11.21 27.65 -21.65
CA ILE A 53 -10.66 26.36 -22.13
C ILE A 53 -10.33 26.45 -23.62
N ARG A 54 -9.30 25.76 -24.07
CA ARG A 54 -8.94 25.82 -25.51
C ARG A 54 -9.07 24.44 -26.14
N SER A 55 -8.20 23.53 -25.81
CA SER A 55 -8.28 22.16 -26.40
C SER A 55 -7.75 21.11 -25.41
N ILE A 56 -8.61 20.53 -24.63
CA ILE A 56 -8.15 19.50 -23.66
C ILE A 56 -7.56 18.30 -24.40
N ASN A 57 -7.79 18.20 -25.68
CA ASN A 57 -7.23 17.05 -26.47
C ASN A 57 -5.71 16.97 -26.28
N LYS A 58 -5.10 18.03 -25.81
CA LYS A 58 -3.62 18.02 -25.61
C LYS A 58 -3.28 17.43 -24.23
N LEU A 59 -4.23 16.79 -23.59
CA LEU A 59 -3.95 16.20 -22.25
C LEU A 59 -3.87 14.68 -22.35
N ILE A 60 -4.96 14.03 -22.69
CA ILE A 60 -4.95 12.55 -22.81
C ILE A 60 -5.70 12.13 -24.08
N ARG A 61 -5.02 11.48 -24.99
CA ARG A 61 -5.71 11.05 -26.25
C ARG A 61 -5.92 9.53 -26.23
N ILE A 62 -6.93 9.06 -26.92
CA ILE A 62 -7.23 7.59 -26.95
C ILE A 62 -5.95 6.76 -26.87
N GLY A 63 -5.58 6.34 -25.68
CA GLY A 63 -4.34 5.55 -25.51
C GLY A 63 -3.38 6.27 -24.56
N ARG A 64 -3.85 7.32 -23.90
CA ARG A 64 -2.95 8.06 -22.96
C ARG A 64 -3.43 7.88 -21.52
N ASN A 65 -2.85 6.96 -20.80
CA ASN A 65 -3.28 6.73 -19.39
C ASN A 65 -2.92 7.95 -18.54
N GLU A 66 -3.74 8.26 -17.58
CA GLU A 66 -3.46 9.43 -16.69
C GLU A 66 -4.22 9.31 -15.37
N CYS A 67 -4.04 10.24 -14.48
CA CYS A 67 -4.76 10.17 -13.17
C CYS A 67 -5.83 11.27 -13.07
N VAL A 68 -7.03 10.90 -12.73
CA VAL A 68 -8.12 11.91 -12.61
C VAL A 68 -8.97 11.64 -11.37
N LYS A 69 -9.89 12.51 -11.04
CA LYS A 69 -10.73 12.29 -9.84
C LYS A 69 -12.22 12.26 -10.22
N VAL A 70 -12.89 11.17 -9.92
CA VAL A 70 -14.33 11.06 -10.27
C VAL A 70 -15.15 11.99 -9.36
N ILE A 71 -16.25 12.51 -9.85
CA ILE A 71 -17.06 13.44 -9.01
C ILE A 71 -18.35 12.75 -8.54
N ARG A 72 -18.83 11.76 -9.25
CA ARG A 72 -20.08 11.06 -8.81
C ARG A 72 -20.51 10.02 -9.85
N VAL A 73 -21.11 8.94 -9.41
CA VAL A 73 -21.57 7.89 -10.37
C VAL A 73 -23.09 7.80 -10.34
N ASP A 74 -23.65 7.08 -11.28
CA ASP A 74 -25.13 6.93 -11.32
C ASP A 74 -25.53 5.49 -11.05
N LYS A 75 -26.39 5.27 -10.09
CA LYS A 75 -26.82 3.88 -9.77
C LYS A 75 -28.08 3.52 -10.57
N GLU A 76 -28.51 4.41 -11.42
CA GLU A 76 -29.71 4.14 -12.25
C GLU A 76 -29.29 3.29 -13.45
N LYS A 77 -28.02 3.31 -13.76
CA LYS A 77 -27.52 2.50 -14.91
C LYS A 77 -26.04 2.14 -14.68
N GLY A 78 -25.31 2.99 -14.01
CA GLY A 78 -23.87 2.70 -13.76
C GLY A 78 -23.00 3.70 -14.51
N TYR A 79 -23.01 4.95 -14.10
CA TYR A 79 -22.17 5.96 -14.80
C TYR A 79 -21.09 6.47 -13.86
N ILE A 80 -20.09 7.15 -14.37
CA ILE A 80 -19.00 7.66 -13.49
C ILE A 80 -18.52 9.03 -13.98
N ASP A 81 -18.65 10.04 -13.16
CA ASP A 81 -18.18 11.40 -13.57
C ASP A 81 -16.67 11.50 -13.40
N LEU A 82 -16.00 12.22 -14.25
CA LEU A 82 -14.51 12.33 -14.12
C LEU A 82 -14.09 13.80 -14.01
N SER A 83 -13.14 14.07 -13.15
CA SER A 83 -12.65 15.48 -12.99
C SER A 83 -11.16 15.48 -12.65
N LYS A 84 -10.34 15.98 -13.52
CA LYS A 84 -8.87 16.01 -13.26
C LYS A 84 -8.48 17.23 -12.43
N ARG A 85 -9.40 18.15 -12.23
CA ARG A 85 -9.08 19.37 -11.42
C ARG A 85 -9.16 19.03 -9.93
N ARG A 86 -9.83 17.98 -9.58
CA ARG A 86 -9.95 17.62 -8.13
C ARG A 86 -8.96 16.50 -7.78
N VAL A 87 -7.88 16.40 -8.49
CA VAL A 87 -6.88 15.33 -8.18
C VAL A 87 -5.82 15.84 -7.20
N SER A 88 -5.84 15.33 -6.00
CA SER A 88 -4.84 15.79 -4.98
C SER A 88 -3.74 14.71 -4.82
N PRO A 89 -2.59 15.14 -4.37
CA PRO A 89 -1.47 14.19 -4.17
C PRO A 89 -1.76 13.25 -3.00
N GLU A 90 -2.41 13.75 -1.97
CA GLU A 90 -2.72 12.88 -0.80
C GLU A 90 -3.68 11.76 -1.24
N GLU A 91 -4.67 12.09 -2.02
CA GLU A 91 -5.62 11.04 -2.48
C GLU A 91 -4.97 10.19 -3.58
N ALA A 92 -4.09 10.79 -4.36
CA ALA A 92 -3.41 10.02 -5.44
C ALA A 92 -2.38 9.08 -4.84
N ILE A 93 -2.00 9.34 -3.64
CA ILE A 93 -1.00 8.48 -2.96
C ILE A 93 -1.75 7.32 -2.30
N LYS A 94 -2.81 7.62 -1.61
CA LYS A 94 -3.62 6.54 -0.96
C LYS A 94 -4.24 5.65 -2.05
N CYS A 95 -4.65 6.24 -3.13
CA CYS A 95 -5.27 5.44 -4.24
C CYS A 95 -4.17 4.69 -5.00
N GLU A 96 -3.09 5.36 -5.31
CA GLU A 96 -1.97 4.68 -6.04
C GLU A 96 -1.58 3.40 -5.28
N ASP A 97 -1.61 3.45 -3.98
CA ASP A 97 -1.26 2.24 -3.18
C ASP A 97 -2.38 1.22 -3.32
N LYS A 98 -3.62 1.65 -3.20
CA LYS A 98 -4.77 0.72 -3.33
C LYS A 98 -4.65 -0.09 -4.62
N PHE A 99 -4.15 0.51 -5.67
CA PHE A 99 -4.01 -0.24 -6.96
C PHE A 99 -2.72 -1.07 -6.93
N THR A 100 -1.69 -0.59 -6.31
CA THR A 100 -0.43 -1.39 -6.26
C THR A 100 -0.72 -2.77 -5.67
N LYS A 101 -1.44 -2.81 -4.58
CA LYS A 101 -1.79 -4.11 -3.97
C LYS A 101 -2.97 -4.74 -4.71
N SER A 102 -4.00 -3.98 -4.97
CA SER A 102 -5.18 -4.55 -5.69
C SER A 102 -4.77 -5.05 -7.08
N LYS A 103 -3.73 -4.48 -7.64
CA LYS A 103 -3.27 -4.92 -8.99
C LYS A 103 -2.37 -6.14 -8.85
N THR A 104 -1.57 -6.20 -7.81
CA THR A 104 -0.68 -7.38 -7.61
C THR A 104 -1.56 -8.58 -7.26
N VAL A 105 -2.47 -8.40 -6.36
CA VAL A 105 -3.40 -9.52 -5.98
C VAL A 105 -4.26 -9.88 -7.18
N TYR A 106 -4.68 -8.87 -7.88
CA TYR A 106 -5.52 -9.08 -9.09
C TYR A 106 -4.70 -9.81 -10.15
N SER A 107 -3.59 -9.24 -10.53
CA SER A 107 -2.72 -9.90 -11.55
C SER A 107 -2.32 -11.28 -11.07
N ILE A 108 -2.13 -11.44 -9.78
CA ILE A 108 -1.74 -12.77 -9.25
C ILE A 108 -2.84 -13.79 -9.61
N LEU A 109 -4.08 -13.41 -9.44
CA LEU A 109 -5.19 -14.34 -9.80
C LEU A 109 -5.17 -14.61 -11.30
N ARG A 110 -4.90 -13.60 -12.08
CA ARG A 110 -4.84 -13.80 -13.57
C ARG A 110 -3.81 -14.86 -13.92
N HIS A 111 -2.57 -14.65 -13.55
CA HIS A 111 -1.50 -15.65 -13.85
C HIS A 111 -1.91 -17.01 -13.28
N VAL A 112 -2.40 -17.01 -12.07
CA VAL A 112 -2.84 -18.30 -11.44
C VAL A 112 -3.83 -18.99 -12.39
N ALA A 113 -4.69 -18.23 -13.00
CA ALA A 113 -5.66 -18.82 -13.95
C ALA A 113 -4.93 -19.20 -15.25
N GLU A 114 -3.99 -18.38 -15.67
CA GLU A 114 -3.22 -18.70 -16.90
C GLU A 114 -2.28 -19.87 -16.63
N VAL A 115 -2.04 -20.17 -15.38
CA VAL A 115 -1.14 -21.31 -15.04
C VAL A 115 -1.95 -22.61 -14.95
N LEU A 116 -3.17 -22.51 -14.51
CA LEU A 116 -4.04 -23.73 -14.40
C LEU A 116 -4.84 -23.92 -15.68
N GLU A 117 -4.45 -23.24 -16.71
CA GLU A 117 -5.16 -23.36 -18.03
C GLU A 117 -6.60 -22.84 -17.92
N TYR A 118 -6.76 -21.58 -17.62
CA TYR A 118 -8.13 -20.99 -17.52
C TYR A 118 -8.60 -20.47 -18.88
N THR A 119 -8.90 -21.35 -19.81
CA THR A 119 -9.34 -20.89 -21.16
C THR A 119 -10.82 -20.44 -21.12
N LYS A 120 -11.37 -20.29 -19.95
CA LYS A 120 -12.80 -19.85 -19.85
C LYS A 120 -12.88 -18.53 -19.07
N ASP A 121 -13.16 -17.44 -19.73
CA ASP A 121 -13.24 -16.13 -19.01
C ASP A 121 -14.12 -16.25 -17.76
N GLU A 122 -15.03 -17.19 -17.75
CA GLU A 122 -15.90 -17.37 -16.57
C GLU A 122 -15.06 -17.88 -15.38
N GLN A 123 -14.06 -18.67 -15.64
CA GLN A 123 -13.21 -19.19 -14.54
C GLN A 123 -12.38 -18.05 -13.95
N LEU A 124 -11.66 -17.34 -14.78
CA LEU A 124 -10.83 -16.21 -14.26
C LEU A 124 -11.71 -15.24 -13.45
N GLU A 125 -12.82 -14.84 -14.00
CA GLU A 125 -13.72 -13.91 -13.25
C GLU A 125 -14.26 -14.62 -12.00
N SER A 126 -14.39 -15.91 -12.05
CA SER A 126 -14.89 -16.66 -10.87
C SER A 126 -13.81 -16.66 -9.80
N LEU A 127 -12.57 -16.79 -10.22
CA LEU A 127 -11.44 -16.77 -9.24
C LEU A 127 -11.43 -15.43 -8.52
N PHE A 128 -11.45 -14.37 -9.28
CA PHE A 128 -11.46 -13.00 -8.67
C PHE A 128 -12.59 -12.88 -7.66
N GLN A 129 -13.75 -13.40 -7.99
CA GLN A 129 -14.90 -13.33 -7.05
C GLN A 129 -14.82 -14.44 -6.00
N ARG A 130 -14.05 -15.47 -6.28
CA ARG A 130 -13.94 -16.60 -5.31
C ARG A 130 -12.77 -16.38 -4.34
N THR A 131 -12.14 -15.22 -4.35
CA THR A 131 -11.01 -15.00 -3.40
C THR A 131 -10.73 -13.51 -3.18
N ALA A 132 -10.10 -12.87 -4.13
CA ALA A 132 -9.80 -11.41 -3.96
C ALA A 132 -11.04 -10.61 -3.57
N TRP A 133 -12.20 -11.05 -4.00
CA TRP A 133 -13.44 -10.30 -3.64
C TRP A 133 -14.01 -10.82 -2.33
N VAL A 134 -13.68 -12.03 -1.97
CA VAL A 134 -14.17 -12.58 -0.68
C VAL A 134 -13.52 -11.77 0.45
N PHE A 135 -12.25 -11.53 0.32
CA PHE A 135 -11.54 -10.74 1.36
C PHE A 135 -11.87 -9.25 1.17
N ASP A 136 -11.94 -8.81 -0.07
CA ASP A 136 -12.29 -7.39 -0.31
C ASP A 136 -13.60 -7.07 0.40
N ASP A 137 -14.43 -8.08 0.58
CA ASP A 137 -15.73 -7.85 1.29
C ASP A 137 -15.57 -8.22 2.76
N LYS A 138 -14.60 -9.03 3.04
CA LYS A 138 -14.34 -9.46 4.44
C LYS A 138 -14.03 -8.23 5.31
N TYR A 139 -13.22 -7.33 4.84
CA TYR A 139 -12.90 -6.11 5.65
C TYR A 139 -13.49 -4.87 4.99
N LYS A 140 -14.49 -5.05 4.16
CA LYS A 140 -15.12 -3.88 3.47
C LYS A 140 -14.04 -2.96 2.87
N ARG A 141 -13.10 -3.52 2.17
CA ARG A 141 -12.02 -2.70 1.55
C ARG A 141 -11.97 -2.94 0.04
N PRO A 142 -11.69 -1.90 -0.70
CA PRO A 142 -11.63 -2.02 -2.18
C PRO A 142 -10.28 -2.60 -2.61
N GLY A 143 -10.16 -3.91 -2.62
CA GLY A 143 -8.88 -4.55 -3.06
C GLY A 143 -7.91 -4.66 -1.88
N TYR A 144 -7.69 -3.58 -1.17
CA TYR A 144 -6.74 -3.61 -0.01
C TYR A 144 -7.00 -4.83 0.88
N GLY A 145 -8.24 -5.21 1.06
CA GLY A 145 -8.55 -6.39 1.91
C GLY A 145 -8.03 -7.66 1.23
N ALA A 146 -8.26 -7.80 -0.04
CA ALA A 146 -7.78 -9.01 -0.77
C ALA A 146 -6.27 -9.17 -0.57
N TYR A 147 -5.53 -8.08 -0.61
CA TYR A 147 -4.06 -8.17 -0.43
C TYR A 147 -3.71 -8.53 1.02
N ASP A 148 -4.08 -7.69 1.95
CA ASP A 148 -3.77 -7.96 3.39
C ASP A 148 -4.12 -9.41 3.72
N ALA A 149 -5.14 -9.94 3.11
CA ALA A 149 -5.53 -11.35 3.38
C ALA A 149 -4.63 -12.30 2.57
N PHE A 150 -4.15 -11.84 1.45
CA PHE A 150 -3.27 -12.70 0.60
C PHE A 150 -1.84 -12.69 1.17
N LYS A 151 -1.52 -11.72 1.98
CA LYS A 151 -0.14 -11.67 2.57
C LYS A 151 -0.16 -12.34 3.95
N HIS A 152 -1.22 -12.16 4.68
CA HIS A 152 -1.29 -12.78 6.04
C HIS A 152 -1.74 -14.25 5.91
N ALA A 153 -2.37 -14.59 4.83
CA ALA A 153 -2.83 -16.01 4.64
C ALA A 153 -1.65 -16.94 4.39
N VAL A 154 -0.47 -16.39 4.23
CA VAL A 154 0.73 -17.25 3.99
C VAL A 154 0.96 -18.16 5.19
N SER A 155 0.61 -17.71 6.36
CA SER A 155 0.81 -18.54 7.58
C SER A 155 -0.42 -18.50 8.49
N ASP A 156 -1.42 -17.72 8.14
CA ASP A 156 -2.64 -17.65 8.99
C ASP A 156 -3.86 -18.19 8.22
N PRO A 157 -3.95 -19.50 8.18
CA PRO A 157 -5.07 -20.16 7.47
C PRO A 157 -6.36 -20.05 8.29
N SER A 158 -6.31 -19.45 9.45
CA SER A 158 -7.54 -19.32 10.29
C SER A 158 -8.57 -18.42 9.62
N ILE A 159 -8.14 -17.45 8.86
CA ILE A 159 -9.13 -16.54 8.19
C ILE A 159 -9.54 -17.08 6.82
N LEU A 160 -8.79 -18.00 6.27
CA LEU A 160 -9.16 -18.55 4.93
C LEU A 160 -9.38 -20.07 5.02
N ASP A 161 -9.71 -20.57 6.18
CA ASP A 161 -9.95 -22.03 6.32
C ASP A 161 -11.27 -22.42 5.66
N SER A 162 -12.19 -21.49 5.57
CA SER A 162 -13.51 -21.79 4.94
C SER A 162 -13.46 -21.54 3.42
N LEU A 163 -12.29 -21.34 2.88
CA LEU A 163 -12.18 -21.10 1.40
C LEU A 163 -12.14 -22.42 0.64
N ASP A 164 -13.17 -22.72 -0.11
CA ASP A 164 -13.20 -24.00 -0.88
C ASP A 164 -12.34 -23.88 -2.14
N LEU A 165 -11.07 -24.16 -2.03
CA LEU A 165 -10.19 -24.08 -3.23
C LEU A 165 -9.66 -25.46 -3.59
N ASN A 166 -9.12 -25.63 -4.77
CA ASN A 166 -8.58 -26.96 -5.17
C ASN A 166 -7.11 -27.07 -4.76
N GLU A 167 -6.54 -28.25 -4.84
CA GLU A 167 -5.11 -28.40 -4.47
C GLU A 167 -4.21 -27.69 -5.46
N ASP A 168 -4.76 -27.28 -6.56
CA ASP A 168 -3.97 -26.56 -7.59
C ASP A 168 -4.06 -25.05 -7.32
N GLU A 169 -5.18 -24.59 -6.83
CA GLU A 169 -5.34 -23.15 -6.55
C GLU A 169 -4.70 -22.79 -5.21
N ARG A 170 -4.71 -23.72 -4.27
CA ARG A 170 -4.08 -23.44 -2.95
C ARG A 170 -2.56 -23.46 -3.11
N GLU A 171 -2.06 -24.32 -3.96
CA GLU A 171 -0.58 -24.40 -4.17
C GLU A 171 -0.10 -23.18 -4.96
N VAL A 172 -0.83 -22.79 -5.97
CA VAL A 172 -0.40 -21.60 -6.77
C VAL A 172 -0.69 -20.32 -5.97
N LEU A 173 -1.75 -20.31 -5.21
CA LEU A 173 -2.08 -19.10 -4.40
C LEU A 173 -1.04 -18.90 -3.31
N ILE A 174 -0.64 -19.95 -2.64
CA ILE A 174 0.40 -19.79 -1.57
C ILE A 174 1.75 -19.49 -2.21
N ASN A 175 2.01 -20.02 -3.37
CA ASN A 175 3.31 -19.75 -4.05
C ASN A 175 3.38 -18.27 -4.41
N ASN A 176 2.30 -17.71 -4.89
CA ASN A 176 2.30 -16.26 -5.27
C ASN A 176 2.44 -15.41 -4.01
N ILE A 177 1.75 -15.75 -2.95
CA ILE A 177 1.85 -14.95 -1.69
C ILE A 177 3.30 -14.93 -1.19
N ASN A 178 4.02 -16.01 -1.34
CA ASN A 178 5.43 -16.05 -0.85
C ASN A 178 6.38 -15.63 -1.97
N ARG A 179 6.06 -15.95 -3.19
CA ARG A 179 6.94 -15.58 -4.33
C ARG A 179 6.64 -14.16 -4.81
N ARG A 180 5.55 -13.59 -4.37
CA ARG A 180 5.21 -12.20 -4.82
C ARG A 180 5.05 -11.26 -3.62
N LEU A 181 4.83 -11.79 -2.44
CA LEU A 181 4.65 -10.90 -1.26
C LEU A 181 4.85 -11.69 0.05
N THR A 182 5.98 -12.35 0.18
CA THR A 182 6.23 -13.15 1.42
C THR A 182 6.21 -12.24 2.65
N PRO A 183 5.86 -12.81 3.78
CA PRO A 183 5.81 -12.03 5.05
C PRO A 183 7.22 -11.62 5.49
N GLN A 184 7.72 -10.53 4.99
CA GLN A 184 9.07 -10.07 5.38
C GLN A 184 9.04 -8.60 5.78
N ALA A 185 9.21 -8.32 7.04
CA ALA A 185 9.19 -6.91 7.51
C ALA A 185 10.60 -6.32 7.49
N VAL A 186 10.85 -5.31 8.28
CA VAL A 186 12.21 -4.69 8.28
C VAL A 186 12.83 -4.76 9.68
N LYS A 187 14.13 -4.78 9.75
CA LYS A 187 14.81 -4.81 11.07
C LYS A 187 15.03 -3.37 11.52
N ILE A 188 14.41 -2.98 12.60
CA ILE A 188 14.55 -1.57 13.05
C ILE A 188 15.36 -1.47 14.33
N ARG A 189 15.95 -0.33 14.58
CA ARG A 189 16.73 -0.17 15.83
C ARG A 189 16.83 1.30 16.25
N ALA A 190 16.40 1.60 17.44
CA ALA A 190 16.50 2.99 17.97
C ALA A 190 17.23 2.94 19.33
N ASP A 191 17.83 4.01 19.77
CA ASP A 191 18.55 3.96 21.09
C ASP A 191 17.87 4.86 22.11
N ILE A 192 17.85 4.44 23.34
CA ILE A 192 17.20 5.26 24.40
C ILE A 192 17.95 5.11 25.72
N GLU A 193 17.85 6.07 26.59
CA GLU A 193 18.56 5.99 27.89
C GLU A 193 17.56 6.19 29.04
N VAL A 194 17.22 5.11 29.71
CA VAL A 194 16.25 5.22 30.84
C VAL A 194 16.98 5.32 32.17
N ALA A 195 16.45 6.05 33.10
CA ALA A 195 17.09 6.19 34.43
C ALA A 195 16.06 6.62 35.47
N CYS A 196 16.16 6.15 36.68
CA CYS A 196 15.18 6.56 37.73
C CYS A 196 15.89 7.26 38.89
N TYR A 197 17.09 7.73 38.66
CA TYR A 197 17.87 8.45 39.72
C TYR A 197 17.65 7.81 41.10
N GLY A 198 18.32 6.72 41.37
CA GLY A 198 18.15 6.04 42.69
C GLY A 198 18.11 4.53 42.47
N TYR A 199 18.08 3.77 43.53
CA TYR A 199 18.05 2.28 43.37
C TYR A 199 16.61 1.77 43.51
N GLU A 200 15.80 2.45 44.28
CA GLU A 200 14.38 2.02 44.45
C GLU A 200 13.58 2.33 43.17
N GLY A 201 14.18 3.00 42.23
CA GLY A 201 13.46 3.32 40.96
C GLY A 201 13.79 2.24 39.92
N ILE A 202 14.81 1.46 40.18
CA ILE A 202 15.20 0.38 39.24
C ILE A 202 13.96 -0.47 38.87
N ASP A 203 12.98 -0.50 39.73
CA ASP A 203 11.75 -1.28 39.43
C ASP A 203 10.94 -0.56 38.35
N ALA A 204 11.08 0.73 38.26
CA ALA A 204 10.34 1.49 37.22
C ALA A 204 11.15 1.43 35.92
N VAL A 205 12.44 1.32 36.05
CA VAL A 205 13.31 1.23 34.86
C VAL A 205 13.02 -0.09 34.13
N LYS A 206 12.99 -1.18 34.84
CA LYS A 206 12.69 -2.49 34.19
C LYS A 206 11.23 -2.52 33.73
N GLU A 207 10.34 -2.02 34.54
CA GLU A 207 8.90 -2.01 34.13
C GLU A 207 8.73 -1.23 32.83
N ALA A 208 9.36 -0.09 32.72
CA ALA A 208 9.24 0.71 31.48
C ALA A 208 9.74 -0.09 30.28
N LEU A 209 10.93 -0.64 30.36
CA LEU A 209 11.47 -1.45 29.23
C LEU A 209 10.42 -2.47 28.77
N ARG A 210 9.84 -3.18 29.68
CA ARG A 210 8.79 -4.17 29.31
C ARG A 210 7.65 -3.46 28.58
N ALA A 211 7.37 -2.23 28.96
CA ALA A 211 6.28 -1.46 28.30
C ALA A 211 6.65 -1.16 26.84
N GLY A 212 7.91 -0.92 26.57
CA GLY A 212 8.33 -0.63 25.17
C GLY A 212 8.40 -1.93 24.39
N LEU A 213 8.75 -3.01 25.05
CA LEU A 213 8.83 -4.32 24.35
C LEU A 213 7.44 -4.92 24.21
N ASN A 214 6.50 -4.46 25.01
CA ASN A 214 5.11 -4.99 24.93
C ASN A 214 4.26 -4.07 24.03
N CYS A 215 4.67 -2.84 23.85
CA CYS A 215 3.88 -1.92 22.99
C CYS A 215 3.88 -2.42 21.54
N SER A 216 4.76 -3.34 21.22
CA SER A 216 4.79 -3.87 19.82
C SER A 216 3.46 -4.57 19.50
N THR A 217 3.42 -5.35 18.46
CA THR A 217 2.15 -6.04 18.10
C THR A 217 2.42 -7.45 17.56
N GLU A 218 1.39 -8.21 17.31
CA GLU A 218 1.59 -9.60 16.78
C GLU A 218 2.51 -9.57 15.56
N ASN A 219 3.36 -10.56 15.43
CA ASN A 219 4.29 -10.60 14.25
C ASN A 219 5.28 -9.43 14.31
N MET A 220 5.48 -8.86 15.46
CA MET A 220 6.44 -7.72 15.58
C MET A 220 7.19 -7.79 16.91
N PRO A 221 8.06 -8.75 17.02
CA PRO A 221 8.86 -8.94 18.27
C PRO A 221 9.91 -7.83 18.40
N ILE A 222 10.16 -7.41 19.62
CA ILE A 222 11.18 -6.34 19.85
C ILE A 222 12.15 -6.78 20.95
N LYS A 223 13.39 -6.36 20.89
CA LYS A 223 14.36 -6.78 21.94
C LYS A 223 15.24 -5.60 22.37
N ILE A 224 15.32 -5.34 23.65
CA ILE A 224 16.15 -4.22 24.14
C ILE A 224 17.30 -4.79 24.99
N ASN A 225 18.52 -4.59 24.57
CA ASN A 225 19.68 -5.13 25.34
C ASN A 225 20.62 -4.00 25.76
N LEU A 226 20.94 -3.94 27.03
CA LEU A 226 21.86 -2.88 27.53
C LEU A 226 23.23 -3.48 27.82
N ILE A 227 24.27 -2.72 27.62
CA ILE A 227 25.64 -3.25 27.91
C ILE A 227 26.37 -2.23 28.81
N ALA A 228 27.43 -1.62 28.36
CA ALA A 228 28.09 -0.60 29.23
C ALA A 228 28.27 0.73 28.47
N PRO A 229 27.29 1.11 27.68
CA PRO A 229 27.34 2.39 26.94
C PRO A 229 26.50 3.43 27.69
N PRO A 230 26.44 4.62 27.13
CA PRO A 230 25.63 5.69 27.75
C PRO A 230 24.19 5.65 27.19
N ARG A 231 23.74 4.49 26.74
CA ARG A 231 22.37 4.40 26.18
C ARG A 231 21.97 2.94 25.95
N TYR A 232 20.76 2.69 25.53
CA TYR A 232 20.31 1.28 25.30
C TYR A 232 20.15 1.00 23.80
N VAL A 233 19.76 -0.20 23.47
CA VAL A 233 19.55 -0.55 22.02
C VAL A 233 18.16 -1.19 21.87
N MET A 234 17.32 -0.63 21.05
CA MET A 234 15.95 -1.19 20.88
C MET A 234 15.71 -1.57 19.43
N THR A 235 15.64 -2.84 19.12
CA THR A 235 15.41 -3.24 17.70
C THR A 235 14.14 -4.08 17.61
N THR A 236 13.74 -4.46 16.42
CA THR A 236 12.51 -5.27 16.27
C THR A 236 12.26 -5.61 14.80
N THR A 237 11.27 -6.41 14.57
CA THR A 237 10.91 -6.79 13.17
C THR A 237 9.49 -6.29 12.89
N THR A 238 9.37 -5.20 12.19
CA THR A 238 8.02 -4.64 11.92
C THR A 238 7.82 -4.39 10.43
N LEU A 239 6.78 -4.95 9.86
CA LEU A 239 6.52 -4.75 8.41
C LEU A 239 6.63 -3.25 8.08
N GLU A 240 7.00 -2.92 6.87
CA GLU A 240 7.13 -1.47 6.50
C GLU A 240 8.21 -0.82 7.37
N ARG A 241 8.85 0.21 6.89
CA ARG A 241 9.92 0.87 7.68
C ARG A 241 9.32 1.92 8.64
N THR A 242 8.24 2.54 8.25
CA THR A 242 7.63 3.58 9.14
C THR A 242 6.81 2.94 10.25
N GLU A 243 5.88 2.08 9.90
CA GLU A 243 5.03 1.42 10.94
C GLU A 243 5.90 0.89 12.09
N GLY A 244 6.98 0.25 11.77
CA GLY A 244 7.88 -0.29 12.83
C GLY A 244 8.34 0.84 13.75
N LEU A 245 9.10 1.78 13.23
CA LEU A 245 9.58 2.91 14.07
C LEU A 245 8.39 3.52 14.81
N SER A 246 7.26 3.57 14.17
CA SER A 246 6.05 4.14 14.84
C SER A 246 5.76 3.34 16.12
N VAL A 247 5.98 2.06 16.09
CA VAL A 247 5.74 1.25 17.31
C VAL A 247 6.80 1.61 18.36
N LEU A 248 7.98 1.94 17.92
CA LEU A 248 9.05 2.33 18.88
C LEU A 248 8.75 3.71 19.44
N SER A 249 8.47 4.67 18.60
CA SER A 249 8.14 6.04 19.11
C SER A 249 7.09 5.93 20.21
N GLN A 250 6.08 5.13 20.00
CA GLN A 250 5.04 4.95 21.05
C GLN A 250 5.65 4.25 22.26
N ALA A 251 6.58 3.36 22.03
CA ALA A 251 7.24 2.64 23.16
C ALA A 251 8.23 3.57 23.87
N MET A 252 9.24 4.02 23.17
CA MET A 252 10.25 4.94 23.79
C MET A 252 9.54 6.08 24.53
N ALA A 253 8.37 6.45 24.09
CA ALA A 253 7.63 7.54 24.79
C ALA A 253 6.93 6.94 25.99
N VAL A 254 6.48 5.72 25.84
CA VAL A 254 5.81 5.04 26.97
C VAL A 254 6.80 4.92 28.14
N ILE A 255 7.98 4.41 27.87
CA ILE A 255 8.99 4.30 28.96
C ILE A 255 9.29 5.69 29.48
N LYS A 256 9.44 6.65 28.58
CA LYS A 256 9.69 8.05 29.04
C LYS A 256 8.57 8.41 30.04
N GLU A 257 7.43 7.79 29.87
CA GLU A 257 6.31 8.05 30.82
C GLU A 257 6.45 7.09 32.00
N LYS A 258 6.91 5.89 31.77
CA LYS A 258 7.06 4.92 32.90
C LYS A 258 8.32 5.26 33.71
N ILE A 259 9.11 6.21 33.26
CA ILE A 259 10.33 6.60 34.01
C ILE A 259 10.17 8.00 34.58
N GLU A 260 9.43 8.84 33.91
CA GLU A 260 9.21 10.23 34.40
C GLU A 260 8.17 10.21 35.53
N GLU A 261 7.25 9.29 35.50
CA GLU A 261 6.21 9.23 36.58
C GLU A 261 6.85 8.86 37.91
N LYS A 262 8.08 8.41 37.91
CA LYS A 262 8.74 8.03 39.20
C LYS A 262 10.06 8.77 39.36
N ARG A 263 10.16 9.96 38.83
CA ARG A 263 11.42 10.76 38.95
C ARG A 263 12.58 10.05 38.25
N GLY A 264 12.55 10.01 36.95
CA GLY A 264 13.65 9.34 36.20
C GLY A 264 14.03 10.21 34.99
N VAL A 265 14.62 9.63 33.99
CA VAL A 265 15.01 10.43 32.79
C VAL A 265 15.06 9.53 31.55
N PHE A 266 14.89 10.13 30.39
CA PHE A 266 14.92 9.33 29.13
C PHE A 266 15.71 10.08 28.05
N ASN A 267 16.48 9.39 27.26
CA ASN A 267 17.25 10.09 26.20
C ASN A 267 17.50 9.18 24.98
N VAL A 268 17.08 9.62 23.82
CA VAL A 268 17.29 8.82 22.58
C VAL A 268 18.73 8.99 22.10
N GLN A 269 19.25 8.04 21.36
CA GLN A 269 20.67 8.18 20.90
C GLN A 269 20.78 8.09 19.37
N MET A 270 19.88 7.40 18.73
CA MET A 270 19.97 7.27 17.25
C MET A 270 18.58 7.27 16.60
N GLU A 271 17.59 7.66 17.34
CA GLU A 271 16.20 7.68 16.77
C GLU A 271 15.84 6.31 16.17
N PRO A 272 14.62 6.19 15.76
CA PRO A 272 14.15 4.92 15.15
C PRO A 272 14.76 4.77 13.75
N LYS A 273 15.57 3.75 13.54
CA LYS A 273 16.20 3.57 12.20
C LYS A 273 15.93 2.18 11.64
N VAL A 274 15.28 2.11 10.51
CA VAL A 274 14.98 0.78 9.88
C VAL A 274 16.24 0.23 9.21
N VAL A 275 16.31 -1.07 9.02
CA VAL A 275 17.49 -1.67 8.36
C VAL A 275 17.09 -2.21 6.99
N THR A 276 17.82 -1.83 5.98
CA THR A 276 17.49 -2.32 4.60
C THR A 276 18.65 -3.13 4.04
N ASP A 277 18.51 -3.65 2.85
CA ASP A 277 19.62 -4.46 2.24
C ASP A 277 20.18 -3.72 1.03
N THR A 278 19.32 -3.27 0.15
CA THR A 278 19.80 -2.54 -1.06
C THR A 278 20.24 -1.11 -0.69
N ASP A 279 20.24 -0.77 0.58
CA ASP A 279 20.67 0.61 0.99
C ASP A 279 22.00 0.97 0.35
N GLU A 280 22.80 -0.01 -0.02
CA GLU A 280 24.11 0.30 -0.65
C GLU A 280 23.89 0.89 -2.06
N THR A 281 22.79 0.56 -2.68
CA THR A 281 22.51 1.09 -4.04
C THR A 281 22.28 2.60 -3.99
N GLU A 282 22.06 3.14 -2.81
CA GLU A 282 21.83 4.60 -2.69
C GLU A 282 23.16 5.37 -2.78
N LEU A 283 24.27 4.70 -2.55
CA LEU A 283 25.59 5.40 -2.65
C LEU A 283 26.05 5.40 -4.10
N ALA A 284 25.71 4.38 -4.84
CA ALA A 284 26.11 4.33 -6.28
C ALA A 284 25.17 5.20 -7.12
N ARG A 285 24.02 5.51 -6.59
CA ARG A 285 23.04 6.35 -7.35
C ARG A 285 23.47 7.83 -7.28
N GLN A 286 24.31 8.17 -6.35
CA GLN A 286 24.76 9.58 -6.22
C GLN A 286 25.83 9.91 -7.28
N MET A 287 26.26 8.94 -8.04
CA MET A 287 27.29 9.20 -9.08
C MET A 287 26.78 10.21 -10.10
N GLU A 288 26.89 11.48 -9.81
CA GLU A 288 26.40 12.52 -10.76
C GLU A 288 27.42 12.71 -11.89
N ARG A 289 28.56 12.08 -11.79
CA ARG A 289 29.59 12.22 -12.87
C ARG A 289 29.35 11.19 -13.98
N LEU A 290 28.53 10.21 -13.71
CA LEU A 290 28.25 9.17 -14.75
C LEU A 290 27.21 9.69 -15.76
N GLU A 291 26.63 10.83 -15.51
CA GLU A 291 25.63 11.39 -16.46
C GLU A 291 26.33 12.06 -17.64
N ARG A 292 27.65 12.08 -17.65
CA ARG A 292 28.39 12.71 -18.78
C ARG A 292 28.50 11.73 -19.96
N GLU A 293 27.81 10.62 -19.90
CA GLU A 293 27.87 9.62 -21.01
C GLU A 293 27.64 10.31 -22.36
N ASN A 294 28.47 10.01 -23.33
CA ASN A 294 28.31 10.64 -24.67
C ASN A 294 27.00 10.17 -25.32
N ALA A 295 26.34 11.06 -26.03
CA ALA A 295 25.06 10.67 -26.69
C ALA A 295 24.99 11.23 -28.10
N GLU A 296 26.13 11.54 -28.68
CA GLU A 296 26.14 12.08 -30.07
C GLU A 296 25.74 11.00 -31.08
N VAL A 297 24.95 11.34 -32.06
CA VAL A 297 24.52 10.34 -33.07
C VAL A 297 24.87 10.84 -34.48
N ASP A 298 26.13 10.80 -34.84
CA ASP A 298 26.54 11.27 -36.19
C ASP A 298 27.99 10.86 -36.48
N GLY A 299 28.25 9.59 -36.53
CA GLY A 299 29.64 9.12 -36.81
C GLY A 299 29.64 7.61 -37.03
N ASP A 300 30.79 6.99 -36.96
CA ASP A 300 30.84 5.51 -37.17
C ASP A 300 31.11 4.80 -35.84
N MET A 1 -18.79 -4.95 -2.43
CA MET A 1 -18.70 -6.40 -2.77
C MET A 1 -17.33 -6.72 -3.38
N SER A 2 -16.61 -5.72 -3.81
CA SER A 2 -15.27 -5.98 -4.42
C SER A 2 -14.18 -5.98 -3.33
N CYS A 3 -14.39 -6.72 -2.27
CA CYS A 3 -13.37 -6.78 -1.18
C CYS A 3 -13.63 -7.99 -0.28
N ARG A 4 -12.98 -8.04 0.87
CA ARG A 4 -13.18 -9.19 1.81
C ARG A 4 -12.58 -10.47 1.23
N PHE A 5 -11.84 -11.21 2.01
CA PHE A 5 -11.22 -12.47 1.49
C PHE A 5 -10.36 -13.15 2.55
N TYR A 6 -10.98 -13.72 3.55
CA TYR A 6 -10.18 -14.42 4.60
C TYR A 6 -10.67 -15.86 4.74
N GLN A 7 -9.80 -16.82 4.49
CA GLN A 7 -10.20 -18.25 4.61
C GLN A 7 -11.04 -18.49 5.88
N HIS A 8 -10.90 -17.63 6.86
CA HIS A 8 -11.69 -17.77 8.14
C HIS A 8 -11.10 -18.86 9.02
N LYS A 9 -11.94 -19.56 9.76
CA LYS A 9 -11.45 -20.64 10.67
C LYS A 9 -10.68 -20.00 11.83
N PHE A 10 -11.37 -19.27 12.67
CA PHE A 10 -10.69 -18.61 13.82
C PHE A 10 -11.29 -19.11 15.15
N PRO A 11 -10.67 -18.73 16.23
CA PRO A 11 -11.16 -19.16 17.57
C PRO A 11 -12.45 -18.40 17.91
N GLU A 12 -12.76 -18.26 19.17
CA GLU A 12 -14.00 -17.52 19.55
C GLU A 12 -13.63 -16.22 20.27
N VAL A 13 -13.51 -15.15 19.55
CA VAL A 13 -13.17 -13.82 20.16
C VAL A 13 -12.79 -12.80 19.06
N GLU A 14 -12.45 -13.27 17.88
CA GLU A 14 -12.07 -12.35 16.77
C GLU A 14 -11.16 -11.25 17.28
N ASP A 15 -9.91 -11.58 17.47
CA ASP A 15 -8.90 -10.60 17.98
C ASP A 15 -9.13 -9.19 17.37
N VAL A 16 -8.40 -8.21 17.85
CA VAL A 16 -8.58 -6.83 17.31
C VAL A 16 -8.53 -6.82 15.78
N VAL A 17 -9.62 -6.49 15.15
CA VAL A 17 -9.67 -6.45 13.66
C VAL A 17 -10.39 -5.20 13.17
N MET A 18 -10.58 -5.06 11.89
CA MET A 18 -11.28 -3.87 11.34
C MET A 18 -12.66 -4.27 10.81
N VAL A 19 -13.67 -3.53 11.13
CA VAL A 19 -15.04 -3.87 10.64
C VAL A 19 -15.72 -2.66 10.00
N ASN A 20 -16.91 -2.83 9.52
CA ASN A 20 -17.65 -1.69 8.89
C ASN A 20 -19.08 -1.65 9.42
N VAL A 21 -19.59 -0.49 9.73
CA VAL A 21 -20.98 -0.41 10.28
C VAL A 21 -22.00 -0.84 9.22
N ARG A 22 -22.78 -1.85 9.52
CA ARG A 22 -23.81 -2.32 8.56
C ARG A 22 -25.17 -1.75 8.97
N SER A 23 -25.66 -2.11 10.12
CA SER A 23 -26.98 -1.57 10.58
C SER A 23 -26.88 -1.12 12.04
N ILE A 24 -27.01 0.15 12.30
CA ILE A 24 -26.92 0.65 13.71
C ILE A 24 -28.28 0.58 14.41
N GLN A 25 -28.27 0.30 15.69
CA GLN A 25 -29.55 0.23 16.45
C GLN A 25 -29.38 0.88 17.82
N GLU A 26 -30.42 0.94 18.60
CA GLU A 26 -30.31 1.56 19.95
C GLU A 26 -29.78 0.55 20.97
N MET A 27 -29.86 -0.73 20.68
CA MET A 27 -29.37 -1.75 21.64
C MET A 27 -28.27 -2.60 21.01
N GLY A 28 -27.54 -2.05 20.07
CA GLY A 28 -26.45 -2.83 19.42
C GLY A 28 -26.31 -2.42 17.96
N ALA A 29 -25.30 -2.91 17.29
CA ALA A 29 -25.09 -2.54 15.86
C ALA A 29 -24.40 -3.68 15.12
N TYR A 30 -24.77 -3.91 13.88
CA TYR A 30 -24.12 -5.01 13.10
C TYR A 30 -23.02 -4.45 12.23
N VAL A 31 -21.88 -5.11 12.21
CA VAL A 31 -20.76 -4.63 11.37
C VAL A 31 -20.09 -5.80 10.64
N SER A 32 -19.38 -5.53 9.58
CA SER A 32 -18.73 -6.65 8.84
C SER A 32 -17.20 -6.48 8.84
N LEU A 33 -16.49 -7.48 9.31
CA LEU A 33 -15.00 -7.39 9.35
C LEU A 33 -14.43 -7.29 7.93
N LEU A 34 -14.07 -6.11 7.50
CA LEU A 34 -13.50 -5.97 6.12
C LEU A 34 -12.18 -6.73 6.00
N GLU A 35 -11.61 -7.17 7.10
CA GLU A 35 -10.33 -7.93 7.03
C GLU A 35 -10.61 -9.39 7.41
N TYR A 36 -11.79 -9.85 7.16
CA TYR A 36 -12.15 -11.26 7.49
C TYR A 36 -13.30 -11.72 6.59
N ASN A 37 -13.17 -11.57 5.31
CA ASN A 37 -14.26 -11.98 4.38
C ASN A 37 -15.51 -11.13 4.62
N ASN A 38 -15.34 -9.95 5.19
CA ASN A 38 -16.50 -9.06 5.46
C ASN A 38 -17.61 -9.80 6.20
N ILE A 39 -17.26 -10.58 7.19
CA ILE A 39 -18.31 -11.31 7.96
C ILE A 39 -19.02 -10.34 8.91
N GLU A 40 -20.31 -10.28 8.85
CA GLU A 40 -21.05 -9.36 9.76
C GLU A 40 -20.66 -9.62 11.21
N GLY A 41 -21.22 -8.88 12.13
CA GLY A 41 -20.87 -9.09 13.56
C GLY A 41 -21.85 -8.31 14.43
N MET A 42 -21.71 -8.40 15.73
CA MET A 42 -22.64 -7.67 16.63
C MET A 42 -21.84 -6.85 17.64
N ILE A 43 -22.03 -5.56 17.64
CA ILE A 43 -21.27 -4.70 18.60
C ILE A 43 -22.20 -4.25 19.73
N HIS A 44 -21.70 -4.20 20.94
CA HIS A 44 -22.56 -3.76 22.08
C HIS A 44 -22.35 -2.26 22.35
N LEU A 45 -23.34 -1.46 22.07
CA LEU A 45 -23.22 0.01 22.30
C LEU A 45 -23.15 0.28 23.80
N SER A 46 -23.63 -0.64 24.60
CA SER A 46 -23.59 -0.45 26.09
C SER A 46 -22.16 -0.57 26.62
N GLU A 47 -21.18 -0.82 25.78
CA GLU A 47 -19.79 -0.94 26.30
C GLU A 47 -18.82 -0.25 25.35
N LEU A 48 -19.31 0.39 24.32
CA LEU A 48 -18.38 1.08 23.39
C LEU A 48 -18.62 2.60 23.45
N SER A 49 -19.83 3.00 23.73
CA SER A 49 -20.13 4.47 23.81
C SER A 49 -20.03 4.94 25.27
N ARG A 50 -20.24 6.21 25.51
CA ARG A 50 -20.17 6.73 26.90
C ARG A 50 -21.42 7.53 27.23
N ARG A 51 -21.63 8.65 26.60
CA ARG A 51 -22.84 9.46 26.88
C ARG A 51 -23.31 10.17 25.61
N ARG A 52 -22.57 11.16 25.15
CA ARG A 52 -22.98 11.88 23.91
C ARG A 52 -23.12 10.88 22.75
N ILE A 53 -24.22 10.92 22.05
CA ILE A 53 -24.40 9.96 20.91
C ILE A 53 -25.50 10.47 19.97
N ARG A 54 -25.14 11.15 18.93
CA ARG A 54 -26.16 11.66 17.97
C ARG A 54 -26.33 10.66 16.82
N SER A 55 -27.12 9.64 17.02
CA SER A 55 -27.33 8.62 15.95
C SER A 55 -26.01 7.94 15.58
N ILE A 56 -25.04 8.00 16.45
CA ILE A 56 -23.72 7.35 16.16
C ILE A 56 -23.12 7.89 14.86
N ASN A 57 -23.21 9.18 14.65
CA ASN A 57 -22.65 9.78 13.40
C ASN A 57 -21.21 10.25 13.63
N LYS A 58 -20.82 10.48 14.86
CA LYS A 58 -19.43 10.94 15.13
C LYS A 58 -18.49 9.74 15.27
N LEU A 59 -18.78 8.67 14.58
CA LEU A 59 -17.90 7.46 14.68
C LEU A 59 -17.87 6.73 13.34
N ILE A 60 -18.95 6.11 12.96
CA ILE A 60 -19.00 5.36 11.67
C ILE A 60 -20.46 5.09 11.29
N ARG A 61 -20.81 5.28 10.04
CA ARG A 61 -22.22 5.02 9.62
C ARG A 61 -22.28 4.57 8.15
N ILE A 62 -22.33 3.27 7.93
CA ILE A 62 -22.40 2.73 6.54
C ILE A 62 -21.42 3.49 5.62
N GLY A 63 -20.22 3.02 5.51
CA GLY A 63 -19.22 3.71 4.65
C GLY A 63 -18.10 4.27 5.53
N ARG A 64 -17.98 3.76 6.73
CA ARG A 64 -16.93 4.23 7.67
C ARG A 64 -16.34 3.04 8.43
N ASN A 65 -15.31 2.46 7.91
CA ASN A 65 -14.70 1.28 8.60
C ASN A 65 -14.09 1.68 9.95
N GLU A 66 -14.02 0.76 10.86
CA GLU A 66 -13.44 1.06 12.20
C GLU A 66 -12.60 -0.11 12.68
N CYS A 67 -11.83 0.07 13.71
CA CYS A 67 -10.98 -1.05 14.22
C CYS A 67 -11.33 -1.38 15.68
N VAL A 68 -11.84 -2.55 15.91
CA VAL A 68 -12.20 -2.95 17.31
C VAL A 68 -11.90 -4.43 17.51
N LYS A 69 -12.14 -4.95 18.69
CA LYS A 69 -11.88 -6.40 18.93
C LYS A 69 -13.15 -7.09 19.43
N VAL A 70 -13.38 -8.32 19.01
CA VAL A 70 -14.59 -9.04 19.48
C VAL A 70 -14.36 -9.53 20.90
N ILE A 71 -15.39 -9.62 21.70
CA ILE A 71 -15.19 -10.08 23.10
C ILE A 71 -15.92 -11.40 23.39
N ARG A 72 -16.57 -11.99 22.42
CA ARG A 72 -17.28 -13.28 22.68
C ARG A 72 -17.92 -13.85 21.41
N VAL A 73 -17.46 -14.98 20.95
CA VAL A 73 -18.05 -15.61 19.74
C VAL A 73 -18.84 -16.86 20.12
N ASP A 74 -19.77 -17.27 19.28
CA ASP A 74 -20.57 -18.49 19.58
C ASP A 74 -20.30 -19.54 18.50
N LYS A 75 -19.55 -20.58 18.83
CA LYS A 75 -19.25 -21.63 17.83
C LYS A 75 -20.40 -22.62 17.70
N GLU A 76 -21.41 -22.43 18.49
CA GLU A 76 -22.59 -23.34 18.41
C GLU A 76 -23.49 -22.90 17.26
N LYS A 77 -23.30 -21.70 16.79
CA LYS A 77 -24.12 -21.19 15.66
C LYS A 77 -23.24 -20.36 14.72
N GLY A 78 -22.36 -19.57 15.25
CA GLY A 78 -21.47 -18.74 14.39
C GLY A 78 -21.76 -17.26 14.64
N TYR A 79 -21.59 -16.80 15.85
CA TYR A 79 -21.86 -15.36 16.15
C TYR A 79 -20.59 -14.73 16.72
N ILE A 80 -20.48 -13.43 16.66
CA ILE A 80 -19.25 -12.76 17.18
C ILE A 80 -19.60 -11.45 17.90
N ASP A 81 -19.21 -11.31 19.14
CA ASP A 81 -19.52 -10.04 19.89
C ASP A 81 -18.44 -8.99 19.59
N LEU A 82 -18.79 -7.74 19.58
CA LEU A 82 -17.78 -6.69 19.26
C LEU A 82 -17.69 -5.64 20.38
N SER A 83 -16.50 -5.14 20.61
CA SER A 83 -16.29 -4.11 21.66
C SER A 83 -15.01 -3.32 21.34
N LYS A 84 -15.01 -2.03 21.55
CA LYS A 84 -13.79 -1.24 21.23
C LYS A 84 -13.06 -0.88 22.53
N ARG A 85 -13.79 -0.70 23.60
CA ARG A 85 -13.16 -0.35 24.90
C ARG A 85 -12.04 0.68 24.68
N ARG A 86 -12.23 1.54 23.71
CA ARG A 86 -11.19 2.58 23.41
C ARG A 86 -9.90 1.92 22.89
N VAL A 87 -9.89 1.50 21.66
CA VAL A 87 -8.67 0.84 21.10
C VAL A 87 -7.61 1.90 20.77
N SER A 88 -6.36 1.50 20.66
CA SER A 88 -5.28 2.47 20.35
C SER A 88 -4.95 2.46 18.85
N PRO A 89 -4.07 3.35 18.46
CA PRO A 89 -3.68 3.43 17.03
C PRO A 89 -2.88 2.18 16.65
N GLU A 90 -2.22 1.58 17.59
CA GLU A 90 -1.42 0.36 17.27
C GLU A 90 -2.38 -0.79 16.94
N GLU A 91 -3.50 -0.86 17.62
CA GLU A 91 -4.48 -1.94 17.33
C GLU A 91 -5.18 -1.66 16.01
N ALA A 92 -5.62 -0.44 15.80
CA ALA A 92 -6.30 -0.10 14.52
C ALA A 92 -5.33 -0.26 13.35
N ILE A 93 -4.08 -0.14 13.63
CA ILE A 93 -3.05 -0.29 12.57
C ILE A 93 -2.80 -1.78 12.35
N LYS A 94 -2.90 -2.57 13.38
CA LYS A 94 -2.68 -4.04 13.23
C LYS A 94 -3.80 -4.63 12.36
N CYS A 95 -5.00 -4.15 12.53
CA CYS A 95 -6.14 -4.68 11.72
C CYS A 95 -5.99 -4.19 10.28
N GLU A 96 -5.77 -2.90 10.12
CA GLU A 96 -5.59 -2.36 8.74
C GLU A 96 -4.45 -3.08 8.03
N ASP A 97 -3.47 -3.52 8.78
CA ASP A 97 -2.32 -4.24 8.17
C ASP A 97 -2.78 -5.59 7.64
N LYS A 98 -3.44 -6.37 8.46
CA LYS A 98 -3.93 -7.71 8.02
C LYS A 98 -4.71 -7.58 6.70
N PHE A 99 -5.61 -6.64 6.62
CA PHE A 99 -6.37 -6.48 5.33
C PHE A 99 -5.46 -5.85 4.30
N THR A 100 -4.58 -4.97 4.70
CA THR A 100 -3.65 -4.34 3.71
C THR A 100 -2.87 -5.44 2.98
N LYS A 101 -2.40 -6.42 3.70
CA LYS A 101 -1.64 -7.52 3.06
C LYS A 101 -2.61 -8.42 2.31
N SER A 102 -3.72 -8.73 2.91
CA SER A 102 -4.73 -9.59 2.22
C SER A 102 -5.42 -8.77 1.11
N LYS A 103 -5.28 -7.47 1.16
CA LYS A 103 -5.90 -6.60 0.12
C LYS A 103 -4.95 -6.47 -1.08
N THR A 104 -3.68 -6.35 -0.82
CA THR A 104 -2.72 -6.25 -1.94
C THR A 104 -2.69 -7.58 -2.68
N VAL A 105 -2.62 -8.66 -1.94
CA VAL A 105 -2.64 -10.00 -2.57
C VAL A 105 -4.03 -10.20 -3.18
N TYR A 106 -5.02 -9.67 -2.52
CA TYR A 106 -6.39 -9.79 -3.06
C TYR A 106 -6.44 -9.12 -4.44
N SER A 107 -6.09 -7.86 -4.49
CA SER A 107 -6.08 -7.15 -5.81
C SER A 107 -5.20 -7.94 -6.79
N ILE A 108 -4.13 -8.51 -6.31
CA ILE A 108 -3.25 -9.32 -7.20
C ILE A 108 -4.06 -10.51 -7.74
N LEU A 109 -4.71 -11.23 -6.87
CA LEU A 109 -5.54 -12.39 -7.33
C LEU A 109 -6.66 -11.88 -8.23
N ARG A 110 -7.12 -10.67 -7.99
CA ARG A 110 -8.21 -10.10 -8.84
C ARG A 110 -7.75 -10.03 -10.29
N HIS A 111 -6.67 -9.33 -10.56
CA HIS A 111 -6.16 -9.24 -11.96
C HIS A 111 -5.94 -10.65 -12.50
N VAL A 112 -5.36 -11.51 -11.71
CA VAL A 112 -5.15 -12.92 -12.16
C VAL A 112 -6.49 -13.47 -12.65
N ALA A 113 -7.52 -13.30 -11.86
CA ALA A 113 -8.86 -13.77 -12.27
C ALA A 113 -9.31 -12.97 -13.50
N GLU A 114 -8.91 -11.74 -13.58
CA GLU A 114 -9.31 -10.90 -14.76
C GLU A 114 -8.55 -11.37 -16.01
N VAL A 115 -7.46 -12.07 -15.83
CA VAL A 115 -6.68 -12.54 -17.00
C VAL A 115 -7.20 -13.91 -17.48
N LEU A 116 -7.69 -14.72 -16.58
CA LEU A 116 -8.19 -16.07 -17.00
C LEU A 116 -9.71 -16.05 -17.10
N GLU A 117 -10.28 -14.89 -17.18
CA GLU A 117 -11.76 -14.76 -17.29
C GLU A 117 -12.44 -15.26 -16.02
N TYR A 118 -11.88 -14.95 -14.88
CA TYR A 118 -12.49 -15.40 -13.59
C TYR A 118 -13.33 -14.26 -13.00
N THR A 119 -13.97 -13.49 -13.84
CA THR A 119 -14.81 -12.36 -13.35
C THR A 119 -16.23 -12.86 -13.04
N LYS A 120 -16.39 -14.13 -12.82
CA LYS A 120 -17.73 -14.69 -12.52
C LYS A 120 -18.01 -14.65 -11.01
N ASP A 121 -17.57 -13.60 -10.34
CA ASP A 121 -17.80 -13.49 -8.87
C ASP A 121 -17.27 -14.73 -8.14
N GLU A 122 -18.07 -15.77 -8.01
CA GLU A 122 -17.60 -17.00 -7.32
C GLU A 122 -16.25 -17.46 -7.88
N GLN A 123 -15.98 -17.11 -9.11
CA GLN A 123 -14.68 -17.52 -9.74
C GLN A 123 -13.52 -16.87 -8.98
N LEU A 124 -13.53 -15.57 -8.87
CA LEU A 124 -12.42 -14.86 -8.15
C LEU A 124 -12.39 -15.30 -6.67
N GLU A 125 -13.53 -15.49 -6.06
CA GLU A 125 -13.56 -15.90 -4.63
C GLU A 125 -13.13 -17.36 -4.51
N SER A 126 -13.51 -18.19 -5.45
CA SER A 126 -13.10 -19.62 -5.41
C SER A 126 -11.58 -19.69 -5.50
N LEU A 127 -11.04 -19.03 -6.48
CA LEU A 127 -9.55 -19.01 -6.62
C LEU A 127 -8.94 -18.48 -5.33
N PHE A 128 -9.57 -17.50 -4.74
CA PHE A 128 -9.08 -16.93 -3.46
C PHE A 128 -8.99 -18.02 -2.40
N GLN A 129 -9.96 -18.88 -2.35
CA GLN A 129 -9.94 -19.99 -1.34
C GLN A 129 -8.94 -21.06 -1.76
N ARG A 130 -8.53 -21.07 -3.00
CA ARG A 130 -7.56 -22.11 -3.45
C ARG A 130 -6.14 -21.54 -3.53
N THR A 131 -5.89 -20.35 -3.04
CA THR A 131 -4.51 -19.79 -3.14
C THR A 131 -4.10 -19.08 -1.83
N ALA A 132 -4.42 -17.82 -1.69
CA ALA A 132 -4.02 -17.08 -0.46
C ALA A 132 -4.70 -17.66 0.78
N TRP A 133 -5.89 -18.17 0.66
CA TRP A 133 -6.60 -18.72 1.84
C TRP A 133 -5.98 -20.07 2.25
N VAL A 134 -5.91 -21.01 1.34
CA VAL A 134 -5.29 -22.33 1.68
C VAL A 134 -3.92 -22.08 2.31
N PHE A 135 -3.19 -21.16 1.77
CA PHE A 135 -1.85 -20.84 2.34
C PHE A 135 -2.04 -20.25 3.74
N ASP A 136 -2.97 -19.34 3.89
CA ASP A 136 -3.22 -18.75 5.24
C ASP A 136 -3.49 -19.87 6.24
N ASP A 137 -4.02 -20.97 5.77
CA ASP A 137 -4.28 -22.12 6.67
C ASP A 137 -3.02 -22.97 6.79
N LYS A 138 -2.16 -22.82 5.83
CA LYS A 138 -0.88 -23.58 5.83
C LYS A 138 -0.04 -23.14 7.03
N TYR A 139 0.05 -21.87 7.26
CA TYR A 139 0.85 -21.39 8.44
C TYR A 139 -0.08 -20.80 9.49
N LYS A 140 -1.35 -21.06 9.39
CA LYS A 140 -2.33 -20.53 10.40
C LYS A 140 -2.18 -19.00 10.53
N ARG A 141 -2.32 -18.30 9.44
CA ARG A 141 -2.20 -16.81 9.49
C ARG A 141 -3.41 -16.17 8.80
N PRO A 142 -4.00 -15.19 9.45
CA PRO A 142 -5.17 -14.50 8.87
C PRO A 142 -4.75 -13.61 7.69
N GLY A 143 -4.46 -14.21 6.56
CA GLY A 143 -4.05 -13.41 5.37
C GLY A 143 -2.56 -13.08 5.43
N TYR A 144 -2.08 -12.61 6.56
CA TYR A 144 -0.63 -12.26 6.69
C TYR A 144 0.27 -13.38 6.13
N GLY A 145 -0.07 -14.60 6.39
CA GLY A 145 0.76 -15.73 5.88
C GLY A 145 0.71 -15.75 4.35
N ALA A 146 -0.46 -15.82 3.78
CA ALA A 146 -0.58 -15.85 2.30
C ALA A 146 0.32 -14.78 1.67
N TYR A 147 0.45 -13.66 2.32
CA TYR A 147 1.33 -12.58 1.78
C TYR A 147 2.80 -12.99 1.87
N ASP A 148 3.31 -13.14 3.06
CA ASP A 148 4.74 -13.55 3.23
C ASP A 148 5.08 -14.72 2.31
N ALA A 149 4.25 -15.74 2.30
CA ALA A 149 4.53 -16.92 1.42
C ALA A 149 4.38 -16.51 -0.05
N PHE A 150 3.56 -15.53 -0.34
CA PHE A 150 3.38 -15.08 -1.75
C PHE A 150 4.64 -14.36 -2.21
N LYS A 151 5.40 -13.82 -1.29
CA LYS A 151 6.65 -13.11 -1.64
C LYS A 151 7.84 -14.07 -1.59
N HIS A 152 7.71 -15.13 -0.83
CA HIS A 152 8.83 -16.12 -0.73
C HIS A 152 8.71 -17.20 -1.80
N ALA A 153 7.53 -17.39 -2.35
CA ALA A 153 7.35 -18.44 -3.40
C ALA A 153 7.99 -17.99 -4.72
N VAL A 154 8.54 -16.80 -4.77
CA VAL A 154 9.16 -16.31 -6.03
C VAL A 154 10.49 -17.04 -6.28
N SER A 155 11.22 -17.37 -5.25
CA SER A 155 12.52 -18.06 -5.44
C SER A 155 12.48 -19.46 -4.81
N ASP A 156 11.61 -19.66 -3.86
CA ASP A 156 11.53 -21.00 -3.20
C ASP A 156 10.27 -21.74 -3.69
N PRO A 157 10.45 -22.59 -4.66
CA PRO A 157 9.30 -23.36 -5.21
C PRO A 157 8.85 -24.44 -4.22
N SER A 158 9.54 -24.59 -3.12
CA SER A 158 9.14 -25.63 -2.12
C SER A 158 7.81 -25.23 -1.43
N ILE A 159 7.38 -24.01 -1.63
CA ILE A 159 6.10 -23.57 -0.97
C ILE A 159 4.90 -23.93 -1.86
N LEU A 160 5.12 -24.07 -3.14
CA LEU A 160 3.99 -24.42 -4.06
C LEU A 160 4.15 -25.83 -4.62
N ASP A 161 4.83 -26.68 -3.90
CA ASP A 161 5.03 -28.08 -4.40
C ASP A 161 3.72 -28.87 -4.30
N SER A 162 2.80 -28.43 -3.48
CA SER A 162 1.52 -29.17 -3.33
C SER A 162 0.35 -28.43 -4.01
N LEU A 163 0.63 -27.35 -4.70
CA LEU A 163 -0.47 -26.60 -5.38
C LEU A 163 -0.73 -27.17 -6.78
N ASP A 164 -1.59 -28.14 -6.89
CA ASP A 164 -1.90 -28.75 -8.21
C ASP A 164 -2.64 -27.76 -9.11
N LEU A 165 -1.92 -27.08 -9.96
CA LEU A 165 -2.58 -26.09 -10.86
C LEU A 165 -2.36 -26.47 -12.33
N ASN A 166 -2.82 -25.65 -13.24
CA ASN A 166 -2.65 -25.97 -14.70
C ASN A 166 -1.75 -24.92 -15.37
N GLU A 167 -0.82 -24.37 -14.62
CA GLU A 167 0.10 -23.32 -15.19
C GLU A 167 -0.67 -22.06 -15.55
N ASP A 168 -1.91 -21.99 -15.18
CA ASP A 168 -2.72 -20.77 -15.47
C ASP A 168 -2.65 -19.82 -14.27
N GLU A 169 -3.01 -20.31 -13.11
CA GLU A 169 -2.97 -19.45 -11.89
C GLU A 169 -1.56 -19.47 -11.31
N ARG A 170 -0.83 -20.54 -11.51
CA ARG A 170 0.55 -20.62 -10.99
C ARG A 170 1.47 -19.65 -11.75
N GLU A 171 1.29 -19.56 -13.04
CA GLU A 171 2.15 -18.64 -13.84
C GLU A 171 1.64 -17.20 -13.73
N VAL A 172 0.36 -16.99 -13.75
CA VAL A 172 -0.18 -15.60 -13.65
C VAL A 172 0.01 -15.06 -12.23
N LEU A 173 -0.16 -15.90 -11.23
CA LEU A 173 -0.01 -15.44 -9.83
C LEU A 173 1.48 -15.25 -9.50
N ILE A 174 2.33 -16.14 -9.95
CA ILE A 174 3.78 -15.99 -9.67
C ILE A 174 4.31 -14.74 -10.40
N ASN A 175 3.77 -14.45 -11.55
CA ASN A 175 4.22 -13.23 -12.30
C ASN A 175 3.70 -11.98 -11.60
N ASN A 176 2.48 -12.01 -11.15
CA ASN A 176 1.91 -10.83 -10.46
C ASN A 176 2.72 -10.53 -9.20
N ILE A 177 3.00 -11.52 -8.40
CA ILE A 177 3.81 -11.29 -7.17
C ILE A 177 5.21 -10.81 -7.57
N ASN A 178 5.70 -11.27 -8.69
CA ASN A 178 7.05 -10.83 -9.15
C ASN A 178 6.97 -9.37 -9.60
N ARG A 179 5.86 -8.99 -10.17
CA ARG A 179 5.69 -7.58 -10.63
C ARG A 179 5.25 -6.70 -9.45
N ARG A 180 4.84 -7.30 -8.37
CA ARG A 180 4.39 -6.50 -7.19
C ARG A 180 5.36 -6.69 -6.01
N LEU A 181 6.07 -7.80 -5.98
CA LEU A 181 7.02 -8.03 -4.85
C LEU A 181 8.47 -7.90 -5.32
N THR A 182 8.91 -8.79 -6.19
CA THR A 182 10.32 -8.71 -6.69
C THR A 182 10.64 -7.29 -7.18
N PRO A 183 11.85 -6.86 -6.94
CA PRO A 183 12.26 -5.50 -7.38
C PRO A 183 12.35 -5.42 -8.91
N GLN A 184 11.67 -4.48 -9.49
CA GLN A 184 11.70 -4.34 -10.97
C GLN A 184 11.95 -2.88 -11.35
N ALA A 185 13.21 -2.52 -11.53
CA ALA A 185 13.55 -1.12 -11.90
C ALA A 185 13.12 -0.15 -10.79
N VAL A 186 13.91 0.87 -10.56
CA VAL A 186 13.55 1.86 -9.49
C VAL A 186 13.01 3.15 -10.09
N LYS A 187 12.15 3.83 -9.37
CA LYS A 187 11.60 5.12 -9.88
C LYS A 187 12.58 6.22 -9.46
N ILE A 188 13.26 6.81 -10.39
CA ILE A 188 14.25 7.85 -10.03
C ILE A 188 13.72 9.26 -10.35
N ARG A 189 14.16 10.24 -9.62
CA ARG A 189 13.69 11.63 -9.90
C ARG A 189 14.67 12.70 -9.39
N ALA A 190 15.07 13.58 -10.25
CA ALA A 190 15.99 14.70 -9.87
C ALA A 190 15.34 16.02 -10.27
N ASP A 191 15.77 17.13 -9.71
CA ASP A 191 15.15 18.43 -10.08
C ASP A 191 16.19 19.34 -10.74
N ILE A 192 15.85 19.98 -11.82
CA ILE A 192 16.84 20.87 -12.49
C ILE A 192 16.13 22.13 -13.02
N GLU A 193 16.87 23.18 -13.26
CA GLU A 193 16.24 24.42 -13.78
C GLU A 193 16.99 24.90 -15.01
N VAL A 194 16.44 24.68 -16.18
CA VAL A 194 17.11 25.13 -17.43
C VAL A 194 16.60 26.51 -17.85
N ALA A 195 17.40 27.26 -18.55
CA ALA A 195 16.97 28.61 -18.98
C ALA A 195 17.90 29.13 -20.07
N CYS A 196 17.41 29.95 -20.97
CA CYS A 196 18.27 30.48 -22.06
C CYS A 196 18.25 32.00 -22.06
N TYR A 197 17.68 32.59 -21.04
CA TYR A 197 17.61 34.08 -20.95
C TYR A 197 17.21 34.69 -22.30
N GLY A 198 15.93 34.73 -22.59
CA GLY A 198 15.48 35.31 -23.88
C GLY A 198 14.27 34.52 -24.39
N TYR A 199 13.43 35.14 -25.18
CA TYR A 199 12.24 34.41 -25.71
C TYR A 199 12.62 33.55 -26.92
N GLU A 200 13.80 33.77 -27.47
CA GLU A 200 14.25 32.95 -28.64
C GLU A 200 15.02 31.71 -28.17
N GLY A 201 15.20 31.56 -26.88
CA GLY A 201 15.96 30.39 -26.36
C GLY A 201 14.99 29.26 -26.03
N ILE A 202 13.72 29.56 -25.95
CA ILE A 202 12.71 28.50 -25.64
C ILE A 202 12.92 27.31 -26.59
N ASP A 203 13.47 27.57 -27.75
CA ASP A 203 13.71 26.47 -28.73
C ASP A 203 14.84 25.57 -28.21
N ALA A 204 15.77 26.14 -27.49
CA ALA A 204 16.88 25.32 -26.95
C ALA A 204 16.41 24.68 -25.65
N VAL A 205 15.47 25.32 -25.00
CA VAL A 205 14.91 24.78 -23.75
C VAL A 205 14.19 23.47 -24.04
N LYS A 206 13.31 23.47 -25.01
CA LYS A 206 12.57 22.22 -25.34
C LYS A 206 13.53 21.20 -25.98
N GLU A 207 14.33 21.61 -26.93
CA GLU A 207 15.28 20.66 -27.56
C GLU A 207 16.23 20.09 -26.49
N ALA A 208 16.48 20.85 -25.46
CA ALA A 208 17.38 20.36 -24.38
C ALA A 208 16.69 19.22 -23.63
N LEU A 209 15.50 19.46 -23.12
CA LEU A 209 14.77 18.40 -22.39
C LEU A 209 14.72 17.13 -23.25
N ARG A 210 14.46 17.30 -24.52
CA ARG A 210 14.41 16.11 -25.44
C ARG A 210 15.79 15.43 -25.43
N ALA A 211 16.84 16.20 -25.36
CA ALA A 211 18.21 15.60 -25.34
C ALA A 211 18.39 14.76 -24.07
N GLY A 212 17.89 15.25 -22.96
CA GLY A 212 18.04 14.48 -21.69
C GLY A 212 17.15 13.24 -21.76
N LEU A 213 16.04 13.34 -22.44
CA LEU A 213 15.13 12.17 -22.56
C LEU A 213 15.62 11.23 -23.67
N ASN A 214 16.44 11.73 -24.56
CA ASN A 214 16.96 10.87 -25.67
C ASN A 214 18.28 10.22 -25.27
N CYS A 215 18.94 10.76 -24.27
CA CYS A 215 20.23 10.16 -23.82
C CYS A 215 19.98 9.01 -22.85
N SER A 216 18.73 8.72 -22.58
CA SER A 216 18.41 7.60 -21.64
C SER A 216 18.95 6.29 -22.20
N THR A 217 18.49 5.19 -21.69
CA THR A 217 19.00 3.87 -22.20
C THR A 217 17.83 3.08 -22.80
N GLU A 218 18.11 1.93 -23.35
CA GLU A 218 17.02 1.11 -23.95
C GLU A 218 15.99 0.75 -22.87
N ASN A 219 14.73 0.71 -23.22
CA ASN A 219 13.66 0.38 -22.23
C ASN A 219 13.55 1.47 -21.16
N MET A 220 14.57 1.63 -20.33
CA MET A 220 14.53 2.68 -19.26
C MET A 220 13.96 4.00 -19.80
N PRO A 221 12.70 4.23 -19.53
CA PRO A 221 12.03 5.46 -19.99
C PRO A 221 12.23 6.60 -18.99
N ILE A 222 12.50 7.79 -19.47
CA ILE A 222 12.71 8.95 -18.55
C ILE A 222 11.60 9.98 -18.78
N LYS A 223 11.19 10.68 -17.76
CA LYS A 223 10.11 11.69 -17.93
C LYS A 223 10.52 13.02 -17.28
N ILE A 224 10.84 14.00 -18.09
CA ILE A 224 11.22 15.33 -17.53
C ILE A 224 10.31 16.41 -18.11
N ASN A 225 9.56 17.09 -17.28
CA ASN A 225 8.64 18.14 -17.78
C ASN A 225 8.60 19.33 -16.82
N LEU A 226 8.54 20.52 -17.35
CA LEU A 226 8.49 21.72 -16.47
C LEU A 226 7.20 21.71 -15.65
N ILE A 227 7.32 21.86 -14.35
CA ILE A 227 6.10 21.88 -13.49
C ILE A 227 6.07 23.15 -12.64
N ALA A 228 7.22 23.74 -12.43
CA ALA A 228 7.28 24.98 -11.61
C ALA A 228 8.43 25.87 -12.11
N PRO A 229 8.30 27.16 -11.85
CA PRO A 229 9.34 28.12 -12.29
C PRO A 229 10.66 27.98 -11.50
N PRO A 230 10.63 27.58 -10.25
CA PRO A 230 11.89 27.45 -9.48
C PRO A 230 12.69 26.22 -9.94
N ARG A 231 12.06 25.22 -10.51
CA ARG A 231 12.83 24.03 -10.96
C ARG A 231 11.97 23.10 -11.83
N TYR A 232 12.57 22.10 -12.41
CA TYR A 232 11.82 21.16 -13.27
C TYR A 232 11.77 19.78 -12.62
N VAL A 233 11.16 18.82 -13.26
CA VAL A 233 11.10 17.45 -12.68
C VAL A 233 11.74 16.45 -13.66
N MET A 234 12.63 15.62 -13.19
CA MET A 234 13.29 14.64 -14.11
C MET A 234 13.25 13.24 -13.50
N THR A 235 12.37 12.39 -13.97
CA THR A 235 12.30 11.03 -13.39
C THR A 235 12.63 9.98 -14.44
N THR A 236 12.60 8.73 -14.09
CA THR A 236 12.92 7.66 -15.06
C THR A 236 12.68 6.30 -14.43
N THR A 237 12.89 5.27 -15.18
CA THR A 237 12.70 3.89 -14.65
C THR A 237 13.94 3.04 -14.96
N THR A 238 14.64 2.61 -13.95
CA THR A 238 15.87 1.78 -14.20
C THR A 238 16.46 1.27 -12.87
N LEU A 239 16.84 0.03 -12.84
CA LEU A 239 17.41 -0.55 -11.58
C LEU A 239 18.77 0.06 -11.24
N GLU A 240 19.31 -0.31 -10.10
CA GLU A 240 20.61 0.24 -9.65
C GLU A 240 20.45 1.72 -9.35
N ARG A 241 20.31 2.06 -8.09
CA ARG A 241 20.12 3.50 -7.72
C ARG A 241 21.20 4.37 -8.38
N THR A 242 22.32 3.79 -8.73
CA THR A 242 23.39 4.60 -9.36
C THR A 242 23.22 4.63 -10.89
N GLU A 243 23.16 3.49 -11.52
CA GLU A 243 23.01 3.45 -13.02
C GLU A 243 21.91 4.40 -13.49
N GLY A 244 20.74 4.31 -12.91
CA GLY A 244 19.64 5.20 -13.35
C GLY A 244 20.06 6.67 -13.25
N LEU A 245 20.35 7.13 -12.06
CA LEU A 245 20.79 8.54 -11.90
C LEU A 245 21.96 8.80 -12.83
N SER A 246 22.77 7.79 -13.07
CA SER A 246 23.94 7.94 -13.98
C SER A 246 23.43 8.37 -15.36
N VAL A 247 22.30 7.86 -15.76
CA VAL A 247 21.74 8.26 -17.08
C VAL A 247 21.22 9.69 -16.98
N LEU A 248 20.72 10.06 -15.82
CA LEU A 248 20.23 11.45 -15.64
C LEU A 248 21.41 12.40 -15.68
N SER A 249 22.47 12.08 -14.97
CA SER A 249 23.67 12.97 -14.97
C SER A 249 24.09 13.26 -16.41
N GLN A 250 24.22 12.24 -17.22
CA GLN A 250 24.62 12.46 -18.64
C GLN A 250 23.59 13.33 -19.35
N ALA A 251 22.33 13.16 -19.02
CA ALA A 251 21.27 13.99 -19.67
C ALA A 251 21.30 15.41 -19.11
N MET A 252 21.10 15.56 -17.82
CA MET A 252 21.12 16.91 -17.20
C MET A 252 22.37 17.68 -17.64
N ALA A 253 23.42 16.98 -17.98
CA ALA A 253 24.66 17.67 -18.44
C ALA A 253 24.49 17.99 -19.92
N VAL A 254 23.81 17.13 -20.62
CA VAL A 254 23.57 17.36 -22.06
C VAL A 254 22.76 18.66 -22.21
N ILE A 255 21.68 18.78 -21.50
CA ILE A 255 20.89 20.04 -21.58
C ILE A 255 21.77 21.19 -21.10
N LYS A 256 22.53 20.96 -20.06
CA LYS A 256 23.46 22.04 -19.61
C LYS A 256 24.32 22.42 -20.81
N GLU A 257 24.50 21.51 -21.73
CA GLU A 257 25.28 21.79 -22.96
C GLU A 257 24.35 22.44 -24.00
N LYS A 258 23.14 21.94 -24.13
CA LYS A 258 22.19 22.54 -25.12
C LYS A 258 21.66 23.88 -24.59
N ILE A 259 22.01 24.25 -23.39
CA ILE A 259 21.54 25.54 -22.83
C ILE A 259 22.72 26.50 -22.63
N GLU A 260 23.89 25.95 -22.36
CA GLU A 260 25.09 26.83 -22.18
C GLU A 260 25.63 27.27 -23.54
N GLU A 261 25.40 26.49 -24.57
CA GLU A 261 25.89 26.87 -25.92
C GLU A 261 25.21 28.16 -26.39
N LYS A 262 24.18 28.59 -25.71
CA LYS A 262 23.47 29.84 -26.12
C LYS A 262 23.28 30.76 -24.90
N ARG A 263 24.25 30.80 -24.02
CA ARG A 263 24.13 31.68 -22.81
C ARG A 263 22.87 31.34 -22.01
N GLY A 264 22.75 30.12 -21.57
CA GLY A 264 21.55 29.73 -20.78
C GLY A 264 21.95 29.48 -19.33
N VAL A 265 21.18 28.71 -18.62
CA VAL A 265 21.50 28.43 -17.19
C VAL A 265 20.92 27.08 -16.75
N PHE A 266 21.55 26.43 -15.81
CA PHE A 266 21.04 25.12 -15.32
C PHE A 266 21.22 25.05 -13.80
N ASN A 267 20.24 24.56 -13.09
CA ASN A 267 20.38 24.47 -11.60
C ASN A 267 19.61 23.26 -11.06
N VAL A 268 20.30 22.40 -10.34
CA VAL A 268 19.63 21.20 -9.76
C VAL A 268 18.86 21.60 -8.49
N GLN A 269 17.84 20.88 -8.12
CA GLN A 269 17.07 21.27 -6.90
C GLN A 269 17.12 20.15 -5.85
N MET A 270 17.19 18.92 -6.27
CA MET A 270 17.23 17.80 -5.27
C MET A 270 18.11 16.66 -5.78
N GLU A 271 18.92 16.92 -6.77
CA GLU A 271 19.82 15.87 -7.32
C GLU A 271 19.03 14.62 -7.72
N PRO A 272 19.70 13.70 -8.37
CA PRO A 272 19.07 12.43 -8.79
C PRO A 272 18.82 11.54 -7.57
N LYS A 273 17.57 11.28 -7.26
CA LYS A 273 17.26 10.42 -6.08
C LYS A 273 16.41 9.23 -6.49
N VAL A 274 16.96 8.05 -6.42
CA VAL A 274 16.20 6.84 -6.81
C VAL A 274 15.11 6.54 -5.77
N VAL A 275 14.04 5.91 -6.17
CA VAL A 275 12.97 5.58 -5.20
C VAL A 275 12.75 4.07 -5.16
N THR A 276 13.14 3.45 -4.07
CA THR A 276 12.97 1.96 -3.96
C THR A 276 11.86 1.64 -2.96
N ASP A 277 11.81 0.42 -2.49
CA ASP A 277 10.76 0.04 -1.52
C ASP A 277 11.40 -0.49 -0.23
N THR A 278 12.39 -1.33 -0.36
CA THR A 278 13.07 -1.87 0.87
C THR A 278 14.29 -1.03 1.21
N ASP A 279 14.80 -0.27 0.26
CA ASP A 279 15.99 0.58 0.53
C ASP A 279 15.55 1.89 1.21
N GLU A 280 14.30 2.23 1.09
CA GLU A 280 13.81 3.49 1.73
C GLU A 280 14.03 3.44 3.24
N THR A 281 14.09 2.25 3.80
CA THR A 281 14.31 2.13 5.27
C THR A 281 15.76 2.49 5.62
N GLU A 282 16.64 2.40 4.66
CA GLU A 282 18.08 2.73 4.93
C GLU A 282 18.25 4.24 5.15
N LEU A 283 17.23 5.02 4.88
CA LEU A 283 17.36 6.50 5.08
C LEU A 283 17.34 6.84 6.57
N ALA A 284 16.85 5.95 7.39
CA ALA A 284 16.81 6.23 8.86
C ALA A 284 18.24 6.42 9.38
N ARG A 285 19.20 5.84 8.72
CA ARG A 285 20.61 5.99 9.16
C ARG A 285 21.11 7.41 8.86
N GLN A 286 20.39 8.13 8.04
CA GLN A 286 20.80 9.53 7.69
C GLN A 286 20.02 10.54 8.53
N MET A 287 18.72 10.48 8.50
CA MET A 287 17.91 11.46 9.29
C MET A 287 18.24 11.35 10.78
N GLU A 288 19.08 12.23 11.27
CA GLU A 288 19.42 12.17 12.72
C GLU A 288 18.18 12.47 13.55
N ARG A 289 17.60 11.47 14.15
CA ARG A 289 16.36 11.69 14.97
C ARG A 289 16.69 12.43 16.27
N LEU A 290 17.96 12.64 16.56
CA LEU A 290 18.32 13.38 17.81
C LEU A 290 18.05 14.88 17.63
N GLU A 291 17.60 15.29 16.48
CA GLU A 291 17.32 16.75 16.26
C GLU A 291 15.88 17.08 16.67
N ARG A 292 15.42 16.51 17.76
CA ARG A 292 14.03 16.80 18.22
C ARG A 292 14.08 17.59 19.53
N GLU A 293 15.12 17.42 20.30
CA GLU A 293 15.22 18.16 21.60
C GLU A 293 14.02 17.84 22.50
N ASN A 294 14.07 18.22 23.74
CA ASN A 294 12.91 17.94 24.64
C ASN A 294 11.89 19.07 24.54
N ALA A 295 11.32 19.50 25.64
CA ALA A 295 10.32 20.61 25.59
C ALA A 295 11.02 21.93 25.24
N GLU A 296 10.33 22.84 24.60
CA GLU A 296 10.96 24.13 24.24
C GLU A 296 11.20 24.96 25.50
N VAL A 297 12.44 25.25 25.81
CA VAL A 297 12.76 26.04 27.04
C VAL A 297 11.95 27.34 27.05
N ASP A 298 11.55 27.79 28.21
CA ASP A 298 10.77 29.05 28.30
C ASP A 298 11.59 30.22 27.73
N GLY A 299 11.10 30.84 26.69
CA GLY A 299 11.86 31.98 26.09
C GLY A 299 10.98 33.23 26.04
N ASP A 300 10.87 33.85 24.90
CA ASP A 300 10.01 35.08 24.80
C ASP A 300 8.62 34.72 24.25
N MET A 1 -17.72 -4.89 -11.63
CA MET A 1 -18.07 -3.48 -11.28
C MET A 1 -16.89 -2.78 -10.59
N SER A 2 -17.13 -1.66 -9.97
CA SER A 2 -16.04 -0.91 -9.28
C SER A 2 -14.94 -0.53 -10.29
N CYS A 3 -14.21 0.52 -10.02
CA CYS A 3 -13.13 0.93 -10.95
C CYS A 3 -11.79 0.39 -10.42
N ARG A 4 -10.73 1.15 -10.58
CA ARG A 4 -9.40 0.68 -10.07
C ARG A 4 -9.07 -0.68 -10.70
N PHE A 5 -8.51 -0.70 -11.88
CA PHE A 5 -8.15 -2.00 -12.53
C PHE A 5 -9.40 -2.86 -12.69
N TYR A 6 -10.39 -2.38 -13.39
CA TYR A 6 -11.62 -3.19 -13.55
C TYR A 6 -12.35 -2.82 -14.86
N GLN A 7 -11.62 -2.69 -15.94
CA GLN A 7 -12.27 -2.34 -17.23
C GLN A 7 -13.04 -1.02 -17.13
N HIS A 8 -12.81 -0.25 -16.10
CA HIS A 8 -13.55 1.04 -15.95
C HIS A 8 -15.07 0.80 -16.03
N LYS A 9 -15.72 0.67 -14.91
CA LYS A 9 -17.19 0.43 -14.91
C LYS A 9 -17.68 0.23 -13.47
N PHE A 10 -18.02 1.30 -12.81
CA PHE A 10 -18.49 1.18 -11.40
C PHE A 10 -20.02 1.41 -11.32
N PRO A 11 -20.59 0.99 -10.22
CA PRO A 11 -22.05 1.13 -10.00
C PRO A 11 -22.44 2.60 -9.83
N GLU A 12 -23.54 2.86 -9.18
CA GLU A 12 -23.98 4.26 -8.97
C GLU A 12 -23.88 4.60 -7.48
N VAL A 13 -23.11 5.61 -7.15
CA VAL A 13 -22.94 6.04 -5.73
C VAL A 13 -22.06 5.04 -4.97
N GLU A 14 -21.14 5.55 -4.17
CA GLU A 14 -20.23 4.66 -3.38
C GLU A 14 -19.27 5.52 -2.55
N ASP A 15 -19.73 6.00 -1.42
CA ASP A 15 -18.85 6.87 -0.57
C ASP A 15 -17.54 6.17 -0.21
N VAL A 16 -16.61 6.10 -1.14
CA VAL A 16 -15.28 5.46 -0.86
C VAL A 16 -14.37 5.65 -2.08
N VAL A 17 -13.35 6.46 -1.97
CA VAL A 17 -12.45 6.66 -3.15
C VAL A 17 -11.06 7.12 -2.71
N MET A 18 -10.05 6.85 -3.50
CA MET A 18 -8.67 7.29 -3.17
C MET A 18 -7.99 7.81 -4.45
N VAL A 19 -7.80 9.10 -4.56
CA VAL A 19 -7.17 9.65 -5.79
C VAL A 19 -6.27 10.85 -5.44
N ASN A 20 -5.85 11.59 -6.43
CA ASN A 20 -4.99 12.78 -6.18
C ASN A 20 -5.60 14.01 -6.84
N VAL A 21 -5.51 15.14 -6.21
CA VAL A 21 -6.09 16.39 -6.80
C VAL A 21 -5.60 16.58 -8.23
N ARG A 22 -6.44 17.10 -9.09
CA ARG A 22 -6.04 17.33 -10.49
C ARG A 22 -6.38 18.77 -10.91
N SER A 23 -7.64 19.11 -10.87
CA SER A 23 -8.05 20.50 -11.24
C SER A 23 -8.76 21.17 -10.07
N ILE A 24 -8.21 22.25 -9.55
CA ILE A 24 -8.87 22.94 -8.40
C ILE A 24 -10.08 23.74 -8.89
N GLN A 25 -11.10 23.86 -8.08
CA GLN A 25 -12.31 24.64 -8.51
C GLN A 25 -12.72 25.63 -7.42
N GLU A 26 -13.20 26.78 -7.80
CA GLU A 26 -13.63 27.78 -6.78
C GLU A 26 -14.91 27.30 -6.08
N MET A 27 -15.73 26.59 -6.80
CA MET A 27 -16.99 26.08 -6.19
C MET A 27 -16.92 24.56 -6.03
N GLY A 28 -15.72 24.03 -5.90
CA GLY A 28 -15.57 22.56 -5.73
C GLY A 28 -14.11 22.19 -5.97
N ALA A 29 -13.81 20.92 -6.06
CA ALA A 29 -12.39 20.51 -6.30
C ALA A 29 -12.36 19.31 -7.26
N TYR A 30 -11.63 19.42 -8.33
CA TYR A 30 -11.58 18.29 -9.28
C TYR A 30 -10.35 17.43 -9.00
N VAL A 31 -10.53 16.13 -8.92
CA VAL A 31 -9.38 15.23 -8.64
C VAL A 31 -9.28 14.19 -9.75
N SER A 32 -8.43 13.22 -9.58
CA SER A 32 -8.28 12.16 -10.62
C SER A 32 -7.62 10.93 -10.01
N LEU A 33 -8.11 9.77 -10.32
CA LEU A 33 -7.52 8.51 -9.77
C LEU A 33 -5.99 8.60 -9.73
N LEU A 34 -5.35 8.53 -10.88
CA LEU A 34 -3.87 8.62 -10.91
C LEU A 34 -3.38 8.62 -12.38
N GLU A 35 -3.00 7.48 -12.91
CA GLU A 35 -2.53 7.44 -14.32
C GLU A 35 -2.98 6.13 -14.98
N TYR A 36 -3.96 5.48 -14.43
CA TYR A 36 -4.44 4.19 -15.03
C TYR A 36 -5.84 4.35 -15.62
N ASN A 37 -6.86 4.31 -14.81
CA ASN A 37 -8.25 4.44 -15.34
C ASN A 37 -8.58 5.92 -15.61
N ASN A 38 -7.67 6.82 -15.32
CA ASN A 38 -7.93 8.27 -15.57
C ASN A 38 -9.34 8.68 -15.12
N ILE A 39 -9.77 8.21 -13.99
CA ILE A 39 -11.14 8.57 -13.50
C ILE A 39 -11.16 10.01 -13.01
N GLU A 40 -12.13 10.78 -13.45
CA GLU A 40 -12.22 12.20 -12.99
C GLU A 40 -13.10 12.28 -11.74
N GLY A 41 -12.60 12.85 -10.68
CA GLY A 41 -13.40 12.94 -9.43
C GLY A 41 -13.86 14.38 -9.20
N MET A 42 -15.08 14.56 -8.76
CA MET A 42 -15.59 15.94 -8.50
C MET A 42 -16.10 16.01 -7.06
N ILE A 43 -15.48 16.80 -6.24
CA ILE A 43 -15.94 16.91 -4.81
C ILE A 43 -16.65 18.25 -4.57
N HIS A 44 -17.63 18.23 -3.69
CA HIS A 44 -18.38 19.49 -3.39
C HIS A 44 -17.79 20.17 -2.15
N LEU A 45 -17.14 21.29 -2.34
CA LEU A 45 -16.53 22.02 -1.18
C LEU A 45 -17.63 22.71 -0.37
N SER A 46 -18.77 22.93 -0.98
CA SER A 46 -19.90 23.60 -0.27
C SER A 46 -20.53 22.67 0.77
N GLU A 47 -20.05 21.46 0.91
CA GLU A 47 -20.65 20.54 1.91
C GLU A 47 -19.57 20.01 2.84
N LEU A 48 -18.32 20.35 2.57
CA LEU A 48 -17.24 19.86 3.46
C LEU A 48 -16.60 21.02 4.23
N SER A 49 -16.94 22.23 3.89
CA SER A 49 -16.35 23.40 4.61
C SER A 49 -17.43 24.12 5.43
N ARG A 50 -17.20 24.33 6.69
CA ARG A 50 -18.21 25.03 7.53
C ARG A 50 -17.73 26.44 7.89
N ARG A 51 -16.49 26.57 8.27
CA ARG A 51 -15.96 27.92 8.62
C ARG A 51 -15.57 28.67 7.35
N ARG A 52 -14.98 29.83 7.48
CA ARG A 52 -14.58 30.59 6.26
C ARG A 52 -13.69 29.74 5.36
N ILE A 53 -13.71 29.98 4.07
CA ILE A 53 -12.88 29.16 3.15
C ILE A 53 -12.48 30.01 1.93
N ARG A 54 -11.34 30.66 2.00
CA ARG A 54 -10.89 31.50 0.85
C ARG A 54 -9.58 30.93 0.27
N SER A 55 -9.34 29.67 0.46
CA SER A 55 -8.09 29.06 -0.08
C SER A 55 -8.28 27.55 -0.27
N ILE A 56 -9.00 27.15 -1.28
CA ILE A 56 -9.22 25.70 -1.52
C ILE A 56 -7.88 24.98 -1.71
N ASN A 57 -6.84 25.70 -2.00
CA ASN A 57 -5.51 25.06 -2.18
C ASN A 57 -4.90 24.71 -0.81
N LYS A 58 -5.50 25.15 0.26
CA LYS A 58 -4.96 24.84 1.62
C LYS A 58 -5.32 23.41 2.02
N LEU A 59 -6.01 22.68 1.18
CA LEU A 59 -6.39 21.28 1.52
C LEU A 59 -5.46 20.31 0.78
N ILE A 60 -5.72 20.07 -0.48
CA ILE A 60 -4.85 19.14 -1.26
C ILE A 60 -4.65 19.68 -2.68
N ARG A 61 -3.43 19.81 -3.11
CA ARG A 61 -3.17 20.32 -4.50
C ARG A 61 -2.62 19.19 -5.36
N ILE A 62 -2.66 19.34 -6.66
CA ILE A 62 -2.13 18.27 -7.58
C ILE A 62 -0.76 17.77 -7.07
N GLY A 63 -0.77 16.71 -6.32
CA GLY A 63 0.53 16.17 -5.79
C GLY A 63 0.26 15.38 -4.50
N ARG A 64 -0.83 15.64 -3.84
CA ARG A 64 -1.13 14.91 -2.57
C ARG A 64 -2.38 14.02 -2.74
N ASN A 65 -2.22 12.73 -2.66
CA ASN A 65 -3.40 11.82 -2.82
C ASN A 65 -4.27 11.89 -1.56
N GLU A 66 -5.52 11.51 -1.66
CA GLU A 66 -6.40 11.56 -0.46
C GLU A 66 -7.59 10.61 -0.64
N CYS A 67 -8.26 10.30 0.45
CA CYS A 67 -9.43 9.39 0.36
C CYS A 67 -10.72 10.18 0.57
N VAL A 68 -11.63 10.12 -0.37
CA VAL A 68 -12.92 10.88 -0.23
C VAL A 68 -14.10 9.91 -0.32
N LYS A 69 -15.31 10.42 -0.26
CA LYS A 69 -16.49 9.51 -0.34
C LYS A 69 -17.44 9.95 -1.45
N VAL A 70 -17.56 9.16 -2.49
CA VAL A 70 -18.48 9.53 -3.61
C VAL A 70 -19.92 9.51 -3.12
N ILE A 71 -20.75 10.41 -3.60
CA ILE A 71 -22.17 10.43 -3.15
C ILE A 71 -23.13 10.10 -4.30
N ARG A 72 -22.73 10.33 -5.52
CA ARG A 72 -23.63 10.01 -6.68
C ARG A 72 -22.93 10.29 -8.01
N VAL A 73 -23.18 9.47 -9.00
CA VAL A 73 -22.54 9.70 -10.33
C VAL A 73 -23.58 10.14 -11.35
N ASP A 74 -23.14 10.56 -12.49
CA ASP A 74 -24.09 11.01 -13.54
C ASP A 74 -24.07 10.03 -14.72
N LYS A 75 -25.16 9.36 -14.99
CA LYS A 75 -25.20 8.39 -16.12
C LYS A 75 -25.37 9.15 -17.44
N GLU A 76 -25.55 10.43 -17.35
CA GLU A 76 -25.70 11.26 -18.58
C GLU A 76 -24.35 11.34 -19.30
N LYS A 77 -23.31 10.86 -18.66
CA LYS A 77 -21.96 10.89 -19.30
C LYS A 77 -20.99 10.03 -18.49
N GLY A 78 -21.15 9.98 -17.20
CA GLY A 78 -20.25 9.16 -16.35
C GLY A 78 -19.47 10.08 -15.40
N TYR A 79 -20.17 10.80 -14.56
CA TYR A 79 -19.46 11.71 -13.62
C TYR A 79 -19.55 11.13 -12.20
N ILE A 80 -18.71 11.57 -11.30
CA ILE A 80 -18.78 11.02 -9.92
C ILE A 80 -18.65 12.13 -8.88
N ASP A 81 -19.67 12.35 -8.09
CA ASP A 81 -19.60 13.41 -7.04
C ASP A 81 -18.78 12.89 -5.85
N LEU A 82 -18.11 13.75 -5.14
CA LEU A 82 -17.30 13.28 -3.98
C LEU A 82 -17.61 14.09 -2.72
N SER A 83 -17.37 13.51 -1.58
CA SER A 83 -17.62 14.21 -0.28
C SER A 83 -16.59 13.74 0.76
N LYS A 84 -15.77 14.65 1.23
CA LYS A 84 -14.73 14.27 2.25
C LYS A 84 -15.26 14.52 3.66
N ARG A 85 -16.33 15.26 3.80
CA ARG A 85 -16.87 15.55 5.15
C ARG A 85 -17.37 14.27 5.83
N ARG A 86 -17.44 13.17 5.12
CA ARG A 86 -17.93 11.90 5.74
C ARG A 86 -17.01 10.74 5.39
N VAL A 87 -15.72 10.97 5.32
CA VAL A 87 -14.79 9.86 4.98
C VAL A 87 -14.24 9.23 6.26
N SER A 88 -14.39 7.95 6.41
CA SER A 88 -13.88 7.26 7.62
C SER A 88 -12.50 6.65 7.34
N PRO A 89 -11.74 6.46 8.39
CA PRO A 89 -10.38 5.89 8.24
C PRO A 89 -10.48 4.40 7.86
N GLU A 90 -11.48 3.72 8.35
CA GLU A 90 -11.64 2.27 8.02
C GLU A 90 -11.88 2.10 6.52
N GLU A 91 -12.63 2.97 5.91
CA GLU A 91 -12.89 2.84 4.46
C GLU A 91 -11.69 3.34 3.66
N ALA A 92 -11.01 4.35 4.15
CA ALA A 92 -9.82 4.86 3.40
C ALA A 92 -8.69 3.84 3.47
N ILE A 93 -8.76 3.00 4.45
CA ILE A 93 -7.72 1.94 4.62
C ILE A 93 -8.07 0.76 3.71
N LYS A 94 -9.31 0.35 3.70
CA LYS A 94 -9.72 -0.78 2.83
C LYS A 94 -9.44 -0.41 1.37
N CYS A 95 -9.62 0.85 1.03
CA CYS A 95 -9.35 1.28 -0.36
C CYS A 95 -7.85 1.35 -0.60
N GLU A 96 -7.10 1.83 0.37
CA GLU A 96 -5.62 1.90 0.22
C GLU A 96 -5.07 0.52 -0.15
N ASP A 97 -5.49 -0.50 0.54
CA ASP A 97 -4.99 -1.87 0.23
C ASP A 97 -5.55 -2.34 -1.11
N LYS A 98 -6.84 -2.23 -1.31
CA LYS A 98 -7.46 -2.67 -2.59
C LYS A 98 -6.63 -2.18 -3.78
N PHE A 99 -6.06 -1.00 -3.69
CA PHE A 99 -5.25 -0.50 -4.84
C PHE A 99 -3.81 -0.98 -4.72
N THR A 100 -3.29 -1.14 -3.53
CA THR A 100 -1.88 -1.63 -3.41
C THR A 100 -1.75 -2.98 -4.14
N LYS A 101 -2.70 -3.85 -3.93
CA LYS A 101 -2.66 -5.17 -4.62
C LYS A 101 -3.12 -5.00 -6.06
N SER A 102 -4.23 -4.37 -6.29
CA SER A 102 -4.73 -4.19 -7.69
C SER A 102 -3.71 -3.37 -8.49
N LYS A 103 -2.89 -2.59 -7.82
CA LYS A 103 -1.86 -1.77 -8.53
C LYS A 103 -0.62 -2.63 -8.79
N THR A 104 -0.33 -3.52 -7.88
CA THR A 104 0.85 -4.40 -8.07
C THR A 104 0.54 -5.38 -9.20
N VAL A 105 -0.59 -6.04 -9.11
CA VAL A 105 -0.99 -7.00 -10.18
C VAL A 105 -1.14 -6.25 -11.51
N TYR A 106 -1.70 -5.08 -11.46
CA TYR A 106 -1.86 -4.28 -12.70
C TYR A 106 -0.48 -3.86 -13.19
N SER A 107 0.29 -3.24 -12.33
CA SER A 107 1.66 -2.81 -12.73
C SER A 107 2.44 -4.01 -13.28
N ILE A 108 2.23 -5.17 -12.70
CA ILE A 108 2.93 -6.39 -13.20
C ILE A 108 2.47 -6.66 -14.64
N LEU A 109 1.17 -6.60 -14.87
CA LEU A 109 0.64 -6.85 -16.24
C LEU A 109 1.32 -5.93 -17.26
N ARG A 110 1.60 -4.71 -16.87
CA ARG A 110 2.27 -3.77 -17.81
C ARG A 110 3.69 -4.26 -18.12
N HIS A 111 4.53 -4.37 -17.12
CA HIS A 111 5.92 -4.85 -17.36
C HIS A 111 5.90 -6.14 -18.18
N VAL A 112 5.07 -7.07 -17.80
CA VAL A 112 4.98 -8.34 -18.58
C VAL A 112 4.68 -8.00 -20.04
N ALA A 113 3.84 -7.02 -20.25
CA ALA A 113 3.51 -6.59 -21.63
C ALA A 113 4.74 -5.93 -22.25
N GLU A 114 5.49 -5.22 -21.46
CA GLU A 114 6.72 -4.56 -21.99
C GLU A 114 7.77 -5.61 -22.35
N VAL A 115 7.67 -6.77 -21.76
CA VAL A 115 8.65 -7.85 -22.05
C VAL A 115 8.25 -8.59 -23.34
N LEU A 116 6.96 -8.76 -23.56
CA LEU A 116 6.51 -9.47 -24.79
C LEU A 116 6.38 -8.49 -25.96
N GLU A 117 6.88 -7.32 -25.77
CA GLU A 117 6.82 -6.27 -26.85
C GLU A 117 5.37 -5.86 -27.13
N TYR A 118 4.65 -5.45 -26.12
CA TYR A 118 3.23 -5.02 -26.33
C TYR A 118 3.20 -3.56 -26.81
N THR A 119 3.54 -3.32 -28.05
CA THR A 119 3.54 -1.92 -28.56
C THR A 119 2.14 -1.51 -29.04
N LYS A 120 1.11 -2.10 -28.50
CA LYS A 120 -0.28 -1.74 -28.92
C LYS A 120 -1.15 -1.48 -27.68
N ASP A 121 -1.58 -0.26 -27.50
CA ASP A 121 -2.43 0.06 -26.31
C ASP A 121 -3.62 -0.90 -26.24
N GLU A 122 -4.11 -1.33 -27.36
CA GLU A 122 -5.26 -2.27 -27.35
C GLU A 122 -4.81 -3.63 -26.78
N GLN A 123 -3.55 -3.94 -26.90
CA GLN A 123 -3.04 -5.23 -26.38
C GLN A 123 -2.96 -5.18 -24.84
N LEU A 124 -2.13 -4.34 -24.28
CA LEU A 124 -2.04 -4.26 -22.79
C LEU A 124 -3.45 -4.08 -22.20
N GLU A 125 -4.24 -3.25 -22.80
CA GLU A 125 -5.63 -3.03 -22.31
C GLU A 125 -6.43 -4.32 -22.49
N SER A 126 -6.09 -5.09 -23.49
CA SER A 126 -6.81 -6.38 -23.73
C SER A 126 -6.36 -7.41 -22.69
N LEU A 127 -5.08 -7.49 -22.45
CA LEU A 127 -4.57 -8.45 -21.44
C LEU A 127 -5.14 -8.06 -20.07
N PHE A 128 -5.23 -6.79 -19.83
CA PHE A 128 -5.80 -6.31 -18.53
C PHE A 128 -7.25 -6.78 -18.41
N GLN A 129 -7.98 -6.71 -19.49
CA GLN A 129 -9.40 -7.15 -19.48
C GLN A 129 -9.49 -8.68 -19.52
N ARG A 130 -8.42 -9.34 -19.84
CA ARG A 130 -8.46 -10.83 -19.92
C ARG A 130 -7.84 -11.48 -18.67
N THR A 131 -7.39 -10.71 -17.71
CA THR A 131 -6.78 -11.34 -16.50
C THR A 131 -7.20 -10.60 -15.22
N ALA A 132 -6.56 -9.51 -14.92
CA ALA A 132 -6.90 -8.75 -13.68
C ALA A 132 -8.39 -8.43 -13.61
N TRP A 133 -9.02 -8.17 -14.73
CA TRP A 133 -10.47 -7.82 -14.69
C TRP A 133 -11.31 -9.09 -14.80
N VAL A 134 -10.76 -10.15 -15.34
CA VAL A 134 -11.53 -11.42 -15.41
C VAL A 134 -11.56 -12.02 -14.00
N PHE A 135 -10.43 -12.06 -13.36
CA PHE A 135 -10.37 -12.61 -11.98
C PHE A 135 -11.15 -11.68 -11.05
N ASP A 136 -10.85 -10.40 -11.09
CA ASP A 136 -11.60 -9.44 -10.21
C ASP A 136 -13.10 -9.63 -10.40
N ASP A 137 -13.51 -9.94 -11.61
CA ASP A 137 -14.96 -10.16 -11.87
C ASP A 137 -15.36 -11.57 -11.46
N LYS A 138 -14.40 -12.42 -11.33
CA LYS A 138 -14.67 -13.83 -10.91
C LYS A 138 -15.04 -13.87 -9.43
N TYR A 139 -14.44 -13.04 -8.62
CA TYR A 139 -14.77 -13.05 -7.16
C TYR A 139 -15.49 -11.75 -6.77
N LYS A 140 -16.07 -11.09 -7.73
CA LYS A 140 -16.80 -9.82 -7.42
C LYS A 140 -15.96 -8.92 -6.49
N ARG A 141 -14.67 -8.89 -6.71
CA ARG A 141 -13.79 -8.04 -5.83
C ARG A 141 -13.09 -6.97 -6.66
N PRO A 142 -12.94 -5.80 -6.07
CA PRO A 142 -12.27 -4.67 -6.76
C PRO A 142 -10.74 -4.84 -6.78
N GLY A 143 -10.21 -5.55 -7.74
CA GLY A 143 -8.73 -5.72 -7.80
C GLY A 143 -8.28 -6.86 -6.88
N TYR A 144 -8.77 -6.88 -5.66
CA TYR A 144 -8.37 -7.95 -4.69
C TYR A 144 -8.39 -9.33 -5.36
N GLY A 145 -9.41 -9.61 -6.14
CA GLY A 145 -9.50 -10.94 -6.82
C GLY A 145 -8.30 -11.12 -7.76
N ALA A 146 -8.11 -10.19 -8.67
CA ALA A 146 -6.96 -10.29 -9.62
C ALA A 146 -5.67 -10.64 -8.88
N TYR A 147 -5.48 -10.08 -7.71
CA TYR A 147 -4.23 -10.39 -6.94
C TYR A 147 -4.27 -11.82 -6.41
N ASP A 148 -5.17 -12.10 -5.51
CA ASP A 148 -5.27 -13.48 -4.93
C ASP A 148 -5.30 -14.52 -6.06
N ALA A 149 -5.93 -14.21 -7.15
CA ALA A 149 -5.99 -15.18 -8.28
C ALA A 149 -4.63 -15.23 -8.98
N PHE A 150 -3.89 -14.15 -8.96
CA PHE A 150 -2.56 -14.15 -9.60
C PHE A 150 -1.55 -14.84 -8.68
N LYS A 151 -1.86 -14.94 -7.42
CA LYS A 151 -0.93 -15.62 -6.47
C LYS A 151 -1.25 -17.11 -6.42
N HIS A 152 -2.49 -17.46 -6.70
CA HIS A 152 -2.89 -18.90 -6.67
C HIS A 152 -2.82 -19.49 -8.09
N ALA A 153 -2.93 -18.66 -9.10
CA ALA A 153 -2.86 -19.18 -10.50
C ALA A 153 -1.46 -19.69 -10.81
N VAL A 154 -0.51 -19.46 -9.93
CA VAL A 154 0.88 -19.94 -10.18
C VAL A 154 0.92 -21.47 -10.15
N SER A 155 0.13 -22.08 -9.31
CA SER A 155 0.11 -23.56 -9.23
C SER A 155 -1.27 -24.13 -9.55
N ASP A 156 -2.27 -23.29 -9.58
CA ASP A 156 -3.65 -23.77 -9.89
C ASP A 156 -4.09 -23.29 -11.27
N PRO A 157 -3.72 -24.03 -12.29
CA PRO A 157 -4.10 -23.65 -13.68
C PRO A 157 -5.59 -23.94 -13.91
N SER A 158 -6.29 -24.43 -12.93
CA SER A 158 -7.74 -24.72 -13.11
C SER A 158 -8.50 -23.43 -13.40
N ILE A 159 -8.42 -22.47 -12.52
CA ILE A 159 -9.13 -21.18 -12.75
C ILE A 159 -8.40 -20.36 -13.83
N LEU A 160 -7.19 -20.74 -14.14
CA LEU A 160 -6.43 -19.98 -15.18
C LEU A 160 -6.37 -20.79 -16.49
N ASP A 161 -7.17 -21.82 -16.59
CA ASP A 161 -7.16 -22.64 -17.83
C ASP A 161 -7.98 -21.95 -18.92
N SER A 162 -8.86 -21.06 -18.54
CA SER A 162 -9.69 -20.34 -19.55
C SER A 162 -8.96 -19.09 -20.07
N LEU A 163 -7.70 -18.95 -19.78
CA LEU A 163 -6.95 -17.75 -20.26
C LEU A 163 -6.35 -18.02 -21.63
N ASP A 164 -7.07 -17.67 -22.68
CA ASP A 164 -6.54 -17.91 -24.06
C ASP A 164 -5.31 -17.02 -24.31
N LEU A 165 -4.14 -17.55 -24.06
CA LEU A 165 -2.90 -16.76 -24.29
C LEU A 165 -1.92 -17.58 -25.13
N ASN A 166 -0.84 -16.97 -25.55
CA ASN A 166 0.16 -17.72 -26.37
C ASN A 166 1.00 -18.62 -25.46
N GLU A 167 1.60 -19.65 -26.00
CA GLU A 167 2.43 -20.55 -25.15
C GLU A 167 3.59 -19.79 -24.53
N ASP A 168 3.88 -18.65 -25.08
CA ASP A 168 4.99 -17.82 -24.56
C ASP A 168 4.42 -16.81 -23.55
N GLU A 169 3.27 -16.27 -23.85
CA GLU A 169 2.64 -15.28 -22.92
C GLU A 169 2.34 -15.94 -21.57
N ARG A 170 1.78 -17.11 -21.59
CA ARG A 170 1.44 -17.81 -20.32
C ARG A 170 2.71 -18.11 -19.52
N GLU A 171 3.81 -18.31 -20.19
CA GLU A 171 5.09 -18.61 -19.48
C GLU A 171 5.65 -17.33 -18.84
N VAL A 172 5.46 -16.21 -19.48
CA VAL A 172 5.99 -14.94 -18.90
C VAL A 172 5.06 -14.42 -17.81
N LEU A 173 3.77 -14.57 -17.99
CA LEU A 173 2.81 -14.10 -16.94
C LEU A 173 2.96 -14.97 -15.69
N ILE A 174 3.04 -16.26 -15.87
CA ILE A 174 3.19 -17.17 -14.69
C ILE A 174 4.57 -16.97 -14.06
N ASN A 175 5.60 -16.81 -14.85
CA ASN A 175 6.97 -16.60 -14.28
C ASN A 175 6.97 -15.33 -13.42
N ASN A 176 6.33 -14.29 -13.89
CA ASN A 176 6.29 -13.03 -13.09
C ASN A 176 5.42 -13.23 -11.86
N ILE A 177 4.27 -13.83 -12.03
CA ILE A 177 3.36 -14.06 -10.86
C ILE A 177 4.10 -14.80 -9.73
N ASN A 178 4.91 -15.75 -10.08
CA ASN A 178 5.66 -16.51 -9.04
C ASN A 178 6.95 -15.78 -8.67
N ARG A 179 7.61 -15.23 -9.66
CA ARG A 179 8.88 -14.49 -9.38
C ARG A 179 8.57 -13.10 -8.79
N ARG A 180 7.32 -12.72 -8.78
CA ARG A 180 6.95 -11.40 -8.22
C ARG A 180 6.10 -11.57 -6.95
N LEU A 181 5.39 -12.66 -6.84
CA LEU A 181 4.54 -12.87 -5.62
C LEU A 181 5.19 -13.86 -4.66
N THR A 182 6.28 -14.48 -5.05
CA THR A 182 6.96 -15.46 -4.15
C THR A 182 7.12 -14.87 -2.74
N PRO A 183 7.24 -15.75 -1.77
CA PRO A 183 7.41 -15.30 -0.36
C PRO A 183 8.82 -14.74 -0.13
N GLN A 184 8.94 -13.45 -0.03
CA GLN A 184 10.29 -12.85 0.18
C GLN A 184 10.31 -12.02 1.47
N ALA A 185 11.39 -11.33 1.71
CA ALA A 185 11.51 -10.48 2.95
C ALA A 185 12.98 -10.07 3.15
N VAL A 186 13.23 -8.82 3.45
CA VAL A 186 14.65 -8.39 3.66
C VAL A 186 14.90 -8.05 5.14
N LYS A 187 16.11 -8.21 5.59
CA LYS A 187 16.43 -7.86 6.99
C LYS A 187 16.95 -6.42 6.98
N ILE A 188 16.11 -5.50 7.34
CA ILE A 188 16.53 -4.07 7.33
C ILE A 188 16.78 -3.59 8.73
N ARG A 189 17.53 -2.54 8.85
CA ARG A 189 17.84 -1.98 10.19
C ARG A 189 18.16 -0.50 10.11
N ALA A 190 17.69 0.25 11.06
CA ALA A 190 17.96 1.71 11.11
C ALA A 190 18.24 2.10 12.57
N ASP A 191 19.07 3.08 12.79
CA ASP A 191 19.39 3.49 14.19
C ASP A 191 18.53 4.69 14.58
N ILE A 192 18.15 4.78 15.83
CA ILE A 192 17.32 5.95 16.27
C ILE A 192 17.68 6.34 17.70
N GLU A 193 17.45 7.57 18.05
CA GLU A 193 17.75 8.03 19.43
C GLU A 193 16.48 8.59 20.06
N VAL A 194 15.87 7.83 20.92
CA VAL A 194 14.61 8.30 21.57
C VAL A 194 14.86 8.63 23.04
N ALA A 195 14.50 9.82 23.44
CA ALA A 195 14.70 10.24 24.86
C ALA A 195 13.59 11.19 25.30
N CYS A 196 13.22 11.17 26.55
CA CYS A 196 12.12 12.06 27.02
C CYS A 196 12.63 13.04 28.09
N TYR A 197 13.92 13.22 28.16
CA TYR A 197 14.51 14.17 29.16
C TYR A 197 13.87 13.99 30.54
N GLY A 198 14.44 13.16 31.38
CA GLY A 198 13.87 12.95 32.74
C GLY A 198 13.73 11.46 33.01
N TYR A 199 13.44 11.09 34.23
CA TYR A 199 13.28 9.64 34.56
C TYR A 199 11.82 9.21 34.43
N GLU A 200 10.91 10.14 34.61
CA GLU A 200 9.47 9.80 34.48
C GLU A 200 9.09 9.66 32.99
N GLY A 201 10.02 9.91 32.11
CA GLY A 201 9.74 9.79 30.67
C GLY A 201 10.11 8.38 30.21
N ILE A 202 10.83 7.65 31.03
CA ILE A 202 11.21 6.26 30.65
C ILE A 202 9.96 5.47 30.26
N ASP A 203 8.81 5.88 30.75
CA ASP A 203 7.55 5.17 30.40
C ASP A 203 7.17 5.53 28.96
N ALA A 204 7.61 6.66 28.50
CA ALA A 204 7.30 7.06 27.09
C ALA A 204 8.33 6.42 26.18
N VAL A 205 9.49 6.17 26.70
CA VAL A 205 10.56 5.50 25.91
C VAL A 205 10.11 4.06 25.62
N LYS A 206 9.63 3.38 26.62
CA LYS A 206 9.15 1.98 26.40
C LYS A 206 7.90 2.00 25.53
N GLU A 207 7.00 2.91 25.78
CA GLU A 207 5.76 2.98 24.97
C GLU A 207 6.11 3.37 23.52
N ALA A 208 6.99 4.32 23.35
CA ALA A 208 7.38 4.73 21.97
C ALA A 208 7.92 3.54 21.21
N LEU A 209 9.02 2.96 21.67
CA LEU A 209 9.60 1.79 20.97
C LEU A 209 8.51 0.76 20.70
N ARG A 210 7.61 0.59 21.64
CA ARG A 210 6.50 -0.38 21.43
C ARG A 210 5.63 0.07 20.26
N ALA A 211 5.47 1.35 20.11
CA ALA A 211 4.66 1.87 18.97
C ALA A 211 5.32 1.51 17.64
N GLY A 212 6.62 1.57 17.58
CA GLY A 212 7.33 1.21 16.31
C GLY A 212 7.28 -0.30 16.11
N LEU A 213 7.27 -1.05 17.18
CA LEU A 213 7.22 -2.53 17.05
C LEU A 213 5.79 -3.00 16.80
N ASN A 214 4.82 -2.18 17.11
CA ASN A 214 3.40 -2.58 16.90
C ASN A 214 2.89 -2.02 15.57
N CYS A 215 3.55 -1.03 15.03
CA CYS A 215 3.10 -0.45 13.74
C CYS A 215 3.32 -1.46 12.60
N SER A 216 4.13 -2.46 12.83
CA SER A 216 4.39 -3.47 11.77
C SER A 216 3.08 -4.16 11.37
N THR A 217 3.15 -5.09 10.45
CA THR A 217 1.90 -5.80 10.02
C THR A 217 2.15 -7.31 9.96
N GLU A 218 1.16 -8.07 9.57
CA GLU A 218 1.33 -9.55 9.49
C GLU A 218 2.55 -9.93 8.64
N ASN A 219 3.06 -11.12 8.84
CA ASN A 219 4.25 -11.58 8.05
C ASN A 219 5.34 -10.50 8.05
N MET A 220 5.60 -9.90 9.19
CA MET A 220 6.65 -8.84 9.24
C MET A 220 7.04 -8.56 10.70
N PRO A 221 7.96 -9.34 11.22
CA PRO A 221 8.41 -9.16 12.61
C PRO A 221 9.47 -8.06 12.72
N ILE A 222 9.27 -7.12 13.61
CA ILE A 222 10.26 -6.01 13.78
C ILE A 222 10.92 -6.12 15.15
N LYS A 223 12.11 -5.60 15.32
CA LYS A 223 12.80 -5.71 16.64
C LYS A 223 13.62 -4.45 16.93
N ILE A 224 13.43 -3.88 18.10
CA ILE A 224 14.20 -2.66 18.48
C ILE A 224 14.68 -2.79 19.93
N ASN A 225 15.97 -2.87 20.15
CA ASN A 225 16.49 -3.00 21.54
C ASN A 225 17.69 -2.08 21.76
N LEU A 226 18.07 -1.87 22.99
CA LEU A 226 19.24 -0.97 23.28
C LEU A 226 20.47 -1.83 23.64
N ILE A 227 21.54 -1.61 22.95
CA ILE A 227 22.79 -2.39 23.23
C ILE A 227 23.98 -1.72 22.55
N ALA A 228 24.23 -0.48 22.87
CA ALA A 228 25.35 0.27 22.23
C ALA A 228 25.38 1.70 22.79
N PRO A 229 26.07 2.61 22.14
CA PRO A 229 26.10 4.02 22.62
C PRO A 229 24.67 4.57 22.65
N PRO A 230 24.52 5.83 22.98
CA PRO A 230 23.16 6.43 23.05
C PRO A 230 22.49 6.38 21.68
N ARG A 231 22.02 5.22 21.31
CA ARG A 231 21.35 5.04 19.99
C ARG A 231 20.68 3.67 19.95
N TYR A 232 19.45 3.60 19.51
CA TYR A 232 18.75 2.28 19.49
C TYR A 232 18.90 1.60 18.14
N VAL A 233 18.68 0.32 18.09
CA VAL A 233 18.80 -0.42 16.80
C VAL A 233 17.43 -0.99 16.43
N MET A 234 16.88 -0.58 15.31
CA MET A 234 15.53 -1.09 14.91
C MET A 234 15.63 -1.86 13.59
N THR A 235 15.27 -3.11 13.59
CA THR A 235 15.33 -3.90 12.32
C THR A 235 13.94 -4.43 11.99
N THR A 236 13.83 -5.21 10.95
CA THR A 236 12.50 -5.77 10.56
C THR A 236 12.66 -6.71 9.37
N THR A 237 11.77 -7.64 9.24
CA THR A 237 11.86 -8.60 8.09
C THR A 237 10.78 -8.29 7.05
N THR A 238 11.03 -7.35 6.20
CA THR A 238 10.03 -6.99 5.15
C THR A 238 10.73 -6.85 3.80
N LEU A 239 10.37 -7.65 2.84
CA LEU A 239 11.03 -7.57 1.50
C LEU A 239 10.87 -6.16 0.93
N GLU A 240 11.52 -5.88 -0.18
CA GLU A 240 11.42 -4.52 -0.79
C GLU A 240 11.98 -3.49 0.20
N ARG A 241 13.25 -3.22 0.12
CA ARG A 241 13.89 -2.25 1.05
C ARG A 241 13.02 -0.99 1.21
N THR A 242 12.31 -0.62 0.19
CA THR A 242 11.45 0.59 0.28
C THR A 242 10.24 0.34 1.17
N GLU A 243 9.40 -0.60 0.80
CA GLU A 243 8.18 -0.88 1.62
C GLU A 243 8.57 -1.24 3.06
N GLY A 244 9.47 -2.18 3.22
CA GLY A 244 9.88 -2.58 4.60
C GLY A 244 10.36 -1.35 5.36
N LEU A 245 11.37 -0.70 4.87
CA LEU A 245 11.87 0.52 5.57
C LEU A 245 10.71 1.51 5.71
N SER A 246 9.75 1.43 4.84
CA SER A 246 8.57 2.34 4.93
C SER A 246 7.82 2.05 6.23
N VAL A 247 7.78 0.80 6.63
CA VAL A 247 7.08 0.46 7.90
C VAL A 247 7.93 0.98 9.07
N LEU A 248 9.23 0.99 8.88
CA LEU A 248 10.14 1.49 9.95
C LEU A 248 10.07 3.00 10.04
N SER A 249 10.13 3.68 8.92
CA SER A 249 10.05 5.18 8.94
C SER A 249 8.73 5.61 9.60
N GLN A 250 7.63 5.07 9.16
CA GLN A 250 6.32 5.43 9.76
C GLN A 250 6.36 5.15 11.27
N ALA A 251 6.89 4.02 11.65
CA ALA A 251 6.98 3.69 13.10
C ALA A 251 7.97 4.64 13.78
N MET A 252 9.00 5.02 13.06
CA MET A 252 10.01 5.95 13.62
C MET A 252 9.39 7.33 13.80
N ALA A 253 8.41 7.67 13.00
CA ALA A 253 7.74 8.98 13.15
C ALA A 253 6.73 8.87 14.28
N VAL A 254 6.19 7.71 14.47
CA VAL A 254 5.23 7.49 15.56
C VAL A 254 5.92 7.71 16.90
N ILE A 255 7.06 7.10 17.10
CA ILE A 255 7.79 7.31 18.39
C ILE A 255 8.17 8.78 18.48
N LYS A 256 8.64 9.34 17.39
CA LYS A 256 8.98 10.78 17.40
C LYS A 256 7.77 11.55 17.93
N GLU A 257 6.59 11.01 17.72
CA GLU A 257 5.37 11.66 18.24
C GLU A 257 5.12 11.19 19.67
N LYS A 258 5.41 9.92 19.97
CA LYS A 258 5.20 9.42 21.36
C LYS A 258 6.33 9.90 22.27
N ILE A 259 7.32 10.56 21.72
CA ILE A 259 8.46 11.06 22.55
C ILE A 259 8.40 12.59 22.62
N GLU A 260 7.93 13.23 21.58
CA GLU A 260 7.86 14.72 21.58
C GLU A 260 6.62 15.19 22.36
N GLU A 261 5.55 14.44 22.31
CA GLU A 261 4.32 14.86 23.06
C GLU A 261 4.62 15.03 24.55
N LYS A 262 5.69 14.47 25.03
CA LYS A 262 6.03 14.61 26.49
C LYS A 262 7.43 15.21 26.66
N ARG A 263 7.80 16.12 25.79
CA ARG A 263 9.14 16.77 25.89
C ARG A 263 10.26 15.72 25.70
N GLY A 264 10.40 15.21 24.51
CA GLY A 264 11.46 14.21 24.26
C GLY A 264 12.21 14.58 22.98
N VAL A 265 12.91 13.65 22.40
CA VAL A 265 13.67 13.94 21.14
C VAL A 265 13.90 12.66 20.34
N PHE A 266 14.04 12.77 19.04
CA PHE A 266 14.29 11.56 18.21
C PHE A 266 15.42 11.82 17.22
N ASN A 267 16.27 10.86 16.99
CA ASN A 267 17.38 11.07 16.02
C ASN A 267 17.83 9.75 15.38
N VAL A 268 17.75 9.66 14.08
CA VAL A 268 18.19 8.42 13.38
C VAL A 268 19.71 8.45 13.19
N GLN A 269 20.36 7.32 13.08
CA GLN A 269 21.84 7.34 12.91
C GLN A 269 22.27 6.49 11.71
N MET A 270 21.57 5.43 11.42
CA MET A 270 21.97 4.58 10.26
C MET A 270 20.84 4.52 9.23
N GLU A 271 19.78 5.22 9.48
CA GLU A 271 18.63 5.24 8.52
C GLU A 271 18.22 3.82 8.12
N PRO A 272 17.20 3.75 7.29
CA PRO A 272 16.69 2.43 6.82
C PRO A 272 17.68 1.80 5.83
N LYS A 273 18.30 0.71 6.19
CA LYS A 273 19.26 0.06 5.26
C LYS A 273 19.10 -1.46 5.27
N VAL A 274 19.06 -2.05 4.10
CA VAL A 274 18.90 -3.54 3.99
C VAL A 274 20.21 -4.26 4.32
N VAL A 275 20.12 -5.51 4.67
CA VAL A 275 21.33 -6.30 5.00
C VAL A 275 22.00 -6.78 3.70
N THR A 276 23.19 -7.32 3.80
CA THR A 276 23.90 -7.81 2.58
C THR A 276 24.00 -9.34 2.59
N ASP A 277 24.27 -9.94 1.46
CA ASP A 277 24.40 -11.42 1.42
C ASP A 277 25.71 -11.85 2.10
N THR A 278 26.59 -10.92 2.35
CA THR A 278 27.88 -11.25 3.01
C THR A 278 27.64 -11.57 4.49
N ASP A 279 26.45 -11.35 4.97
CA ASP A 279 26.14 -11.64 6.40
C ASP A 279 25.29 -12.91 6.51
N GLU A 280 24.39 -13.11 5.60
CA GLU A 280 23.52 -14.33 5.63
C GLU A 280 24.36 -15.60 5.78
N THR A 281 25.20 -15.88 4.81
CA THR A 281 26.06 -17.10 4.88
C THR A 281 26.86 -17.12 6.19
N GLU A 282 27.05 -15.98 6.79
CA GLU A 282 27.83 -15.92 8.08
C GLU A 282 27.02 -16.52 9.24
N LEU A 283 25.77 -16.86 9.03
CA LEU A 283 24.96 -17.45 10.12
C LEU A 283 25.32 -18.93 10.35
N ALA A 284 26.10 -19.49 9.48
CA ALA A 284 26.49 -20.93 9.65
C ALA A 284 27.25 -21.14 10.97
N ARG A 285 27.69 -20.08 11.60
CA ARG A 285 28.43 -20.23 12.88
C ARG A 285 27.47 -20.39 14.08
N GLN A 286 26.22 -20.02 13.91
CA GLN A 286 25.27 -20.15 15.05
C GLN A 286 24.48 -21.47 14.95
N MET A 287 23.90 -21.75 13.81
CA MET A 287 23.11 -23.01 13.65
C MET A 287 21.95 -23.05 14.65
N GLU A 288 20.82 -23.58 14.25
CA GLU A 288 19.65 -23.65 15.19
C GLU A 288 20.07 -24.21 16.54
N ARG A 289 20.35 -23.35 17.49
CA ARG A 289 20.78 -23.83 18.84
C ARG A 289 19.60 -24.49 19.56
N LEU A 290 18.73 -23.71 20.15
CA LEU A 290 17.58 -24.30 20.88
C LEU A 290 16.42 -24.61 19.91
N GLU A 291 16.50 -24.13 18.69
CA GLU A 291 15.41 -24.40 17.71
C GLU A 291 15.58 -25.81 17.11
N ARG A 292 16.58 -26.52 17.52
CA ARG A 292 16.78 -27.90 16.96
C ARG A 292 15.95 -28.93 17.74
N GLU A 293 15.29 -28.52 18.79
CA GLU A 293 14.48 -29.51 19.57
C GLU A 293 12.98 -29.25 19.35
N ASN A 294 12.39 -28.36 20.11
CA ASN A 294 10.93 -28.08 19.94
C ASN A 294 10.12 -29.37 20.08
N ALA A 295 10.68 -30.39 20.67
CA ALA A 295 9.92 -31.68 20.83
C ALA A 295 8.55 -31.40 21.45
N GLU A 296 7.49 -31.62 20.71
CA GLU A 296 6.11 -31.36 21.26
C GLU A 296 5.97 -31.98 22.65
N VAL A 297 5.05 -31.47 23.44
CA VAL A 297 4.87 -32.04 24.81
C VAL A 297 3.52 -31.62 25.39
N ASP A 298 2.49 -31.59 24.56
CA ASP A 298 1.15 -31.21 25.06
C ASP A 298 0.64 -32.27 26.05
N GLY A 299 0.24 -31.87 27.22
CA GLY A 299 -0.25 -32.86 28.22
C GLY A 299 -1.76 -32.69 28.43
N ASP A 300 -2.52 -32.85 27.38
CA ASP A 300 -4.01 -32.70 27.50
C ASP A 300 -4.72 -33.83 26.75
N MET A 1 -21.00 4.98 -10.41
CA MET A 1 -21.32 3.98 -11.48
C MET A 1 -20.32 4.09 -12.63
N SER A 2 -19.06 3.89 -12.35
CA SER A 2 -18.03 3.99 -13.44
C SER A 2 -16.94 2.93 -13.24
N CYS A 3 -15.97 2.91 -14.12
CA CYS A 3 -14.87 1.90 -14.00
C CYS A 3 -13.98 2.25 -12.80
N ARG A 4 -12.67 2.23 -12.95
CA ARG A 4 -11.76 2.56 -11.80
C ARG A 4 -11.96 1.54 -10.67
N PHE A 5 -11.50 0.33 -10.86
CA PHE A 5 -11.66 -0.71 -9.80
C PHE A 5 -13.12 -0.79 -9.36
N TYR A 6 -14.01 -1.02 -10.27
CA TYR A 6 -15.45 -1.10 -9.89
C TYR A 6 -16.11 -2.29 -10.56
N GLN A 7 -15.69 -3.49 -10.21
CA GLN A 7 -16.31 -4.70 -10.83
C GLN A 7 -16.40 -4.53 -12.35
N HIS A 8 -15.52 -3.75 -12.93
CA HIS A 8 -15.56 -3.51 -14.40
C HIS A 8 -16.90 -2.87 -14.77
N LYS A 9 -16.88 -1.65 -15.26
CA LYS A 9 -18.15 -0.96 -15.62
C LYS A 9 -17.86 0.48 -16.04
N PHE A 10 -17.56 0.69 -17.29
CA PHE A 10 -17.27 2.07 -17.78
C PHE A 10 -18.48 2.65 -18.52
N PRO A 11 -18.51 3.96 -18.62
CA PRO A 11 -19.64 4.65 -19.31
C PRO A 11 -19.52 4.49 -20.83
N GLU A 12 -20.15 5.34 -21.59
CA GLU A 12 -20.07 5.22 -23.07
C GLU A 12 -19.54 6.53 -23.68
N VAL A 13 -18.39 6.47 -24.29
CA VAL A 13 -17.80 7.70 -24.93
C VAL A 13 -17.54 8.79 -23.90
N GLU A 14 -16.96 8.44 -22.80
CA GLU A 14 -16.67 9.48 -21.76
C GLU A 14 -15.83 8.90 -20.62
N ASP A 15 -15.03 7.91 -20.91
CA ASP A 15 -14.17 7.30 -19.86
C ASP A 15 -12.76 7.88 -19.95
N VAL A 16 -12.26 8.42 -18.87
CA VAL A 16 -10.88 9.01 -18.90
C VAL A 16 -9.99 8.31 -17.86
N VAL A 17 -8.95 7.65 -18.30
CA VAL A 17 -8.04 6.97 -17.34
C VAL A 17 -6.65 6.79 -17.97
N MET A 18 -5.76 6.13 -17.27
CA MET A 18 -4.40 5.91 -17.83
C MET A 18 -4.19 4.43 -18.13
N VAL A 19 -3.58 4.11 -19.24
CA VAL A 19 -3.37 2.68 -19.60
C VAL A 19 -1.98 2.49 -20.23
N ASN A 20 -1.71 1.32 -20.71
CA ASN A 20 -0.39 1.07 -21.36
C ASN A 20 -0.60 0.42 -22.72
N VAL A 21 0.26 0.71 -23.67
CA VAL A 21 0.09 0.10 -25.02
C VAL A 21 0.15 -1.42 -24.93
N ARG A 22 -0.64 -2.09 -25.72
CA ARG A 22 -0.63 -3.58 -25.70
C ARG A 22 -0.36 -4.11 -27.11
N SER A 23 -1.25 -3.85 -28.03
CA SER A 23 -1.05 -4.34 -29.42
C SER A 23 -0.93 -3.16 -30.39
N ILE A 24 0.21 -3.01 -31.02
CA ILE A 24 0.37 -1.88 -31.97
C ILE A 24 -0.33 -2.23 -33.29
N GLN A 25 -0.96 -1.26 -33.91
CA GLN A 25 -1.65 -1.53 -35.20
C GLN A 25 -1.30 -0.47 -36.24
N GLU A 26 -1.25 -0.85 -37.48
CA GLU A 26 -0.90 0.15 -38.55
C GLU A 26 -2.04 1.16 -38.72
N MET A 27 -3.24 0.81 -38.30
CA MET A 27 -4.38 1.74 -38.44
C MET A 27 -4.87 2.19 -37.06
N GLY A 28 -4.01 2.16 -36.08
CA GLY A 28 -4.41 2.58 -34.71
C GLY A 28 -3.47 1.96 -33.68
N ALA A 29 -3.73 2.15 -32.41
CA ALA A 29 -2.84 1.56 -31.37
C ALA A 29 -3.66 0.85 -30.29
N TYR A 30 -3.58 -0.45 -30.23
CA TYR A 30 -4.36 -1.19 -29.19
C TYR A 30 -3.71 -1.00 -27.82
N VAL A 31 -4.49 -0.66 -26.84
CA VAL A 31 -3.91 -0.45 -25.47
C VAL A 31 -4.63 -1.32 -24.45
N SER A 32 -4.08 -1.43 -23.27
CA SER A 32 -4.71 -2.25 -22.21
C SER A 32 -4.88 -1.43 -20.94
N LEU A 33 -6.10 -1.21 -20.52
CA LEU A 33 -6.34 -0.42 -19.27
C LEU A 33 -5.87 -1.24 -18.07
N LEU A 34 -4.60 -1.51 -17.98
CA LEU A 34 -4.04 -2.32 -16.86
C LEU A 34 -4.98 -3.51 -16.53
N GLU A 35 -5.72 -3.96 -17.52
CA GLU A 35 -6.66 -5.11 -17.32
C GLU A 35 -7.14 -5.22 -15.87
N TYR A 36 -7.71 -4.16 -15.33
CA TYR A 36 -8.18 -4.22 -13.92
C TYR A 36 -9.33 -3.25 -13.68
N ASN A 37 -9.29 -2.06 -14.24
CA ASN A 37 -10.40 -1.10 -14.04
C ASN A 37 -11.41 -1.22 -15.18
N ASN A 38 -11.01 -1.80 -16.29
CA ASN A 38 -11.96 -1.94 -17.42
C ASN A 38 -11.52 -3.10 -18.32
N ILE A 39 -10.71 -2.82 -19.32
CA ILE A 39 -10.26 -3.90 -20.26
C ILE A 39 -9.36 -3.29 -21.35
N GLU A 40 -9.07 -4.05 -22.37
CA GLU A 40 -8.22 -3.52 -23.47
C GLU A 40 -9.10 -2.87 -24.55
N GLY A 41 -8.54 -2.00 -25.35
CA GLY A 41 -9.34 -1.33 -26.41
C GLY A 41 -8.42 -0.86 -27.53
N MET A 42 -8.90 -0.03 -28.41
CA MET A 42 -8.06 0.47 -29.52
C MET A 42 -8.17 1.98 -29.63
N ILE A 43 -7.06 2.63 -29.81
CA ILE A 43 -7.08 4.12 -29.95
C ILE A 43 -6.97 4.50 -31.43
N HIS A 44 -7.43 5.67 -31.79
CA HIS A 44 -7.36 6.10 -33.23
C HIS A 44 -6.07 6.89 -33.50
N LEU A 45 -5.14 6.30 -34.21
CA LEU A 45 -3.87 7.03 -34.54
C LEU A 45 -4.18 8.18 -35.48
N SER A 46 -5.28 8.07 -36.20
CA SER A 46 -5.66 9.14 -37.15
C SER A 46 -6.19 10.38 -36.43
N GLU A 47 -6.29 10.35 -35.12
CA GLU A 47 -6.83 11.53 -34.39
C GLU A 47 -6.14 11.67 -33.04
N LEU A 48 -5.07 10.95 -32.81
CA LEU A 48 -4.37 11.08 -31.50
C LEU A 48 -2.96 11.62 -31.72
N SER A 49 -2.33 11.25 -32.79
CA SER A 49 -0.94 11.73 -33.07
C SER A 49 -0.98 13.16 -33.62
N ARG A 50 0.18 13.75 -33.82
CA ARG A 50 0.22 15.14 -34.36
C ARG A 50 0.07 15.13 -35.88
N ARG A 51 1.16 15.16 -36.61
CA ARG A 51 1.08 15.16 -38.10
C ARG A 51 0.86 13.72 -38.60
N ARG A 52 1.14 13.48 -39.86
CA ARG A 52 0.94 12.10 -40.42
C ARG A 52 1.59 11.06 -39.50
N ILE A 53 1.02 9.89 -39.43
CA ILE A 53 1.61 8.83 -38.55
C ILE A 53 2.49 7.89 -39.36
N ARG A 54 3.67 7.60 -38.88
CA ARG A 54 4.59 6.69 -39.62
C ARG A 54 5.26 5.72 -38.64
N SER A 55 5.53 6.15 -37.44
CA SER A 55 6.19 5.25 -36.45
C SER A 55 5.52 5.38 -35.08
N ILE A 56 4.59 4.51 -34.78
CA ILE A 56 3.92 4.57 -33.44
C ILE A 56 4.96 4.35 -32.34
N ASN A 57 6.08 3.76 -32.68
CA ASN A 57 7.14 3.51 -31.65
C ASN A 57 7.68 4.83 -31.10
N LYS A 58 7.39 5.93 -31.74
CA LYS A 58 7.89 7.24 -31.25
C LYS A 58 6.95 7.80 -30.17
N LEU A 59 6.09 6.99 -29.63
CA LEU A 59 5.13 7.48 -28.59
C LEU A 59 5.07 6.48 -27.43
N ILE A 60 4.50 5.33 -27.65
CA ILE A 60 4.39 4.31 -26.57
C ILE A 60 4.41 2.91 -27.17
N ARG A 61 5.28 2.06 -26.70
CA ARG A 61 5.36 0.67 -27.25
C ARG A 61 5.55 -0.35 -26.12
N ILE A 62 4.47 -0.91 -25.64
CA ILE A 62 4.55 -1.92 -24.53
C ILE A 62 5.60 -1.51 -23.49
N GLY A 63 5.20 -0.74 -22.51
CA GLY A 63 6.17 -0.29 -21.46
C GLY A 63 5.91 1.18 -21.12
N ARG A 64 5.19 1.87 -21.96
CA ARG A 64 4.90 3.31 -21.69
C ARG A 64 3.40 3.53 -21.48
N ASN A 65 3.02 3.92 -20.29
CA ASN A 65 1.57 4.16 -20.02
C ASN A 65 1.27 5.66 -20.09
N GLU A 66 0.08 6.02 -20.47
CA GLU A 66 -0.29 7.46 -20.56
C GLU A 66 -1.78 7.62 -20.24
N CYS A 67 -2.23 8.84 -20.08
CA CYS A 67 -3.67 9.07 -19.78
C CYS A 67 -4.45 9.30 -21.07
N VAL A 68 -5.43 8.49 -21.35
CA VAL A 68 -6.22 8.67 -22.61
C VAL A 68 -7.71 8.76 -22.29
N LYS A 69 -8.50 9.21 -23.22
CA LYS A 69 -9.97 9.31 -22.98
C LYS A 69 -10.73 8.45 -23.99
N VAL A 70 -11.64 7.64 -23.54
CA VAL A 70 -12.42 6.78 -24.46
C VAL A 70 -13.34 7.64 -25.34
N ILE A 71 -13.57 7.22 -26.55
CA ILE A 71 -14.46 8.01 -27.45
C ILE A 71 -15.70 7.20 -27.83
N ARG A 72 -15.63 5.89 -27.73
CA ARG A 72 -16.81 5.05 -28.10
C ARG A 72 -16.53 3.57 -27.87
N VAL A 73 -17.47 2.89 -27.28
CA VAL A 73 -17.28 1.42 -27.03
C VAL A 73 -18.29 0.64 -27.87
N ASP A 74 -18.13 -0.66 -27.94
CA ASP A 74 -19.09 -1.47 -28.74
C ASP A 74 -20.05 -2.18 -27.79
N LYS A 75 -21.33 -1.90 -27.92
CA LYS A 75 -22.34 -2.55 -27.04
C LYS A 75 -22.76 -3.90 -27.62
N GLU A 76 -22.13 -4.28 -28.70
CA GLU A 76 -22.45 -5.59 -29.34
C GLU A 76 -21.35 -6.58 -28.95
N LYS A 77 -20.13 -6.11 -28.92
CA LYS A 77 -19.00 -6.99 -28.54
C LYS A 77 -18.35 -6.50 -27.24
N GLY A 78 -18.74 -5.33 -26.77
CA GLY A 78 -18.16 -4.80 -25.50
C GLY A 78 -16.72 -4.38 -25.77
N TYR A 79 -16.53 -3.42 -26.64
CA TYR A 79 -15.15 -2.96 -26.95
C TYR A 79 -15.01 -1.49 -26.49
N ILE A 80 -13.85 -0.90 -26.66
CA ILE A 80 -13.69 0.51 -26.22
C ILE A 80 -12.62 1.23 -27.05
N ASP A 81 -12.96 2.38 -27.58
CA ASP A 81 -11.96 3.15 -28.39
C ASP A 81 -11.35 4.24 -27.51
N LEU A 82 -10.15 4.69 -27.82
CA LEU A 82 -9.51 5.75 -26.97
C LEU A 82 -8.76 6.76 -27.84
N SER A 83 -8.45 7.91 -27.29
CA SER A 83 -7.71 8.95 -28.05
C SER A 83 -6.91 9.84 -27.10
N LYS A 84 -5.77 10.34 -27.52
CA LYS A 84 -4.96 11.21 -26.62
C LYS A 84 -5.12 12.68 -27.01
N ARG A 85 -5.53 12.96 -28.22
CA ARG A 85 -5.70 14.38 -28.65
C ARG A 85 -6.83 15.04 -27.86
N ARG A 86 -7.58 14.27 -27.11
CA ARG A 86 -8.69 14.86 -26.30
C ARG A 86 -8.36 14.75 -24.81
N VAL A 87 -7.12 14.57 -24.46
CA VAL A 87 -6.75 14.46 -23.02
C VAL A 87 -6.43 15.83 -22.44
N SER A 88 -7.28 16.33 -21.57
CA SER A 88 -7.00 17.65 -20.95
C SER A 88 -6.35 17.43 -19.57
N PRO A 89 -5.68 18.43 -19.10
CA PRO A 89 -5.01 18.31 -17.77
C PRO A 89 -6.05 18.22 -16.66
N GLU A 90 -7.17 18.87 -16.81
CA GLU A 90 -8.24 18.82 -15.75
C GLU A 90 -8.80 17.39 -15.63
N GLU A 91 -9.05 16.74 -16.73
CA GLU A 91 -9.62 15.36 -16.67
C GLU A 91 -8.50 14.35 -16.43
N ALA A 92 -7.30 14.65 -16.85
CA ALA A 92 -6.17 13.71 -16.62
C ALA A 92 -5.71 13.79 -15.18
N ILE A 93 -6.01 14.86 -14.53
CA ILE A 93 -5.62 15.03 -13.10
C ILE A 93 -6.71 14.45 -12.20
N LYS A 94 -7.94 14.80 -12.43
CA LYS A 94 -9.04 14.25 -11.58
C LYS A 94 -9.03 12.73 -11.69
N CYS A 95 -8.85 12.22 -12.88
CA CYS A 95 -8.81 10.74 -13.07
C CYS A 95 -7.50 10.17 -12.51
N GLU A 96 -6.40 10.82 -12.79
CA GLU A 96 -5.08 10.34 -12.27
C GLU A 96 -5.16 10.12 -10.76
N ASP A 97 -5.82 11.00 -10.05
CA ASP A 97 -5.93 10.85 -8.57
C ASP A 97 -6.88 9.69 -8.24
N LYS A 98 -8.08 9.74 -8.76
CA LYS A 98 -9.07 8.66 -8.48
C LYS A 98 -8.39 7.27 -8.58
N PHE A 99 -7.45 7.13 -9.47
CA PHE A 99 -6.75 5.82 -9.60
C PHE A 99 -5.59 5.75 -8.62
N THR A 100 -4.98 6.87 -8.32
CA THR A 100 -3.84 6.85 -7.35
C THR A 100 -4.30 6.17 -6.06
N LYS A 101 -5.40 6.61 -5.53
CA LYS A 101 -5.93 5.99 -4.28
C LYS A 101 -6.64 4.68 -4.60
N SER A 102 -7.44 4.68 -5.63
CA SER A 102 -8.17 3.43 -6.01
C SER A 102 -7.17 2.34 -6.41
N LYS A 103 -5.98 2.73 -6.82
CA LYS A 103 -4.96 1.71 -7.20
C LYS A 103 -4.23 1.23 -5.96
N THR A 104 -3.95 2.10 -5.04
CA THR A 104 -3.26 1.66 -3.80
C THR A 104 -4.21 0.75 -3.02
N VAL A 105 -5.43 1.20 -2.83
CA VAL A 105 -6.43 0.37 -2.09
C VAL A 105 -6.62 -0.97 -2.82
N TYR A 106 -6.70 -0.93 -4.12
CA TYR A 106 -6.87 -2.18 -4.89
C TYR A 106 -5.61 -3.03 -4.74
N SER A 107 -4.48 -2.44 -4.98
CA SER A 107 -3.19 -3.18 -4.84
C SER A 107 -3.08 -3.73 -3.42
N ILE A 108 -3.57 -2.99 -2.46
CA ILE A 108 -3.52 -3.47 -1.04
C ILE A 108 -4.36 -4.74 -0.93
N LEU A 109 -5.50 -4.78 -1.55
CA LEU A 109 -6.36 -5.99 -1.50
C LEU A 109 -5.61 -7.18 -2.11
N ARG A 110 -4.93 -6.94 -3.20
CA ARG A 110 -4.15 -8.03 -3.85
C ARG A 110 -3.16 -8.62 -2.85
N HIS A 111 -2.42 -7.78 -2.19
CA HIS A 111 -1.44 -8.28 -1.18
C HIS A 111 -2.19 -9.12 -0.14
N VAL A 112 -3.30 -8.63 0.35
CA VAL A 112 -4.09 -9.41 1.35
C VAL A 112 -4.35 -10.80 0.77
N ALA A 113 -4.56 -10.87 -0.51
CA ALA A 113 -4.79 -12.18 -1.16
C ALA A 113 -3.49 -12.98 -1.19
N GLU A 114 -2.41 -12.35 -1.57
CA GLU A 114 -1.11 -13.07 -1.60
C GLU A 114 -0.71 -13.48 -0.18
N VAL A 115 -1.29 -12.84 0.81
CA VAL A 115 -0.98 -13.18 2.22
C VAL A 115 -1.82 -14.38 2.65
N LEU A 116 -3.04 -14.46 2.21
CA LEU A 116 -3.91 -15.62 2.59
C LEU A 116 -3.80 -16.72 1.54
N GLU A 117 -2.82 -16.62 0.71
CA GLU A 117 -2.61 -17.64 -0.36
C GLU A 117 -3.80 -17.64 -1.32
N TYR A 118 -4.17 -16.50 -1.84
CA TYR A 118 -5.32 -16.43 -2.78
C TYR A 118 -4.88 -16.82 -4.19
N THR A 119 -4.67 -18.08 -4.43
CA THR A 119 -4.23 -18.52 -5.79
C THR A 119 -5.45 -18.86 -6.66
N LYS A 120 -6.55 -18.18 -6.46
CA LYS A 120 -7.76 -18.46 -7.28
C LYS A 120 -8.32 -17.16 -7.85
N ASP A 121 -8.25 -16.98 -9.15
CA ASP A 121 -8.78 -15.73 -9.77
C ASP A 121 -10.20 -15.45 -9.26
N GLU A 122 -10.99 -16.47 -9.07
CA GLU A 122 -12.37 -16.26 -8.56
C GLU A 122 -12.33 -15.63 -7.17
N GLN A 123 -11.35 -15.98 -6.38
CA GLN A 123 -11.26 -15.42 -5.00
C GLN A 123 -10.75 -13.97 -5.03
N LEU A 124 -9.54 -13.77 -5.47
CA LEU A 124 -8.98 -12.38 -5.52
C LEU A 124 -10.01 -11.40 -6.07
N GLU A 125 -10.66 -11.76 -7.15
CA GLU A 125 -11.70 -10.86 -7.73
C GLU A 125 -12.96 -10.87 -6.86
N SER A 126 -13.21 -11.97 -6.20
CA SER A 126 -14.42 -12.04 -5.32
C SER A 126 -14.25 -11.07 -4.15
N LEU A 127 -13.07 -11.03 -3.58
CA LEU A 127 -12.82 -10.09 -2.45
C LEU A 127 -12.90 -8.66 -2.97
N PHE A 128 -12.33 -8.41 -4.12
CA PHE A 128 -12.38 -7.04 -4.70
C PHE A 128 -13.83 -6.56 -4.78
N GLN A 129 -14.70 -7.42 -5.23
CA GLN A 129 -16.14 -7.05 -5.32
C GLN A 129 -16.77 -7.00 -3.93
N ARG A 130 -16.16 -7.66 -2.98
CA ARG A 130 -16.74 -7.66 -1.60
C ARG A 130 -16.19 -6.51 -0.75
N THR A 131 -15.30 -5.69 -1.24
CA THR A 131 -14.79 -4.58 -0.39
C THR A 131 -14.53 -3.32 -1.21
N ALA A 132 -13.40 -3.24 -1.86
CA ALA A 132 -13.08 -2.02 -2.68
C ALA A 132 -14.28 -1.60 -3.54
N TRP A 133 -15.04 -2.56 -4.01
CA TRP A 133 -16.21 -2.21 -4.87
C TRP A 133 -17.47 -2.07 -3.99
N VAL A 134 -17.44 -2.63 -2.81
CA VAL A 134 -18.62 -2.46 -1.90
C VAL A 134 -18.62 -1.01 -1.45
N PHE A 135 -17.48 -0.51 -1.08
CA PHE A 135 -17.39 0.91 -0.64
C PHE A 135 -17.53 1.80 -1.87
N ASP A 136 -16.76 1.52 -2.89
CA ASP A 136 -16.85 2.32 -4.14
C ASP A 136 -18.32 2.47 -4.56
N ASP A 137 -19.13 1.48 -4.24
CA ASP A 137 -20.58 1.57 -4.61
C ASP A 137 -21.38 2.20 -3.48
N LYS A 138 -20.83 2.16 -2.31
CA LYS A 138 -21.52 2.76 -1.14
C LYS A 138 -21.58 4.29 -1.26
N TYR A 139 -20.58 4.90 -1.83
CA TYR A 139 -20.59 6.38 -1.99
C TYR A 139 -20.59 6.76 -3.46
N LYS A 140 -21.05 5.87 -4.31
CA LYS A 140 -21.07 6.16 -5.78
C LYS A 140 -19.77 6.83 -6.21
N ARG A 141 -18.65 6.31 -5.75
CA ARG A 141 -17.33 6.92 -6.12
C ARG A 141 -16.45 5.85 -6.80
N PRO A 142 -15.81 6.25 -7.87
CA PRO A 142 -14.94 5.31 -8.64
C PRO A 142 -13.67 4.95 -7.85
N GLY A 143 -13.76 4.05 -6.91
CA GLY A 143 -12.56 3.65 -6.13
C GLY A 143 -12.33 4.59 -4.95
N TYR A 144 -12.43 5.87 -5.17
CA TYR A 144 -12.22 6.85 -4.06
C TYR A 144 -12.95 6.39 -2.79
N GLY A 145 -14.10 5.78 -2.95
CA GLY A 145 -14.86 5.30 -1.76
C GLY A 145 -14.06 4.18 -1.09
N ALA A 146 -13.56 3.25 -1.86
CA ALA A 146 -12.76 2.13 -1.28
C ALA A 146 -11.63 2.69 -0.42
N TYR A 147 -10.95 3.70 -0.90
CA TYR A 147 -9.82 4.28 -0.11
C TYR A 147 -10.36 4.94 1.18
N ASP A 148 -11.11 6.01 1.04
CA ASP A 148 -11.66 6.70 2.25
C ASP A 148 -12.30 5.69 3.21
N ALA A 149 -12.90 4.66 2.67
CA ALA A 149 -13.53 3.64 3.56
C ALA A 149 -12.42 2.89 4.30
N PHE A 150 -11.31 2.67 3.64
CA PHE A 150 -10.18 1.97 4.31
C PHE A 150 -9.41 2.94 5.20
N LYS A 151 -9.64 4.22 5.05
CA LYS A 151 -8.94 5.21 5.90
C LYS A 151 -9.73 5.46 7.19
N HIS A 152 -11.04 5.48 7.08
CA HIS A 152 -11.88 5.70 8.29
C HIS A 152 -12.15 4.38 9.01
N ALA A 153 -11.97 3.28 8.31
CA ALA A 153 -12.20 1.96 8.97
C ALA A 153 -11.19 1.73 10.10
N VAL A 154 -10.27 2.64 10.31
CA VAL A 154 -9.26 2.45 11.39
C VAL A 154 -9.87 2.84 12.75
N SER A 155 -10.79 3.77 12.76
CA SER A 155 -11.41 4.20 14.04
C SER A 155 -12.95 4.16 13.93
N ASP A 156 -13.47 3.76 12.81
CA ASP A 156 -14.95 3.71 12.66
C ASP A 156 -15.38 2.29 12.27
N PRO A 157 -15.52 1.46 13.28
CA PRO A 157 -15.91 0.04 13.05
C PRO A 157 -17.39 -0.06 12.63
N SER A 158 -18.11 1.02 12.65
CA SER A 158 -19.55 0.96 12.25
C SER A 158 -19.67 0.75 10.74
N ILE A 159 -18.61 1.00 10.01
CA ILE A 159 -18.67 0.82 8.52
C ILE A 159 -18.31 -0.64 8.15
N LEU A 160 -17.61 -1.33 9.02
CA LEU A 160 -17.24 -2.74 8.71
C LEU A 160 -17.45 -3.62 9.95
N ASP A 161 -18.40 -3.28 10.77
CA ASP A 161 -18.66 -4.09 11.99
C ASP A 161 -18.86 -5.56 11.62
N SER A 162 -19.45 -5.81 10.49
CA SER A 162 -19.69 -7.22 10.05
C SER A 162 -19.85 -7.27 8.53
N LEU A 163 -19.10 -6.46 7.82
CA LEU A 163 -19.21 -6.46 6.33
C LEU A 163 -18.71 -7.81 5.77
N ASP A 164 -19.36 -8.89 6.13
CA ASP A 164 -18.94 -10.23 5.63
C ASP A 164 -17.41 -10.37 5.69
N LEU A 165 -16.89 -10.74 6.82
CA LEU A 165 -15.40 -10.87 6.95
C LEU A 165 -15.04 -12.12 7.75
N ASN A 166 -14.11 -12.89 7.25
CA ASN A 166 -13.68 -14.11 7.99
C ASN A 166 -12.58 -13.73 8.97
N GLU A 167 -12.14 -14.64 9.79
CA GLU A 167 -11.05 -14.30 10.76
C GLU A 167 -9.76 -13.97 10.03
N ASP A 168 -9.70 -14.34 8.79
CA ASP A 168 -8.48 -14.07 7.98
C ASP A 168 -8.62 -12.73 7.24
N GLU A 169 -9.82 -12.38 6.85
CA GLU A 169 -10.01 -11.09 6.13
C GLU A 169 -10.04 -9.92 7.12
N ARG A 170 -10.64 -10.12 8.26
CA ARG A 170 -10.70 -9.03 9.28
C ARG A 170 -9.30 -8.75 9.82
N GLU A 171 -8.53 -9.77 10.08
CA GLU A 171 -7.14 -9.57 10.59
C GLU A 171 -6.25 -9.01 9.49
N VAL A 172 -6.35 -9.55 8.30
CA VAL A 172 -5.52 -9.05 7.18
C VAL A 172 -6.01 -7.66 6.74
N LEU A 173 -7.29 -7.41 6.88
CA LEU A 173 -7.84 -6.08 6.49
C LEU A 173 -7.36 -5.01 7.48
N ILE A 174 -7.40 -5.31 8.75
CA ILE A 174 -6.95 -4.31 9.76
C ILE A 174 -5.43 -4.14 9.69
N ASN A 175 -4.72 -5.19 9.35
CA ASN A 175 -3.25 -5.08 9.25
C ASN A 175 -2.87 -4.23 8.04
N ASN A 176 -3.58 -4.39 6.96
CA ASN A 176 -3.27 -3.59 5.74
C ASN A 176 -3.69 -2.13 5.94
N ILE A 177 -4.76 -1.90 6.67
CA ILE A 177 -5.21 -0.51 6.91
C ILE A 177 -4.23 0.21 7.86
N ASN A 178 -3.69 -0.51 8.80
CA ASN A 178 -2.73 0.13 9.75
C ASN A 178 -1.31 0.04 9.20
N ARG A 179 -1.02 -0.99 8.45
CA ARG A 179 0.34 -1.15 7.88
C ARG A 179 0.47 -0.34 6.58
N ARG A 180 -0.62 0.03 5.97
CA ARG A 180 -0.53 0.81 4.70
C ARG A 180 -1.12 2.22 4.88
N LEU A 181 -2.04 2.38 5.80
CA LEU A 181 -2.62 3.73 6.02
C LEU A 181 -3.05 3.90 7.48
N THR A 182 -2.12 3.76 8.39
CA THR A 182 -2.46 3.92 9.84
C THR A 182 -2.98 5.33 10.11
N PRO A 183 -3.96 5.43 10.98
CA PRO A 183 -4.54 6.76 11.30
C PRO A 183 -3.56 7.58 12.15
N GLN A 184 -3.65 7.53 13.45
CA GLN A 184 -2.72 8.30 14.30
C GLN A 184 -1.83 7.33 15.09
N ALA A 185 -0.54 7.53 15.04
CA ALA A 185 0.41 6.64 15.78
C ALA A 185 1.85 6.99 15.37
N VAL A 186 2.82 6.69 16.20
CA VAL A 186 4.23 7.03 15.84
C VAL A 186 5.03 5.77 15.50
N LYS A 187 6.07 5.91 14.72
CA LYS A 187 6.92 4.73 14.38
C LYS A 187 8.03 4.61 15.42
N ILE A 188 8.03 3.55 16.17
CA ILE A 188 9.06 3.40 17.23
C ILE A 188 9.99 2.22 16.96
N ARG A 189 11.20 2.28 17.45
CA ARG A 189 12.13 1.14 17.25
C ARG A 189 13.24 1.11 18.31
N ALA A 190 13.44 -0.03 18.91
CA ALA A 190 14.52 -0.18 19.92
C ALA A 190 15.28 -1.48 19.62
N ASP A 191 16.51 -1.61 20.04
CA ASP A 191 17.26 -2.87 19.74
C ASP A 191 17.32 -3.75 20.99
N ILE A 192 17.29 -5.04 20.82
CA ILE A 192 17.34 -5.94 22.00
C ILE A 192 18.10 -7.22 21.64
N GLU A 193 18.68 -7.86 22.61
CA GLU A 193 19.43 -9.11 22.33
C GLU A 193 18.93 -10.22 23.24
N VAL A 194 18.13 -11.11 22.73
CA VAL A 194 17.60 -12.22 23.57
C VAL A 194 18.34 -13.52 23.24
N ALA A 195 18.64 -14.31 24.23
CA ALA A 195 19.36 -15.58 23.97
C ALA A 195 19.18 -16.56 25.13
N CYS A 196 19.18 -17.83 24.85
CA CYS A 196 19.02 -18.84 25.94
C CYS A 196 20.27 -19.73 26.01
N TYR A 197 21.34 -19.30 25.40
CA TYR A 197 22.61 -20.10 25.42
C TYR A 197 22.32 -21.58 25.17
N GLY A 198 21.84 -21.91 24.00
CA GLY A 198 21.54 -23.34 23.70
C GLY A 198 20.34 -23.43 22.76
N TYR A 199 20.03 -24.62 22.31
CA TYR A 199 18.87 -24.81 21.38
C TYR A 199 17.61 -25.19 22.16
N GLU A 200 17.77 -25.85 23.27
CA GLU A 200 16.58 -26.26 24.07
C GLU A 200 15.90 -25.02 24.69
N GLY A 201 16.50 -23.88 24.54
CA GLY A 201 15.90 -22.63 25.11
C GLY A 201 15.17 -21.87 23.99
N ILE A 202 15.44 -22.20 22.75
CA ILE A 202 14.76 -21.48 21.61
C ILE A 202 13.26 -21.41 21.87
N ASP A 203 12.74 -22.36 22.59
CA ASP A 203 11.28 -22.35 22.91
C ASP A 203 10.97 -21.19 23.85
N ALA A 204 11.91 -20.85 24.69
CA ALA A 204 11.70 -19.70 25.62
C ALA A 204 12.06 -18.43 24.87
N VAL A 205 12.94 -18.55 23.91
CA VAL A 205 13.35 -17.38 23.10
C VAL A 205 12.19 -17.00 22.17
N LYS A 206 11.58 -17.98 21.56
CA LYS A 206 10.43 -17.69 20.65
C LYS A 206 9.25 -17.17 21.47
N GLU A 207 8.83 -17.92 22.47
CA GLU A 207 7.69 -17.45 23.32
C GLU A 207 7.94 -16.02 23.79
N ALA A 208 9.15 -15.73 24.18
CA ALA A 208 9.47 -14.34 24.65
C ALA A 208 9.13 -13.33 23.56
N LEU A 209 9.72 -13.47 22.40
CA LEU A 209 9.44 -12.51 21.30
C LEU A 209 7.92 -12.33 21.15
N ARG A 210 7.19 -13.40 21.17
CA ARG A 210 5.71 -13.29 21.05
C ARG A 210 5.16 -12.47 22.22
N ALA A 211 5.77 -12.59 23.37
CA ALA A 211 5.30 -11.81 24.55
C ALA A 211 5.52 -10.31 24.30
N GLY A 212 6.62 -9.97 23.67
CA GLY A 212 6.90 -8.53 23.39
C GLY A 212 6.01 -8.06 22.23
N LEU A 213 5.57 -8.98 21.40
CA LEU A 213 4.69 -8.59 20.27
C LEU A 213 3.23 -8.67 20.71
N ASN A 214 2.95 -9.47 21.69
CA ASN A 214 1.55 -9.60 22.18
C ASN A 214 1.29 -8.60 23.31
N CYS A 215 2.33 -8.04 23.87
CA CYS A 215 2.14 -7.05 24.97
C CYS A 215 1.55 -5.75 24.41
N SER A 216 1.71 -5.52 23.13
CA SER A 216 1.16 -4.28 22.52
C SER A 216 -0.34 -4.18 22.80
N THR A 217 -1.00 -3.19 22.27
CA THR A 217 -2.46 -3.05 22.50
C THR A 217 -3.18 -2.92 21.17
N GLU A 218 -4.46 -2.71 21.19
CA GLU A 218 -5.22 -2.57 19.91
C GLU A 218 -4.72 -1.34 19.16
N ASN A 219 -4.97 -1.29 17.87
CA ASN A 219 -4.51 -0.11 17.07
C ASN A 219 -3.01 0.14 17.25
N MET A 220 -2.26 -0.88 17.57
CA MET A 220 -0.79 -0.70 17.76
C MET A 220 -0.05 -1.95 17.25
N PRO A 221 0.23 -1.96 15.97
CA PRO A 221 0.93 -3.11 15.35
C PRO A 221 2.43 -3.07 15.68
N ILE A 222 2.93 -4.08 16.34
CA ILE A 222 4.40 -4.11 16.67
C ILE A 222 5.10 -5.20 15.85
N LYS A 223 6.37 -5.03 15.58
CA LYS A 223 7.12 -6.05 14.80
C LYS A 223 8.52 -6.24 15.40
N ILE A 224 8.82 -7.43 15.84
CA ILE A 224 10.17 -7.68 16.45
C ILE A 224 10.85 -8.83 15.72
N ASN A 225 11.95 -8.56 15.06
CA ASN A 225 12.67 -9.66 14.34
C ASN A 225 14.19 -9.47 14.46
N LEU A 226 14.96 -10.43 14.04
CA LEU A 226 16.43 -10.30 14.14
C LEU A 226 17.03 -9.88 12.80
N ILE A 227 17.75 -8.79 12.78
CA ILE A 227 18.37 -8.32 11.52
C ILE A 227 19.90 -8.51 11.62
N ALA A 228 20.37 -8.83 12.79
CA ALA A 228 21.82 -9.03 13.00
C ALA A 228 22.05 -9.94 14.20
N PRO A 229 23.21 -10.56 14.23
CA PRO A 229 23.55 -11.48 15.35
C PRO A 229 23.80 -10.74 16.69
N PRO A 230 24.31 -9.52 16.65
CA PRO A 230 24.58 -8.80 17.92
C PRO A 230 23.27 -8.34 18.59
N ARG A 231 22.19 -8.27 17.86
CA ARG A 231 20.92 -7.81 18.51
C ARG A 231 19.70 -8.03 17.59
N TYR A 232 18.53 -7.72 18.10
CA TYR A 232 17.28 -7.89 17.31
C TYR A 232 16.70 -6.51 16.97
N VAL A 233 15.59 -6.48 16.29
CA VAL A 233 14.95 -5.17 15.97
C VAL A 233 13.52 -5.15 16.50
N MET A 234 13.17 -4.19 17.32
CA MET A 234 11.79 -4.14 17.87
C MET A 234 11.16 -2.80 17.50
N THR A 235 10.15 -2.81 16.69
CA THR A 235 9.50 -1.53 16.30
C THR A 235 8.02 -1.56 16.64
N THR A 236 7.32 -0.51 16.38
CA THR A 236 5.86 -0.50 16.71
C THR A 236 5.23 0.82 16.28
N THR A 237 3.95 0.79 16.00
CA THR A 237 3.24 2.03 15.60
C THR A 237 2.27 2.43 16.72
N THR A 238 2.75 3.20 17.66
CA THR A 238 1.89 3.60 18.80
C THR A 238 1.94 5.12 19.00
N LEU A 239 0.82 5.77 18.97
CA LEU A 239 0.79 7.25 19.16
C LEU A 239 1.63 7.65 20.36
N GLU A 240 1.80 8.93 20.55
CA GLU A 240 2.62 9.42 21.71
C GLU A 240 4.03 8.84 21.61
N ARG A 241 5.02 9.60 22.00
CA ARG A 241 6.42 9.09 21.92
C ARG A 241 6.74 8.18 23.10
N THR A 242 6.33 8.56 24.28
CA THR A 242 6.61 7.71 25.48
C THR A 242 5.63 6.54 25.56
N GLU A 243 4.37 6.78 25.28
CA GLU A 243 3.35 5.68 25.36
C GLU A 243 3.78 4.51 24.48
N GLY A 244 4.29 4.79 23.31
CA GLY A 244 4.71 3.68 22.40
C GLY A 244 5.95 2.99 22.99
N LEU A 245 7.02 3.71 23.17
CA LEU A 245 8.24 3.08 23.75
C LEU A 245 7.86 2.45 25.09
N SER A 246 6.89 3.02 25.75
CA SER A 246 6.42 2.45 27.03
C SER A 246 5.88 1.05 26.81
N VAL A 247 5.16 0.85 25.72
CA VAL A 247 4.63 -0.52 25.44
C VAL A 247 5.83 -1.45 25.25
N LEU A 248 6.89 -0.94 24.67
CA LEU A 248 8.11 -1.77 24.47
C LEU A 248 8.75 -2.06 25.82
N SER A 249 9.01 -1.03 26.59
CA SER A 249 9.62 -1.24 27.94
C SER A 249 8.94 -2.42 28.65
N GLN A 250 7.64 -2.47 28.61
CA GLN A 250 6.92 -3.61 29.24
C GLN A 250 7.24 -4.89 28.48
N ALA A 251 7.29 -4.82 27.17
CA ALA A 251 7.59 -6.03 26.35
C ALA A 251 9.07 -6.40 26.48
N MET A 252 9.96 -5.53 26.06
CA MET A 252 11.42 -5.83 26.16
C MET A 252 11.76 -6.35 27.55
N ALA A 253 11.06 -5.92 28.55
CA ALA A 253 11.33 -6.41 29.93
C ALA A 253 10.57 -7.72 30.11
N VAL A 254 9.45 -7.84 29.45
CA VAL A 254 8.67 -9.10 29.52
C VAL A 254 9.54 -10.22 28.99
N ILE A 255 10.11 -10.03 27.82
CA ILE A 255 10.99 -11.09 27.25
C ILE A 255 12.19 -11.24 28.18
N LYS A 256 12.71 -10.16 28.68
CA LYS A 256 13.84 -10.27 29.65
C LYS A 256 13.41 -11.25 30.74
N GLU A 257 12.12 -11.33 30.97
CA GLU A 257 11.59 -12.29 31.96
C GLU A 257 11.31 -13.63 31.26
N LYS A 258 10.85 -13.56 30.03
CA LYS A 258 10.57 -14.83 29.28
C LYS A 258 11.90 -15.45 28.84
N ILE A 259 12.99 -14.78 29.06
CA ILE A 259 14.31 -15.32 28.67
C ILE A 259 15.14 -15.60 29.94
N GLU A 260 14.88 -14.88 31.00
CA GLU A 260 15.63 -15.12 32.27
C GLU A 260 15.05 -16.33 32.99
N GLU A 261 13.78 -16.60 32.80
CA GLU A 261 13.16 -17.78 33.47
C GLU A 261 13.72 -19.07 32.87
N LYS A 262 14.37 -18.99 31.74
CA LYS A 262 14.94 -20.21 31.11
C LYS A 262 16.45 -20.08 30.95
N ARG A 263 17.11 -19.47 31.90
CA ARG A 263 18.59 -19.32 31.82
C ARG A 263 18.99 -18.69 30.49
N GLY A 264 18.46 -17.53 30.19
CA GLY A 264 18.81 -16.87 28.91
C GLY A 264 19.40 -15.48 29.20
N VAL A 265 19.33 -14.58 28.26
CA VAL A 265 19.90 -13.22 28.50
C VAL A 265 19.20 -12.17 27.61
N PHE A 266 19.16 -10.94 28.04
CA PHE A 266 18.53 -9.86 27.23
C PHE A 266 19.47 -8.66 27.17
N ASN A 267 19.49 -7.94 26.07
CA ASN A 267 20.41 -6.75 25.97
C ASN A 267 19.87 -5.71 24.98
N VAL A 268 19.67 -4.49 25.43
CA VAL A 268 19.18 -3.42 24.53
C VAL A 268 20.36 -2.84 23.73
N GLN A 269 20.14 -2.28 22.57
CA GLN A 269 21.28 -1.74 21.79
C GLN A 269 21.03 -0.30 21.30
N MET A 270 19.79 0.12 21.21
CA MET A 270 19.52 1.50 20.73
C MET A 270 18.36 2.12 21.51
N GLU A 271 18.03 1.54 22.64
CA GLU A 271 16.90 2.08 23.46
C GLU A 271 15.66 2.32 22.60
N PRO A 272 14.61 2.76 23.24
CA PRO A 272 13.35 3.05 22.53
C PRO A 272 13.48 4.35 21.73
N LYS A 273 13.28 4.29 20.44
CA LYS A 273 13.42 5.52 19.60
C LYS A 273 12.16 5.74 18.75
N VAL A 274 11.40 6.77 19.05
CA VAL A 274 10.17 7.06 18.26
C VAL A 274 10.52 7.86 17.00
N VAL A 275 9.73 7.75 15.98
CA VAL A 275 10.01 8.52 14.73
C VAL A 275 9.02 9.68 14.62
N THR A 276 9.28 10.63 13.76
CA THR A 276 8.34 11.79 13.63
C THR A 276 7.83 11.89 12.19
N ASP A 277 7.34 13.03 11.81
CA ASP A 277 6.83 13.21 10.41
C ASP A 277 7.84 14.01 9.59
N THR A 278 8.03 15.25 9.93
CA THR A 278 9.01 16.10 9.16
C THR A 278 10.40 16.02 9.81
N ASP A 279 10.46 15.62 11.06
CA ASP A 279 11.78 15.53 11.75
C ASP A 279 12.54 14.27 11.33
N GLU A 280 11.84 13.30 10.76
CA GLU A 280 12.52 12.04 10.34
C GLU A 280 13.80 12.36 9.56
N THR A 281 13.69 13.02 8.44
CA THR A 281 14.90 13.35 7.65
C THR A 281 15.77 14.36 8.42
N GLU A 282 15.24 14.96 9.46
CA GLU A 282 16.04 15.94 10.24
C GLU A 282 17.07 15.20 11.11
N LEU A 283 16.86 13.94 11.36
CA LEU A 283 17.83 13.17 12.18
C LEU A 283 18.94 12.61 11.29
N ALA A 284 18.67 12.45 10.03
CA ALA A 284 19.70 11.90 9.09
C ALA A 284 20.58 13.04 8.57
N ARG A 285 20.05 14.24 8.52
CA ARG A 285 20.85 15.40 8.01
C ARG A 285 21.71 16.00 9.12
N GLN A 286 21.38 15.72 10.36
CA GLN A 286 22.19 16.29 11.48
C GLN A 286 23.29 15.30 11.88
N MET A 287 22.94 14.18 12.44
CA MET A 287 23.98 13.18 12.84
C MET A 287 24.83 12.80 11.62
N GLU A 288 25.99 13.37 11.47
CA GLU A 288 26.86 13.03 10.32
C GLU A 288 28.30 13.49 10.57
N ARG A 289 28.66 14.68 10.16
CA ARG A 289 30.06 15.15 10.40
C ARG A 289 30.24 15.58 11.86
N LEU A 290 29.17 15.62 12.62
CA LEU A 290 29.29 16.02 14.04
C LEU A 290 29.43 14.78 14.93
N GLU A 291 30.01 13.73 14.42
CA GLU A 291 30.17 12.49 15.24
C GLU A 291 31.35 12.67 16.21
N ARG A 292 32.05 13.78 16.14
CA ARG A 292 33.19 14.01 17.06
C ARG A 292 32.76 14.95 18.21
N GLU A 293 31.59 15.53 18.12
CA GLU A 293 31.11 16.46 19.19
C GLU A 293 32.09 17.60 19.42
N ASN A 294 32.82 18.00 18.41
CA ASN A 294 33.80 19.11 18.59
C ASN A 294 33.06 20.41 18.93
N ALA A 295 33.29 20.94 20.10
CA ALA A 295 32.62 22.21 20.50
C ALA A 295 33.11 22.63 21.90
N GLU A 296 32.66 21.95 22.92
CA GLU A 296 33.10 22.30 24.31
C GLU A 296 34.62 22.12 24.42
N VAL A 297 35.23 22.72 25.41
CA VAL A 297 36.71 22.59 25.56
C VAL A 297 37.06 21.28 26.26
N ASP A 298 37.94 20.51 25.67
CA ASP A 298 38.35 19.22 26.29
C ASP A 298 39.35 19.50 27.43
N GLY A 299 39.09 19.00 28.61
CA GLY A 299 40.02 19.26 29.73
C GLY A 299 40.00 18.07 30.72
N ASP A 300 41.08 17.36 30.82
CA ASP A 300 41.11 16.20 31.77
C ASP A 300 40.93 16.69 33.20
N MET A 1 19.89 6.27 -13.20
CA MET A 1 19.13 6.34 -14.49
C MET A 1 18.43 7.71 -14.59
N SER A 2 17.20 7.72 -15.03
CA SER A 2 16.46 9.01 -15.15
C SER A 2 14.94 8.76 -15.21
N CYS A 3 14.50 7.65 -14.67
CA CYS A 3 13.03 7.33 -14.70
C CYS A 3 12.22 8.51 -14.16
N ARG A 4 12.69 9.11 -13.10
CA ARG A 4 11.96 10.27 -12.49
C ARG A 4 10.61 9.83 -11.93
N PHE A 5 10.26 10.31 -10.77
CA PHE A 5 8.95 9.93 -10.16
C PHE A 5 7.87 10.93 -10.57
N TYR A 6 8.16 11.79 -11.52
CA TYR A 6 7.15 12.79 -11.94
C TYR A 6 7.66 13.64 -13.09
N GLN A 7 6.76 14.24 -13.83
CA GLN A 7 7.18 15.12 -14.97
C GLN A 7 7.99 16.33 -14.46
N HIS A 8 8.20 16.45 -13.18
CA HIS A 8 8.98 17.61 -12.61
C HIS A 8 8.10 18.87 -12.59
N LYS A 9 7.55 19.20 -11.44
CA LYS A 9 6.70 20.42 -11.33
C LYS A 9 6.13 20.52 -9.91
N PHE A 10 6.90 21.03 -8.98
CA PHE A 10 6.43 21.15 -7.57
C PHE A 10 6.36 22.62 -7.16
N PRO A 11 5.68 22.87 -6.06
CA PRO A 11 5.53 24.26 -5.54
C PRO A 11 6.86 24.75 -4.96
N GLU A 12 6.82 25.75 -4.14
CA GLU A 12 8.08 26.28 -3.54
C GLU A 12 7.98 26.27 -2.01
N VAL A 13 8.86 25.57 -1.36
CA VAL A 13 8.87 25.51 0.13
C VAL A 13 7.63 24.77 0.65
N GLU A 14 7.52 23.51 0.34
CA GLU A 14 6.34 22.72 0.81
C GLU A 14 6.51 21.23 0.47
N ASP A 15 7.72 20.76 0.34
CA ASP A 15 7.92 19.32 0.00
C ASP A 15 8.56 18.57 1.18
N VAL A 16 7.79 17.77 1.87
CA VAL A 16 8.36 17.00 3.02
C VAL A 16 8.51 15.53 2.62
N VAL A 17 9.72 15.07 2.45
CA VAL A 17 9.90 13.64 2.04
C VAL A 17 11.20 13.06 2.62
N MET A 18 11.52 11.86 2.25
CA MET A 18 12.78 11.23 2.78
C MET A 18 13.88 11.28 1.71
N VAL A 19 15.03 11.74 2.08
CA VAL A 19 16.15 11.82 1.08
C VAL A 19 17.36 11.02 1.56
N ASN A 20 18.27 10.70 0.67
CA ASN A 20 19.47 9.93 1.09
C ASN A 20 20.72 10.81 0.93
N VAL A 21 21.51 10.95 1.97
CA VAL A 21 22.73 11.80 1.90
C VAL A 21 23.52 11.48 0.62
N ARG A 22 24.11 12.49 0.04
CA ARG A 22 24.90 12.26 -1.21
C ARG A 22 26.31 12.85 -1.04
N SER A 23 26.41 14.14 -0.88
CA SER A 23 27.75 14.76 -0.70
C SER A 23 27.76 15.62 0.56
N ILE A 24 28.54 15.26 1.53
CA ILE A 24 28.60 16.07 2.79
C ILE A 24 29.32 17.39 2.51
N GLN A 25 28.91 18.45 3.14
CA GLN A 25 29.59 19.76 2.89
C GLN A 25 29.96 20.44 4.22
N GLU A 26 31.02 21.19 4.23
CA GLU A 26 31.45 21.88 5.49
C GLU A 26 30.50 23.04 5.78
N MET A 27 29.88 23.60 4.77
CA MET A 27 28.94 24.74 5.00
C MET A 27 27.51 24.32 4.64
N GLY A 28 27.23 23.06 4.74
CA GLY A 28 25.87 22.56 4.40
C GLY A 28 25.94 21.05 4.19
N ALA A 29 24.88 20.44 3.75
CA ALA A 29 24.94 18.96 3.51
C ALA A 29 24.21 18.63 2.22
N TYR A 30 24.87 17.98 1.29
CA TYR A 30 24.19 17.64 0.02
C TYR A 30 23.53 16.27 0.13
N VAL A 31 22.30 16.17 -0.32
CA VAL A 31 21.60 14.86 -0.21
C VAL A 31 21.13 14.39 -1.60
N SER A 32 20.42 13.30 -1.64
CA SER A 32 19.92 12.78 -2.94
C SER A 32 18.84 11.74 -2.70
N LEU A 33 17.61 12.09 -2.95
CA LEU A 33 16.48 11.14 -2.71
C LEU A 33 16.76 9.79 -3.40
N LEU A 34 16.47 9.69 -4.66
CA LEU A 34 16.70 8.40 -5.39
C LEU A 34 17.05 8.69 -6.85
N GLU A 35 17.49 9.88 -7.14
CA GLU A 35 17.88 10.25 -8.54
C GLU A 35 16.66 10.27 -9.47
N TYR A 36 15.47 10.15 -8.95
CA TYR A 36 14.27 10.16 -9.85
C TYR A 36 13.24 11.19 -9.37
N ASN A 37 12.76 11.06 -8.17
CA ASN A 37 11.74 12.03 -7.66
C ASN A 37 12.41 13.39 -7.37
N ASN A 38 13.07 13.50 -6.25
CA ASN A 38 13.73 14.79 -5.91
C ASN A 38 15.18 14.81 -6.41
N ILE A 39 15.75 13.66 -6.66
CA ILE A 39 17.17 13.63 -7.15
C ILE A 39 18.09 14.23 -6.07
N GLU A 40 19.12 14.92 -6.46
CA GLU A 40 20.06 15.52 -5.46
C GLU A 40 19.36 16.67 -4.73
N GLY A 41 20.02 17.26 -3.77
CA GLY A 41 19.39 18.40 -3.03
C GLY A 41 20.41 19.02 -2.07
N MET A 42 20.05 20.10 -1.43
CA MET A 42 20.99 20.76 -0.48
C MET A 42 20.25 21.11 0.81
N ILE A 43 20.77 20.69 1.93
CA ILE A 43 20.12 21.01 3.23
C ILE A 43 20.97 22.04 3.97
N HIS A 44 20.37 22.77 4.88
CA HIS A 44 21.15 23.80 5.63
C HIS A 44 21.65 23.24 6.96
N LEU A 45 22.94 23.09 7.09
CA LEU A 45 23.52 22.56 8.36
C LEU A 45 23.11 23.45 9.53
N SER A 46 22.72 24.67 9.23
CA SER A 46 22.28 25.60 10.32
C SER A 46 20.98 25.09 10.96
N GLU A 47 20.39 24.07 10.39
CA GLU A 47 19.14 23.50 10.95
C GLU A 47 19.24 21.98 10.94
N LEU A 48 20.43 21.47 10.74
CA LEU A 48 20.61 20.00 10.69
C LEU A 48 21.24 19.50 12.00
N SER A 49 22.06 20.31 12.61
CA SER A 49 22.70 19.88 13.89
C SER A 49 22.24 20.77 15.06
N ARG A 50 23.13 21.16 15.93
CA ARG A 50 22.72 22.02 17.08
C ARG A 50 23.94 22.72 17.68
N ARG A 51 23.93 24.03 17.74
CA ARG A 51 25.09 24.76 18.32
C ARG A 51 26.37 24.41 17.57
N ARG A 52 27.50 24.49 18.22
CA ARG A 52 28.80 24.16 17.54
C ARG A 52 28.72 22.77 16.90
N ILE A 53 29.51 22.52 15.89
CA ILE A 53 29.49 21.19 15.22
C ILE A 53 30.86 20.91 14.59
N ARG A 54 31.40 19.74 14.81
CA ARG A 54 32.72 19.40 14.21
C ARG A 54 32.64 18.08 13.45
N SER A 55 31.48 17.51 13.32
CA SER A 55 31.36 16.22 12.59
C SER A 55 29.89 15.85 12.33
N ILE A 56 29.33 16.33 11.25
CA ILE A 56 27.90 15.99 10.93
C ILE A 56 27.81 14.50 10.56
N ASN A 57 28.92 13.84 10.38
CA ASN A 57 28.91 12.40 10.01
C ASN A 57 28.07 11.58 11.01
N LYS A 58 27.81 12.11 12.17
CA LYS A 58 27.00 11.35 13.18
C LYS A 58 25.49 11.56 12.92
N LEU A 59 25.14 12.02 11.75
CA LEU A 59 23.69 12.25 11.45
C LEU A 59 23.23 11.30 10.33
N ILE A 60 23.70 11.51 9.13
CA ILE A 60 23.31 10.63 8.00
C ILE A 60 24.41 10.68 6.93
N ARG A 61 24.84 9.54 6.45
CA ARG A 61 25.91 9.53 5.41
C ARG A 61 25.43 8.81 4.17
N ILE A 62 26.08 9.03 3.05
CA ILE A 62 25.67 8.35 1.78
C ILE A 62 25.30 6.90 2.03
N GLY A 63 24.03 6.62 2.22
CA GLY A 63 23.60 5.22 2.49
C GLY A 63 22.49 5.23 3.53
N ARG A 64 22.34 6.31 4.26
CA ARG A 64 21.28 6.38 5.30
C ARG A 64 20.21 7.41 4.90
N ASN A 65 19.04 6.94 4.57
CA ASN A 65 17.94 7.88 4.18
C ASN A 65 17.37 8.57 5.43
N GLU A 66 16.74 9.70 5.28
CA GLU A 66 16.16 10.40 6.46
C GLU A 66 15.00 11.29 6.05
N CYS A 67 14.12 11.60 6.96
CA CYS A 67 12.95 12.47 6.62
C CYS A 67 13.33 13.95 6.77
N VAL A 68 13.12 14.74 5.75
CA VAL A 68 13.44 16.19 5.83
C VAL A 68 12.37 17.00 5.10
N LYS A 69 12.32 18.29 5.32
CA LYS A 69 11.29 19.12 4.63
C LYS A 69 11.96 20.22 3.80
N VAL A 70 11.58 20.35 2.56
CA VAL A 70 12.20 21.40 1.70
C VAL A 70 11.90 22.79 2.28
N ILE A 71 12.80 23.73 2.10
CA ILE A 71 12.55 25.10 2.65
C ILE A 71 12.56 26.13 1.51
N ARG A 72 13.15 25.82 0.39
CA ARG A 72 13.18 26.81 -0.74
C ARG A 72 13.86 26.21 -1.98
N VAL A 73 13.26 26.35 -3.13
CA VAL A 73 13.89 25.81 -4.38
C VAL A 73 14.35 26.97 -5.26
N ASP A 74 15.10 26.67 -6.27
CA ASP A 74 15.59 27.75 -7.19
C ASP A 74 14.91 27.60 -8.55
N LYS A 75 14.05 28.52 -8.89
CA LYS A 75 13.35 28.46 -10.21
C LYS A 75 14.23 29.02 -11.32
N GLU A 76 15.37 29.53 -10.96
CA GLU A 76 16.29 30.09 -11.99
C GLU A 76 17.12 28.95 -12.59
N LYS A 77 17.22 27.86 -11.90
CA LYS A 77 18.00 26.70 -12.42
C LYS A 77 17.29 25.38 -12.05
N GLY A 78 16.70 25.33 -10.89
CA GLY A 78 15.98 24.09 -10.47
C GLY A 78 16.70 23.46 -9.27
N TYR A 79 16.70 24.12 -8.15
CA TYR A 79 17.39 23.54 -6.95
C TYR A 79 16.37 23.36 -5.82
N ILE A 80 16.70 22.59 -4.82
CA ILE A 80 15.75 22.37 -3.70
C ILE A 80 16.49 22.39 -2.37
N ASP A 81 16.13 23.31 -1.50
CA ASP A 81 16.81 23.39 -0.17
C ASP A 81 16.13 22.45 0.81
N LEU A 82 16.83 21.96 1.79
CA LEU A 82 16.20 21.03 2.77
C LEU A 82 16.32 21.58 4.19
N SER A 83 15.37 21.29 5.02
CA SER A 83 15.40 21.78 6.44
C SER A 83 14.92 20.68 7.39
N LYS A 84 15.72 20.33 8.36
CA LYS A 84 15.31 19.25 9.31
C LYS A 84 14.56 19.84 10.51
N ARG A 85 14.54 21.14 10.64
CA ARG A 85 13.83 21.76 11.80
C ARG A 85 12.33 21.87 11.52
N ARG A 86 11.92 21.68 10.30
CA ARG A 86 10.45 21.78 9.99
C ARG A 86 9.93 20.44 9.45
N VAL A 87 10.58 19.36 9.76
CA VAL A 87 10.11 18.03 9.26
C VAL A 87 9.15 17.39 10.29
N SER A 88 7.88 17.40 10.00
CA SER A 88 6.90 16.81 10.95
C SER A 88 6.61 15.35 10.57
N PRO A 89 6.20 14.57 11.54
CA PRO A 89 5.89 13.14 11.28
C PRO A 89 4.62 13.02 10.45
N GLU A 90 3.68 13.90 10.66
CA GLU A 90 2.41 13.83 9.87
C GLU A 90 2.71 14.10 8.40
N GLU A 91 3.58 15.03 8.12
CA GLU A 91 3.92 15.35 6.71
C GLU A 91 4.81 14.27 6.12
N ALA A 92 5.72 13.73 6.91
CA ALA A 92 6.62 12.67 6.38
C ALA A 92 5.85 11.37 6.16
N ILE A 93 4.74 11.25 6.82
CA ILE A 93 3.89 10.03 6.66
C ILE A 93 3.02 10.19 5.41
N LYS A 94 2.45 11.35 5.22
CA LYS A 94 1.60 11.59 4.02
C LYS A 94 2.45 11.36 2.76
N CYS A 95 3.63 11.92 2.73
CA CYS A 95 4.51 11.74 1.54
C CYS A 95 5.06 10.32 1.52
N GLU A 96 5.29 9.73 2.67
CA GLU A 96 5.80 8.33 2.69
C GLU A 96 4.82 7.45 1.90
N ASP A 97 3.55 7.68 2.08
CA ASP A 97 2.53 6.89 1.33
C ASP A 97 2.55 7.31 -0.14
N LYS A 98 2.64 8.60 -0.39
CA LYS A 98 2.70 9.10 -1.80
C LYS A 98 3.73 8.30 -2.60
N PHE A 99 4.88 8.01 -2.03
CA PHE A 99 5.88 7.22 -2.77
C PHE A 99 5.46 5.76 -2.80
N THR A 100 4.92 5.25 -1.72
CA THR A 100 4.46 3.84 -1.72
C THR A 100 3.59 3.59 -2.95
N LYS A 101 2.65 4.44 -3.18
CA LYS A 101 1.76 4.30 -4.37
C LYS A 101 2.52 4.78 -5.61
N SER A 102 3.20 5.89 -5.51
CA SER A 102 3.97 6.40 -6.69
C SER A 102 5.04 5.38 -7.06
N LYS A 103 5.38 4.49 -6.17
CA LYS A 103 6.42 3.45 -6.47
C LYS A 103 5.74 2.27 -7.16
N THR A 104 4.58 1.90 -6.69
CA THR A 104 3.85 0.77 -7.32
C THR A 104 3.51 1.15 -8.77
N VAL A 105 2.95 2.31 -8.95
CA VAL A 105 2.61 2.80 -10.31
C VAL A 105 3.89 3.01 -11.10
N TYR A 106 4.87 3.56 -10.45
CA TYR A 106 6.18 3.80 -11.10
C TYR A 106 6.75 2.48 -11.60
N SER A 107 6.88 1.52 -10.73
CA SER A 107 7.42 0.19 -11.14
C SER A 107 6.45 -0.49 -12.10
N ILE A 108 5.17 -0.28 -11.92
CA ILE A 108 4.18 -0.91 -12.85
C ILE A 108 4.53 -0.50 -14.28
N LEU A 109 4.94 0.71 -14.47
CA LEU A 109 5.31 1.17 -15.84
C LEU A 109 6.65 0.54 -16.24
N ARG A 110 7.58 0.44 -15.32
CA ARG A 110 8.89 -0.19 -15.66
C ARG A 110 8.67 -1.60 -16.22
N HIS A 111 8.01 -2.44 -15.47
CA HIS A 111 7.74 -3.83 -15.94
C HIS A 111 6.94 -3.78 -17.23
N VAL A 112 5.89 -3.00 -17.26
CA VAL A 112 5.07 -2.88 -18.51
C VAL A 112 6.00 -2.57 -19.69
N ALA A 113 6.97 -1.73 -19.45
CA ALA A 113 7.94 -1.38 -20.52
C ALA A 113 8.89 -2.57 -20.76
N GLU A 114 9.28 -3.25 -19.71
CA GLU A 114 10.19 -4.42 -19.89
C GLU A 114 9.48 -5.52 -20.69
N VAL A 115 8.17 -5.43 -20.78
CA VAL A 115 7.41 -6.45 -21.55
C VAL A 115 7.22 -5.97 -23.00
N LEU A 116 7.04 -4.69 -23.19
CA LEU A 116 6.83 -4.16 -24.56
C LEU A 116 8.16 -3.84 -25.23
N GLU A 117 9.24 -4.23 -24.60
CA GLU A 117 10.61 -3.97 -25.15
C GLU A 117 10.98 -2.49 -25.01
N TYR A 118 10.62 -1.89 -23.90
CA TYR A 118 10.95 -0.46 -23.68
C TYR A 118 12.31 -0.35 -22.99
N THR A 119 13.37 -0.75 -23.63
CA THR A 119 14.73 -0.67 -23.00
C THR A 119 15.40 0.66 -23.33
N LYS A 120 14.61 1.69 -23.53
CA LYS A 120 15.19 3.03 -23.86
C LYS A 120 14.88 4.01 -22.74
N ASP A 121 15.87 4.68 -22.22
CA ASP A 121 15.63 5.67 -21.11
C ASP A 121 14.44 6.57 -21.45
N GLU A 122 14.41 7.07 -22.65
CA GLU A 122 13.27 7.95 -23.07
C GLU A 122 11.98 7.14 -23.18
N GLN A 123 12.08 5.86 -23.35
CA GLN A 123 10.85 5.01 -23.46
C GLN A 123 10.14 4.91 -22.11
N LEU A 124 10.83 4.43 -21.10
CA LEU A 124 10.19 4.32 -19.77
C LEU A 124 9.77 5.70 -19.26
N GLU A 125 10.61 6.69 -19.44
CA GLU A 125 10.26 8.07 -18.99
C GLU A 125 9.09 8.61 -19.81
N SER A 126 8.96 8.16 -21.04
CA SER A 126 7.83 8.64 -21.89
C SER A 126 6.53 8.10 -21.34
N LEU A 127 6.52 6.84 -20.95
CA LEU A 127 5.27 6.27 -20.38
C LEU A 127 4.94 7.00 -19.09
N PHE A 128 5.92 7.15 -18.24
CA PHE A 128 5.71 7.89 -16.96
C PHE A 128 4.98 9.21 -17.22
N GLN A 129 5.42 9.94 -18.22
CA GLN A 129 4.76 11.23 -18.55
C GLN A 129 3.42 10.97 -19.25
N ARG A 130 3.25 9.79 -19.79
CA ARG A 130 1.97 9.48 -20.51
C ARG A 130 0.98 8.76 -19.57
N THR A 131 1.25 8.72 -18.29
CA THR A 131 0.30 8.02 -17.37
C THR A 131 0.51 8.47 -15.93
N ALA A 132 1.49 7.92 -15.26
CA ALA A 132 1.74 8.30 -13.82
C ALA A 132 1.70 9.82 -13.67
N TRP A 133 2.26 10.54 -14.61
CA TRP A 133 2.26 12.02 -14.49
C TRP A 133 0.98 12.60 -15.10
N VAL A 134 0.40 11.92 -16.04
CA VAL A 134 -0.86 12.43 -16.66
C VAL A 134 -1.97 12.40 -15.60
N PHE A 135 -2.10 11.31 -14.91
CA PHE A 135 -3.14 11.22 -13.84
C PHE A 135 -2.71 12.10 -12.67
N ASP A 136 -1.45 12.05 -12.32
CA ASP A 136 -0.97 12.91 -11.20
C ASP A 136 -1.34 14.36 -11.50
N ASP A 137 -1.42 14.70 -12.76
CA ASP A 137 -1.81 16.10 -13.14
C ASP A 137 -3.32 16.18 -13.27
N LYS A 138 -3.94 15.06 -13.44
CA LYS A 138 -5.42 15.02 -13.57
C LYS A 138 -6.05 15.48 -12.26
N TYR A 139 -5.51 15.06 -11.15
CA TYR A 139 -6.07 15.49 -9.83
C TYR A 139 -5.07 16.38 -9.10
N LYS A 140 -4.20 17.03 -9.83
CA LYS A 140 -3.17 17.91 -9.19
C LYS A 140 -2.50 17.16 -8.02
N ARG A 141 -2.02 15.98 -8.28
CA ARG A 141 -1.37 15.19 -7.19
C ARG A 141 0.06 14.81 -7.56
N PRO A 142 0.87 14.61 -6.55
CA PRO A 142 2.29 14.25 -6.78
C PRO A 142 2.45 12.73 -7.01
N GLY A 143 1.38 11.98 -6.93
CA GLY A 143 1.51 10.50 -7.15
C GLY A 143 0.17 9.82 -6.89
N TYR A 144 -0.45 10.11 -5.78
CA TYR A 144 -1.77 9.47 -5.44
C TYR A 144 -2.71 9.50 -6.64
N GLY A 145 -2.76 10.59 -7.35
CA GLY A 145 -3.67 10.68 -8.54
C GLY A 145 -3.32 9.56 -9.51
N ALA A 146 -2.06 9.39 -9.82
CA ALA A 146 -1.65 8.31 -10.76
C ALA A 146 -2.11 6.95 -10.23
N TYR A 147 -1.91 6.71 -8.97
CA TYR A 147 -2.33 5.40 -8.38
C TYR A 147 -3.85 5.29 -8.38
N ASP A 148 -4.52 6.12 -7.61
CA ASP A 148 -6.02 6.07 -7.55
C ASP A 148 -6.59 5.92 -8.97
N ALA A 149 -6.11 6.71 -9.88
CA ALA A 149 -6.59 6.61 -11.29
C ALA A 149 -6.41 5.19 -11.79
N PHE A 150 -5.30 4.57 -11.47
CA PHE A 150 -5.07 3.17 -11.93
C PHE A 150 -5.90 2.20 -11.09
N LYS A 151 -6.46 2.67 -10.00
CA LYS A 151 -7.29 1.78 -9.14
C LYS A 151 -8.75 1.81 -9.63
N HIS A 152 -9.17 2.90 -10.18
CA HIS A 152 -10.58 2.99 -10.70
C HIS A 152 -10.60 2.73 -12.20
N ALA A 153 -9.46 2.76 -12.84
CA ALA A 153 -9.41 2.50 -14.32
C ALA A 153 -9.61 1.00 -14.59
N VAL A 154 -9.76 0.21 -13.57
CA VAL A 154 -9.95 -1.25 -13.77
C VAL A 154 -11.44 -1.57 -13.96
N SER A 155 -12.30 -0.84 -13.30
CA SER A 155 -13.76 -1.10 -13.43
C SER A 155 -14.44 0.08 -14.16
N ASP A 156 -13.80 1.21 -14.19
CA ASP A 156 -14.40 2.39 -14.87
C ASP A 156 -13.57 2.74 -16.12
N PRO A 157 -13.93 2.13 -17.22
CA PRO A 157 -13.20 2.37 -18.49
C PRO A 157 -13.54 3.76 -19.08
N SER A 158 -14.43 4.48 -18.46
CA SER A 158 -14.77 5.83 -19.00
C SER A 158 -13.63 6.81 -18.73
N ILE A 159 -12.80 6.50 -17.77
CA ILE A 159 -11.65 7.41 -17.45
C ILE A 159 -10.49 7.14 -18.41
N LEU A 160 -10.46 5.99 -19.04
CA LEU A 160 -9.34 5.67 -19.99
C LEU A 160 -9.70 6.15 -21.41
N ASP A 161 -10.76 6.88 -21.55
CA ASP A 161 -11.14 7.38 -22.92
C ASP A 161 -10.15 8.44 -23.39
N SER A 162 -9.55 9.14 -22.47
CA SER A 162 -8.56 10.20 -22.86
C SER A 162 -7.18 9.60 -23.11
N LEU A 163 -7.04 8.29 -23.02
CA LEU A 163 -5.70 7.68 -23.24
C LEU A 163 -5.60 7.05 -24.64
N ASP A 164 -5.32 7.86 -25.63
CA ASP A 164 -5.19 7.31 -27.02
C ASP A 164 -4.07 6.27 -27.06
N LEU A 165 -4.37 5.02 -26.83
CA LEU A 165 -3.31 3.97 -26.86
C LEU A 165 -3.58 2.98 -27.99
N ASN A 166 -2.69 2.06 -28.22
CA ASN A 166 -2.89 1.06 -29.31
C ASN A 166 -3.22 -0.31 -28.71
N GLU A 167 -3.81 -0.31 -27.54
CA GLU A 167 -4.14 -1.61 -26.86
C GLU A 167 -2.85 -2.32 -26.46
N ASP A 168 -1.75 -1.64 -26.55
CA ASP A 168 -0.44 -2.24 -26.16
C ASP A 168 -0.15 -1.86 -24.70
N GLU A 169 -0.05 -0.59 -24.43
CA GLU A 169 0.23 -0.15 -23.03
C GLU A 169 -1.07 -0.11 -22.23
N ARG A 170 -2.18 0.09 -22.90
CA ARG A 170 -3.47 0.12 -22.17
C ARG A 170 -3.79 -1.27 -21.64
N GLU A 171 -3.52 -2.28 -22.41
CA GLU A 171 -3.79 -3.68 -21.93
C GLU A 171 -2.72 -4.11 -20.93
N VAL A 172 -1.47 -3.83 -21.23
CA VAL A 172 -0.38 -4.22 -20.29
C VAL A 172 -0.53 -3.46 -18.96
N LEU A 173 -0.67 -2.16 -19.03
CA LEU A 173 -0.81 -1.38 -17.76
C LEU A 173 -2.09 -1.78 -17.04
N ILE A 174 -3.19 -1.84 -17.75
CA ILE A 174 -4.48 -2.23 -17.10
C ILE A 174 -4.30 -3.59 -16.41
N ASN A 175 -3.50 -4.44 -16.98
CA ASN A 175 -3.26 -5.77 -16.34
C ASN A 175 -2.40 -5.59 -15.10
N ASN A 176 -1.43 -4.71 -15.15
CA ASN A 176 -0.55 -4.49 -13.96
C ASN A 176 -1.37 -3.86 -12.83
N ILE A 177 -2.16 -2.85 -13.12
CA ILE A 177 -2.98 -2.22 -12.05
C ILE A 177 -3.95 -3.24 -11.47
N ASN A 178 -4.45 -4.14 -12.27
CA ASN A 178 -5.39 -5.16 -11.75
C ASN A 178 -4.60 -6.24 -10.99
N ARG A 179 -3.49 -6.67 -11.53
CA ARG A 179 -2.67 -7.71 -10.83
C ARG A 179 -1.93 -7.07 -9.65
N ARG A 180 -1.95 -5.77 -9.55
CA ARG A 180 -1.26 -5.09 -8.42
C ARG A 180 -2.29 -4.45 -7.49
N LEU A 181 -3.49 -4.22 -7.96
CA LEU A 181 -4.52 -3.60 -7.07
C LEU A 181 -5.59 -4.62 -6.68
N THR A 182 -5.65 -5.74 -7.35
CA THR A 182 -6.68 -6.76 -6.99
C THR A 182 -6.06 -7.82 -6.09
N PRO A 183 -6.40 -7.79 -4.83
CA PRO A 183 -5.85 -8.77 -3.87
C PRO A 183 -6.47 -10.15 -4.09
N GLN A 184 -5.79 -11.18 -3.70
CA GLN A 184 -6.33 -12.56 -3.89
C GLN A 184 -6.56 -13.21 -2.52
N ALA A 185 -6.70 -14.51 -2.49
CA ALA A 185 -6.93 -15.23 -1.20
C ALA A 185 -8.34 -14.96 -0.69
N VAL A 186 -8.90 -15.90 0.02
CA VAL A 186 -10.29 -15.73 0.52
C VAL A 186 -10.32 -15.43 2.03
N LYS A 187 -11.41 -14.88 2.49
CA LYS A 187 -11.55 -14.59 3.94
C LYS A 187 -12.41 -15.70 4.54
N ILE A 188 -11.77 -16.73 5.04
CA ILE A 188 -12.55 -17.87 5.58
C ILE A 188 -12.67 -17.79 7.09
N ARG A 189 -13.61 -18.50 7.64
CA ARG A 189 -13.77 -18.46 9.12
C ARG A 189 -14.43 -19.73 9.65
N ALA A 190 -13.98 -20.14 10.80
CA ALA A 190 -14.55 -21.35 11.46
C ALA A 190 -14.82 -21.02 12.93
N ASP A 191 -15.65 -21.77 13.61
CA ASP A 191 -15.93 -21.45 15.03
C ASP A 191 -15.26 -22.49 15.92
N ILE A 192 -14.75 -22.08 17.06
CA ILE A 192 -14.07 -23.07 17.96
C ILE A 192 -14.30 -22.70 19.43
N GLU A 193 -14.25 -23.68 20.29
CA GLU A 193 -14.45 -23.40 21.73
C GLU A 193 -13.21 -23.85 22.51
N VAL A 194 -12.39 -22.92 22.89
CA VAL A 194 -11.15 -23.28 23.64
C VAL A 194 -11.37 -23.04 25.14
N ALA A 195 -10.81 -23.87 25.97
CA ALA A 195 -11.01 -23.69 27.44
C ALA A 195 -9.89 -24.39 28.21
N CYS A 196 -9.43 -23.80 29.28
CA CYS A 196 -8.34 -24.43 30.10
C CYS A 196 -8.73 -24.36 31.58
N TYR A 197 -9.46 -25.33 32.06
CA TYR A 197 -9.88 -25.33 33.49
C TYR A 197 -8.65 -25.33 34.40
N GLY A 198 -8.57 -24.40 35.31
CA GLY A 198 -7.40 -24.34 36.23
C GLY A 198 -6.76 -22.95 36.15
N TYR A 199 -5.69 -22.74 36.85
CA TYR A 199 -5.01 -21.41 36.82
C TYR A 199 -3.79 -21.46 35.90
N GLU A 200 -3.14 -22.60 35.83
CA GLU A 200 -1.94 -22.72 34.95
C GLU A 200 -2.38 -23.01 33.50
N GLY A 201 -3.66 -23.22 33.28
CA GLY A 201 -4.15 -23.51 31.91
C GLY A 201 -4.51 -22.21 31.20
N ILE A 202 -4.79 -21.18 31.95
CA ILE A 202 -5.14 -19.87 31.32
C ILE A 202 -4.01 -19.45 30.38
N ASP A 203 -2.78 -19.69 30.77
CA ASP A 203 -1.63 -19.32 29.89
C ASP A 203 -1.60 -20.22 28.66
N ALA A 204 -2.28 -21.34 28.72
CA ALA A 204 -2.32 -22.24 27.53
C ALA A 204 -3.41 -21.73 26.59
N VAL A 205 -4.44 -21.18 27.17
CA VAL A 205 -5.55 -20.63 26.35
C VAL A 205 -5.02 -19.46 25.52
N LYS A 206 -4.31 -18.56 26.14
CA LYS A 206 -3.75 -17.39 25.40
C LYS A 206 -2.73 -17.89 24.38
N GLU A 207 -1.75 -18.64 24.81
CA GLU A 207 -0.73 -19.16 23.86
C GLU A 207 -1.42 -20.07 22.83
N ALA A 208 -2.54 -20.64 23.17
CA ALA A 208 -3.26 -21.51 22.20
C ALA A 208 -3.67 -20.68 20.99
N LEU A 209 -4.51 -19.69 21.21
CA LEU A 209 -4.93 -18.82 20.07
C LEU A 209 -3.69 -18.33 19.33
N ARG A 210 -2.62 -18.09 20.05
CA ARG A 210 -1.37 -17.63 19.39
C ARG A 210 -0.82 -18.74 18.50
N ALA A 211 -1.05 -19.97 18.87
CA ALA A 211 -0.55 -21.12 18.05
C ALA A 211 -1.36 -21.23 16.75
N GLY A 212 -2.65 -21.00 16.82
CA GLY A 212 -3.49 -21.08 15.59
C GLY A 212 -3.31 -19.82 14.76
N LEU A 213 -2.98 -18.73 15.39
CA LEU A 213 -2.77 -17.47 14.64
C LEU A 213 -1.35 -17.45 14.07
N ASN A 214 -0.45 -18.16 14.69
CA ASN A 214 0.95 -18.22 14.19
C ASN A 214 1.12 -19.43 13.26
N CYS A 215 0.24 -20.39 13.34
CA CYS A 215 0.34 -21.58 12.45
C CYS A 215 0.08 -21.16 11.00
N SER A 216 -0.40 -19.96 10.80
CA SER A 216 -0.67 -19.49 9.42
C SER A 216 0.61 -19.54 8.58
N THR A 217 0.62 -18.87 7.47
CA THR A 217 1.84 -18.86 6.60
C THR A 217 2.09 -17.46 6.06
N GLU A 218 3.18 -17.27 5.38
CA GLU A 218 3.51 -15.93 4.82
C GLU A 218 2.40 -15.48 3.85
N ASN A 219 2.12 -14.20 3.81
CA ASN A 219 1.04 -13.68 2.90
C ASN A 219 -0.35 -14.17 3.34
N MET A 220 -0.48 -14.59 4.57
CA MET A 220 -1.82 -15.07 5.05
C MET A 220 -2.05 -14.61 6.50
N PRO A 221 -2.61 -13.43 6.62
CA PRO A 221 -2.89 -12.88 7.97
C PRO A 221 -4.15 -13.52 8.56
N ILE A 222 -4.11 -13.91 9.81
CA ILE A 222 -5.31 -14.56 10.44
C ILE A 222 -5.83 -13.70 11.60
N LYS A 223 -7.10 -13.79 11.87
CA LYS A 223 -7.69 -12.97 12.99
C LYS A 223 -8.73 -13.78 13.76
N ILE A 224 -8.55 -13.96 15.04
CA ILE A 224 -9.53 -14.75 15.84
C ILE A 224 -9.95 -13.94 17.07
N ASN A 225 -11.23 -13.75 17.26
CA ASN A 225 -11.71 -12.99 18.45
C ASN A 225 -12.98 -13.63 19.00
N LEU A 226 -12.95 -14.08 20.24
CA LEU A 226 -14.17 -14.71 20.83
C LEU A 226 -15.39 -13.83 20.58
N ILE A 227 -16.39 -14.37 19.95
CA ILE A 227 -17.61 -13.56 19.68
C ILE A 227 -18.74 -14.01 20.62
N ALA A 228 -18.59 -15.17 21.20
CA ALA A 228 -19.61 -15.69 22.14
C ALA A 228 -18.97 -16.74 23.06
N PRO A 229 -19.55 -16.95 24.21
CA PRO A 229 -18.99 -17.94 25.15
C PRO A 229 -19.15 -19.40 24.66
N PRO A 230 -20.21 -19.72 23.93
CA PRO A 230 -20.37 -21.10 23.45
C PRO A 230 -19.40 -21.40 22.30
N ARG A 231 -18.78 -20.40 21.73
CA ARG A 231 -17.83 -20.66 20.59
C ARG A 231 -17.01 -19.41 20.25
N TYR A 232 -15.96 -19.57 19.50
CA TYR A 232 -15.11 -18.39 19.12
C TYR A 232 -15.23 -18.12 17.62
N VAL A 233 -14.56 -17.10 17.13
CA VAL A 233 -14.61 -16.81 15.67
C VAL A 233 -13.18 -16.70 15.13
N MET A 234 -12.80 -17.59 14.25
CA MET A 234 -11.42 -17.54 13.69
C MET A 234 -11.49 -17.42 12.17
N THR A 235 -10.81 -16.46 11.61
CA THR A 235 -10.84 -16.31 10.13
C THR A 235 -9.42 -16.11 9.61
N THR A 236 -9.27 -15.90 8.34
CA THR A 236 -7.90 -15.69 7.79
C THR A 236 -7.95 -15.50 6.28
N THR A 237 -6.99 -14.81 5.75
CA THR A 237 -6.94 -14.61 4.28
C THR A 237 -5.92 -15.58 3.70
N THR A 238 -6.38 -16.65 3.11
CA THR A 238 -5.44 -17.65 2.58
C THR A 238 -5.66 -17.89 1.09
N LEU A 239 -4.63 -17.83 0.33
CA LEU A 239 -4.76 -18.08 -1.14
C LEU A 239 -5.38 -19.47 -1.32
N GLU A 240 -5.82 -19.80 -2.50
CA GLU A 240 -6.46 -21.14 -2.72
C GLU A 240 -7.73 -21.23 -1.85
N ARG A 241 -8.69 -22.00 -2.27
CA ARG A 241 -9.96 -22.10 -1.47
C ARG A 241 -9.82 -23.15 -0.36
N THR A 242 -9.21 -24.26 -0.64
CA THR A 242 -9.06 -25.33 0.39
C THR A 242 -7.81 -25.10 1.25
N GLU A 243 -6.68 -24.83 0.62
CA GLU A 243 -5.42 -24.60 1.40
C GLU A 243 -5.70 -23.69 2.60
N GLY A 244 -6.47 -22.66 2.41
CA GLY A 244 -6.78 -21.74 3.54
C GLY A 244 -7.38 -22.55 4.68
N LEU A 245 -8.54 -23.10 4.50
CA LEU A 245 -9.16 -23.91 5.58
C LEU A 245 -8.16 -24.98 6.03
N SER A 246 -7.36 -25.47 5.12
CA SER A 246 -6.34 -26.48 5.52
C SER A 246 -5.52 -25.93 6.68
N VAL A 247 -5.29 -24.64 6.67
CA VAL A 247 -4.53 -24.03 7.80
C VAL A 247 -5.47 -23.90 9.01
N LEU A 248 -6.73 -23.63 8.76
CA LEU A 248 -7.70 -23.50 9.90
C LEU A 248 -7.69 -24.82 10.68
N SER A 249 -7.88 -25.92 10.01
CA SER A 249 -7.88 -27.25 10.70
C SER A 249 -6.53 -27.49 11.37
N GLN A 250 -5.45 -27.30 10.66
CA GLN A 250 -4.10 -27.53 11.27
C GLN A 250 -3.97 -26.72 12.56
N ALA A 251 -4.52 -25.54 12.59
CA ALA A 251 -4.45 -24.70 13.81
C ALA A 251 -5.43 -25.19 14.87
N MET A 252 -6.67 -25.34 14.50
CA MET A 252 -7.70 -25.82 15.49
C MET A 252 -7.19 -27.08 16.22
N ALA A 253 -6.34 -27.84 15.57
CA ALA A 253 -5.79 -29.05 16.23
C ALA A 253 -4.58 -28.64 17.07
N VAL A 254 -3.82 -27.72 16.54
CA VAL A 254 -2.64 -27.22 17.28
C VAL A 254 -3.08 -26.68 18.64
N ILE A 255 -4.04 -25.80 18.64
CA ILE A 255 -4.54 -25.26 19.94
C ILE A 255 -5.15 -26.40 20.73
N LYS A 256 -5.89 -27.27 20.07
CA LYS A 256 -6.46 -28.43 20.79
C LYS A 256 -5.32 -29.13 21.54
N GLU A 257 -4.11 -28.99 21.06
CA GLU A 257 -2.95 -29.59 21.77
C GLU A 257 -2.37 -28.58 22.76
N LYS A 258 -2.30 -27.31 22.39
CA LYS A 258 -1.76 -26.29 23.34
C LYS A 258 -2.80 -25.99 24.42
N ILE A 259 -3.95 -26.60 24.34
CA ILE A 259 -5.01 -26.37 25.36
C ILE A 259 -5.28 -27.67 26.15
N GLU A 260 -5.23 -28.80 25.49
CA GLU A 260 -5.49 -30.09 26.19
C GLU A 260 -4.29 -30.49 27.04
N GLU A 261 -3.10 -30.10 26.65
CA GLU A 261 -1.90 -30.47 27.46
C GLU A 261 -1.99 -29.82 28.85
N LYS A 262 -2.86 -28.85 29.01
CA LYS A 262 -3.00 -28.18 30.34
C LYS A 262 -4.44 -28.34 30.85
N ARG A 263 -5.01 -29.50 30.68
CA ARG A 263 -6.41 -29.73 31.15
C ARG A 263 -7.36 -28.73 30.49
N GLY A 264 -7.35 -28.67 29.18
CA GLY A 264 -8.25 -27.71 28.48
C GLY A 264 -9.25 -28.47 27.61
N VAL A 265 -9.85 -27.79 26.68
CA VAL A 265 -10.85 -28.43 25.78
C VAL A 265 -10.98 -27.63 24.48
N PHE A 266 -11.39 -28.28 23.41
CA PHE A 266 -11.57 -27.57 22.12
C PHE A 266 -12.86 -28.04 21.45
N ASN A 267 -13.60 -27.15 20.86
CA ASN A 267 -14.87 -27.58 20.18
C ASN A 267 -15.20 -26.68 18.99
N VAL A 268 -15.27 -27.25 17.82
CA VAL A 268 -15.61 -26.46 16.60
C VAL A 268 -17.12 -26.17 16.58
N GLN A 269 -17.56 -25.12 15.93
CA GLN A 269 -19.02 -24.82 15.91
C GLN A 269 -19.56 -24.78 14.48
N MET A 270 -18.76 -24.41 13.52
CA MET A 270 -19.27 -24.37 12.12
C MET A 270 -18.20 -24.82 11.12
N GLU A 271 -17.22 -25.56 11.58
CA GLU A 271 -16.15 -26.05 10.66
C GLU A 271 -15.57 -24.90 9.82
N PRO A 272 -14.62 -25.24 8.99
CA PRO A 272 -13.97 -24.23 8.11
C PRO A 272 -14.90 -23.89 6.95
N LYS A 273 -15.31 -22.64 6.83
CA LYS A 273 -16.24 -22.28 5.71
C LYS A 273 -15.81 -20.98 5.02
N VAL A 274 -15.55 -21.05 3.73
CA VAL A 274 -15.14 -19.83 2.96
C VAL A 274 -16.24 -18.76 2.99
N VAL A 275 -15.87 -17.52 2.77
CA VAL A 275 -16.89 -16.43 2.78
C VAL A 275 -17.33 -16.12 1.36
N THR A 276 -18.42 -15.42 1.19
CA THR A 276 -18.90 -15.08 -0.18
C THR A 276 -19.42 -13.65 -0.21
N ASP A 277 -18.73 -12.77 -0.87
CA ASP A 277 -19.20 -11.35 -0.95
C ASP A 277 -20.43 -11.24 -1.86
N THR A 278 -20.77 -12.30 -2.55
CA THR A 278 -21.96 -12.24 -3.45
C THR A 278 -23.25 -12.45 -2.64
N ASP A 279 -23.15 -12.95 -1.44
CA ASP A 279 -24.37 -13.17 -0.61
C ASP A 279 -24.81 -11.84 0.02
N GLU A 280 -23.93 -10.88 0.06
CA GLU A 280 -24.30 -9.56 0.66
C GLU A 280 -25.13 -8.76 -0.35
N THR A 281 -24.65 -8.61 -1.54
CA THR A 281 -25.39 -7.84 -2.58
C THR A 281 -26.63 -8.62 -3.04
N GLU A 282 -26.74 -9.87 -2.66
CA GLU A 282 -27.92 -10.70 -3.09
C GLU A 282 -29.21 -9.90 -3.00
N LEU A 283 -29.30 -8.99 -2.05
CA LEU A 283 -30.54 -8.17 -1.92
C LEU A 283 -30.87 -7.49 -3.26
N ALA A 284 -29.89 -7.32 -4.11
CA ALA A 284 -30.14 -6.68 -5.43
C ALA A 284 -30.69 -7.71 -6.43
N ARG A 285 -30.47 -8.98 -6.18
CA ARG A 285 -30.98 -10.02 -7.12
C ARG A 285 -32.52 -10.00 -7.14
N GLN A 286 -33.14 -9.34 -6.20
CA GLN A 286 -34.63 -9.29 -6.18
C GLN A 286 -35.12 -8.56 -7.43
N MET A 287 -34.99 -7.25 -7.45
CA MET A 287 -35.44 -6.46 -8.64
C MET A 287 -36.80 -6.94 -9.15
N GLU A 288 -37.87 -6.37 -8.67
CA GLU A 288 -39.22 -6.78 -9.13
C GLU A 288 -39.26 -6.89 -10.65
N ARG A 289 -39.46 -8.08 -11.18
CA ARG A 289 -39.50 -8.25 -12.66
C ARG A 289 -40.92 -8.04 -13.19
N LEU A 290 -41.90 -8.03 -12.33
CA LEU A 290 -43.32 -7.84 -12.79
C LEU A 290 -43.61 -6.36 -13.07
N GLU A 291 -42.65 -5.49 -12.86
CA GLU A 291 -42.91 -4.03 -13.11
C GLU A 291 -42.80 -3.69 -14.60
N ARG A 292 -42.40 -4.62 -15.42
CA ARG A 292 -42.28 -4.34 -16.88
C ARG A 292 -43.53 -4.85 -17.62
N GLU A 293 -44.56 -5.22 -16.90
CA GLU A 293 -45.81 -5.73 -17.56
C GLU A 293 -46.25 -4.78 -18.67
N ASN A 294 -45.80 -5.00 -19.86
CA ASN A 294 -46.18 -4.11 -21.00
C ASN A 294 -47.45 -4.65 -21.69
N ALA A 295 -48.58 -4.06 -21.39
CA ALA A 295 -49.86 -4.52 -22.03
C ALA A 295 -50.05 -6.02 -21.79
N GLU A 296 -49.41 -6.57 -20.78
CA GLU A 296 -49.56 -8.02 -20.50
C GLU A 296 -50.68 -8.25 -19.48
N VAL A 297 -51.86 -8.60 -19.94
CA VAL A 297 -52.99 -8.82 -18.99
C VAL A 297 -53.96 -9.88 -19.52
N ASP A 298 -53.59 -11.13 -19.42
CA ASP A 298 -54.50 -12.22 -19.92
C ASP A 298 -55.32 -12.79 -18.75
N GLY A 299 -56.49 -12.25 -18.52
CA GLY A 299 -57.33 -12.77 -17.41
C GLY A 299 -58.80 -12.43 -17.67
N ASP A 300 -59.70 -13.03 -16.93
CA ASP A 300 -61.15 -12.74 -17.13
C ASP A 300 -61.93 -13.02 -15.83
N MET A 1 -2.04 -12.25 1.92
CA MET A 1 -1.05 -12.87 2.85
C MET A 1 0.18 -13.36 2.06
N SER A 2 0.03 -13.58 0.78
CA SER A 2 1.19 -14.04 -0.02
C SER A 2 1.51 -13.04 -1.13
N CYS A 3 2.14 -11.95 -0.79
CA CYS A 3 2.49 -10.93 -1.83
C CYS A 3 3.29 -11.59 -2.95
N ARG A 4 3.34 -10.97 -4.10
CA ARG A 4 4.09 -11.57 -5.24
C ARG A 4 5.07 -10.55 -5.82
N PHE A 5 6.11 -10.23 -5.10
CA PHE A 5 7.09 -9.23 -5.63
C PHE A 5 8.13 -9.93 -6.51
N TYR A 6 9.14 -10.51 -5.91
CA TYR A 6 10.18 -11.19 -6.72
C TYR A 6 9.90 -12.70 -6.76
N GLN A 7 9.19 -13.14 -7.76
CA GLN A 7 8.87 -14.60 -7.89
C GLN A 7 10.10 -15.45 -7.56
N HIS A 8 11.28 -14.95 -7.82
CA HIS A 8 12.52 -15.72 -7.51
C HIS A 8 13.75 -14.86 -7.80
N LYS A 9 14.34 -14.27 -6.79
CA LYS A 9 15.55 -13.42 -7.01
C LYS A 9 16.06 -12.86 -5.69
N PHE A 10 16.80 -13.64 -4.95
CA PHE A 10 17.34 -13.15 -3.64
C PHE A 10 18.87 -13.23 -3.63
N PRO A 11 19.46 -12.51 -2.71
CA PRO A 11 20.95 -12.50 -2.59
C PRO A 11 21.44 -13.82 -2.01
N GLU A 12 22.70 -13.92 -1.70
CA GLU A 12 23.24 -15.17 -1.13
C GLU A 12 23.88 -14.91 0.23
N VAL A 13 23.30 -15.43 1.28
CA VAL A 13 23.87 -15.23 2.65
C VAL A 13 23.89 -13.74 3.01
N GLU A 14 23.08 -12.95 2.37
CA GLU A 14 23.06 -11.49 2.67
C GLU A 14 21.66 -10.92 2.47
N ASP A 15 20.64 -11.70 2.70
CA ASP A 15 19.25 -11.19 2.53
C ASP A 15 18.68 -10.70 3.86
N VAL A 16 18.78 -9.43 4.13
CA VAL A 16 18.23 -8.89 5.41
C VAL A 16 16.81 -8.36 5.17
N VAL A 17 15.81 -9.03 5.71
CA VAL A 17 14.42 -8.55 5.52
C VAL A 17 13.52 -9.07 6.64
N MET A 18 12.24 -8.82 6.56
CA MET A 18 11.29 -9.30 7.62
C MET A 18 10.49 -10.50 7.10
N VAL A 19 10.34 -11.52 7.90
CA VAL A 19 9.57 -12.71 7.43
C VAL A 19 8.46 -13.07 8.44
N ASN A 20 7.62 -14.03 8.10
CA ASN A 20 6.52 -14.43 9.03
C ASN A 20 6.53 -15.94 9.25
N VAL A 21 6.28 -16.39 10.46
CA VAL A 21 6.29 -17.84 10.74
C VAL A 21 5.16 -18.55 9.99
N ARG A 22 5.50 -19.45 9.11
CA ARG A 22 4.45 -20.20 8.36
C ARG A 22 4.33 -21.61 8.94
N SER A 23 5.40 -22.37 8.89
CA SER A 23 5.36 -23.75 9.46
C SER A 23 6.36 -23.84 10.63
N ILE A 24 5.87 -24.07 11.82
CA ILE A 24 6.80 -24.15 12.98
C ILE A 24 7.35 -25.58 13.12
N GLN A 25 8.61 -25.70 13.49
CA GLN A 25 9.20 -27.05 13.65
C GLN A 25 9.63 -27.27 15.10
N GLU A 26 10.24 -28.39 15.39
CA GLU A 26 10.69 -28.67 16.79
C GLU A 26 12.09 -28.07 17.02
N MET A 27 12.92 -28.09 16.01
CA MET A 27 14.29 -27.53 16.18
C MET A 27 14.50 -26.32 15.26
N GLY A 28 13.42 -25.65 14.91
CA GLY A 28 13.54 -24.47 14.01
C GLY A 28 12.15 -23.91 13.73
N ALA A 29 12.07 -22.86 12.95
CA ALA A 29 10.74 -22.27 12.64
C ALA A 29 10.68 -21.85 11.17
N TYR A 30 9.84 -22.48 10.39
CA TYR A 30 9.75 -22.11 8.95
C TYR A 30 8.95 -20.82 8.81
N VAL A 31 9.52 -19.81 8.18
CA VAL A 31 8.81 -18.52 8.02
C VAL A 31 8.65 -18.19 6.53
N SER A 32 8.13 -17.01 6.24
CA SER A 32 7.95 -16.62 4.81
C SER A 32 8.51 -15.21 4.59
N LEU A 33 9.61 -15.11 3.89
CA LEU A 33 10.21 -13.78 3.63
C LEU A 33 9.20 -12.85 2.93
N LEU A 34 8.60 -11.97 3.65
CA LEU A 34 7.60 -11.04 3.04
C LEU A 34 8.30 -9.92 2.26
N GLU A 35 8.81 -10.22 1.11
CA GLU A 35 9.50 -9.18 0.28
C GLU A 35 9.75 -9.69 -1.13
N TYR A 36 10.06 -10.96 -1.26
CA TYR A 36 10.30 -11.53 -2.62
C TYR A 36 9.22 -12.57 -2.95
N ASN A 37 7.99 -12.14 -3.12
CA ASN A 37 6.88 -13.09 -3.45
C ASN A 37 6.55 -13.98 -2.25
N ASN A 38 6.87 -13.53 -1.06
CA ASN A 38 6.57 -14.34 0.16
C ASN A 38 7.22 -15.73 0.07
N ILE A 39 8.52 -15.79 -0.10
CA ILE A 39 9.21 -17.10 -0.19
C ILE A 39 9.41 -17.67 1.22
N GLU A 40 9.08 -18.92 1.41
CA GLU A 40 9.26 -19.54 2.77
C GLU A 40 10.71 -19.38 3.23
N GLY A 41 11.06 -19.97 4.35
CA GLY A 41 12.46 -19.84 4.84
C GLY A 41 12.64 -20.67 6.11
N MET A 42 13.85 -21.06 6.41
CA MET A 42 14.11 -21.88 7.62
C MET A 42 14.93 -21.07 8.62
N ILE A 43 14.37 -20.77 9.76
CA ILE A 43 15.12 -19.97 10.78
C ILE A 43 15.61 -20.90 11.89
N HIS A 44 16.70 -20.57 12.55
CA HIS A 44 17.21 -21.44 13.63
C HIS A 44 16.70 -20.95 14.99
N LEU A 45 15.76 -21.66 15.57
CA LEU A 45 15.22 -21.23 16.90
C LEU A 45 16.34 -21.25 17.95
N SER A 46 17.43 -21.88 17.65
CA SER A 46 18.56 -21.94 18.63
C SER A 46 19.64 -20.91 18.26
N GLU A 47 19.45 -20.17 17.19
CA GLU A 47 20.47 -19.16 16.80
C GLU A 47 19.79 -17.82 16.54
N LEU A 48 18.49 -17.79 16.60
CA LEU A 48 17.77 -16.52 16.35
C LEU A 48 17.65 -15.71 17.66
N SER A 49 17.95 -16.33 18.78
CA SER A 49 17.86 -15.59 20.07
C SER A 49 18.41 -16.46 21.20
N ARG A 50 18.04 -16.17 22.42
CA ARG A 50 18.54 -16.98 23.57
C ARG A 50 18.21 -18.47 23.36
N ARG A 51 18.64 -19.31 24.25
CA ARG A 51 18.36 -20.77 24.09
C ARG A 51 17.31 -21.22 25.12
N ARG A 52 16.28 -20.43 25.30
CA ARG A 52 15.21 -20.80 26.29
C ARG A 52 13.87 -20.19 25.87
N ILE A 53 13.02 -21.00 25.29
CA ILE A 53 11.68 -20.47 24.86
C ILE A 53 10.61 -21.56 25.01
N ARG A 54 9.74 -21.41 25.97
CA ARG A 54 8.67 -22.43 26.17
C ARG A 54 7.60 -22.31 25.09
N SER A 55 7.47 -23.33 24.27
CA SER A 55 6.45 -23.30 23.18
C SER A 55 6.68 -22.11 22.25
N ILE A 56 7.21 -22.36 21.07
CA ILE A 56 7.43 -21.23 20.11
C ILE A 56 6.08 -20.61 19.72
N ASN A 57 5.00 -21.30 19.98
CA ASN A 57 3.66 -20.74 19.64
C ASN A 57 3.36 -19.51 20.50
N LYS A 58 4.14 -19.29 21.54
CA LYS A 58 3.91 -18.11 22.42
C LYS A 58 4.75 -16.92 21.91
N LEU A 59 5.27 -17.01 20.72
CA LEU A 59 6.08 -15.88 20.18
C LEU A 59 5.63 -15.55 18.75
N ILE A 60 5.83 -16.45 17.83
CA ILE A 60 5.42 -16.20 16.43
C ILE A 60 4.79 -17.48 15.83
N ARG A 61 3.54 -17.43 15.47
CA ARG A 61 2.88 -18.63 14.88
C ARG A 61 1.89 -18.21 13.79
N ILE A 62 2.32 -18.21 12.56
CA ILE A 62 1.41 -17.82 11.43
C ILE A 62 0.61 -16.57 11.82
N GLY A 63 1.16 -15.40 11.59
CA GLY A 63 0.44 -14.15 11.94
C GLY A 63 1.39 -13.18 12.65
N ARG A 64 2.59 -13.61 12.95
CA ARG A 64 3.55 -12.71 13.65
C ARG A 64 4.85 -12.58 12.84
N ASN A 65 5.02 -11.51 12.12
CA ASN A 65 6.25 -11.32 11.31
C ASN A 65 7.40 -10.82 12.19
N GLU A 66 8.62 -10.99 11.77
CA GLU A 66 9.79 -10.53 12.57
C GLU A 66 10.93 -10.08 11.67
N CYS A 67 11.82 -9.27 12.18
CA CYS A 67 12.96 -8.79 11.36
C CYS A 67 14.14 -9.76 11.47
N VAL A 68 14.48 -10.41 10.39
CA VAL A 68 15.62 -11.38 10.43
C VAL A 68 16.44 -11.28 9.14
N LYS A 69 17.47 -12.06 9.03
CA LYS A 69 18.33 -12.02 7.81
C LYS A 69 18.71 -13.44 7.39
N VAL A 70 19.05 -13.63 6.14
CA VAL A 70 19.44 -14.99 5.67
C VAL A 70 20.90 -15.26 6.02
N ILE A 71 21.23 -16.49 6.34
CA ILE A 71 22.64 -16.83 6.69
C ILE A 71 23.27 -17.69 5.59
N ARG A 72 22.47 -18.31 4.76
CA ARG A 72 23.03 -19.17 3.66
C ARG A 72 21.89 -19.88 2.91
N VAL A 73 21.99 -19.97 1.61
CA VAL A 73 20.93 -20.68 0.83
C VAL A 73 21.47 -21.98 0.26
N ASP A 74 20.61 -22.80 -0.25
CA ASP A 74 21.05 -24.09 -0.85
C ASP A 74 20.93 -24.01 -2.37
N LYS A 75 22.04 -23.96 -3.06
CA LYS A 75 21.99 -23.87 -4.54
C LYS A 75 21.71 -25.25 -5.15
N GLU A 76 21.67 -26.24 -4.34
CA GLU A 76 21.37 -27.62 -4.84
C GLU A 76 19.88 -27.77 -5.07
N LYS A 77 19.10 -26.87 -4.52
CA LYS A 77 17.61 -26.93 -4.69
C LYS A 77 17.04 -25.52 -4.62
N GLY A 78 17.50 -24.73 -3.69
CA GLY A 78 16.99 -23.34 -3.57
C GLY A 78 16.41 -23.14 -2.17
N TYR A 79 17.22 -23.27 -1.15
CA TYR A 79 16.71 -23.08 0.24
C TYR A 79 17.29 -21.79 0.82
N ILE A 80 16.86 -21.40 1.98
CA ILE A 80 17.41 -20.17 2.60
C ILE A 80 17.48 -20.31 4.13
N ASP A 81 18.63 -20.07 4.69
CA ASP A 81 18.76 -20.16 6.17
C ASP A 81 18.36 -18.82 6.77
N LEU A 82 17.82 -18.82 7.96
CA LEU A 82 17.40 -17.53 8.56
C LEU A 82 17.92 -17.37 9.99
N SER A 83 18.27 -16.17 10.35
CA SER A 83 18.79 -15.89 11.71
C SER A 83 18.54 -14.43 12.06
N LYS A 84 18.37 -14.11 13.30
CA LYS A 84 18.12 -12.70 13.67
C LYS A 84 19.42 -12.07 14.19
N ARG A 85 20.22 -12.84 14.89
CA ARG A 85 21.50 -12.30 15.44
C ARG A 85 21.25 -10.91 16.02
N ARG A 86 20.07 -10.69 16.53
CA ARG A 86 19.72 -9.35 17.10
C ARG A 86 19.88 -8.28 16.01
N VAL A 87 19.05 -8.32 15.00
CA VAL A 87 19.16 -7.32 13.90
C VAL A 87 18.99 -5.90 14.44
N SER A 88 19.43 -4.91 13.69
CA SER A 88 19.30 -3.51 14.16
C SER A 88 18.03 -2.87 13.58
N PRO A 89 17.62 -1.78 14.19
CA PRO A 89 16.40 -1.07 13.72
C PRO A 89 16.68 -0.41 12.36
N GLU A 90 17.89 0.02 12.14
CA GLU A 90 18.22 0.67 10.83
C GLU A 90 18.04 -0.34 9.69
N GLU A 91 18.28 -1.60 9.97
CA GLU A 91 18.12 -2.64 8.91
C GLU A 91 16.63 -2.97 8.76
N ALA A 92 15.93 -3.12 9.86
CA ALA A 92 14.47 -3.43 9.77
C ALA A 92 13.74 -2.29 9.08
N ILE A 93 14.33 -1.14 9.11
CA ILE A 93 13.74 0.05 8.45
C ILE A 93 14.14 0.06 6.97
N LYS A 94 15.38 -0.25 6.68
CA LYS A 94 15.83 -0.28 5.27
C LYS A 94 14.96 -1.28 4.49
N CYS A 95 14.60 -2.37 5.11
CA CYS A 95 13.73 -3.37 4.43
C CYS A 95 12.30 -2.85 4.40
N GLU A 96 11.84 -2.29 5.48
CA GLU A 96 10.45 -1.73 5.53
C GLU A 96 10.23 -0.83 4.31
N ASP A 97 11.20 0.02 4.02
CA ASP A 97 11.06 0.91 2.84
C ASP A 97 11.08 0.06 1.57
N LYS A 98 12.03 -0.84 1.46
CA LYS A 98 12.11 -1.73 0.27
C LYS A 98 10.73 -2.28 -0.09
N PHE A 99 9.89 -2.50 0.89
CA PHE A 99 8.53 -3.01 0.59
C PHE A 99 7.59 -1.84 0.29
N THR A 100 7.81 -0.71 0.91
CA THR A 100 6.95 0.47 0.63
C THR A 100 7.01 0.78 -0.88
N LYS A 101 8.20 0.88 -1.41
CA LYS A 101 8.35 1.16 -2.86
C LYS A 101 8.07 -0.11 -3.66
N SER A 102 8.41 -1.27 -3.15
CA SER A 102 8.14 -2.53 -3.90
C SER A 102 6.65 -2.85 -3.87
N LYS A 103 5.95 -2.35 -2.89
CA LYS A 103 4.47 -2.61 -2.78
C LYS A 103 3.73 -1.66 -3.71
N THR A 104 4.16 -0.43 -3.78
CA THR A 104 3.48 0.55 -4.67
C THR A 104 3.74 0.16 -6.13
N VAL A 105 4.98 -0.07 -6.47
CA VAL A 105 5.31 -0.50 -7.86
C VAL A 105 4.61 -1.82 -8.14
N TYR A 106 4.58 -2.68 -7.15
CA TYR A 106 3.91 -3.98 -7.32
C TYR A 106 2.41 -3.76 -7.51
N SER A 107 1.79 -3.06 -6.60
CA SER A 107 0.34 -2.78 -6.72
C SER A 107 0.08 -2.09 -8.07
N ILE A 108 0.97 -1.23 -8.48
CA ILE A 108 0.79 -0.55 -9.79
C ILE A 108 0.80 -1.61 -10.88
N LEU A 109 1.60 -2.63 -10.70
CA LEU A 109 1.66 -3.73 -11.70
C LEU A 109 0.37 -4.54 -11.66
N ARG A 110 -0.24 -4.62 -10.50
CA ARG A 110 -1.51 -5.38 -10.36
C ARG A 110 -2.60 -4.67 -11.17
N HIS A 111 -2.80 -3.40 -10.95
CA HIS A 111 -3.84 -2.66 -11.72
C HIS A 111 -3.53 -2.73 -13.21
N VAL A 112 -2.30 -2.49 -13.61
CA VAL A 112 -1.95 -2.58 -15.06
C VAL A 112 -2.41 -3.94 -15.58
N ALA A 113 -2.08 -4.98 -14.88
CA ALA A 113 -2.52 -6.34 -15.30
C ALA A 113 -4.04 -6.42 -15.17
N GLU A 114 -4.60 -5.68 -14.26
CA GLU A 114 -6.08 -5.70 -14.07
C GLU A 114 -6.76 -5.04 -15.29
N VAL A 115 -6.03 -4.25 -16.02
CA VAL A 115 -6.61 -3.59 -17.23
C VAL A 115 -6.43 -4.49 -18.45
N LEU A 116 -5.32 -5.19 -18.52
CA LEU A 116 -5.07 -6.09 -19.68
C LEU A 116 -5.73 -7.44 -19.45
N GLU A 117 -6.56 -7.52 -18.46
CA GLU A 117 -7.28 -8.78 -18.14
C GLU A 117 -6.29 -9.92 -17.89
N TYR A 118 -5.41 -9.75 -16.94
CA TYR A 118 -4.42 -10.82 -16.63
C TYR A 118 -5.01 -11.81 -15.61
N THR A 119 -5.94 -12.63 -16.04
CA THR A 119 -6.56 -13.61 -15.10
C THR A 119 -5.73 -14.90 -15.03
N LYS A 120 -4.46 -14.82 -15.36
CA LYS A 120 -3.60 -16.03 -15.29
C LYS A 120 -2.46 -15.80 -14.28
N ASP A 121 -2.43 -16.57 -13.23
CA ASP A 121 -1.35 -16.39 -12.21
C ASP A 121 0.02 -16.29 -12.88
N GLU A 122 0.25 -17.05 -13.91
CA GLU A 122 1.56 -17.01 -14.62
C GLU A 122 1.74 -15.66 -15.31
N GLN A 123 0.67 -15.08 -15.79
CA GLN A 123 0.79 -13.77 -16.49
C GLN A 123 1.20 -12.67 -15.50
N LEU A 124 0.46 -12.51 -14.44
CA LEU A 124 0.80 -11.46 -13.44
C LEU A 124 2.22 -11.68 -12.92
N GLU A 125 2.54 -12.89 -12.53
CA GLU A 125 3.91 -13.18 -12.00
C GLU A 125 4.96 -12.93 -13.09
N SER A 126 4.66 -13.31 -14.31
CA SER A 126 5.63 -13.09 -15.42
C SER A 126 5.80 -11.59 -15.68
N LEU A 127 4.74 -10.85 -15.50
CA LEU A 127 4.80 -9.38 -15.71
C LEU A 127 5.67 -8.77 -14.60
N PHE A 128 5.57 -9.31 -13.42
CA PHE A 128 6.39 -8.80 -12.28
C PHE A 128 7.88 -9.02 -12.55
N GLN A 129 8.24 -10.21 -12.93
CA GLN A 129 9.68 -10.50 -13.21
C GLN A 129 10.09 -9.95 -14.58
N ARG A 130 9.16 -9.54 -15.39
CA ARG A 130 9.53 -9.02 -16.73
C ARG A 130 9.35 -7.51 -16.82
N THR A 131 9.08 -6.84 -15.72
CA THR A 131 8.89 -5.36 -15.80
C THR A 131 9.53 -4.63 -14.60
N ALA A 132 8.82 -4.50 -13.51
CA ALA A 132 9.40 -3.78 -12.33
C ALA A 132 10.71 -4.41 -11.88
N TRP A 133 10.81 -5.71 -11.94
CA TRP A 133 12.08 -6.36 -11.49
C TRP A 133 13.08 -6.39 -12.65
N VAL A 134 12.62 -6.18 -13.86
CA VAL A 134 13.58 -6.15 -15.00
C VAL A 134 14.40 -4.86 -14.87
N PHE A 135 13.73 -3.78 -14.57
CA PHE A 135 14.45 -2.49 -14.40
C PHE A 135 15.28 -2.56 -13.12
N ASP A 136 14.70 -3.05 -12.05
CA ASP A 136 15.48 -3.18 -10.78
C ASP A 136 16.72 -4.03 -11.06
N ASP A 137 16.59 -5.02 -11.91
CA ASP A 137 17.76 -5.87 -12.26
C ASP A 137 18.61 -5.15 -13.29
N LYS A 138 18.06 -4.15 -13.89
CA LYS A 138 18.80 -3.36 -14.92
C LYS A 138 19.86 -2.51 -14.21
N TYR A 139 19.54 -1.98 -13.06
CA TYR A 139 20.56 -1.15 -12.34
C TYR A 139 21.21 -1.98 -11.22
N LYS A 140 20.79 -3.21 -11.10
CA LYS A 140 21.36 -4.10 -10.05
C LYS A 140 21.13 -3.52 -8.65
N ARG A 141 19.88 -3.43 -8.24
CA ARG A 141 19.59 -2.87 -6.89
C ARG A 141 18.51 -3.71 -6.19
N PRO A 142 18.20 -3.31 -4.98
CA PRO A 142 17.18 -4.04 -4.18
C PRO A 142 15.76 -3.57 -4.55
N GLY A 143 15.46 -3.46 -5.82
CA GLY A 143 14.09 -3.01 -6.21
C GLY A 143 14.01 -1.48 -6.19
N TYR A 144 14.53 -0.88 -5.15
CA TYR A 144 14.49 0.61 -5.05
C TYR A 144 14.85 1.27 -6.39
N GLY A 145 15.75 0.68 -7.12
CA GLY A 145 16.14 1.27 -8.44
C GLY A 145 14.92 1.25 -9.37
N ALA A 146 14.22 0.14 -9.44
CA ALA A 146 13.04 0.06 -10.33
C ALA A 146 12.03 1.15 -9.96
N TYR A 147 11.78 1.34 -8.70
CA TYR A 147 10.80 2.40 -8.28
C TYR A 147 11.21 3.75 -8.86
N ASP A 148 12.40 4.19 -8.56
CA ASP A 148 12.86 5.52 -9.10
C ASP A 148 12.68 5.57 -10.62
N ALA A 149 13.02 4.52 -11.30
CA ALA A 149 12.87 4.50 -12.78
C ALA A 149 11.40 4.33 -13.16
N PHE A 150 10.60 3.78 -12.28
CA PHE A 150 9.15 3.59 -12.58
C PHE A 150 8.44 4.94 -12.44
N LYS A 151 9.01 5.85 -11.70
CA LYS A 151 8.38 7.19 -11.53
C LYS A 151 8.94 8.15 -12.61
N HIS A 152 10.16 7.94 -13.02
CA HIS A 152 10.76 8.83 -14.04
C HIS A 152 10.55 8.27 -15.46
N ALA A 153 10.27 7.00 -15.57
CA ALA A 153 10.04 6.41 -16.93
C ALA A 153 8.74 6.95 -17.54
N VAL A 154 8.01 7.76 -16.80
CA VAL A 154 6.74 8.30 -17.34
C VAL A 154 7.04 9.41 -18.36
N SER A 155 8.04 10.21 -18.09
CA SER A 155 8.39 11.30 -19.04
C SER A 155 9.60 10.88 -19.88
N ASP A 156 10.38 9.97 -19.39
CA ASP A 156 11.58 9.51 -20.16
C ASP A 156 11.40 8.04 -20.58
N PRO A 157 10.74 7.86 -21.70
CA PRO A 157 10.49 6.48 -22.20
C PRO A 157 11.80 5.88 -22.77
N SER A 158 12.85 6.65 -22.85
CA SER A 158 14.14 6.12 -23.38
C SER A 158 14.73 5.12 -22.38
N ILE A 159 14.27 5.14 -21.16
CA ILE A 159 14.81 4.19 -20.13
C ILE A 159 14.30 2.77 -20.44
N LEU A 160 13.25 2.66 -21.22
CA LEU A 160 12.72 1.30 -21.55
C LEU A 160 13.30 0.81 -22.88
N ASP A 161 14.36 1.42 -23.36
CA ASP A 161 14.95 0.98 -24.66
C ASP A 161 15.17 -0.53 -24.66
N SER A 162 15.67 -1.08 -23.59
CA SER A 162 15.92 -2.55 -23.54
C SER A 162 14.65 -3.31 -23.12
N LEU A 163 13.57 -2.60 -22.91
CA LEU A 163 12.31 -3.29 -22.49
C LEU A 163 11.46 -3.65 -23.72
N ASP A 164 11.68 -4.81 -24.28
CA ASP A 164 10.90 -5.23 -25.49
C ASP A 164 9.52 -5.72 -25.07
N LEU A 165 8.57 -4.83 -24.93
CA LEU A 165 7.19 -5.25 -24.52
C LEU A 165 6.20 -4.95 -25.66
N ASN A 166 4.98 -5.36 -25.50
CA ASN A 166 3.97 -5.10 -26.58
C ASN A 166 3.45 -3.66 -26.47
N GLU A 167 2.81 -3.18 -27.49
CA GLU A 167 2.28 -1.77 -27.43
C GLU A 167 1.16 -1.67 -26.42
N ASP A 168 0.68 -2.78 -25.96
CA ASP A 168 -0.41 -2.78 -24.95
C ASP A 168 0.22 -2.81 -23.55
N GLU A 169 1.29 -3.54 -23.41
CA GLU A 169 1.96 -3.64 -22.08
C GLU A 169 2.82 -2.39 -21.80
N ARG A 170 3.37 -1.80 -22.82
CA ARG A 170 4.22 -0.59 -22.60
C ARG A 170 3.36 0.66 -22.42
N GLU A 171 2.33 0.81 -23.22
CA GLU A 171 1.46 2.01 -23.08
C GLU A 171 0.58 1.89 -21.83
N VAL A 172 0.09 0.72 -21.53
CA VAL A 172 -0.78 0.57 -20.33
C VAL A 172 0.08 0.62 -19.05
N LEU A 173 1.19 -0.07 -19.03
CA LEU A 173 2.05 -0.05 -17.82
C LEU A 173 2.62 1.36 -17.59
N ILE A 174 3.11 1.99 -18.63
CA ILE A 174 3.67 3.37 -18.46
C ILE A 174 2.56 4.36 -18.11
N ASN A 175 1.37 4.13 -18.57
CA ASN A 175 0.25 5.07 -18.24
C ASN A 175 -0.17 4.88 -16.79
N ASN A 176 -0.05 3.70 -16.28
CA ASN A 176 -0.43 3.44 -14.86
C ASN A 176 0.64 4.02 -13.93
N ILE A 177 1.89 3.71 -14.17
CA ILE A 177 2.97 4.27 -13.29
C ILE A 177 2.91 5.80 -13.33
N ASN A 178 2.61 6.36 -14.47
CA ASN A 178 2.51 7.83 -14.58
C ASN A 178 1.21 8.29 -13.92
N ARG A 179 0.13 7.60 -14.19
CA ARG A 179 -1.16 7.98 -13.56
C ARG A 179 -1.16 7.58 -12.08
N ARG A 180 -0.14 6.88 -11.63
CA ARG A 180 -0.09 6.47 -10.20
C ARG A 180 1.08 7.16 -9.48
N LEU A 181 2.16 7.41 -10.17
CA LEU A 181 3.32 8.09 -9.50
C LEU A 181 3.19 9.61 -9.58
N THR A 182 2.13 10.10 -10.15
CA THR A 182 1.94 11.58 -10.26
C THR A 182 1.13 12.11 -9.07
N PRO A 183 1.45 13.30 -8.63
CA PRO A 183 0.74 13.91 -7.49
C PRO A 183 -0.67 14.33 -7.88
N GLN A 184 -1.61 13.41 -7.83
CA GLN A 184 -3.01 13.75 -8.21
C GLN A 184 -3.86 13.96 -6.94
N ALA A 185 -5.15 14.15 -7.09
CA ALA A 185 -6.05 14.35 -5.92
C ALA A 185 -7.45 14.77 -6.40
N VAL A 186 -8.48 14.18 -5.84
CA VAL A 186 -9.87 14.54 -6.30
C VAL A 186 -10.63 15.24 -5.17
N LYS A 187 -11.60 16.05 -5.51
CA LYS A 187 -12.39 16.76 -4.47
C LYS A 187 -13.53 15.85 -4.02
N ILE A 188 -13.40 15.25 -2.86
CA ILE A 188 -14.47 14.32 -2.38
C ILE A 188 -15.23 14.92 -1.21
N ARG A 189 -16.49 14.57 -1.07
CA ARG A 189 -17.27 15.12 0.08
C ARG A 189 -18.46 14.22 0.43
N ALA A 190 -18.62 13.95 1.70
CA ALA A 190 -19.76 13.11 2.17
C ALA A 190 -20.40 13.82 3.39
N ASP A 191 -21.65 13.55 3.68
CA ASP A 191 -22.28 14.22 4.87
C ASP A 191 -22.39 13.23 6.02
N ILE A 192 -22.28 13.69 7.23
CA ILE A 192 -22.39 12.77 8.40
C ILE A 192 -23.01 13.49 9.60
N GLU A 193 -23.71 12.79 10.44
CA GLU A 193 -24.31 13.45 11.63
C GLU A 193 -23.74 12.82 12.89
N VAL A 194 -22.82 13.50 13.52
CA VAL A 194 -22.20 12.95 14.76
C VAL A 194 -22.86 13.57 15.99
N ALA A 195 -23.04 12.80 17.02
CA ALA A 195 -23.69 13.33 18.25
C ALA A 195 -23.31 12.47 19.45
N CYS A 196 -23.17 13.04 20.61
CA CYS A 196 -22.82 12.24 21.81
C CYS A 196 -23.96 12.27 22.83
N TYR A 197 -25.13 12.68 22.40
CA TYR A 197 -26.31 12.75 23.31
C TYR A 197 -25.91 13.20 24.72
N GLY A 198 -25.84 14.49 24.94
CA GLY A 198 -25.46 15.00 26.29
C GLY A 198 -24.42 16.12 26.15
N TYR A 199 -23.98 16.67 27.25
CA TYR A 199 -22.98 17.78 27.20
C TYR A 199 -21.58 17.23 27.50
N GLU A 200 -21.49 16.21 28.30
CA GLU A 200 -20.16 15.63 28.64
C GLU A 200 -19.62 14.83 27.44
N GLY A 201 -20.41 14.69 26.41
CA GLY A 201 -19.97 13.94 25.21
C GLY A 201 -19.34 14.91 24.20
N ILE A 202 -19.49 16.20 24.43
CA ILE A 202 -18.89 17.20 23.50
C ILE A 202 -17.41 16.88 23.28
N ASP A 203 -16.80 16.20 24.22
CA ASP A 203 -15.36 15.85 24.07
C ASP A 203 -15.21 14.72 23.06
N ALA A 204 -16.25 13.95 22.86
CA ALA A 204 -16.19 12.84 21.88
C ALA A 204 -16.60 13.38 20.51
N VAL A 205 -17.41 14.40 20.52
CA VAL A 205 -17.85 15.02 19.24
C VAL A 205 -16.63 15.66 18.58
N LYS A 206 -15.88 16.42 19.33
CA LYS A 206 -14.66 17.08 18.76
C LYS A 206 -13.58 16.02 18.54
N GLU A 207 -13.31 15.20 19.52
CA GLU A 207 -12.27 14.14 19.33
C GLU A 207 -12.64 13.30 18.11
N ALA A 208 -13.91 13.13 17.85
CA ALA A 208 -14.33 12.34 16.67
C ALA A 208 -13.91 13.06 15.40
N LEU A 209 -14.49 14.21 15.13
CA LEU A 209 -14.12 14.97 13.90
C LEU A 209 -12.60 15.04 13.77
N ARG A 210 -11.93 15.26 14.87
CA ARG A 210 -10.44 15.32 14.82
C ARG A 210 -9.87 13.97 14.39
N ALA A 211 -10.51 12.90 14.76
CA ALA A 211 -10.00 11.56 14.35
C ALA A 211 -10.17 11.38 12.84
N GLY A 212 -11.27 11.84 12.31
CA GLY A 212 -11.48 11.71 10.84
C GLY A 212 -10.54 12.69 10.13
N LEU A 213 -10.31 13.83 10.73
CA LEU A 213 -9.40 14.83 10.12
C LEU A 213 -7.94 14.47 10.42
N ASN A 214 -7.72 13.68 11.44
CA ASN A 214 -6.32 13.29 11.79
C ASN A 214 -5.94 12.00 11.05
N CYS A 215 -6.91 11.27 10.56
CA CYS A 215 -6.59 10.03 9.80
C CYS A 215 -6.26 10.38 8.35
N SER A 216 -6.56 11.58 7.94
CA SER A 216 -6.27 12.01 6.54
C SER A 216 -4.88 11.56 6.11
N THR A 217 -4.77 10.95 4.96
CA THR A 217 -3.45 10.48 4.48
C THR A 217 -3.33 10.67 2.97
N GLU A 218 -2.57 11.63 2.54
CA GLU A 218 -2.40 11.89 1.08
C GLU A 218 -1.59 13.16 0.86
N ASN A 219 -1.31 13.50 -0.37
CA ASN A 219 -0.55 14.75 -0.64
C ASN A 219 -1.43 15.97 -0.36
N MET A 220 -2.68 15.76 -0.03
CA MET A 220 -3.60 16.90 0.26
C MET A 220 -4.32 16.67 1.61
N PRO A 221 -4.84 17.73 2.15
CA PRO A 221 -5.55 17.64 3.46
C PRO A 221 -7.05 17.33 3.31
N ILE A 222 -7.70 17.08 4.42
CA ILE A 222 -9.16 16.78 4.41
C ILE A 222 -9.94 17.92 5.11
N LYS A 223 -11.18 18.13 4.78
CA LYS A 223 -11.95 19.23 5.44
C LYS A 223 -13.26 18.69 6.04
N ILE A 224 -13.33 18.61 7.34
CA ILE A 224 -14.58 18.10 7.99
C ILE A 224 -15.01 19.05 9.11
N ASN A 225 -16.12 19.72 8.93
CA ASN A 225 -16.57 20.66 10.00
C ASN A 225 -18.10 20.68 10.05
N LEU A 226 -18.65 21.17 11.14
CA LEU A 226 -20.13 21.23 11.27
C LEU A 226 -20.68 22.48 10.60
N ILE A 227 -21.56 22.31 9.65
CA ILE A 227 -22.16 23.50 8.97
C ILE A 227 -23.67 23.53 9.27
N ALA A 228 -24.23 22.39 9.60
CA ALA A 228 -25.68 22.33 9.91
C ALA A 228 -25.91 21.24 10.98
N PRO A 229 -26.92 21.45 11.78
CA PRO A 229 -27.23 20.47 12.85
C PRO A 229 -27.73 19.11 12.29
N PRO A 230 -28.42 19.11 11.17
CA PRO A 230 -28.92 17.82 10.62
C PRO A 230 -27.79 17.02 9.96
N ARG A 231 -26.66 17.62 9.67
CA ARG A 231 -25.56 16.85 9.01
C ARG A 231 -24.25 17.65 9.03
N TYR A 232 -23.15 16.96 8.95
CA TYR A 232 -21.83 17.64 8.95
C TYR A 232 -21.22 17.56 7.55
N VAL A 233 -20.17 18.29 7.31
CA VAL A 233 -19.54 18.22 5.96
C VAL A 233 -18.17 17.56 6.07
N MET A 234 -17.92 16.54 5.28
CA MET A 234 -16.60 15.85 5.33
C MET A 234 -16.06 15.72 3.92
N THR A 235 -15.08 16.52 3.58
CA THR A 235 -14.52 16.44 2.20
C THR A 235 -13.00 16.24 2.27
N THR A 236 -12.34 16.28 1.16
CA THR A 236 -10.86 16.10 1.17
C THR A 236 -10.33 16.07 -0.26
N THR A 237 -9.05 16.12 -0.40
CA THR A 237 -8.44 16.07 -1.76
C THR A 237 -7.71 14.74 -1.92
N THR A 238 -8.43 13.70 -2.22
CA THR A 238 -7.79 12.37 -2.39
C THR A 238 -8.04 11.82 -3.79
N LEU A 239 -7.01 11.70 -4.57
CA LEU A 239 -7.20 11.18 -5.97
C LEU A 239 -7.83 9.79 -5.95
N GLU A 240 -8.18 9.27 -7.10
CA GLU A 240 -8.80 7.91 -7.15
C GLU A 240 -10.16 7.95 -6.44
N ARG A 241 -11.21 8.09 -7.20
CA ARG A 241 -12.59 8.17 -6.61
C ARG A 241 -12.79 7.15 -5.48
N THR A 242 -12.69 5.88 -5.77
CA THR A 242 -12.89 4.85 -4.71
C THR A 242 -11.91 5.06 -3.56
N GLU A 243 -10.63 4.93 -3.81
CA GLU A 243 -9.62 5.11 -2.73
C GLU A 243 -9.90 6.42 -1.97
N GLY A 244 -10.18 7.48 -2.67
CA GLY A 244 -10.48 8.77 -1.98
C GLY A 244 -11.62 8.56 -0.99
N LEU A 245 -12.80 8.30 -1.49
CA LEU A 245 -13.95 8.06 -0.56
C LEU A 245 -13.58 6.96 0.42
N SER A 246 -12.70 6.08 0.03
CA SER A 246 -12.26 5.01 0.95
C SER A 246 -11.69 5.64 2.21
N VAL A 247 -11.00 6.74 2.07
CA VAL A 247 -10.44 7.41 3.29
C VAL A 247 -11.59 8.13 4.00
N LEU A 248 -12.53 8.65 3.25
CA LEU A 248 -13.69 9.35 3.87
C LEU A 248 -14.44 8.38 4.78
N SER A 249 -14.86 7.27 4.25
CA SER A 249 -15.59 6.26 5.08
C SER A 249 -14.69 5.82 6.23
N GLN A 250 -13.44 5.57 5.95
CA GLN A 250 -12.49 5.16 7.03
C GLN A 250 -12.57 6.17 8.18
N ALA A 251 -12.57 7.44 7.84
CA ALA A 251 -12.66 8.48 8.90
C ALA A 251 -14.08 8.49 9.47
N MET A 252 -15.05 8.21 8.64
CA MET A 252 -16.47 8.20 9.10
C MET A 252 -16.69 7.04 10.08
N ALA A 253 -15.92 5.99 9.96
CA ALA A 253 -16.09 4.84 10.90
C ALA A 253 -15.33 5.16 12.17
N VAL A 254 -14.26 5.88 12.03
CA VAL A 254 -13.45 6.27 13.22
C VAL A 254 -14.29 7.18 14.12
N ILE A 255 -14.92 8.19 13.57
CA ILE A 255 -15.76 9.08 14.42
C ILE A 255 -16.93 8.27 14.94
N LYS A 256 -17.56 7.50 14.10
CA LYS A 256 -18.68 6.65 14.58
C LYS A 256 -18.18 5.87 15.79
N GLU A 257 -16.90 5.60 15.83
CA GLU A 257 -16.32 4.87 16.98
C GLU A 257 -15.94 5.87 18.07
N LYS A 258 -15.46 7.05 17.70
CA LYS A 258 -15.09 8.06 18.74
C LYS A 258 -16.35 8.73 19.30
N ILE A 259 -17.50 8.41 18.74
CA ILE A 259 -18.76 9.03 19.25
C ILE A 259 -19.66 7.95 19.85
N GLU A 260 -19.53 6.72 19.39
CA GLU A 260 -20.37 5.62 19.96
C GLU A 260 -19.76 5.10 21.26
N GLU A 261 -18.45 5.12 21.37
CA GLU A 261 -17.80 4.63 22.62
C GLU A 261 -18.22 5.49 23.81
N LYS A 262 -18.77 6.64 23.56
CA LYS A 262 -19.21 7.52 24.69
C LYS A 262 -20.73 7.78 24.59
N ARG A 263 -21.47 6.81 24.10
CA ARG A 263 -22.95 6.97 23.98
C ARG A 263 -23.28 8.10 22.98
N GLY A 264 -22.99 7.89 21.72
CA GLY A 264 -23.29 8.95 20.71
C GLY A 264 -23.98 8.31 19.51
N VAL A 265 -23.97 8.98 18.38
CA VAL A 265 -24.64 8.42 17.16
C VAL A 265 -24.00 9.00 15.90
N PHE A 266 -24.13 8.32 14.79
CA PHE A 266 -23.57 8.82 13.51
C PHE A 266 -24.57 8.62 12.38
N ASN A 267 -24.64 9.53 11.46
CA ASN A 267 -25.61 9.36 10.33
C ASN A 267 -25.12 10.03 9.04
N VAL A 268 -24.91 9.26 8.01
CA VAL A 268 -24.46 9.85 6.72
C VAL A 268 -25.65 10.55 6.04
N GLN A 269 -25.41 11.54 5.21
CA GLN A 269 -26.56 12.24 4.55
C GLN A 269 -26.43 12.23 3.03
N MET A 270 -25.22 12.19 2.51
CA MET A 270 -25.05 12.18 1.03
C MET A 270 -23.97 11.17 0.62
N GLU A 271 -23.58 10.34 1.54
CA GLU A 271 -22.54 9.32 1.24
C GLU A 271 -21.31 9.97 0.59
N PRO A 272 -20.32 9.16 0.31
CA PRO A 272 -19.07 9.67 -0.31
C PRO A 272 -19.31 10.03 -1.78
N LYS A 273 -19.14 11.28 -2.13
CA LYS A 273 -19.35 11.70 -3.54
C LYS A 273 -18.09 12.38 -4.08
N VAL A 274 -17.41 11.74 -5.00
CA VAL A 274 -16.18 12.34 -5.59
C VAL A 274 -16.53 13.37 -6.66
N VAL A 275 -15.65 14.29 -6.93
CA VAL A 275 -15.93 15.30 -7.98
C VAL A 275 -15.01 15.09 -9.19
N THR A 276 -15.54 15.22 -10.37
CA THR A 276 -14.71 15.02 -11.60
C THR A 276 -14.59 16.33 -12.37
N ASP A 277 -13.59 16.48 -13.19
CA ASP A 277 -13.42 17.73 -13.97
C ASP A 277 -14.46 17.82 -15.09
N THR A 278 -15.22 16.78 -15.32
CA THR A 278 -16.24 16.82 -16.41
C THR A 278 -17.41 17.74 -16.03
N ASP A 279 -17.48 18.19 -14.80
CA ASP A 279 -18.58 19.10 -14.40
C ASP A 279 -18.26 20.55 -14.78
N GLU A 280 -17.02 20.82 -15.11
CA GLU A 280 -16.64 22.22 -15.48
C GLU A 280 -17.25 22.60 -16.84
N THR A 281 -17.77 21.63 -17.57
CA THR A 281 -18.38 21.96 -18.89
C THR A 281 -19.54 22.94 -18.70
N GLU A 282 -20.47 22.61 -17.85
CA GLU A 282 -21.63 23.53 -17.63
C GLU A 282 -21.26 24.65 -16.65
N LEU A 283 -20.17 24.50 -15.93
CA LEU A 283 -19.75 25.55 -14.96
C LEU A 283 -18.97 26.66 -15.67
N ALA A 284 -17.99 26.29 -16.47
CA ALA A 284 -17.20 27.33 -17.19
C ALA A 284 -18.05 27.99 -18.28
N ARG A 285 -19.14 27.39 -18.66
CA ARG A 285 -20.01 27.99 -19.72
C ARG A 285 -20.70 29.24 -19.19
N GLN A 286 -20.64 29.48 -17.90
CA GLN A 286 -21.28 30.69 -17.32
C GLN A 286 -20.25 31.80 -17.14
N MET A 287 -19.21 31.54 -16.39
CA MET A 287 -18.15 32.57 -16.17
C MET A 287 -17.67 33.14 -17.50
N GLU A 288 -18.20 34.27 -17.92
CA GLU A 288 -17.77 34.87 -19.22
C GLU A 288 -17.93 33.87 -20.37
N ARG A 289 -19.00 33.98 -21.12
CA ARG A 289 -19.22 33.05 -22.25
C ARG A 289 -18.57 33.57 -23.54
N LEU A 290 -18.17 34.82 -23.55
CA LEU A 290 -17.53 35.38 -24.77
C LEU A 290 -16.06 34.94 -24.87
N GLU A 291 -15.55 34.25 -23.88
CA GLU A 291 -14.14 33.78 -23.94
C GLU A 291 -14.07 32.40 -24.61
N ARG A 292 -15.14 31.97 -25.24
CA ARG A 292 -15.13 30.64 -25.91
C ARG A 292 -15.14 30.80 -27.43
N GLU A 293 -15.68 31.89 -27.91
CA GLU A 293 -15.72 32.12 -29.40
C GLU A 293 -14.31 32.42 -29.93
N ASN A 294 -13.60 31.42 -30.35
CA ASN A 294 -12.21 31.64 -30.88
C ASN A 294 -11.40 32.50 -29.92
N ALA A 295 -11.40 32.14 -28.65
CA ALA A 295 -10.63 32.94 -27.64
C ALA A 295 -10.26 32.04 -26.46
N GLU A 296 -10.17 30.76 -26.67
CA GLU A 296 -9.81 29.84 -25.56
C GLU A 296 -8.28 29.62 -25.54
N VAL A 297 -7.64 29.95 -24.44
CA VAL A 297 -6.16 29.78 -24.38
C VAL A 297 -5.83 28.52 -23.58
N ASP A 298 -6.55 27.45 -23.80
CA ASP A 298 -6.28 26.18 -23.06
C ASP A 298 -6.43 26.41 -21.55
N GLY A 299 -6.33 25.36 -20.77
CA GLY A 299 -6.47 25.51 -19.30
C GLY A 299 -5.25 24.92 -18.59
N ASP A 300 -4.97 23.66 -18.82
CA ASP A 300 -3.79 23.03 -18.16
C ASP A 300 -2.49 23.54 -18.79
N MET A 1 1.02 -5.55 -10.93
CA MET A 1 1.52 -5.74 -12.32
C MET A 1 1.21 -4.49 -13.16
N SER A 2 2.14 -4.09 -13.99
CA SER A 2 1.92 -2.87 -14.84
C SER A 2 1.62 -1.65 -13.95
N CYS A 3 1.76 -0.48 -14.49
CA CYS A 3 1.49 0.75 -13.67
C CYS A 3 1.80 2.01 -14.48
N ARG A 4 0.81 2.83 -14.74
CA ARG A 4 1.05 4.07 -15.52
C ARG A 4 -0.13 5.04 -15.37
N PHE A 5 -0.04 6.00 -14.49
CA PHE A 5 -1.17 6.96 -14.33
C PHE A 5 -0.66 8.37 -14.09
N TYR A 6 0.04 8.93 -15.04
CA TYR A 6 0.54 10.32 -14.87
C TYR A 6 0.79 10.98 -16.23
N GLN A 7 -0.17 10.89 -17.12
CA GLN A 7 -0.01 11.52 -18.48
C GLN A 7 1.07 10.82 -19.30
N HIS A 8 1.81 9.89 -18.73
CA HIS A 8 2.88 9.18 -19.50
C HIS A 8 3.69 10.18 -20.33
N LYS A 9 4.11 11.27 -19.72
CA LYS A 9 4.90 12.29 -20.47
C LYS A 9 5.11 13.52 -19.59
N PHE A 10 6.10 13.52 -18.75
CA PHE A 10 6.33 14.70 -17.86
C PHE A 10 7.65 15.42 -18.23
N PRO A 11 7.58 16.72 -18.32
CA PRO A 11 8.78 17.52 -18.64
C PRO A 11 9.46 17.96 -17.35
N GLU A 12 10.28 17.13 -16.76
CA GLU A 12 10.95 17.52 -15.48
C GLU A 12 12.34 16.89 -15.37
N VAL A 13 13.34 17.69 -15.22
CA VAL A 13 14.73 17.15 -15.07
C VAL A 13 14.95 16.66 -13.63
N GLU A 14 14.13 17.09 -12.71
CA GLU A 14 14.32 16.66 -11.28
C GLU A 14 12.99 16.18 -10.68
N ASP A 15 12.26 15.37 -11.40
CA ASP A 15 10.96 14.87 -10.86
C ASP A 15 11.19 13.76 -9.82
N VAL A 16 11.15 14.09 -8.57
CA VAL A 16 11.37 13.04 -7.51
C VAL A 16 10.23 12.01 -7.58
N VAL A 17 10.57 10.76 -7.68
CA VAL A 17 9.51 9.70 -7.76
C VAL A 17 10.02 8.37 -7.23
N MET A 18 9.22 7.35 -7.30
CA MET A 18 9.64 6.01 -6.82
C MET A 18 9.73 5.05 -8.01
N VAL A 19 10.78 4.27 -8.09
CA VAL A 19 10.91 3.31 -9.22
C VAL A 19 11.43 1.96 -8.71
N ASN A 20 11.69 1.05 -9.60
CA ASN A 20 12.22 -0.28 -9.17
C ASN A 20 13.43 -0.67 -10.01
N VAL A 21 14.54 -0.95 -9.38
CA VAL A 21 15.78 -1.34 -10.14
C VAL A 21 15.46 -2.46 -11.13
N ARG A 22 16.00 -2.38 -12.32
CA ARG A 22 15.75 -3.46 -13.33
C ARG A 22 17.06 -4.03 -13.85
N SER A 23 17.85 -3.24 -14.53
CA SER A 23 19.14 -3.76 -15.06
C SER A 23 20.32 -3.05 -14.39
N ILE A 24 21.12 -3.77 -13.64
CA ILE A 24 22.27 -3.13 -12.96
C ILE A 24 23.42 -2.89 -13.96
N GLN A 25 24.16 -1.83 -13.80
CA GLN A 25 25.28 -1.54 -14.74
C GLN A 25 26.56 -1.26 -13.94
N GLU A 26 27.69 -1.66 -14.48
CA GLU A 26 28.97 -1.42 -13.74
C GLU A 26 29.26 0.07 -13.61
N MET A 27 28.89 0.84 -14.60
CA MET A 27 29.15 2.31 -14.54
C MET A 27 27.83 3.07 -14.40
N GLY A 28 26.83 2.45 -13.84
CA GLY A 28 25.52 3.13 -13.67
C GLY A 28 24.48 2.09 -13.24
N ALA A 29 23.25 2.48 -13.09
CA ALA A 29 22.21 1.50 -12.68
C ALA A 29 20.94 1.74 -13.48
N TYR A 30 20.38 0.71 -14.04
CA TYR A 30 19.13 0.88 -14.83
C TYR A 30 17.92 0.52 -13.98
N VAL A 31 16.96 1.40 -13.92
CA VAL A 31 15.75 1.12 -13.10
C VAL A 31 14.51 1.08 -13.98
N SER A 32 13.39 0.74 -13.39
CA SER A 32 12.12 0.70 -14.16
C SER A 32 11.11 1.65 -13.53
N LEU A 33 10.83 2.77 -14.16
CA LEU A 33 9.85 3.72 -13.58
C LEU A 33 8.50 3.02 -13.43
N LEU A 34 8.23 2.50 -12.26
CA LEU A 34 6.93 1.80 -12.04
C LEU A 34 6.83 0.59 -12.99
N GLU A 35 6.00 0.65 -14.00
CA GLU A 35 5.89 -0.50 -14.93
C GLU A 35 5.24 -0.09 -16.25
N TYR A 36 5.23 1.20 -16.56
CA TYR A 36 4.62 1.68 -17.85
C TYR A 36 4.35 3.19 -17.78
N ASN A 37 4.21 3.73 -16.58
CA ASN A 37 3.94 5.21 -16.44
C ASN A 37 4.76 5.99 -17.47
N ASN A 38 5.92 5.50 -17.81
CA ASN A 38 6.75 6.20 -18.81
C ASN A 38 7.70 5.19 -19.46
N ILE A 39 8.68 4.73 -18.73
CA ILE A 39 9.67 3.74 -19.28
C ILE A 39 10.65 3.34 -18.17
N GLU A 40 11.77 2.78 -18.55
CA GLU A 40 12.78 2.36 -17.54
C GLU A 40 13.36 3.61 -16.85
N GLY A 41 14.63 3.61 -16.55
CA GLY A 41 15.24 4.80 -15.88
C GLY A 41 16.75 4.57 -15.77
N MET A 42 17.51 5.64 -15.79
CA MET A 42 19.00 5.49 -15.70
C MET A 42 19.54 6.31 -14.52
N ILE A 43 20.16 5.66 -13.57
CA ILE A 43 20.72 6.40 -12.41
C ILE A 43 22.26 6.35 -12.45
N HIS A 44 22.89 7.41 -12.04
CA HIS A 44 24.39 7.44 -12.06
C HIS A 44 24.96 6.85 -10.76
N LEU A 45 25.78 5.84 -10.88
CA LEU A 45 26.39 5.21 -9.67
C LEU A 45 27.37 6.18 -9.00
N SER A 46 27.74 7.23 -9.69
CA SER A 46 28.68 8.23 -9.12
C SER A 46 28.01 8.94 -7.93
N GLU A 47 26.77 8.63 -7.65
CA GLU A 47 26.10 9.28 -6.49
C GLU A 47 25.47 8.20 -5.63
N LEU A 48 25.86 6.97 -5.85
CA LEU A 48 25.27 5.86 -5.05
C LEU A 48 26.33 5.24 -4.14
N SER A 49 27.56 5.21 -4.56
CA SER A 49 28.63 4.61 -3.70
C SER A 49 29.53 5.69 -3.10
N ARG A 50 30.16 5.41 -2.00
CA ARG A 50 31.04 6.42 -1.35
C ARG A 50 32.33 6.63 -2.17
N ARG A 51 33.39 5.93 -1.85
CA ARG A 51 34.66 6.09 -2.61
C ARG A 51 34.85 4.92 -3.57
N ARG A 52 35.18 3.77 -3.06
CA ARG A 52 35.37 2.59 -3.94
C ARG A 52 34.06 2.25 -4.65
N ILE A 53 33.82 2.86 -5.78
CA ILE A 53 32.55 2.59 -6.53
C ILE A 53 32.40 1.10 -6.84
N ARG A 54 31.77 0.35 -5.96
CA ARG A 54 31.58 -1.11 -6.20
C ARG A 54 30.72 -1.72 -5.10
N SER A 55 29.70 -1.03 -4.66
CA SER A 55 28.84 -1.58 -3.58
C SER A 55 27.37 -1.19 -3.79
N ILE A 56 27.00 -0.84 -5.00
CA ILE A 56 25.58 -0.45 -5.25
C ILE A 56 24.64 -1.57 -4.83
N ASN A 57 25.13 -2.79 -4.75
CA ASN A 57 24.26 -3.92 -4.33
C ASN A 57 23.65 -3.66 -2.95
N LYS A 58 24.17 -2.69 -2.23
CA LYS A 58 23.62 -2.40 -0.87
C LYS A 58 22.51 -1.34 -0.95
N LEU A 59 21.81 -1.27 -2.04
CA LEU A 59 20.72 -0.27 -2.18
C LEU A 59 19.51 -0.88 -2.90
N ILE A 60 19.67 -1.23 -4.15
CA ILE A 60 18.55 -1.83 -4.92
C ILE A 60 19.10 -2.93 -5.85
N ARG A 61 18.51 -4.10 -5.82
CA ARG A 61 19.00 -5.21 -6.70
C ARG A 61 17.82 -5.94 -7.35
N ILE A 62 17.47 -5.57 -8.57
CA ILE A 62 16.34 -6.24 -9.29
C ILE A 62 15.24 -6.70 -8.33
N GLY A 63 14.29 -5.85 -8.04
CA GLY A 63 13.19 -6.24 -7.12
C GLY A 63 13.23 -5.35 -5.87
N ARG A 64 14.04 -4.33 -5.87
CA ARG A 64 14.12 -3.44 -4.69
C ARG A 64 13.73 -2.02 -5.08
N ASN A 65 12.50 -1.63 -4.83
CA ASN A 65 12.06 -0.25 -5.21
C ASN A 65 12.61 0.78 -4.22
N GLU A 66 12.77 2.00 -4.66
CA GLU A 66 13.30 3.06 -3.75
C GLU A 66 12.92 4.44 -4.29
N CYS A 67 13.15 5.48 -3.53
CA CYS A 67 12.81 6.85 -4.00
C CYS A 67 14.08 7.60 -4.42
N VAL A 68 14.09 8.16 -5.60
CA VAL A 68 15.28 8.91 -6.07
C VAL A 68 14.85 10.18 -6.79
N LYS A 69 15.77 11.07 -7.06
CA LYS A 69 15.40 12.33 -7.76
C LYS A 69 15.97 12.32 -9.19
N VAL A 70 15.28 12.92 -10.11
CA VAL A 70 15.78 12.94 -11.52
C VAL A 70 16.88 13.98 -11.66
N ILE A 71 17.83 13.75 -12.52
CA ILE A 71 18.93 14.74 -12.69
C ILE A 71 18.85 15.36 -14.10
N ARG A 72 18.25 14.66 -15.04
CA ARG A 72 18.13 15.23 -16.42
C ARG A 72 17.40 14.25 -17.35
N VAL A 73 16.26 14.63 -17.86
CA VAL A 73 15.51 13.73 -18.79
C VAL A 73 15.76 14.15 -20.23
N ASP A 74 15.37 13.32 -21.15
CA ASP A 74 15.56 13.67 -22.59
C ASP A 74 14.20 13.86 -23.26
N LYS A 75 13.87 15.06 -23.65
CA LYS A 75 12.55 15.30 -24.29
C LYS A 75 12.59 14.93 -25.77
N GLU A 76 13.74 14.54 -26.24
CA GLU A 76 13.87 14.14 -27.67
C GLU A 76 13.51 12.65 -27.80
N LYS A 77 13.59 11.93 -26.71
CA LYS A 77 13.25 10.48 -26.75
C LYS A 77 12.36 10.13 -25.55
N GLY A 78 12.63 10.70 -24.41
CA GLY A 78 11.81 10.41 -23.20
C GLY A 78 12.66 9.65 -22.19
N TYR A 79 13.78 10.20 -21.80
CA TYR A 79 14.65 9.49 -20.82
C TYR A 79 14.60 10.17 -19.45
N ILE A 80 15.06 9.51 -18.44
CA ILE A 80 15.03 10.12 -17.08
C ILE A 80 16.23 9.65 -16.26
N ASP A 81 17.22 10.49 -16.09
CA ASP A 81 18.40 10.08 -15.28
C ASP A 81 18.05 10.29 -13.81
N LEU A 82 18.59 9.48 -12.92
CA LEU A 82 18.23 9.63 -11.48
C LEU A 82 19.46 9.54 -10.57
N SER A 83 19.29 9.89 -9.31
CA SER A 83 20.41 9.82 -8.33
C SER A 83 19.83 9.75 -6.91
N LYS A 84 20.46 9.00 -6.03
CA LYS A 84 19.93 8.89 -4.64
C LYS A 84 20.67 9.82 -3.68
N ARG A 85 21.81 10.33 -4.06
CA ARG A 85 22.57 11.23 -3.14
C ARG A 85 21.94 12.63 -3.11
N ARG A 86 20.92 12.87 -3.89
CA ARG A 86 20.27 14.21 -3.88
C ARG A 86 18.76 14.10 -3.64
N VAL A 87 18.26 12.91 -3.42
CA VAL A 87 16.80 12.75 -3.16
C VAL A 87 16.52 12.96 -1.67
N SER A 88 15.53 13.77 -1.35
CA SER A 88 15.21 14.01 0.09
C SER A 88 14.05 13.13 0.55
N PRO A 89 13.96 12.93 1.85
CA PRO A 89 12.88 12.11 2.42
C PRO A 89 11.55 12.85 2.35
N GLU A 90 11.58 14.16 2.48
CA GLU A 90 10.30 14.93 2.41
C GLU A 90 9.64 14.75 1.04
N GLU A 91 10.43 14.71 0.00
CA GLU A 91 9.85 14.53 -1.36
C GLU A 91 9.69 13.04 -1.68
N ALA A 92 10.49 12.20 -1.07
CA ALA A 92 10.37 10.73 -1.33
C ALA A 92 9.10 10.20 -0.70
N ILE A 93 8.68 10.83 0.35
CA ILE A 93 7.44 10.39 1.05
C ILE A 93 6.24 11.12 0.44
N LYS A 94 6.39 12.39 0.14
CA LYS A 94 5.26 13.15 -0.47
C LYS A 94 4.86 12.45 -1.78
N CYS A 95 5.83 12.04 -2.54
CA CYS A 95 5.54 11.35 -3.82
C CYS A 95 5.07 9.92 -3.53
N GLU A 96 5.73 9.22 -2.64
CA GLU A 96 5.30 7.82 -2.32
C GLU A 96 3.78 7.79 -2.09
N ASP A 97 3.26 8.77 -1.39
CA ASP A 97 1.79 8.82 -1.14
C ASP A 97 1.07 9.19 -2.43
N LYS A 98 1.56 10.18 -3.13
CA LYS A 98 0.90 10.60 -4.41
C LYS A 98 0.61 9.37 -5.28
N PHE A 99 1.53 8.43 -5.35
CA PHE A 99 1.28 7.22 -6.19
C PHE A 99 0.43 6.22 -5.41
N THR A 100 0.56 6.19 -4.10
CA THR A 100 -0.28 5.24 -3.30
C THR A 100 -1.75 5.46 -3.69
N LYS A 101 -2.15 6.70 -3.72
CA LYS A 101 -3.53 7.03 -4.12
C LYS A 101 -3.63 6.82 -5.63
N SER A 102 -2.60 7.14 -6.35
CA SER A 102 -2.60 6.94 -7.82
C SER A 102 -2.53 5.45 -8.15
N LYS A 103 -2.17 4.63 -7.19
CA LYS A 103 -2.09 3.17 -7.44
C LYS A 103 -3.46 2.54 -7.21
N THR A 104 -4.17 3.01 -6.21
CA THR A 104 -5.53 2.47 -5.95
C THR A 104 -6.44 2.90 -7.10
N VAL A 105 -6.37 4.15 -7.47
CA VAL A 105 -7.20 4.65 -8.60
C VAL A 105 -6.72 3.97 -9.86
N TYR A 106 -5.44 3.79 -9.98
CA TYR A 106 -4.90 3.10 -11.18
C TYR A 106 -5.47 1.69 -11.21
N SER A 107 -5.19 0.94 -10.18
CA SER A 107 -5.72 -0.46 -10.11
C SER A 107 -7.24 -0.44 -10.33
N ILE A 108 -7.89 0.58 -9.84
CA ILE A 108 -9.37 0.68 -10.04
C ILE A 108 -9.67 0.82 -11.54
N LEU A 109 -9.07 1.80 -12.18
CA LEU A 109 -9.31 2.00 -13.63
C LEU A 109 -8.93 0.73 -14.39
N ARG A 110 -7.94 0.01 -13.93
CA ARG A 110 -7.54 -1.25 -14.62
C ARG A 110 -8.69 -2.26 -14.59
N HIS A 111 -9.23 -2.52 -13.43
CA HIS A 111 -10.36 -3.49 -13.33
C HIS A 111 -11.53 -3.00 -14.18
N VAL A 112 -11.89 -1.74 -14.06
CA VAL A 112 -13.01 -1.20 -14.89
C VAL A 112 -12.75 -1.54 -16.36
N ALA A 113 -11.52 -1.39 -16.78
CA ALA A 113 -11.17 -1.71 -18.19
C ALA A 113 -11.18 -3.23 -18.39
N GLU A 114 -10.76 -3.97 -17.39
CA GLU A 114 -10.76 -5.46 -17.53
C GLU A 114 -12.20 -5.98 -17.60
N VAL A 115 -13.15 -5.17 -17.21
CA VAL A 115 -14.58 -5.61 -17.27
C VAL A 115 -15.22 -5.15 -18.59
N LEU A 116 -14.82 -4.01 -19.09
CA LEU A 116 -15.39 -3.50 -20.37
C LEU A 116 -14.56 -3.97 -21.56
N GLU A 117 -13.75 -4.96 -21.33
CA GLU A 117 -12.89 -5.52 -22.42
C GLU A 117 -11.80 -4.51 -22.80
N TYR A 118 -10.97 -4.15 -21.85
CA TYR A 118 -9.86 -3.18 -22.13
C TYR A 118 -8.55 -3.76 -21.62
N THR A 119 -7.93 -4.65 -22.35
CA THR A 119 -6.65 -5.25 -21.88
C THR A 119 -5.57 -5.18 -22.97
N LYS A 120 -5.60 -4.16 -23.78
CA LYS A 120 -4.57 -4.03 -24.86
C LYS A 120 -3.48 -3.04 -24.43
N ASP A 121 -3.14 -3.01 -23.18
CA ASP A 121 -2.09 -2.05 -22.68
C ASP A 121 -2.47 -0.62 -23.06
N GLU A 122 -2.20 -0.23 -24.27
CA GLU A 122 -2.56 1.16 -24.71
C GLU A 122 -4.03 1.45 -24.37
N GLN A 123 -4.85 0.44 -24.44
CA GLN A 123 -6.30 0.63 -24.12
C GLN A 123 -6.45 1.20 -22.70
N LEU A 124 -5.80 0.60 -21.74
CA LEU A 124 -5.90 1.11 -20.35
C LEU A 124 -5.17 2.45 -20.23
N GLU A 125 -4.07 2.60 -20.92
CA GLU A 125 -3.33 3.90 -20.86
C GLU A 125 -4.21 5.00 -21.44
N SER A 126 -5.02 4.66 -22.41
CA SER A 126 -5.93 5.67 -23.02
C SER A 126 -7.03 6.02 -22.03
N LEU A 127 -7.64 5.02 -21.44
CA LEU A 127 -8.71 5.29 -20.44
C LEU A 127 -8.12 6.13 -19.31
N PHE A 128 -6.88 5.86 -18.96
CA PHE A 128 -6.21 6.64 -17.89
C PHE A 128 -6.14 8.11 -18.30
N GLN A 129 -5.80 8.36 -19.54
CA GLN A 129 -5.72 9.76 -20.03
C GLN A 129 -7.12 10.32 -20.26
N ARG A 130 -8.12 9.46 -20.23
CA ARG A 130 -9.52 9.95 -20.45
C ARG A 130 -10.27 10.12 -19.13
N THR A 131 -9.61 9.93 -18.01
CA THR A 131 -10.33 10.10 -16.70
C THR A 131 -9.35 10.41 -15.58
N ALA A 132 -8.65 9.41 -15.09
CA ALA A 132 -7.68 9.65 -13.98
C ALA A 132 -6.80 10.86 -14.27
N TRP A 133 -6.44 11.06 -15.51
CA TRP A 133 -5.59 12.23 -15.86
C TRP A 133 -6.46 13.43 -16.20
N VAL A 134 -7.69 13.19 -16.59
CA VAL A 134 -8.60 14.33 -16.88
C VAL A 134 -8.88 15.06 -15.57
N PHE A 135 -9.14 14.32 -14.54
CA PHE A 135 -9.38 14.93 -13.21
C PHE A 135 -8.06 15.47 -12.67
N ASP A 136 -7.01 14.68 -12.71
CA ASP A 136 -5.69 15.16 -12.23
C ASP A 136 -5.37 16.49 -12.93
N ASP A 137 -5.90 16.67 -14.11
CA ASP A 137 -5.66 17.94 -14.87
C ASP A 137 -6.76 18.94 -14.56
N LYS A 138 -7.86 18.46 -14.04
CA LYS A 138 -8.99 19.37 -13.69
C LYS A 138 -8.58 20.29 -12.54
N TYR A 139 -7.94 19.75 -11.53
CA TYR A 139 -7.50 20.63 -10.39
C TYR A 139 -5.99 20.79 -10.38
N LYS A 140 -5.34 20.39 -11.43
CA LYS A 140 -3.85 20.52 -11.51
C LYS A 140 -3.19 19.89 -10.29
N ARG A 141 -3.45 18.63 -10.04
CA ARG A 141 -2.83 17.96 -8.86
C ARG A 141 -1.95 16.79 -9.32
N PRO A 142 -1.02 16.42 -8.48
CA PRO A 142 -0.09 15.32 -8.81
C PRO A 142 -0.73 13.96 -8.53
N GLY A 143 -1.92 13.73 -9.00
CA GLY A 143 -2.61 12.42 -8.76
C GLY A 143 -3.46 12.54 -7.49
N TYR A 144 -3.06 13.37 -6.57
CA TYR A 144 -3.84 13.54 -5.31
C TYR A 144 -5.27 13.97 -5.64
N GLY A 145 -5.43 14.90 -6.56
CA GLY A 145 -6.80 15.35 -6.90
C GLY A 145 -7.55 14.20 -7.57
N ALA A 146 -6.93 13.54 -8.51
CA ALA A 146 -7.60 12.40 -9.21
C ALA A 146 -8.24 11.46 -8.18
N TYR A 147 -7.55 11.19 -7.10
CA TYR A 147 -8.12 10.29 -6.05
C TYR A 147 -9.29 10.99 -5.36
N ASP A 148 -9.04 12.10 -4.72
CA ASP A 148 -10.14 12.84 -4.02
C ASP A 148 -11.38 12.92 -4.89
N ALA A 149 -11.23 13.30 -6.12
CA ALA A 149 -12.41 13.40 -7.03
C ALA A 149 -12.95 12.00 -7.34
N PHE A 150 -12.11 11.00 -7.31
CA PHE A 150 -12.58 9.62 -7.61
C PHE A 150 -13.41 9.09 -6.43
N LYS A 151 -13.24 9.67 -5.27
CA LYS A 151 -14.04 9.22 -4.08
C LYS A 151 -15.31 10.06 -3.98
N HIS A 152 -15.24 11.29 -4.43
CA HIS A 152 -16.44 12.18 -4.37
C HIS A 152 -17.24 12.07 -5.68
N ALA A 153 -16.67 11.50 -6.70
CA ALA A 153 -17.40 11.36 -7.99
C ALA A 153 -18.47 10.26 -7.88
N VAL A 154 -18.60 9.66 -6.73
CA VAL A 154 -19.62 8.57 -6.56
C VAL A 154 -20.96 9.16 -6.09
N SER A 155 -20.94 10.15 -5.24
CA SER A 155 -22.22 10.74 -4.75
C SER A 155 -22.42 12.15 -5.33
N ASP A 156 -21.36 12.78 -5.77
CA ASP A 156 -21.50 14.15 -6.34
C ASP A 156 -21.22 14.14 -7.85
N PRO A 157 -22.21 13.76 -8.61
CA PRO A 157 -22.04 13.70 -10.09
C PRO A 157 -22.03 15.11 -10.70
N SER A 158 -22.14 16.13 -9.90
CA SER A 158 -22.12 17.52 -10.46
C SER A 158 -20.83 17.76 -11.24
N ILE A 159 -19.78 17.07 -10.89
CA ILE A 159 -18.49 17.23 -11.61
C ILE A 159 -18.38 16.20 -12.73
N LEU A 160 -19.16 15.14 -12.67
CA LEU A 160 -19.10 14.11 -13.75
C LEU A 160 -20.04 14.48 -14.89
N ASP A 161 -20.58 15.67 -14.88
CA ASP A 161 -21.50 16.08 -15.97
C ASP A 161 -20.71 16.35 -17.26
N SER A 162 -19.47 16.74 -17.12
CA SER A 162 -18.64 17.01 -18.32
C SER A 162 -17.96 15.73 -18.80
N LEU A 163 -18.04 14.68 -18.02
CA LEU A 163 -17.40 13.39 -18.43
C LEU A 163 -18.36 12.63 -19.36
N ASP A 164 -18.70 13.21 -20.49
CA ASP A 164 -19.63 12.54 -21.44
C ASP A 164 -19.15 11.11 -21.73
N LEU A 165 -19.64 10.16 -20.98
CA LEU A 165 -19.22 8.74 -21.18
C LEU A 165 -20.45 7.86 -21.44
N ASN A 166 -20.24 6.58 -21.57
CA ASN A 166 -21.40 5.66 -21.81
C ASN A 166 -22.09 5.34 -20.49
N GLU A 167 -23.33 4.95 -20.52
CA GLU A 167 -24.06 4.62 -19.26
C GLU A 167 -23.53 3.31 -18.68
N ASP A 168 -22.80 2.58 -19.46
CA ASP A 168 -22.23 1.30 -18.98
C ASP A 168 -20.82 1.52 -18.43
N GLU A 169 -20.05 2.36 -19.08
CA GLU A 169 -18.66 2.62 -18.59
C GLU A 169 -18.72 3.54 -17.37
N ARG A 170 -19.73 4.36 -17.29
CA ARG A 170 -19.88 5.27 -16.13
C ARG A 170 -20.42 4.49 -14.93
N GLU A 171 -21.31 3.56 -15.18
CA GLU A 171 -21.88 2.76 -14.06
C GLU A 171 -20.80 1.83 -13.47
N VAL A 172 -20.04 1.19 -14.32
CA VAL A 172 -18.98 0.28 -13.81
C VAL A 172 -17.86 1.08 -13.15
N LEU A 173 -17.54 2.24 -13.68
CA LEU A 173 -16.46 3.06 -13.07
C LEU A 173 -16.89 3.51 -11.66
N ILE A 174 -18.14 3.84 -11.49
CA ILE A 174 -18.60 4.26 -10.13
C ILE A 174 -18.64 3.05 -9.19
N ASN A 175 -18.99 1.91 -9.70
CA ASN A 175 -19.04 0.68 -8.85
C ASN A 175 -17.64 0.35 -8.34
N ASN A 176 -16.64 0.58 -9.13
CA ASN A 176 -15.24 0.28 -8.69
C ASN A 176 -14.73 1.39 -7.78
N ILE A 177 -15.03 2.62 -8.11
CA ILE A 177 -14.58 3.77 -7.27
C ILE A 177 -15.06 3.58 -5.82
N ASN A 178 -16.30 3.22 -5.66
CA ASN A 178 -16.85 3.01 -4.29
C ASN A 178 -16.43 1.64 -3.76
N ARG A 179 -16.55 0.61 -4.57
CA ARG A 179 -16.14 -0.74 -4.09
C ARG A 179 -14.65 -0.73 -3.73
N ARG A 180 -13.92 0.25 -4.18
CA ARG A 180 -12.46 0.30 -3.87
C ARG A 180 -12.18 1.41 -2.86
N LEU A 181 -13.05 2.39 -2.77
CA LEU A 181 -12.79 3.50 -1.79
C LEU A 181 -13.73 3.39 -0.58
N THR A 182 -14.68 2.48 -0.62
CA THR A 182 -15.61 2.34 0.55
C THR A 182 -14.84 1.90 1.80
N PRO A 183 -15.43 2.17 2.95
CA PRO A 183 -14.78 1.81 4.23
C PRO A 183 -14.76 0.29 4.43
N GLN A 184 -13.64 -0.26 4.83
CA GLN A 184 -13.55 -1.73 5.04
C GLN A 184 -13.35 -2.05 6.53
N ALA A 185 -13.05 -3.28 6.85
CA ALA A 185 -12.84 -3.68 8.29
C ALA A 185 -12.82 -5.21 8.40
N VAL A 186 -11.88 -5.77 9.13
CA VAL A 186 -11.82 -7.25 9.26
C VAL A 186 -12.09 -7.69 10.70
N LYS A 187 -12.47 -8.93 10.89
CA LYS A 187 -12.73 -9.44 12.27
C LYS A 187 -11.42 -9.95 12.87
N ILE A 188 -10.85 -9.22 13.78
CA ILE A 188 -9.56 -9.66 14.38
C ILE A 188 -9.76 -10.10 15.83
N ARG A 189 -8.99 -11.04 16.28
CA ARG A 189 -9.14 -11.49 17.69
C ARG A 189 -7.87 -12.16 18.23
N ALA A 190 -7.42 -11.71 19.37
CA ALA A 190 -6.21 -12.30 20.01
C ALA A 190 -6.53 -12.59 21.48
N ASP A 191 -5.79 -13.45 22.14
CA ASP A 191 -6.08 -13.73 23.58
C ASP A 191 -5.07 -13.00 24.45
N ILE A 192 -5.46 -12.61 25.63
CA ILE A 192 -4.53 -11.89 26.53
C ILE A 192 -4.86 -12.18 27.99
N GLU A 193 -3.90 -12.12 28.86
CA GLU A 193 -4.18 -12.40 30.29
C GLU A 193 -3.66 -11.25 31.15
N VAL A 194 -4.54 -10.40 31.60
CA VAL A 194 -4.10 -9.26 32.47
C VAL A 194 -4.30 -9.62 33.93
N ALA A 195 -3.47 -9.11 34.79
CA ALA A 195 -3.60 -9.41 36.24
C ALA A 195 -2.97 -8.28 37.07
N CYS A 196 -3.44 -8.09 38.26
CA CYS A 196 -2.87 -7.01 39.12
C CYS A 196 -2.99 -7.43 40.59
N TYR A 197 -2.18 -8.37 41.00
CA TYR A 197 -2.22 -8.86 42.41
C TYR A 197 -2.14 -7.69 43.39
N GLY A 198 -3.20 -7.43 44.12
CA GLY A 198 -3.20 -6.31 45.08
C GLY A 198 -4.50 -5.53 44.96
N TYR A 199 -4.88 -4.80 45.99
CA TYR A 199 -6.14 -4.03 45.93
C TYR A 199 -5.95 -2.78 45.07
N GLU A 200 -4.73 -2.34 44.91
CA GLU A 200 -4.47 -1.13 44.08
C GLU A 200 -4.22 -1.52 42.62
N GLY A 201 -4.17 -2.81 42.34
CA GLY A 201 -3.93 -3.24 40.94
C GLY A 201 -5.26 -3.41 40.21
N ILE A 202 -6.32 -3.69 40.93
CA ILE A 202 -7.63 -3.87 40.26
C ILE A 202 -7.94 -2.63 39.40
N ASP A 203 -7.58 -1.47 39.90
CA ASP A 203 -7.81 -0.22 39.12
C ASP A 203 -7.05 -0.31 37.79
N ALA A 204 -6.02 -1.12 37.76
CA ALA A 204 -5.25 -1.27 36.49
C ALA A 204 -5.96 -2.33 35.64
N VAL A 205 -6.62 -3.24 36.28
CA VAL A 205 -7.37 -4.29 35.55
C VAL A 205 -8.42 -3.62 34.65
N LYS A 206 -9.22 -2.75 35.21
CA LYS A 206 -10.26 -2.06 34.39
C LYS A 206 -9.60 -1.03 33.47
N GLU A 207 -8.74 -0.21 34.01
CA GLU A 207 -8.05 0.81 33.15
C GLU A 207 -7.32 0.11 32.01
N ALA A 208 -6.76 -1.05 32.27
CA ALA A 208 -6.03 -1.78 31.21
C ALA A 208 -6.99 -2.15 30.08
N LEU A 209 -7.99 -2.95 30.36
CA LEU A 209 -8.96 -3.32 29.30
C LEU A 209 -9.50 -2.05 28.65
N ARG A 210 -9.69 -1.02 29.44
CA ARG A 210 -10.19 0.27 28.88
C ARG A 210 -9.11 0.88 27.98
N ALA A 211 -7.86 0.69 28.32
CA ALA A 211 -6.77 1.25 27.47
C ALA A 211 -6.78 0.57 26.10
N GLY A 212 -6.98 -0.72 26.08
CA GLY A 212 -7.01 -1.45 24.78
C GLY A 212 -8.27 -1.05 24.01
N LEU A 213 -9.39 -1.02 24.68
CA LEU A 213 -10.66 -0.64 24.00
C LEU A 213 -10.63 0.86 23.66
N ASN A 214 -9.84 1.62 24.36
CA ASN A 214 -9.77 3.09 24.09
C ASN A 214 -8.54 3.42 23.23
N CYS A 215 -7.68 2.46 22.98
CA CYS A 215 -6.49 2.72 22.13
C CYS A 215 -6.86 2.60 20.66
N SER A 216 -7.95 1.93 20.37
CA SER A 216 -8.39 1.78 18.95
C SER A 216 -8.75 3.14 18.37
N THR A 217 -9.07 3.17 17.10
CA THR A 217 -9.45 4.45 16.45
C THR A 217 -9.85 4.20 14.99
N GLU A 218 -11.12 4.24 14.70
CA GLU A 218 -11.58 4.01 13.30
C GLU A 218 -13.11 3.93 13.27
N ASN A 219 -13.68 3.71 12.11
CA ASN A 219 -15.16 3.60 12.02
C ASN A 219 -15.65 2.31 12.70
N MET A 220 -14.75 1.47 13.16
CA MET A 220 -15.17 0.20 13.82
C MET A 220 -14.59 0.10 15.24
N PRO A 221 -15.42 -0.35 16.16
CA PRO A 221 -14.99 -0.47 17.57
C PRO A 221 -14.25 -1.80 17.86
N ILE A 222 -13.66 -1.91 19.02
CA ILE A 222 -12.94 -3.15 19.42
C ILE A 222 -13.70 -3.85 20.56
N LYS A 223 -13.50 -5.14 20.75
CA LYS A 223 -14.23 -5.85 21.84
C LYS A 223 -13.24 -6.57 22.76
N ILE A 224 -13.13 -6.14 23.99
CA ILE A 224 -12.19 -6.79 24.94
C ILE A 224 -12.91 -7.07 26.27
N ASN A 225 -13.06 -8.31 26.64
CA ASN A 225 -13.77 -8.62 27.91
C ASN A 225 -13.23 -9.92 28.51
N LEU A 226 -13.49 -10.15 29.77
CA LEU A 226 -13.02 -11.40 30.43
C LEU A 226 -13.96 -12.55 30.06
N ILE A 227 -13.45 -13.57 29.43
CA ILE A 227 -14.32 -14.73 29.06
C ILE A 227 -13.91 -15.95 29.88
N ALA A 228 -12.79 -15.87 30.54
CA ALA A 228 -12.30 -17.01 31.36
C ALA A 228 -11.12 -16.54 32.23
N PRO A 229 -10.89 -17.22 33.31
CA PRO A 229 -9.79 -16.84 34.22
C PRO A 229 -8.38 -17.12 33.63
N PRO A 230 -8.23 -18.13 32.80
CA PRO A 230 -6.89 -18.42 32.23
C PRO A 230 -6.52 -17.40 31.13
N ARG A 231 -7.47 -16.69 30.60
CA ARG A 231 -7.12 -15.70 29.53
C ARG A 231 -8.32 -14.78 29.22
N TYR A 232 -8.10 -13.79 28.40
CA TYR A 232 -9.20 -12.85 28.04
C TYR A 232 -9.44 -12.87 26.53
N VAL A 233 -10.36 -12.08 26.06
CA VAL A 233 -10.63 -12.04 24.60
C VAL A 233 -10.39 -10.63 24.06
N MET A 234 -9.69 -10.50 22.96
CA MET A 234 -9.43 -9.13 22.41
C MET A 234 -9.72 -9.13 20.90
N THR A 235 -10.86 -8.63 20.51
CA THR A 235 -11.18 -8.61 19.06
C THR A 235 -11.51 -7.19 18.60
N THR A 236 -11.85 -7.04 17.35
CA THR A 236 -12.19 -5.68 16.83
C THR A 236 -12.48 -5.76 15.34
N THR A 237 -13.03 -4.72 14.80
CA THR A 237 -13.32 -4.70 13.34
C THR A 237 -12.35 -3.75 12.66
N THR A 238 -11.15 -4.21 12.38
CA THR A 238 -10.14 -3.32 11.74
C THR A 238 -9.63 -3.95 10.45
N LEU A 239 -9.90 -3.33 9.34
CA LEU A 239 -9.43 -3.90 8.03
C LEU A 239 -7.90 -4.03 8.04
N GLU A 240 -7.34 -4.62 7.03
CA GLU A 240 -5.85 -4.79 6.96
C GLU A 240 -5.41 -5.72 8.10
N ARG A 241 -5.36 -7.00 7.83
CA ARG A 241 -4.96 -7.99 8.88
C ARG A 241 -3.70 -7.54 9.63
N THR A 242 -2.81 -6.84 8.98
CA THR A 242 -1.58 -6.38 9.68
C THR A 242 -1.90 -5.13 10.52
N GLU A 243 -2.32 -4.07 9.88
CA GLU A 243 -2.65 -2.83 10.64
C GLU A 243 -3.70 -3.14 11.72
N GLY A 244 -4.70 -3.90 11.37
CA GLY A 244 -5.74 -4.26 12.37
C GLY A 244 -5.05 -4.91 13.58
N LEU A 245 -4.48 -6.07 13.39
CA LEU A 245 -3.77 -6.73 14.52
C LEU A 245 -2.77 -5.75 15.11
N SER A 246 -2.25 -4.85 14.29
CA SER A 246 -1.29 -3.85 14.81
C SER A 246 -1.94 -3.07 15.94
N VAL A 247 -3.23 -2.85 15.85
CA VAL A 247 -3.93 -2.12 16.94
C VAL A 247 -4.17 -3.09 18.09
N LEU A 248 -4.34 -4.36 17.78
CA LEU A 248 -4.54 -5.37 18.86
C LEU A 248 -3.28 -5.43 19.73
N SER A 249 -2.15 -5.72 19.14
CA SER A 249 -0.89 -5.77 19.94
C SER A 249 -0.62 -4.43 20.60
N GLN A 250 -0.73 -3.36 19.85
CA GLN A 250 -0.49 -2.00 20.44
C GLN A 250 -1.29 -1.84 21.73
N ALA A 251 -2.47 -2.39 21.77
CA ALA A 251 -3.31 -2.30 23.00
C ALA A 251 -2.78 -3.29 24.03
N MET A 252 -2.39 -4.45 23.59
CA MET A 252 -1.86 -5.48 24.53
C MET A 252 -0.55 -4.98 25.15
N ALA A 253 0.12 -4.08 24.48
CA ALA A 253 1.39 -3.54 25.04
C ALA A 253 1.04 -2.36 25.94
N VAL A 254 0.05 -1.61 25.57
CA VAL A 254 -0.39 -0.47 26.39
C VAL A 254 -0.87 -1.01 27.74
N ILE A 255 -1.71 -2.01 27.70
CA ILE A 255 -2.20 -2.61 28.96
C ILE A 255 -1.02 -3.24 29.67
N LYS A 256 -0.17 -3.92 28.93
CA LYS A 256 1.03 -4.52 29.57
C LYS A 256 1.74 -3.42 30.35
N GLU A 257 1.61 -2.18 29.91
CA GLU A 257 2.24 -1.06 30.65
C GLU A 257 1.25 -0.53 31.69
N LYS A 258 -0.04 -0.55 31.38
CA LYS A 258 -1.04 -0.06 32.38
C LYS A 258 -1.27 -1.13 33.45
N ILE A 259 -0.66 -2.29 33.29
CA ILE A 259 -0.82 -3.37 34.31
C ILE A 259 0.52 -3.58 35.03
N GLU A 260 1.61 -3.42 34.31
CA GLU A 260 2.95 -3.61 34.95
C GLU A 260 3.26 -2.42 35.86
N GLU A 261 2.79 -1.25 35.51
CA GLU A 261 3.07 -0.05 36.37
C GLU A 261 2.35 -0.17 37.72
N LYS A 262 1.48 -1.14 37.86
CA LYS A 262 0.75 -1.30 39.15
C LYS A 262 0.93 -2.72 39.69
N ARG A 263 2.08 -3.29 39.51
CA ARG A 263 2.33 -4.68 40.01
C ARG A 263 1.33 -5.67 39.41
N GLY A 264 1.30 -5.80 38.11
CA GLY A 264 0.36 -6.75 37.47
C GLY A 264 1.11 -7.61 36.47
N VAL A 265 0.42 -8.23 35.56
CA VAL A 265 1.11 -9.11 34.55
C VAL A 265 0.27 -9.20 33.27
N PHE A 266 0.88 -9.65 32.20
CA PHE A 266 0.15 -9.79 30.90
C PHE A 266 0.56 -11.09 30.20
N ASN A 267 -0.36 -11.74 29.53
CA ASN A 267 0.02 -13.00 28.82
C ASN A 267 -0.90 -13.26 27.62
N VAL A 268 -0.32 -13.35 26.44
CA VAL A 268 -1.12 -13.62 25.22
C VAL A 268 -1.45 -15.12 25.15
N GLN A 269 -2.52 -15.50 24.48
CA GLN A 269 -2.85 -16.96 24.41
C GLN A 269 -3.08 -17.41 22.97
N MET A 270 -3.31 -16.50 22.06
CA MET A 270 -3.53 -16.90 20.64
C MET A 270 -3.03 -15.83 19.67
N GLU A 271 -2.29 -14.90 20.15
CA GLU A 271 -1.74 -13.82 19.28
C GLU A 271 -2.85 -13.18 18.43
N PRO A 272 -2.49 -12.17 17.69
CA PRO A 272 -3.47 -11.48 16.82
C PRO A 272 -3.85 -12.38 15.64
N LYS A 273 -5.05 -12.89 15.65
CA LYS A 273 -5.50 -13.78 14.55
C LYS A 273 -6.64 -13.13 13.78
N VAL A 274 -6.39 -12.72 12.57
CA VAL A 274 -7.47 -12.08 11.76
C VAL A 274 -8.46 -13.12 11.24
N VAL A 275 -9.68 -12.73 11.04
CA VAL A 275 -10.70 -13.69 10.54
C VAL A 275 -10.87 -13.50 9.02
N THR A 276 -11.02 -14.56 8.30
CA THR A 276 -11.18 -14.45 6.83
C THR A 276 -12.18 -15.50 6.32
N ASP A 277 -13.35 -15.09 5.96
CA ASP A 277 -14.36 -16.07 5.45
C ASP A 277 -13.85 -16.73 4.17
N THR A 278 -12.88 -16.14 3.53
CA THR A 278 -12.34 -16.73 2.27
C THR A 278 -11.44 -17.94 2.58
N ASP A 279 -11.17 -18.19 3.84
CA ASP A 279 -10.31 -19.36 4.19
C ASP A 279 -11.05 -20.67 3.90
N GLU A 280 -12.31 -20.59 3.58
CA GLU A 280 -13.08 -21.83 3.27
C GLU A 280 -12.75 -22.31 1.84
N THR A 281 -12.95 -21.46 0.86
CA THR A 281 -12.64 -21.86 -0.54
C THR A 281 -11.13 -22.07 -0.71
N GLU A 282 -10.34 -21.62 0.23
CA GLU A 282 -8.86 -21.81 0.10
C GLU A 282 -8.48 -23.29 0.21
N LEU A 283 -9.43 -24.13 0.56
CA LEU A 283 -9.13 -25.59 0.68
C LEU A 283 -9.09 -26.24 -0.72
N ALA A 284 -9.56 -25.56 -1.72
CA ALA A 284 -9.54 -26.14 -3.10
C ALA A 284 -8.22 -25.86 -3.80
N ARG A 285 -7.53 -24.82 -3.40
CA ARG A 285 -6.23 -24.49 -4.05
C ARG A 285 -5.07 -25.25 -3.38
N GLN A 286 -5.29 -25.78 -2.20
CA GLN A 286 -4.19 -26.52 -1.51
C GLN A 286 -4.12 -27.98 -2.00
N MET A 287 -5.05 -28.81 -1.61
CA MET A 287 -5.02 -30.24 -2.05
C MET A 287 -3.72 -30.89 -1.57
N GLU A 288 -3.67 -32.20 -1.50
CA GLU A 288 -2.42 -32.88 -1.03
C GLU A 288 -1.21 -32.38 -1.83
N ARG A 289 -0.24 -31.81 -1.16
CA ARG A 289 0.97 -31.29 -1.87
C ARG A 289 2.01 -32.40 -2.04
N LEU A 290 1.87 -33.48 -1.30
CA LEU A 290 2.87 -34.58 -1.43
C LEU A 290 2.69 -35.30 -2.78
N GLU A 291 1.62 -35.03 -3.47
CA GLU A 291 1.40 -35.70 -4.79
C GLU A 291 2.00 -34.83 -5.91
N ARG A 292 2.44 -33.64 -5.59
CA ARG A 292 3.03 -32.76 -6.63
C ARG A 292 4.55 -32.61 -6.42
N GLU A 293 5.09 -33.23 -5.40
CA GLU A 293 6.56 -33.14 -5.14
C GLU A 293 7.36 -33.32 -6.44
N ASN A 294 7.82 -32.25 -7.02
CA ASN A 294 8.60 -32.37 -8.29
C ASN A 294 9.65 -31.27 -8.37
N ALA A 295 9.24 -30.03 -8.29
CA ALA A 295 10.21 -28.91 -8.35
C ALA A 295 11.02 -28.82 -7.06
N GLU A 296 12.30 -29.02 -7.13
CA GLU A 296 13.16 -28.95 -5.91
C GLU A 296 13.29 -27.50 -5.44
N VAL A 297 12.83 -27.20 -4.25
CA VAL A 297 12.92 -25.80 -3.74
C VAL A 297 14.29 -25.56 -3.11
N ASP A 298 15.18 -24.93 -3.83
CA ASP A 298 16.54 -24.67 -3.28
C ASP A 298 16.50 -23.50 -2.29
N GLY A 299 17.45 -23.45 -1.39
CA GLY A 299 17.48 -22.33 -0.40
C GLY A 299 17.88 -22.88 0.98
N ASP A 300 16.97 -22.85 1.92
CA ASP A 300 17.30 -23.36 3.28
C ASP A 300 16.74 -24.77 3.45
N MET A 1 17.42 -14.53 -4.14
CA MET A 1 17.09 -13.28 -4.88
C MET A 1 16.32 -13.61 -6.15
N SER A 2 15.55 -14.66 -6.13
CA SER A 2 14.75 -15.03 -7.32
C SER A 2 13.26 -15.08 -6.96
N CYS A 3 12.51 -15.95 -7.59
CA CYS A 3 11.04 -16.06 -7.30
C CYS A 3 10.32 -14.79 -7.76
N ARG A 4 10.24 -14.57 -9.05
CA ARG A 4 9.56 -13.36 -9.58
C ARG A 4 8.16 -13.19 -8.98
N PHE A 5 7.43 -12.20 -9.41
CA PHE A 5 6.06 -11.99 -8.86
C PHE A 5 5.05 -12.87 -9.60
N TYR A 6 4.61 -12.45 -10.76
CA TYR A 6 3.59 -13.24 -11.52
C TYR A 6 4.25 -14.29 -12.41
N GLN A 7 5.09 -15.13 -11.85
CA GLN A 7 5.77 -16.19 -12.66
C GLN A 7 6.24 -15.63 -14.01
N HIS A 8 6.53 -14.35 -14.06
CA HIS A 8 7.00 -13.73 -15.34
C HIS A 8 5.98 -13.97 -16.46
N LYS A 9 5.34 -12.92 -16.93
CA LYS A 9 4.34 -13.09 -18.03
C LYS A 9 3.82 -11.71 -18.49
N PHE A 10 4.60 -11.02 -19.29
CA PHE A 10 4.16 -9.67 -19.78
C PHE A 10 3.91 -9.72 -21.30
N PRO A 11 3.22 -8.73 -21.79
CA PRO A 11 2.91 -8.66 -23.24
C PRO A 11 4.18 -8.37 -24.04
N GLU A 12 4.04 -7.87 -25.24
CA GLU A 12 5.24 -7.56 -26.07
C GLU A 12 5.31 -6.07 -26.35
N VAL A 13 6.38 -5.44 -25.92
CA VAL A 13 6.55 -3.98 -26.13
C VAL A 13 5.47 -3.20 -25.37
N GLU A 14 5.33 -3.50 -24.12
CA GLU A 14 4.30 -2.78 -23.30
C GLU A 14 4.51 -3.04 -21.80
N ASP A 15 5.72 -3.31 -21.41
CA ASP A 15 6.00 -3.58 -19.96
C ASP A 15 6.77 -2.42 -19.34
N VAL A 16 6.16 -1.69 -18.45
CA VAL A 16 6.87 -0.53 -17.81
C VAL A 16 7.09 -0.82 -16.31
N VAL A 17 8.32 -0.90 -15.89
CA VAL A 17 8.59 -1.17 -14.44
C VAL A 17 9.93 -0.52 -14.05
N MET A 18 10.36 -0.72 -12.83
CA MET A 18 11.66 -0.12 -12.39
C MET A 18 12.68 -1.24 -12.11
N VAL A 19 13.91 -1.02 -12.47
CA VAL A 19 14.96 -2.06 -12.23
C VAL A 19 16.24 -1.40 -11.72
N ASN A 20 17.32 -2.13 -11.67
CA ASN A 20 18.60 -1.54 -11.16
C ASN A 20 19.74 -1.76 -12.16
N VAL A 21 20.54 -0.76 -12.38
CA VAL A 21 21.69 -0.90 -13.34
C VAL A 21 22.57 -2.08 -12.94
N ARG A 22 22.89 -2.93 -13.88
CA ARG A 22 23.75 -4.11 -13.57
C ARG A 22 25.04 -4.05 -14.39
N SER A 23 24.93 -4.13 -15.68
CA SER A 23 26.16 -4.10 -16.54
C SER A 23 26.06 -2.98 -17.58
N ILE A 24 26.95 -2.02 -17.53
CA ILE A 24 26.91 -0.90 -18.53
C ILE A 24 27.31 -1.45 -19.91
N GLN A 25 26.79 -0.89 -20.96
CA GLN A 25 27.15 -1.39 -22.32
C GLN A 25 27.59 -0.23 -23.21
N GLU A 26 28.62 -0.44 -23.99
CA GLU A 26 29.10 0.65 -24.89
C GLU A 26 28.03 0.98 -25.93
N MET A 27 27.10 0.08 -26.15
CA MET A 27 26.02 0.33 -27.15
C MET A 27 24.65 0.04 -26.52
N GLY A 28 24.55 0.19 -25.22
CA GLY A 28 23.25 -0.08 -24.53
C GLY A 28 23.50 -0.10 -23.02
N ALA A 29 22.57 -0.58 -22.26
CA ALA A 29 22.77 -0.64 -20.78
C ALA A 29 22.11 -1.91 -20.24
N TYR A 30 22.77 -2.59 -19.33
CA TYR A 30 22.18 -3.84 -18.78
C TYR A 30 21.66 -3.58 -17.37
N VAL A 31 20.43 -3.93 -17.10
CA VAL A 31 19.87 -3.71 -15.74
C VAL A 31 19.39 -5.05 -15.19
N SER A 32 19.06 -5.10 -13.93
CA SER A 32 18.57 -6.36 -13.33
C SER A 32 17.26 -6.11 -12.60
N LEU A 33 16.22 -6.79 -12.97
CA LEU A 33 14.90 -6.57 -12.29
C LEU A 33 15.07 -6.69 -10.78
N LEU A 34 15.28 -5.58 -10.11
CA LEU A 34 15.45 -5.58 -8.62
C LEU A 34 16.04 -6.91 -8.12
N GLU A 35 15.38 -7.62 -7.23
CA GLU A 35 15.96 -8.90 -6.74
C GLU A 35 14.86 -9.93 -6.43
N TYR A 36 13.75 -9.88 -7.12
CA TYR A 36 12.66 -10.88 -6.86
C TYR A 36 12.46 -11.76 -8.09
N ASN A 37 12.70 -11.23 -9.26
CA ASN A 37 12.54 -12.05 -10.49
C ASN A 37 13.92 -12.38 -11.06
N ASN A 38 14.94 -11.66 -10.65
CA ASN A 38 16.32 -11.92 -11.15
C ASN A 38 16.38 -11.84 -12.68
N ILE A 39 15.45 -11.16 -13.29
CA ILE A 39 15.45 -11.05 -14.79
C ILE A 39 16.50 -10.03 -15.23
N GLU A 40 17.00 -10.15 -16.42
CA GLU A 40 18.02 -9.17 -16.92
C GLU A 40 17.37 -8.24 -17.94
N GLY A 41 17.52 -6.95 -17.76
CA GLY A 41 16.91 -5.99 -18.72
C GLY A 41 17.96 -5.45 -19.69
N MET A 42 17.65 -5.38 -20.95
CA MET A 42 18.62 -4.85 -21.96
C MET A 42 18.09 -3.54 -22.54
N ILE A 43 18.63 -2.43 -22.14
CA ILE A 43 18.13 -1.12 -22.68
C ILE A 43 19.10 -0.58 -23.73
N HIS A 44 18.65 0.35 -24.55
CA HIS A 44 19.54 0.90 -25.61
C HIS A 44 19.76 2.40 -25.41
N LEU A 45 21.00 2.84 -25.49
CA LEU A 45 21.30 4.29 -25.30
C LEU A 45 20.88 5.08 -26.54
N SER A 46 20.73 4.41 -27.67
CA SER A 46 20.32 5.13 -28.91
C SER A 46 18.96 5.81 -28.70
N GLU A 47 18.26 5.46 -27.65
CA GLU A 47 16.95 6.10 -27.38
C GLU A 47 16.86 6.41 -25.89
N LEU A 48 17.99 6.45 -25.23
CA LEU A 48 18.01 6.74 -23.78
C LEU A 48 18.49 8.17 -23.53
N SER A 49 19.37 8.64 -24.37
CA SER A 49 19.90 10.02 -24.22
C SER A 49 19.30 10.93 -25.29
N ARG A 50 19.54 12.22 -25.20
CA ARG A 50 18.99 13.15 -26.22
C ARG A 50 20.06 14.16 -26.65
N ARG A 51 20.78 14.69 -25.71
CA ARG A 51 21.84 15.69 -26.04
C ARG A 51 23.21 14.99 -26.12
N ARG A 52 24.28 15.71 -25.86
CA ARG A 52 25.63 15.09 -25.91
C ARG A 52 25.64 13.77 -25.14
N ILE A 53 26.19 12.73 -25.71
CA ILE A 53 26.21 11.41 -25.02
C ILE A 53 27.63 11.06 -24.59
N ARG A 54 27.79 10.50 -23.41
CA ARG A 54 29.13 10.11 -22.94
C ARG A 54 29.11 8.68 -22.44
N SER A 55 28.15 8.33 -21.61
CA SER A 55 28.06 6.94 -21.09
C SER A 55 26.84 6.77 -20.18
N ILE A 56 26.55 5.57 -19.77
CA ILE A 56 25.38 5.34 -18.87
C ILE A 56 25.71 5.84 -17.46
N ASN A 57 26.97 6.06 -17.17
CA ASN A 57 27.37 6.54 -15.82
C ASN A 57 26.67 7.87 -15.49
N LYS A 58 26.14 8.54 -16.48
CA LYS A 58 25.44 9.84 -16.22
C LYS A 58 24.00 9.59 -15.76
N LEU A 59 23.64 8.36 -15.51
CA LEU A 59 22.25 8.06 -15.06
C LEU A 59 22.27 6.99 -13.96
N ILE A 60 22.79 5.84 -14.26
CA ILE A 60 22.84 4.74 -13.26
C ILE A 60 24.18 4.02 -13.32
N ARG A 61 24.88 3.94 -12.21
CA ARG A 61 26.20 3.23 -12.21
C ARG A 61 26.27 2.21 -11.07
N ILE A 62 25.92 0.98 -11.33
CA ILE A 62 25.97 -0.08 -10.26
C ILE A 62 25.52 0.48 -8.91
N GLY A 63 24.23 0.51 -8.68
CA GLY A 63 23.71 1.06 -7.38
C GLY A 63 22.73 2.19 -7.66
N ARG A 64 22.25 2.31 -8.87
CA ARG A 64 21.29 3.39 -9.22
C ARG A 64 20.09 2.81 -9.97
N ASN A 65 18.99 2.63 -9.31
CA ASN A 65 17.77 2.05 -9.98
C ASN A 65 16.98 3.16 -10.69
N GLU A 66 16.15 2.77 -11.63
CA GLU A 66 15.34 3.79 -12.37
C GLU A 66 14.05 3.15 -12.92
N CYS A 67 13.22 3.92 -13.58
CA CYS A 67 11.96 3.36 -14.14
C CYS A 67 11.97 3.49 -15.67
N VAL A 68 11.85 2.38 -16.37
CA VAL A 68 11.86 2.43 -17.85
C VAL A 68 10.77 1.51 -18.41
N LYS A 69 10.63 1.46 -19.72
CA LYS A 69 9.59 0.60 -20.34
C LYS A 69 10.19 -0.32 -21.41
N VAL A 70 9.76 -1.56 -21.44
CA VAL A 70 10.31 -2.50 -22.47
C VAL A 70 9.92 -2.01 -23.88
N ILE A 71 10.74 -2.26 -24.85
CA ILE A 71 10.40 -1.82 -26.24
C ILE A 71 10.25 -3.03 -27.17
N ARG A 72 10.85 -4.13 -26.83
CA ARG A 72 10.72 -5.34 -27.70
C ARG A 72 11.45 -6.54 -27.07
N VAL A 73 10.76 -7.65 -26.94
CA VAL A 73 11.40 -8.86 -26.36
C VAL A 73 11.68 -9.88 -27.45
N ASP A 74 12.43 -10.89 -27.14
CA ASP A 74 12.74 -11.94 -28.15
C ASP A 74 11.97 -13.20 -27.81
N LYS A 75 11.05 -13.59 -28.67
CA LYS A 75 10.25 -14.81 -28.40
C LYS A 75 10.96 -16.05 -28.93
N GLU A 76 12.14 -15.87 -29.45
CA GLU A 76 12.92 -17.04 -29.96
C GLU A 76 13.71 -17.66 -28.80
N LYS A 77 13.87 -16.90 -27.74
CA LYS A 77 14.63 -17.41 -26.57
C LYS A 77 14.05 -16.83 -25.28
N GLY A 78 13.62 -15.59 -25.32
CA GLY A 78 13.05 -14.96 -24.09
C GLY A 78 13.93 -13.80 -23.63
N TYR A 79 14.05 -12.78 -24.43
CA TYR A 79 14.89 -11.61 -24.02
C TYR A 79 13.99 -10.38 -23.84
N ILE A 80 14.54 -9.28 -23.40
CA ILE A 80 13.68 -8.08 -23.20
C ILE A 80 14.47 -6.78 -23.46
N ASP A 81 14.03 -5.99 -24.39
CA ASP A 81 14.72 -4.70 -24.67
C ASP A 81 14.14 -3.62 -23.76
N LEU A 82 14.89 -2.59 -23.47
CA LEU A 82 14.37 -1.52 -22.59
C LEU A 82 14.59 -0.13 -23.19
N SER A 83 13.65 0.74 -23.00
CA SER A 83 13.76 2.14 -23.53
C SER A 83 13.01 3.07 -22.59
N LYS A 84 13.42 4.31 -22.51
CA LYS A 84 12.72 5.26 -21.61
C LYS A 84 11.88 6.22 -22.44
N ARG A 85 12.42 6.69 -23.54
CA ARG A 85 11.67 7.66 -24.40
C ARG A 85 11.02 8.72 -23.51
N ARG A 86 11.62 9.00 -22.39
CA ARG A 86 11.06 10.01 -21.45
C ARG A 86 9.74 9.49 -20.84
N VAL A 87 9.83 8.56 -19.93
CA VAL A 87 8.59 7.99 -19.31
C VAL A 87 7.81 9.09 -18.57
N SER A 88 6.57 8.82 -18.25
CA SER A 88 5.76 9.84 -17.52
C SER A 88 5.71 9.53 -16.02
N PRO A 89 5.41 10.54 -15.24
CA PRO A 89 5.33 10.37 -13.76
C PRO A 89 4.10 9.55 -13.39
N GLU A 90 3.03 9.65 -14.14
CA GLU A 90 1.80 8.87 -13.82
C GLU A 90 2.06 7.38 -14.06
N GLU A 91 2.98 7.06 -14.93
CA GLU A 91 3.28 5.63 -15.20
C GLU A 91 4.30 5.10 -14.19
N ALA A 92 5.27 5.91 -13.83
CA ALA A 92 6.28 5.45 -12.84
C ALA A 92 5.64 5.28 -11.47
N ILE A 93 4.65 6.07 -11.20
CA ILE A 93 3.94 5.98 -9.89
C ILE A 93 2.90 4.86 -9.92
N LYS A 94 2.20 4.71 -11.02
CA LYS A 94 1.18 3.62 -11.10
C LYS A 94 1.84 2.25 -10.87
N CYS A 95 2.91 1.99 -11.57
CA CYS A 95 3.61 0.68 -11.41
C CYS A 95 4.37 0.64 -10.08
N GLU A 96 5.06 1.70 -9.73
CA GLU A 96 5.82 1.72 -8.43
C GLU A 96 4.91 1.25 -7.28
N ASP A 97 3.66 1.63 -7.32
CA ASP A 97 2.72 1.20 -6.25
C ASP A 97 2.35 -0.27 -6.46
N LYS A 98 1.79 -0.58 -7.61
CA LYS A 98 1.41 -2.00 -7.90
C LYS A 98 2.49 -2.97 -7.38
N PHE A 99 3.75 -2.59 -7.47
CA PHE A 99 4.83 -3.49 -6.97
C PHE A 99 5.00 -3.29 -5.46
N THR A 100 4.84 -2.10 -4.96
CA THR A 100 4.99 -1.88 -3.48
C THR A 100 4.05 -2.83 -2.75
N LYS A 101 2.84 -2.94 -3.22
CA LYS A 101 1.88 -3.87 -2.59
C LYS A 101 2.21 -5.30 -3.04
N SER A 102 2.44 -5.49 -4.30
CA SER A 102 2.80 -6.85 -4.79
C SER A 102 4.13 -7.30 -4.15
N LYS A 103 4.88 -6.35 -3.64
CA LYS A 103 6.17 -6.68 -2.99
C LYS A 103 5.92 -7.04 -1.52
N THR A 104 5.02 -6.32 -0.88
CA THR A 104 4.70 -6.64 0.54
C THR A 104 4.08 -8.03 0.58
N VAL A 105 3.10 -8.26 -0.26
CA VAL A 105 2.46 -9.61 -0.31
C VAL A 105 3.50 -10.62 -0.77
N TYR A 106 4.33 -10.20 -1.70
CA TYR A 106 5.40 -11.10 -2.21
C TYR A 106 6.28 -11.53 -1.02
N SER A 107 6.76 -10.58 -0.27
CA SER A 107 7.61 -10.92 0.90
C SER A 107 6.78 -11.62 1.96
N ILE A 108 5.53 -11.23 2.11
CA ILE A 108 4.65 -11.90 3.10
C ILE A 108 4.55 -13.39 2.76
N LEU A 109 4.49 -13.70 1.49
CA LEU A 109 4.40 -15.13 1.07
C LEU A 109 5.79 -15.78 1.14
N ARG A 110 6.82 -15.01 0.93
CA ARG A 110 8.21 -15.58 1.00
C ARG A 110 8.54 -15.90 2.45
N HIS A 111 8.09 -15.06 3.36
CA HIS A 111 8.37 -15.31 4.80
C HIS A 111 7.53 -16.47 5.31
N VAL A 112 6.25 -16.44 5.07
CA VAL A 112 5.40 -17.58 5.55
C VAL A 112 5.99 -18.88 5.00
N ALA A 113 6.46 -18.85 3.78
CA ALA A 113 7.07 -20.08 3.19
C ALA A 113 8.35 -20.40 3.97
N GLU A 114 9.11 -19.40 4.33
CA GLU A 114 10.37 -19.66 5.09
C GLU A 114 10.05 -20.49 6.34
N VAL A 115 8.93 -20.22 6.97
CA VAL A 115 8.55 -20.98 8.19
C VAL A 115 7.93 -22.33 7.81
N LEU A 116 7.37 -22.45 6.63
CA LEU A 116 6.76 -23.75 6.21
C LEU A 116 7.77 -24.57 5.42
N GLU A 117 9.00 -24.21 5.52
CA GLU A 117 10.09 -24.94 4.80
C GLU A 117 9.85 -24.86 3.28
N TYR A 118 9.95 -23.69 2.72
CA TYR A 118 9.72 -23.53 1.25
C TYR A 118 11.05 -23.23 0.56
N THR A 119 11.97 -24.18 0.57
CA THR A 119 13.30 -23.95 -0.07
C THR A 119 13.26 -24.31 -1.56
N LYS A 120 12.10 -24.55 -2.11
CA LYS A 120 12.01 -24.90 -3.55
C LYS A 120 11.53 -23.68 -4.34
N ASP A 121 12.35 -23.17 -5.23
CA ASP A 121 11.94 -21.98 -6.03
C ASP A 121 10.51 -22.19 -6.57
N GLU A 122 10.20 -23.39 -6.96
CA GLU A 122 8.83 -23.68 -7.49
C GLU A 122 7.79 -23.47 -6.38
N GLN A 123 8.17 -23.68 -5.14
CA GLN A 123 7.21 -23.51 -4.02
C GLN A 123 6.78 -22.03 -3.89
N LEU A 124 7.69 -21.16 -3.57
CA LEU A 124 7.32 -19.72 -3.42
C LEU A 124 6.69 -19.21 -4.72
N GLU A 125 7.18 -19.64 -5.85
CA GLU A 125 6.59 -19.18 -7.14
C GLU A 125 5.20 -19.78 -7.32
N SER A 126 5.02 -20.98 -6.83
CA SER A 126 3.69 -21.64 -6.95
C SER A 126 2.69 -20.94 -6.02
N LEU A 127 3.08 -20.75 -4.78
CA LEU A 127 2.17 -20.07 -3.81
C LEU A 127 1.87 -18.67 -4.33
N PHE A 128 2.89 -17.98 -4.75
CA PHE A 128 2.72 -16.61 -5.32
C PHE A 128 1.58 -16.62 -6.33
N GLN A 129 1.64 -17.54 -7.27
CA GLN A 129 0.58 -17.61 -8.32
C GLN A 129 -0.65 -18.36 -7.82
N ARG A 130 -0.58 -18.96 -6.65
CA ARG A 130 -1.76 -19.69 -6.12
C ARG A 130 -2.48 -18.88 -5.03
N THR A 131 -2.09 -17.63 -4.84
CA THR A 131 -2.77 -16.82 -3.77
C THR A 131 -2.68 -15.31 -4.08
N ALA A 132 -1.56 -14.70 -3.81
CA ALA A 132 -1.43 -13.23 -4.06
C ALA A 132 -1.80 -12.90 -5.52
N TRP A 133 -1.09 -13.47 -6.45
CA TRP A 133 -1.37 -13.16 -7.88
C TRP A 133 -2.74 -13.73 -8.29
N VAL A 134 -3.19 -14.81 -7.68
CA VAL A 134 -4.54 -15.34 -8.04
C VAL A 134 -5.56 -14.21 -7.85
N PHE A 135 -5.35 -13.43 -6.83
CA PHE A 135 -6.25 -12.29 -6.56
C PHE A 135 -6.02 -11.19 -7.60
N ASP A 136 -4.77 -10.90 -7.88
CA ASP A 136 -4.46 -9.85 -8.90
C ASP A 136 -5.31 -10.10 -10.16
N ASP A 137 -5.60 -11.35 -10.43
CA ASP A 137 -6.44 -11.67 -11.63
C ASP A 137 -7.89 -11.75 -11.24
N LYS A 138 -8.14 -12.05 -10.01
CA LYS A 138 -9.54 -12.16 -9.51
C LYS A 138 -10.29 -10.86 -9.79
N TYR A 139 -9.66 -9.74 -9.53
CA TYR A 139 -10.34 -8.43 -9.80
C TYR A 139 -9.68 -7.76 -11.01
N LYS A 140 -9.10 -8.54 -11.89
CA LYS A 140 -8.43 -7.97 -13.09
C LYS A 140 -7.59 -6.75 -12.70
N ARG A 141 -6.92 -6.81 -11.58
CA ARG A 141 -6.10 -5.66 -11.13
C ARG A 141 -4.61 -6.07 -11.03
N PRO A 142 -3.76 -5.21 -11.53
CA PRO A 142 -2.30 -5.50 -11.51
C PRO A 142 -1.72 -5.29 -10.10
N GLY A 143 -1.67 -6.33 -9.30
CA GLY A 143 -1.09 -6.20 -7.93
C GLY A 143 -2.15 -5.73 -6.93
N TYR A 144 -2.75 -4.59 -7.18
CA TYR A 144 -3.79 -4.06 -6.24
C TYR A 144 -4.74 -5.17 -5.77
N GLY A 145 -5.19 -5.99 -6.68
CA GLY A 145 -6.11 -7.10 -6.31
C GLY A 145 -5.41 -8.02 -5.31
N ALA A 146 -4.23 -8.46 -5.63
CA ALA A 146 -3.48 -9.37 -4.72
C ALA A 146 -3.36 -8.76 -3.32
N TYR A 147 -3.08 -7.48 -3.25
CA TYR A 147 -2.93 -6.84 -1.91
C TYR A 147 -4.29 -6.60 -1.27
N ASP A 148 -5.11 -5.79 -1.86
CA ASP A 148 -6.47 -5.52 -1.28
C ASP A 148 -7.11 -6.84 -0.84
N ALA A 149 -6.86 -7.87 -1.58
CA ALA A 149 -7.42 -9.20 -1.21
C ALA A 149 -6.66 -9.74 0.00
N PHE A 150 -5.37 -9.52 0.03
CA PHE A 150 -4.56 -10.00 1.18
C PHE A 150 -4.77 -9.07 2.39
N LYS A 151 -5.29 -7.89 2.15
CA LYS A 151 -5.53 -6.95 3.29
C LYS A 151 -6.96 -7.15 3.83
N HIS A 152 -7.87 -7.48 2.96
CA HIS A 152 -9.27 -7.70 3.40
C HIS A 152 -9.45 -9.13 3.92
N ALA A 153 -8.57 -10.02 3.56
CA ALA A 153 -8.68 -11.42 4.03
C ALA A 153 -8.32 -11.54 5.52
N VAL A 154 -7.96 -10.45 6.16
CA VAL A 154 -7.60 -10.52 7.61
C VAL A 154 -8.86 -10.58 8.47
N SER A 155 -9.86 -9.82 8.12
CA SER A 155 -11.13 -9.82 8.90
C SER A 155 -12.31 -10.31 8.04
N ASP A 156 -12.10 -10.45 6.76
CA ASP A 156 -13.19 -10.93 5.87
C ASP A 156 -12.65 -11.96 4.87
N PRO A 157 -12.36 -13.13 5.38
CA PRO A 157 -11.82 -14.22 4.51
C PRO A 157 -12.97 -14.83 3.68
N SER A 158 -14.16 -14.33 3.81
CA SER A 158 -15.31 -14.88 3.04
C SER A 158 -14.99 -14.90 1.54
N ILE A 159 -14.06 -14.09 1.10
CA ILE A 159 -13.70 -14.07 -0.35
C ILE A 159 -12.76 -15.23 -0.68
N LEU A 160 -12.06 -15.73 0.30
CA LEU A 160 -11.13 -16.87 0.04
C LEU A 160 -11.62 -18.14 0.76
N ASP A 161 -12.87 -18.17 1.14
CA ASP A 161 -13.40 -19.38 1.82
C ASP A 161 -13.17 -20.60 0.93
N SER A 162 -13.09 -20.39 -0.36
CA SER A 162 -12.85 -21.51 -1.30
C SER A 162 -11.35 -21.74 -1.50
N LEU A 163 -10.53 -21.14 -0.68
CA LEU A 163 -9.05 -21.33 -0.82
C LEU A 163 -8.62 -22.55 -0.01
N ASP A 164 -8.85 -23.73 -0.52
CA ASP A 164 -8.46 -24.98 0.20
C ASP A 164 -7.00 -24.90 0.66
N LEU A 165 -6.78 -24.46 1.88
CA LEU A 165 -5.39 -24.36 2.39
C LEU A 165 -5.19 -25.32 3.57
N ASN A 166 -3.99 -25.40 4.08
CA ASN A 166 -3.71 -26.32 5.22
C ASN A 166 -3.95 -25.60 6.55
N GLU A 167 -4.08 -26.34 7.62
CA GLU A 167 -4.30 -25.71 8.95
C GLU A 167 -3.03 -25.02 9.43
N ASP A 168 -1.94 -25.38 8.85
CA ASP A 168 -0.64 -24.75 9.23
C ASP A 168 -0.33 -23.57 8.32
N GLU A 169 -0.54 -23.73 7.05
CA GLU A 169 -0.26 -22.62 6.09
C GLU A 169 -1.29 -21.49 6.25
N ARG A 170 -2.52 -21.84 6.54
CA ARG A 170 -3.56 -20.78 6.71
C ARG A 170 -3.25 -19.94 7.95
N GLU A 171 -2.74 -20.56 8.98
CA GLU A 171 -2.42 -19.80 10.23
C GLU A 171 -1.14 -18.99 10.04
N VAL A 172 -0.22 -19.47 9.26
CA VAL A 172 1.05 -18.71 9.03
C VAL A 172 0.78 -17.55 8.07
N LEU A 173 0.02 -17.80 7.04
CA LEU A 173 -0.30 -16.72 6.05
C LEU A 173 -1.17 -15.66 6.70
N ILE A 174 -2.12 -16.05 7.51
CA ILE A 174 -3.02 -15.05 8.16
C ILE A 174 -2.25 -14.28 9.25
N ASN A 175 -1.37 -14.93 9.96
CA ASN A 175 -0.60 -14.22 11.03
C ASN A 175 0.33 -13.19 10.42
N ASN A 176 0.94 -13.50 9.32
CA ASN A 176 1.87 -12.52 8.68
C ASN A 176 1.07 -11.50 7.87
N ILE A 177 0.17 -11.95 7.03
CA ILE A 177 -0.64 -11.01 6.20
C ILE A 177 -1.33 -9.96 7.09
N ASN A 178 -1.70 -10.33 8.28
CA ASN A 178 -2.37 -9.36 9.19
C ASN A 178 -1.32 -8.63 10.03
N ARG A 179 -0.34 -9.35 10.52
CA ARG A 179 0.73 -8.71 11.33
C ARG A 179 1.66 -7.91 10.40
N ARG A 180 1.51 -8.06 9.13
CA ARG A 180 2.37 -7.30 8.16
C ARG A 180 1.54 -6.24 7.43
N LEU A 181 0.23 -6.37 7.43
CA LEU A 181 -0.61 -5.35 6.72
C LEU A 181 -1.20 -4.34 7.71
N THR A 182 -1.26 -4.68 8.97
CA THR A 182 -1.83 -3.75 9.99
C THR A 182 -1.28 -2.32 9.81
N PRO A 183 -2.11 -1.46 9.27
CA PRO A 183 -1.69 -0.05 9.05
C PRO A 183 -1.61 0.72 10.37
N GLN A 184 -0.63 1.56 10.51
CA GLN A 184 -0.50 2.35 11.77
C GLN A 184 -1.06 3.76 11.54
N ALA A 185 -1.12 4.57 12.58
CA ALA A 185 -1.65 5.96 12.46
C ALA A 185 -2.09 6.43 13.85
N VAL A 186 -2.96 7.40 13.92
CA VAL A 186 -3.40 7.89 15.25
C VAL A 186 -4.93 7.95 15.33
N LYS A 187 -5.47 7.63 16.47
CA LYS A 187 -6.95 7.69 16.64
C LYS A 187 -7.31 9.14 16.91
N ILE A 188 -8.07 9.74 16.05
CA ILE A 188 -8.42 11.17 16.24
C ILE A 188 -9.92 11.34 16.44
N ARG A 189 -10.32 12.37 17.12
CA ARG A 189 -11.78 12.55 17.34
C ARG A 189 -12.15 14.01 17.64
N ALA A 190 -13.16 14.51 16.99
CA ALA A 190 -13.63 15.90 17.24
C ALA A 190 -15.15 15.86 17.44
N ASP A 191 -15.74 16.89 17.99
CA ASP A 191 -17.22 16.85 18.20
C ASP A 191 -17.90 17.82 17.23
N ILE A 192 -19.01 17.42 16.67
CA ILE A 192 -19.72 18.31 15.71
C ILE A 192 -21.22 18.33 16.01
N GLU A 193 -21.91 19.29 15.47
CA GLU A 193 -23.39 19.37 15.72
C GLU A 193 -24.10 19.63 14.39
N VAL A 194 -24.71 18.62 13.83
CA VAL A 194 -25.43 18.80 12.53
C VAL A 194 -26.91 19.03 12.78
N ALA A 195 -27.53 19.89 12.01
CA ALA A 195 -28.98 20.15 12.20
C ALA A 195 -29.59 20.67 10.91
N CYS A 196 -30.84 20.40 10.66
CA CYS A 196 -31.48 20.91 9.41
C CYS A 196 -32.78 21.63 9.75
N TYR A 197 -32.99 21.93 11.00
CA TYR A 197 -34.23 22.66 11.44
C TYR A 197 -35.46 22.18 10.64
N GLY A 198 -35.93 20.99 10.91
CA GLY A 198 -37.11 20.48 10.19
C GLY A 198 -37.26 18.97 10.41
N TYR A 199 -38.43 18.45 10.24
CA TYR A 199 -38.64 16.98 10.44
C TYR A 199 -38.25 16.21 9.17
N GLU A 200 -38.11 16.91 8.07
CA GLU A 200 -37.72 16.22 6.80
C GLU A 200 -36.24 16.48 6.50
N GLY A 201 -35.55 17.14 7.39
CA GLY A 201 -34.10 17.41 7.17
C GLY A 201 -33.28 16.25 7.75
N ILE A 202 -33.88 15.44 8.59
CA ILE A 202 -33.14 14.29 9.18
C ILE A 202 -32.50 13.45 8.06
N ASP A 203 -33.05 13.52 6.87
CA ASP A 203 -32.46 12.75 5.74
C ASP A 203 -31.15 13.42 5.30
N ALA A 204 -31.05 14.70 5.52
CA ALA A 204 -29.80 15.44 5.17
C ALA A 204 -28.82 15.26 6.31
N VAL A 205 -29.34 15.09 7.49
CA VAL A 205 -28.47 14.87 8.68
C VAL A 205 -27.67 13.58 8.47
N LYS A 206 -28.36 12.48 8.24
CA LYS A 206 -27.65 11.19 8.01
C LYS A 206 -26.76 11.30 6.77
N GLU A 207 -27.29 11.79 5.69
CA GLU A 207 -26.47 11.94 4.45
C GLU A 207 -25.21 12.76 4.75
N ALA A 208 -25.34 13.79 5.53
CA ALA A 208 -24.15 14.63 5.86
C ALA A 208 -23.08 13.78 6.55
N LEU A 209 -23.40 13.17 7.66
CA LEU A 209 -22.41 12.32 8.38
C LEU A 209 -21.80 11.32 7.39
N ARG A 210 -22.56 10.91 6.42
CA ARG A 210 -22.03 9.96 5.40
C ARG A 210 -21.05 10.68 4.48
N ALA A 211 -21.24 11.97 4.31
CA ALA A 211 -20.32 12.75 3.44
C ALA A 211 -18.95 12.81 4.11
N GLY A 212 -18.93 13.01 5.40
CA GLY A 212 -17.63 13.07 6.12
C GLY A 212 -17.12 11.64 6.36
N LEU A 213 -18.00 10.67 6.30
CA LEU A 213 -17.58 9.26 6.50
C LEU A 213 -17.14 8.64 5.17
N ASN A 214 -17.65 9.16 4.09
CA ASN A 214 -17.28 8.62 2.75
C ASN A 214 -16.13 9.43 2.15
N CYS A 215 -15.91 10.63 2.64
CA CYS A 215 -14.81 11.48 2.10
C CYS A 215 -13.46 10.92 2.56
N SER A 216 -13.47 9.99 3.47
CA SER A 216 -12.19 9.40 3.97
C SER A 216 -11.38 8.83 2.81
N THR A 217 -10.31 8.16 3.09
CA THR A 217 -9.48 7.58 1.99
C THR A 217 -8.98 6.18 2.38
N GLU A 218 -8.20 5.58 1.53
CA GLU A 218 -7.66 4.22 1.83
C GLU A 218 -6.85 4.26 3.13
N ASN A 219 -6.98 3.24 3.94
CA ASN A 219 -6.22 3.21 5.23
C ASN A 219 -6.64 4.35 6.15
N MET A 220 -7.92 4.66 6.21
CA MET A 220 -8.37 5.77 7.10
C MET A 220 -9.91 5.73 7.27
N PRO A 221 -10.37 4.79 8.06
CA PRO A 221 -11.83 4.66 8.30
C PRO A 221 -12.31 5.78 9.25
N ILE A 222 -13.55 6.19 9.12
CA ILE A 222 -14.09 7.27 10.00
C ILE A 222 -15.48 6.89 10.52
N LYS A 223 -15.83 7.35 11.70
CA LYS A 223 -17.17 6.99 12.25
C LYS A 223 -17.78 8.17 13.01
N ILE A 224 -18.98 8.55 12.67
CA ILE A 224 -19.66 9.68 13.37
C ILE A 224 -20.98 9.18 13.97
N ASN A 225 -21.13 9.25 15.27
CA ASN A 225 -22.39 8.77 15.90
C ASN A 225 -22.84 9.74 17.00
N LEU A 226 -24.05 9.59 17.48
CA LEU A 226 -24.55 10.50 18.55
C LEU A 226 -24.84 9.69 19.82
N ILE A 227 -24.22 10.03 20.91
CA ILE A 227 -24.46 9.30 22.20
C ILE A 227 -24.40 10.28 23.37
N ALA A 228 -25.08 11.40 23.24
CA ALA A 228 -25.05 12.43 24.32
C ALA A 228 -26.01 13.56 23.95
N PRO A 229 -25.86 14.73 24.55
CA PRO A 229 -26.76 15.86 24.20
C PRO A 229 -26.59 16.20 22.71
N PRO A 230 -27.24 17.24 22.24
CA PRO A 230 -27.15 17.61 20.80
C PRO A 230 -25.69 17.84 20.39
N ARG A 231 -24.99 16.77 20.11
CA ARG A 231 -23.56 16.87 19.71
C ARG A 231 -23.11 15.50 19.19
N TYR A 232 -22.43 15.46 18.09
CA TYR A 232 -21.99 14.14 17.54
C TYR A 232 -20.50 13.92 17.76
N VAL A 233 -20.06 12.70 17.61
CA VAL A 233 -18.61 12.39 17.80
C VAL A 233 -18.02 11.94 16.46
N MET A 234 -16.96 12.56 16.03
CA MET A 234 -16.35 12.15 14.73
C MET A 234 -14.93 11.65 14.95
N THR A 235 -14.71 10.37 14.83
CA THR A 235 -13.34 9.83 15.03
C THR A 235 -12.90 9.07 13.78
N THR A 236 -11.65 8.73 13.70
CA THR A 236 -11.14 7.98 12.53
C THR A 236 -9.69 7.59 12.75
N THR A 237 -9.16 6.81 11.86
CA THR A 237 -7.73 6.39 11.98
C THR A 237 -6.94 7.08 10.88
N THR A 238 -6.19 8.09 11.22
CA THR A 238 -5.41 8.81 10.17
C THR A 238 -3.93 8.85 10.53
N LEU A 239 -3.09 8.40 9.66
CA LEU A 239 -1.62 8.39 9.93
C LEU A 239 -1.21 9.77 10.48
N GLU A 240 -0.06 9.86 11.11
CA GLU A 240 0.39 11.16 11.66
C GLU A 240 -0.67 11.76 12.60
N ARG A 241 -0.34 12.82 13.28
CA ARG A 241 -1.33 13.44 14.21
C ARG A 241 -2.14 14.54 13.51
N THR A 242 -1.48 15.45 12.84
CA THR A 242 -2.24 16.55 12.16
C THR A 242 -2.99 16.04 10.93
N GLU A 243 -2.33 15.37 10.04
CA GLU A 243 -3.00 14.86 8.80
C GLU A 243 -4.39 14.29 9.13
N GLY A 244 -4.53 13.71 10.28
CA GLY A 244 -5.83 13.15 10.67
C GLY A 244 -6.82 14.28 10.94
N LEU A 245 -6.57 15.08 11.94
CA LEU A 245 -7.51 16.22 12.22
C LEU A 245 -7.70 17.04 10.95
N SER A 246 -6.79 16.92 10.02
CA SER A 246 -6.93 17.66 8.74
C SER A 246 -8.04 16.95 7.96
N VAL A 247 -8.08 15.66 8.09
CA VAL A 247 -9.13 14.86 7.44
C VAL A 247 -10.45 15.08 8.19
N LEU A 248 -10.39 15.18 9.49
CA LEU A 248 -11.63 15.41 10.29
C LEU A 248 -12.22 16.76 9.88
N SER A 249 -11.43 17.80 9.92
CA SER A 249 -11.93 19.15 9.52
C SER A 249 -12.48 19.09 8.09
N GLN A 250 -11.72 18.52 7.18
CA GLN A 250 -12.19 18.41 5.77
C GLN A 250 -13.61 17.83 5.74
N ALA A 251 -13.86 16.84 6.54
CA ALA A 251 -15.22 16.25 6.60
C ALA A 251 -16.15 17.19 7.34
N MET A 252 -15.65 17.84 8.37
CA MET A 252 -16.49 18.80 9.14
C MET A 252 -16.98 19.92 8.21
N ALA A 253 -16.23 20.23 7.20
CA ALA A 253 -16.65 21.30 6.25
C ALA A 253 -17.59 20.68 5.23
N VAL A 254 -17.34 19.45 4.89
CA VAL A 254 -18.21 18.75 3.92
C VAL A 254 -19.63 18.64 4.51
N ILE A 255 -19.75 18.11 5.69
CA ILE A 255 -21.10 18.01 6.30
C ILE A 255 -21.62 19.41 6.54
N LYS A 256 -20.78 20.31 6.97
CA LYS A 256 -21.23 21.72 7.17
C LYS A 256 -21.91 22.15 5.87
N GLU A 257 -21.48 21.60 4.76
CA GLU A 257 -22.08 21.95 3.46
C GLU A 257 -23.25 21.00 3.15
N LYS A 258 -23.12 19.74 3.52
CA LYS A 258 -24.23 18.78 3.25
C LYS A 258 -25.40 19.05 4.21
N ILE A 259 -25.24 20.01 5.10
CA ILE A 259 -26.34 20.32 6.05
C ILE A 259 -26.78 21.77 5.86
N GLU A 260 -25.87 22.65 5.57
CA GLU A 260 -26.23 24.09 5.36
C GLU A 260 -26.95 24.25 4.03
N GLU A 261 -26.63 23.43 3.06
CA GLU A 261 -27.31 23.55 1.73
C GLU A 261 -28.81 23.31 1.88
N LYS A 262 -29.20 22.50 2.84
CA LYS A 262 -30.65 22.22 3.03
C LYS A 262 -31.17 22.97 4.26
N ARG A 263 -30.75 24.20 4.44
CA ARG A 263 -31.22 24.99 5.62
C ARG A 263 -30.88 24.26 6.92
N GLY A 264 -29.62 24.09 7.19
CA GLY A 264 -29.21 23.38 8.44
C GLY A 264 -28.07 24.15 9.11
N VAL A 265 -27.30 23.49 9.93
CA VAL A 265 -26.18 24.21 10.63
C VAL A 265 -25.15 23.19 11.16
N PHE A 266 -23.97 23.66 11.46
CA PHE A 266 -22.90 22.77 12.00
C PHE A 266 -22.26 23.42 13.23
N ASN A 267 -21.87 22.64 14.21
CA ASN A 267 -21.23 23.24 15.42
C ASN A 267 -20.20 22.29 16.05
N VAL A 268 -18.98 22.73 16.22
CA VAL A 268 -17.93 21.87 16.85
C VAL A 268 -18.03 22.00 18.38
N GLN A 269 -17.57 21.01 19.12
CA GLN A 269 -17.67 21.12 20.61
C GLN A 269 -16.34 20.75 21.29
N MET A 270 -15.56 19.88 20.70
CA MET A 270 -14.26 19.51 21.34
C MET A 270 -13.11 19.64 20.35
N GLU A 271 -13.38 20.22 19.22
CA GLU A 271 -12.30 20.40 18.19
C GLU A 271 -11.59 19.07 17.89
N PRO A 272 -10.71 19.11 16.93
CA PRO A 272 -9.93 17.91 16.53
C PRO A 272 -8.95 17.53 17.64
N LYS A 273 -9.06 16.33 18.16
CA LYS A 273 -8.13 15.89 19.25
C LYS A 273 -7.50 14.54 18.88
N VAL A 274 -6.21 14.51 18.67
CA VAL A 274 -5.54 13.23 18.31
C VAL A 274 -5.28 12.40 19.57
N VAL A 275 -5.26 11.10 19.44
CA VAL A 275 -4.99 10.24 20.63
C VAL A 275 -3.59 9.65 20.53
N THR A 276 -2.87 9.62 21.61
CA THR A 276 -1.48 9.07 21.59
C THR A 276 -1.25 8.15 22.78
N ASP A 277 -0.91 6.92 22.55
CA ASP A 277 -0.67 5.97 23.67
C ASP A 277 0.62 6.37 24.43
N THR A 278 1.40 7.25 23.88
CA THR A 278 2.65 7.68 24.57
C THR A 278 2.34 8.70 25.69
N ASP A 279 1.10 9.11 25.79
CA ASP A 279 0.74 10.09 26.86
C ASP A 279 0.17 9.36 28.09
N GLU A 280 -0.50 8.26 27.88
CA GLU A 280 -1.06 7.51 29.05
C GLU A 280 0.04 6.70 29.73
N THR A 281 1.05 6.31 29.00
CA THR A 281 2.16 5.53 29.61
C THR A 281 2.96 6.42 30.56
N GLU A 282 2.91 7.72 30.38
CA GLU A 282 3.66 8.63 31.28
C GLU A 282 3.15 8.46 32.72
N LEU A 283 2.01 7.85 32.90
CA LEU A 283 1.48 7.63 34.26
C LEU A 283 2.06 6.34 34.86
N ALA A 284 2.53 5.44 34.02
CA ALA A 284 3.11 4.17 34.54
C ALA A 284 4.55 4.41 35.03
N ARG A 285 5.14 5.50 34.65
CA ARG A 285 6.54 5.80 35.11
C ARG A 285 6.58 5.99 36.63
N GLN A 286 5.43 6.04 37.26
CA GLN A 286 5.40 6.23 38.74
C GLN A 286 5.33 4.86 39.43
N MET A 287 4.73 3.88 38.78
CA MET A 287 4.63 2.52 39.40
C MET A 287 6.03 2.01 39.77
N GLU A 288 6.11 1.16 40.76
CA GLU A 288 7.44 0.61 41.17
C GLU A 288 8.24 0.16 39.93
N ARG A 289 9.42 0.69 39.74
CA ARG A 289 10.23 0.29 38.56
C ARG A 289 10.76 -1.15 38.73
N LEU A 290 10.51 -1.76 39.86
CA LEU A 290 10.99 -3.15 40.09
C LEU A 290 9.95 -4.15 39.54
N GLU A 291 8.82 -3.67 39.11
CA GLU A 291 7.77 -4.59 38.56
C GLU A 291 8.00 -4.86 37.07
N ARG A 292 8.92 -4.14 36.46
CA ARG A 292 9.20 -4.36 35.01
C ARG A 292 10.43 -5.25 34.81
N GLU A 293 11.22 -5.43 35.84
CA GLU A 293 12.44 -6.28 35.70
C GLU A 293 12.06 -7.77 35.66
N ASN A 294 11.23 -8.15 34.74
CA ASN A 294 10.83 -9.59 34.64
C ASN A 294 11.78 -10.33 33.71
N ALA A 295 12.51 -11.28 34.21
CA ALA A 295 13.47 -12.05 33.35
C ALA A 295 14.43 -11.08 32.66
N GLU A 296 14.99 -11.48 31.54
CA GLU A 296 15.94 -10.59 30.81
C GLU A 296 17.08 -10.14 31.75
N VAL A 297 17.37 -10.92 32.75
CA VAL A 297 18.47 -10.52 33.69
C VAL A 297 19.57 -11.60 33.70
N ASP A 298 19.21 -12.82 33.41
CA ASP A 298 20.23 -13.92 33.39
C ASP A 298 21.13 -13.81 32.18
N GLY A 299 22.43 -13.82 32.38
CA GLY A 299 23.37 -13.70 31.23
C GLY A 299 24.18 -12.41 31.38
N ASP A 300 23.54 -11.34 31.80
CA ASP A 300 24.24 -10.04 31.98
C ASP A 300 25.17 -9.75 30.78
N MET A 1 -20.51 -7.21 -18.70
CA MET A 1 -19.37 -8.12 -19.02
C MET A 1 -18.08 -7.59 -18.38
N SER A 2 -18.16 -7.09 -17.17
CA SER A 2 -16.94 -6.56 -16.51
C SER A 2 -17.18 -6.41 -15.01
N CYS A 3 -16.19 -6.71 -14.22
CA CYS A 3 -16.35 -6.58 -12.73
C CYS A 3 -15.78 -5.24 -12.26
N ARG A 4 -16.65 -4.29 -11.99
CA ARG A 4 -16.17 -2.95 -11.52
C ARG A 4 -15.25 -3.11 -10.31
N PHE A 5 -14.71 -2.05 -9.80
CA PHE A 5 -13.79 -2.16 -8.63
C PHE A 5 -14.54 -2.01 -7.30
N TYR A 6 -15.86 -2.15 -7.31
CA TYR A 6 -16.61 -2.00 -6.02
C TYR A 6 -18.12 -2.24 -6.22
N GLN A 7 -18.48 -3.34 -6.82
CA GLN A 7 -19.94 -3.63 -7.01
C GLN A 7 -20.61 -2.50 -7.79
N HIS A 8 -19.85 -1.73 -8.53
CA HIS A 8 -20.44 -0.59 -9.30
C HIS A 8 -21.15 0.38 -8.36
N LYS A 9 -20.57 1.53 -8.13
CA LYS A 9 -21.20 2.53 -7.22
C LYS A 9 -20.34 3.80 -7.15
N PHE A 10 -20.50 4.66 -8.10
CA PHE A 10 -19.70 5.93 -8.10
C PHE A 10 -20.60 7.11 -7.75
N PRO A 11 -20.00 8.18 -7.29
CA PRO A 11 -20.78 9.38 -6.91
C PRO A 11 -21.36 10.05 -8.16
N GLU A 12 -22.03 11.16 -8.00
CA GLU A 12 -22.61 11.86 -9.17
C GLU A 12 -21.93 13.21 -9.36
N VAL A 13 -21.35 13.42 -10.50
CA VAL A 13 -20.65 14.71 -10.78
C VAL A 13 -19.47 14.88 -9.84
N GLU A 14 -18.95 13.79 -9.33
CA GLU A 14 -17.78 13.88 -8.40
C GLU A 14 -16.93 12.60 -8.48
N ASP A 15 -17.06 11.87 -9.55
CA ASP A 15 -16.27 10.62 -9.71
C ASP A 15 -15.06 10.86 -10.64
N VAL A 16 -13.87 10.75 -10.12
CA VAL A 16 -12.67 10.96 -10.99
C VAL A 16 -11.94 9.63 -11.20
N VAL A 17 -11.75 9.22 -12.42
CA VAL A 17 -11.05 7.91 -12.66
C VAL A 17 -10.37 7.88 -14.03
N MET A 18 -9.66 6.83 -14.31
CA MET A 18 -8.96 6.71 -15.63
C MET A 18 -9.69 5.68 -16.50
N VAL A 19 -9.86 5.97 -17.76
CA VAL A 19 -10.57 4.99 -18.64
C VAL A 19 -9.97 5.00 -20.06
N ASN A 20 -10.60 4.31 -20.95
CA ASN A 20 -10.10 4.26 -22.36
C ASN A 20 -11.24 4.65 -23.31
N VAL A 21 -10.98 5.53 -24.23
CA VAL A 21 -12.05 5.96 -25.18
C VAL A 21 -12.70 4.75 -25.87
N ARG A 22 -13.97 4.86 -26.20
CA ARG A 22 -14.66 3.73 -26.88
C ARG A 22 -15.23 4.23 -28.21
N SER A 23 -16.10 5.21 -28.16
CA SER A 23 -16.68 5.75 -29.41
C SER A 23 -16.64 7.28 -29.36
N ILE A 24 -15.88 7.91 -30.21
CA ILE A 24 -15.81 9.41 -30.16
C ILE A 24 -16.70 10.03 -31.23
N GLN A 25 -17.44 11.04 -30.86
CA GLN A 25 -18.34 11.71 -31.84
C GLN A 25 -17.92 13.16 -32.07
N GLU A 26 -18.72 13.91 -32.78
CA GLU A 26 -18.36 15.34 -33.03
C GLU A 26 -18.91 16.23 -31.92
N MET A 27 -20.04 15.87 -31.36
CA MET A 27 -20.63 16.69 -30.27
C MET A 27 -20.33 16.05 -28.91
N GLY A 28 -19.30 15.25 -28.84
CA GLY A 28 -18.93 14.59 -27.56
C GLY A 28 -18.03 13.39 -27.86
N ALA A 29 -17.48 12.79 -26.84
CA ALA A 29 -16.59 11.61 -27.09
C ALA A 29 -16.93 10.49 -26.10
N TYR A 30 -17.49 9.42 -26.56
CA TYR A 30 -17.83 8.31 -25.64
C TYR A 30 -16.57 7.58 -25.19
N VAL A 31 -16.48 7.27 -23.92
CA VAL A 31 -15.28 6.55 -23.42
C VAL A 31 -15.70 5.23 -22.77
N SER A 32 -14.76 4.46 -22.32
CA SER A 32 -15.09 3.16 -21.68
C SER A 32 -14.00 2.81 -20.67
N LEU A 33 -14.38 2.49 -19.46
CA LEU A 33 -13.35 2.14 -18.44
C LEU A 33 -12.45 1.01 -18.96
N LEU A 34 -11.69 0.44 -18.10
CA LEU A 34 -10.80 -0.69 -18.51
C LEU A 34 -11.57 -2.00 -18.35
N GLU A 35 -12.84 -1.99 -18.68
CA GLU A 35 -13.69 -3.21 -18.55
C GLU A 35 -13.39 -3.94 -17.24
N TYR A 36 -13.20 -3.20 -16.17
CA TYR A 36 -12.89 -3.86 -14.86
C TYR A 36 -12.62 -2.80 -13.76
N ASN A 37 -13.56 -1.93 -13.51
CA ASN A 37 -13.36 -0.89 -12.45
C ASN A 37 -14.61 0.00 -12.32
N ASN A 38 -14.78 0.93 -13.22
CA ASN A 38 -15.97 1.85 -13.15
C ASN A 38 -17.04 1.44 -14.18
N ILE A 39 -16.93 1.92 -15.39
CA ILE A 39 -17.92 1.59 -16.48
C ILE A 39 -17.70 2.54 -17.68
N GLU A 40 -18.54 2.47 -18.68
CA GLU A 40 -18.37 3.38 -19.85
C GLU A 40 -19.15 4.67 -19.62
N GLY A 41 -18.90 5.69 -20.41
CA GLY A 41 -19.63 6.98 -20.22
C GLY A 41 -19.40 7.90 -21.43
N MET A 42 -19.85 9.12 -21.34
CA MET A 42 -19.68 10.08 -22.47
C MET A 42 -19.03 11.37 -21.96
N ILE A 43 -18.02 11.82 -22.63
CA ILE A 43 -17.33 13.08 -22.20
C ILE A 43 -17.62 14.19 -23.21
N HIS A 44 -17.22 15.39 -22.92
CA HIS A 44 -17.47 16.50 -23.90
C HIS A 44 -16.19 16.88 -24.63
N LEU A 45 -16.07 16.47 -25.88
CA LEU A 45 -14.84 16.78 -26.67
C LEU A 45 -14.78 18.28 -27.00
N SER A 46 -15.85 18.99 -26.80
CA SER A 46 -15.86 20.45 -27.09
C SER A 46 -15.70 21.27 -25.81
N GLU A 47 -15.58 20.63 -24.67
CA GLU A 47 -15.41 21.39 -23.40
C GLU A 47 -14.28 20.78 -22.59
N LEU A 48 -13.61 19.80 -23.12
CA LEU A 48 -12.49 19.17 -22.38
C LEU A 48 -11.17 19.84 -22.77
N SER A 49 -11.15 20.55 -23.86
CA SER A 49 -9.90 21.24 -24.30
C SER A 49 -9.87 22.66 -23.75
N ARG A 50 -9.21 23.55 -24.43
CA ARG A 50 -9.13 24.97 -23.95
C ARG A 50 -9.86 25.89 -24.92
N ARG A 51 -9.70 25.67 -26.20
CA ARG A 51 -10.39 26.53 -27.20
C ARG A 51 -10.16 25.99 -28.62
N ARG A 52 -8.92 25.81 -28.99
CA ARG A 52 -8.62 25.30 -30.36
C ARG A 52 -8.80 23.78 -30.43
N ILE A 53 -9.35 23.30 -31.51
CA ILE A 53 -9.55 21.82 -31.65
C ILE A 53 -9.64 21.44 -33.14
N ARG A 54 -8.67 20.69 -33.61
CA ARG A 54 -8.70 20.28 -35.05
C ARG A 54 -9.18 18.83 -35.19
N SER A 55 -8.51 17.92 -34.51
CA SER A 55 -8.94 16.49 -34.60
C SER A 55 -9.01 15.87 -33.21
N ILE A 56 -10.06 15.18 -32.91
CA ILE A 56 -10.20 14.55 -31.56
C ILE A 56 -9.12 13.48 -31.37
N ASN A 57 -8.49 13.06 -32.44
CA ASN A 57 -7.42 12.02 -32.34
C ASN A 57 -6.24 12.55 -31.53
N LYS A 58 -6.14 13.84 -31.36
CA LYS A 58 -5.00 14.39 -30.56
C LYS A 58 -5.25 14.20 -29.06
N LEU A 59 -6.34 13.56 -28.71
CA LEU A 59 -6.64 13.33 -27.26
C LEU A 59 -6.79 11.84 -27.00
N ILE A 60 -7.85 11.24 -27.49
CA ILE A 60 -8.06 9.77 -27.27
C ILE A 60 -8.58 9.14 -28.57
N ARG A 61 -7.90 8.15 -29.09
CA ARG A 61 -8.36 7.52 -30.36
C ARG A 61 -8.40 5.99 -30.21
N ILE A 62 -9.53 5.45 -29.85
CA ILE A 62 -9.67 3.97 -29.69
C ILE A 62 -8.35 3.32 -29.24
N GLY A 63 -8.08 3.32 -27.96
CA GLY A 63 -6.81 2.69 -27.47
C GLY A 63 -5.97 3.71 -26.71
N ARG A 64 -6.55 4.81 -26.32
CA ARG A 64 -5.77 5.84 -25.56
C ARG A 64 -6.33 5.99 -24.15
N ASN A 65 -5.80 5.28 -23.20
CA ASN A 65 -6.32 5.39 -21.80
C ASN A 65 -5.84 6.70 -21.17
N GLU A 66 -6.73 7.43 -20.54
CA GLU A 66 -6.32 8.72 -19.90
C GLU A 66 -7.17 9.00 -18.67
N CYS A 67 -6.81 9.99 -17.89
CA CYS A 67 -7.59 10.32 -16.66
C CYS A 67 -8.64 11.39 -16.95
N VAL A 68 -9.77 11.31 -16.29
CA VAL A 68 -10.84 12.33 -16.52
C VAL A 68 -11.75 12.42 -15.29
N LYS A 69 -12.58 13.43 -15.23
CA LYS A 69 -13.49 13.59 -14.05
C LYS A 69 -14.95 13.44 -14.50
N VAL A 70 -15.82 13.03 -13.61
CA VAL A 70 -17.26 12.88 -13.97
C VAL A 70 -17.99 14.21 -13.72
N ILE A 71 -18.97 14.52 -14.53
CA ILE A 71 -19.72 15.80 -14.33
C ILE A 71 -21.22 15.52 -14.16
N ARG A 72 -21.68 14.35 -14.51
CA ARG A 72 -23.15 14.05 -14.37
C ARG A 72 -23.46 12.63 -14.86
N VAL A 73 -24.14 11.86 -14.06
CA VAL A 73 -24.49 10.47 -14.49
C VAL A 73 -26.01 10.35 -14.66
N ASP A 74 -26.45 9.28 -15.24
CA ASP A 74 -27.93 9.10 -15.43
C ASP A 74 -28.42 7.99 -14.49
N LYS A 75 -29.22 8.35 -13.53
CA LYS A 75 -29.73 7.34 -12.56
C LYS A 75 -30.97 6.64 -13.11
N GLU A 76 -31.35 6.98 -14.31
CA GLU A 76 -32.53 6.32 -14.93
C GLU A 76 -32.05 5.05 -15.66
N LYS A 77 -30.77 4.98 -15.95
CA LYS A 77 -30.23 3.78 -16.65
C LYS A 77 -28.83 3.47 -16.08
N GLY A 78 -28.04 4.47 -15.83
CA GLY A 78 -26.68 4.24 -15.29
C GLY A 78 -25.65 4.76 -16.29
N TYR A 79 -25.65 6.03 -16.56
CA TYR A 79 -24.66 6.60 -17.53
C TYR A 79 -23.70 7.53 -16.78
N ILE A 80 -22.56 7.82 -17.34
CA ILE A 80 -21.60 8.70 -16.62
C ILE A 80 -20.98 9.73 -17.58
N ASP A 81 -21.18 10.99 -17.30
CA ASP A 81 -20.59 12.05 -18.17
C ASP A 81 -19.17 12.36 -17.66
N LEU A 82 -18.31 12.86 -18.52
CA LEU A 82 -16.93 13.16 -18.05
C LEU A 82 -16.32 14.37 -18.78
N SER A 83 -15.40 15.03 -18.13
CA SER A 83 -14.74 16.22 -18.74
C SER A 83 -13.23 16.16 -18.45
N LYS A 84 -12.42 16.48 -19.43
CA LYS A 84 -10.94 16.45 -19.21
C LYS A 84 -10.45 17.80 -18.71
N ARG A 85 -11.28 18.81 -18.73
CA ARG A 85 -10.84 20.15 -18.24
C ARG A 85 -10.69 20.13 -16.72
N ARG A 86 -11.05 19.04 -16.08
CA ARG A 86 -10.94 18.95 -14.60
C ARG A 86 -9.95 17.86 -14.19
N VAL A 87 -8.92 17.64 -14.98
CA VAL A 87 -7.92 16.60 -14.64
C VAL A 87 -6.74 17.21 -13.89
N SER A 88 -6.79 17.21 -12.59
CA SER A 88 -5.67 17.79 -11.80
C SER A 88 -4.71 16.68 -11.35
N PRO A 89 -3.57 17.08 -10.84
CA PRO A 89 -2.57 16.10 -10.37
C PRO A 89 -3.05 15.44 -9.07
N GLU A 90 -3.81 16.15 -8.29
CA GLU A 90 -4.32 15.58 -7.01
C GLU A 90 -5.40 14.54 -7.30
N GLU A 91 -6.10 14.68 -8.38
CA GLU A 91 -7.16 13.69 -8.72
C GLU A 91 -6.55 12.50 -9.46
N ALA A 92 -5.59 12.75 -10.32
CA ALA A 92 -4.95 11.64 -11.06
C ALA A 92 -4.06 10.82 -10.13
N ILE A 93 -3.60 11.44 -9.09
CA ILE A 93 -2.73 10.71 -8.12
C ILE A 93 -3.59 9.97 -7.11
N LYS A 94 -4.66 10.57 -6.64
CA LYS A 94 -5.55 9.87 -5.67
C LYS A 94 -6.23 8.69 -6.37
N CYS A 95 -6.45 8.80 -7.65
CA CYS A 95 -7.10 7.70 -8.41
C CYS A 95 -6.06 6.61 -8.67
N GLU A 96 -4.88 6.98 -9.11
CA GLU A 96 -3.83 5.96 -9.37
C GLU A 96 -3.60 5.12 -8.12
N ASP A 97 -3.50 5.76 -6.98
CA ASP A 97 -3.30 5.00 -5.71
C ASP A 97 -4.54 4.16 -5.42
N LYS A 98 -5.70 4.78 -5.45
CA LYS A 98 -6.96 4.03 -5.18
C LYS A 98 -7.03 2.77 -6.04
N PHE A 99 -6.62 2.86 -7.28
CA PHE A 99 -6.66 1.66 -8.17
C PHE A 99 -5.45 0.77 -7.92
N THR A 100 -4.29 1.35 -7.74
CA THR A 100 -3.06 0.52 -7.49
C THR A 100 -3.35 -0.48 -6.36
N LYS A 101 -3.91 0.00 -5.28
CA LYS A 101 -4.25 -0.90 -4.15
C LYS A 101 -5.50 -1.70 -4.51
N SER A 102 -6.46 -1.06 -5.13
CA SER A 102 -7.69 -1.79 -5.53
C SER A 102 -7.39 -2.76 -6.65
N LYS A 103 -6.24 -2.65 -7.27
CA LYS A 103 -5.88 -3.57 -8.37
C LYS A 103 -5.16 -4.78 -7.79
N THR A 104 -4.35 -4.56 -6.79
CA THR A 104 -3.64 -5.70 -6.14
C THR A 104 -4.68 -6.59 -5.48
N VAL A 105 -5.62 -5.99 -4.80
CA VAL A 105 -6.69 -6.77 -4.14
C VAL A 105 -7.64 -7.30 -5.21
N TYR A 106 -7.91 -6.50 -6.20
CA TYR A 106 -8.81 -6.93 -7.30
C TYR A 106 -8.17 -8.13 -8.02
N SER A 107 -6.97 -7.97 -8.50
CA SER A 107 -6.28 -9.09 -9.19
C SER A 107 -6.06 -10.24 -8.21
N ILE A 108 -5.88 -9.91 -6.95
CA ILE A 108 -5.69 -10.98 -5.94
C ILE A 108 -6.90 -11.91 -5.96
N LEU A 109 -8.07 -11.36 -6.10
CA LEU A 109 -9.30 -12.20 -6.16
C LEU A 109 -9.35 -12.97 -7.49
N ARG A 110 -9.04 -12.31 -8.57
CA ARG A 110 -9.06 -13.01 -9.90
C ARG A 110 -8.18 -14.26 -9.83
N HIS A 111 -6.96 -14.12 -9.39
CA HIS A 111 -6.05 -15.30 -9.30
C HIS A 111 -6.65 -16.32 -8.33
N VAL A 112 -7.18 -15.88 -7.23
CA VAL A 112 -7.81 -16.83 -6.26
C VAL A 112 -8.86 -17.66 -7.02
N ALA A 113 -9.64 -17.01 -7.83
CA ALA A 113 -10.66 -17.74 -8.63
C ALA A 113 -9.95 -18.63 -9.65
N GLU A 114 -8.90 -18.13 -10.26
CA GLU A 114 -8.16 -18.95 -11.24
C GLU A 114 -7.53 -20.15 -10.53
N VAL A 115 -7.43 -20.10 -9.23
CA VAL A 115 -6.84 -21.23 -8.45
C VAL A 115 -7.95 -22.22 -8.09
N LEU A 116 -9.14 -21.74 -7.86
CA LEU A 116 -10.26 -22.65 -7.48
C LEU A 116 -11.05 -23.06 -8.73
N GLU A 117 -10.46 -22.86 -9.87
CA GLU A 117 -11.12 -23.22 -11.16
C GLU A 117 -12.33 -22.32 -11.44
N TYR A 118 -12.12 -21.03 -11.52
CA TYR A 118 -13.26 -20.12 -11.81
C TYR A 118 -13.15 -19.61 -13.25
N THR A 119 -13.27 -20.49 -14.21
CA THR A 119 -13.17 -20.04 -15.64
C THR A 119 -14.51 -19.43 -16.09
N LYS A 120 -15.47 -19.35 -15.20
CA LYS A 120 -16.77 -18.75 -15.57
C LYS A 120 -16.81 -17.29 -15.09
N ASP A 121 -16.87 -16.36 -16.01
CA ASP A 121 -16.89 -14.91 -15.63
C ASP A 121 -17.87 -14.68 -14.48
N GLU A 122 -18.89 -15.49 -14.39
CA GLU A 122 -19.89 -15.33 -13.29
C GLU A 122 -19.24 -15.66 -11.94
N GLN A 123 -18.39 -16.65 -11.92
CA GLN A 123 -17.72 -17.05 -10.66
C GLN A 123 -16.70 -15.99 -10.23
N LEU A 124 -15.69 -15.77 -11.03
CA LEU A 124 -14.66 -14.73 -10.67
C LEU A 124 -15.34 -13.42 -10.28
N GLU A 125 -16.36 -13.04 -11.00
CA GLU A 125 -17.09 -11.78 -10.65
C GLU A 125 -17.86 -11.98 -9.35
N SER A 126 -18.26 -13.19 -9.09
CA SER A 126 -19.02 -13.48 -7.83
C SER A 126 -18.12 -13.23 -6.63
N LEU A 127 -16.90 -13.67 -6.69
CA LEU A 127 -15.98 -13.45 -5.56
C LEU A 127 -15.72 -11.94 -5.43
N PHE A 128 -15.45 -11.31 -6.53
CA PHE A 128 -15.21 -9.85 -6.53
C PHE A 128 -16.32 -9.12 -5.77
N GLN A 129 -17.56 -9.46 -6.05
CA GLN A 129 -18.69 -8.79 -5.34
C GLN A 129 -18.96 -9.47 -4.00
N ARG A 130 -18.34 -10.59 -3.75
CA ARG A 130 -18.58 -11.29 -2.46
C ARG A 130 -17.47 -11.00 -1.43
N THR A 131 -16.49 -10.18 -1.77
CA THR A 131 -15.41 -9.90 -0.77
C THR A 131 -14.83 -8.49 -0.95
N ALA A 132 -13.93 -8.34 -1.89
CA ALA A 132 -13.29 -7.00 -2.11
C ALA A 132 -14.35 -5.90 -2.25
N TRP A 133 -15.52 -6.23 -2.73
CA TRP A 133 -16.56 -5.18 -2.88
C TRP A 133 -17.36 -5.04 -1.58
N VAL A 134 -17.30 -6.03 -0.72
CA VAL A 134 -18.03 -5.91 0.58
C VAL A 134 -17.30 -4.86 1.42
N PHE A 135 -15.99 -4.91 1.41
CA PHE A 135 -15.21 -3.91 2.19
C PHE A 135 -15.25 -2.57 1.46
N ASP A 136 -15.04 -2.58 0.17
CA ASP A 136 -15.09 -1.29 -0.60
C ASP A 136 -16.43 -0.59 -0.33
N ASP A 137 -17.44 -1.37 -0.06
CA ASP A 137 -18.78 -0.78 0.23
C ASP A 137 -18.95 -0.57 1.73
N LYS A 138 -18.15 -1.24 2.49
CA LYS A 138 -18.24 -1.11 3.98
C LYS A 138 -17.74 0.27 4.42
N TYR A 139 -16.70 0.76 3.81
CA TYR A 139 -16.18 2.11 4.21
C TYR A 139 -16.38 3.12 3.09
N LYS A 140 -17.31 2.87 2.20
CA LYS A 140 -17.56 3.82 1.07
C LYS A 140 -16.23 4.23 0.42
N ARG A 141 -15.40 3.27 0.13
CA ARG A 141 -14.09 3.60 -0.51
C ARG A 141 -13.93 2.82 -1.82
N PRO A 142 -13.34 3.45 -2.80
CA PRO A 142 -13.15 2.80 -4.11
C PRO A 142 -11.96 1.82 -4.09
N GLY A 143 -12.14 0.66 -3.52
CA GLY A 143 -11.02 -0.33 -3.48
C GLY A 143 -10.17 -0.14 -2.23
N TYR A 144 -9.91 1.08 -1.84
CA TYR A 144 -9.07 1.33 -0.62
C TYR A 144 -9.55 0.47 0.55
N GLY A 145 -10.84 0.41 0.77
CA GLY A 145 -11.37 -0.43 1.90
C GLY A 145 -10.97 -1.88 1.70
N ALA A 146 -11.26 -2.44 0.56
CA ALA A 146 -10.91 -3.87 0.30
C ALA A 146 -9.44 -4.13 0.63
N TYR A 147 -8.58 -3.20 0.32
CA TYR A 147 -7.13 -3.39 0.62
C TYR A 147 -6.89 -3.41 2.13
N ASP A 148 -7.05 -2.28 2.78
CA ASP A 148 -6.82 -2.22 4.27
C ASP A 148 -7.52 -3.40 4.95
N ALA A 149 -8.77 -3.63 4.63
CA ALA A 149 -9.49 -4.78 5.26
C ALA A 149 -8.75 -6.08 4.93
N PHE A 150 -8.18 -6.16 3.76
CA PHE A 150 -7.44 -7.40 3.38
C PHE A 150 -6.06 -7.40 4.05
N LYS A 151 -5.62 -6.27 4.55
CA LYS A 151 -4.30 -6.20 5.23
C LYS A 151 -4.45 -6.52 6.71
N HIS A 152 -5.62 -6.27 7.27
CA HIS A 152 -5.83 -6.55 8.71
C HIS A 152 -6.52 -7.91 8.90
N ALA A 153 -7.12 -8.43 7.88
CA ALA A 153 -7.82 -9.74 7.99
C ALA A 153 -6.82 -10.90 8.18
N VAL A 154 -5.54 -10.61 8.23
CA VAL A 154 -4.54 -11.71 8.40
C VAL A 154 -4.39 -12.08 9.88
N SER A 155 -4.53 -11.13 10.77
CA SER A 155 -4.38 -11.45 12.22
C SER A 155 -5.62 -11.00 13.01
N ASP A 156 -6.27 -9.94 12.59
CA ASP A 156 -7.47 -9.45 13.32
C ASP A 156 -8.72 -9.69 12.47
N PRO A 157 -9.20 -10.90 12.46
CA PRO A 157 -10.41 -11.24 11.66
C PRO A 157 -11.67 -10.70 12.36
N SER A 158 -11.68 -9.44 12.69
CA SER A 158 -12.89 -8.86 13.35
C SER A 158 -13.75 -8.13 12.32
N ILE A 159 -13.13 -7.47 11.38
CA ILE A 159 -13.93 -6.75 10.35
C ILE A 159 -14.50 -7.75 9.34
N LEU A 160 -14.04 -8.97 9.35
CA LEU A 160 -14.57 -9.98 8.39
C LEU A 160 -15.27 -11.12 9.15
N ASP A 161 -15.59 -10.92 10.40
CA ASP A 161 -16.27 -12.00 11.17
C ASP A 161 -17.61 -12.35 10.49
N SER A 162 -18.15 -11.45 9.73
CA SER A 162 -19.44 -11.72 9.04
C SER A 162 -19.19 -12.22 7.62
N LEU A 163 -17.97 -12.53 7.27
CA LEU A 163 -17.66 -13.02 5.90
C LEU A 163 -17.93 -14.52 5.80
N ASP A 164 -19.12 -14.90 5.43
CA ASP A 164 -19.43 -16.36 5.31
C ASP A 164 -18.75 -16.94 4.06
N LEU A 165 -17.56 -17.42 4.20
CA LEU A 165 -16.84 -18.00 3.03
C LEU A 165 -16.70 -19.51 3.17
N ASN A 166 -16.21 -20.18 2.16
CA ASN A 166 -16.04 -21.66 2.22
C ASN A 166 -14.64 -22.01 2.71
N GLU A 167 -14.35 -23.29 2.80
CA GLU A 167 -12.99 -23.71 3.26
C GLU A 167 -11.98 -23.59 2.14
N ASP A 168 -12.45 -23.40 0.95
CA ASP A 168 -11.54 -23.26 -0.22
C ASP A 168 -11.19 -21.78 -0.43
N GLU A 169 -12.16 -20.92 -0.31
CA GLU A 169 -11.89 -19.46 -0.51
C GLU A 169 -11.24 -18.88 0.75
N ARG A 170 -11.61 -19.36 1.90
CA ARG A 170 -11.02 -18.83 3.16
C ARG A 170 -9.56 -19.26 3.25
N GLU A 171 -9.24 -20.44 2.78
CA GLU A 171 -7.82 -20.90 2.85
C GLU A 171 -6.97 -20.22 1.77
N VAL A 172 -7.50 -20.08 0.59
CA VAL A 172 -6.72 -19.42 -0.50
C VAL A 172 -6.68 -17.90 -0.27
N LEU A 173 -7.77 -17.33 0.19
CA LEU A 173 -7.79 -15.86 0.45
C LEU A 173 -6.92 -15.55 1.67
N ILE A 174 -7.11 -16.23 2.76
CA ILE A 174 -6.27 -15.96 3.97
C ILE A 174 -4.81 -16.24 3.61
N ASN A 175 -4.56 -17.30 2.90
CA ASN A 175 -3.16 -17.65 2.50
C ASN A 175 -2.59 -16.55 1.61
N ASN A 176 -3.36 -16.07 0.67
CA ASN A 176 -2.87 -14.98 -0.23
C ASN A 176 -2.67 -13.70 0.57
N ILE A 177 -3.60 -13.37 1.42
CA ILE A 177 -3.47 -12.13 2.24
C ILE A 177 -2.12 -12.13 2.99
N ASN A 178 -1.74 -13.25 3.53
CA ASN A 178 -0.44 -13.31 4.28
C ASN A 178 0.71 -13.53 3.30
N ARG A 179 0.53 -14.38 2.35
CA ARG A 179 1.61 -14.63 1.36
C ARG A 179 1.73 -13.47 0.38
N ARG A 180 0.85 -12.50 0.46
CA ARG A 180 0.91 -11.35 -0.48
C ARG A 180 0.99 -10.01 0.28
N LEU A 181 0.47 -9.95 1.48
CA LEU A 181 0.53 -8.66 2.23
C LEU A 181 1.59 -8.72 3.34
N THR A 182 1.98 -9.90 3.74
CA THR A 182 3.01 -10.01 4.81
C THR A 182 4.19 -10.88 4.33
N PRO A 183 5.20 -10.22 3.82
CA PRO A 183 6.39 -10.94 3.33
C PRO A 183 7.34 -11.28 4.49
N GLN A 184 8.59 -11.52 4.20
CA GLN A 184 9.57 -11.85 5.29
C GLN A 184 9.65 -10.68 6.28
N ALA A 185 10.63 -10.68 7.14
CA ALA A 185 10.75 -9.59 8.14
C ALA A 185 11.88 -8.63 7.74
N VAL A 186 12.38 -7.88 8.68
CA VAL A 186 13.47 -6.91 8.34
C VAL A 186 14.72 -7.17 9.19
N LYS A 187 15.87 -6.79 8.68
CA LYS A 187 17.14 -6.96 9.45
C LYS A 187 17.31 -5.72 10.34
N ILE A 188 17.27 -5.89 11.62
CA ILE A 188 17.38 -4.71 12.52
C ILE A 188 18.71 -4.71 13.24
N ARG A 189 19.21 -3.55 13.58
CA ARG A 189 20.51 -3.50 14.30
C ARG A 189 20.68 -2.20 15.10
N ALA A 190 20.99 -2.32 16.35
CA ALA A 190 21.24 -1.12 17.21
C ALA A 190 22.59 -1.30 17.91
N ASP A 191 23.17 -0.25 18.43
CA ASP A 191 24.48 -0.41 19.13
C ASP A 191 24.33 -0.16 20.62
N ILE A 192 25.06 -0.87 21.43
CA ILE A 192 24.94 -0.66 22.90
C ILE A 192 26.30 -0.88 23.56
N GLU A 193 26.51 -0.31 24.71
CA GLU A 193 27.82 -0.48 25.42
C GLU A 193 27.57 -1.04 26.82
N VAL A 194 27.89 -2.29 27.02
CA VAL A 194 27.70 -2.92 28.36
C VAL A 194 29.03 -2.94 29.13
N ALA A 195 28.98 -2.71 30.41
CA ALA A 195 30.24 -2.73 31.21
C ALA A 195 29.92 -2.94 32.69
N CYS A 196 30.51 -3.92 33.32
CA CYS A 196 30.24 -4.16 34.76
C CYS A 196 31.35 -3.53 35.61
N TYR A 197 32.09 -2.62 35.04
CA TYR A 197 33.20 -1.94 35.78
C TYR A 197 33.98 -2.93 36.65
N GLY A 198 34.98 -3.56 36.10
CA GLY A 198 35.78 -4.54 36.89
C GLY A 198 36.06 -5.78 36.03
N TYR A 199 36.91 -6.65 36.50
CA TYR A 199 37.23 -7.88 35.72
C TYR A 199 36.29 -9.02 36.14
N GLU A 200 35.92 -9.06 37.40
CA GLU A 200 34.99 -10.11 37.87
C GLU A 200 33.56 -9.80 37.42
N GLY A 201 33.38 -8.66 36.78
CA GLY A 201 32.03 -8.28 36.29
C GLY A 201 31.86 -8.74 34.85
N ILE A 202 32.95 -9.08 34.20
CA ILE A 202 32.86 -9.56 32.78
C ILE A 202 31.84 -10.70 32.69
N ASP A 203 31.64 -11.40 33.78
CA ASP A 203 30.64 -12.51 33.78
C ASP A 203 29.22 -11.93 33.71
N ALA A 204 29.05 -10.73 34.17
CA ALA A 204 27.70 -10.10 34.11
C ALA A 204 27.53 -9.48 32.73
N VAL A 205 28.62 -9.06 32.14
CA VAL A 205 28.57 -8.47 30.79
C VAL A 205 28.11 -9.55 29.80
N LYS A 206 28.78 -10.67 29.78
CA LYS A 206 28.38 -11.77 28.86
C LYS A 206 26.97 -12.25 29.24
N GLU A 207 26.72 -12.45 30.51
CA GLU A 207 25.36 -12.92 30.93
C GLU A 207 24.28 -11.98 30.37
N ALA A 208 24.50 -10.70 30.45
CA ALA A 208 23.50 -9.74 29.91
C ALA A 208 23.29 -10.01 28.42
N LEU A 209 24.35 -10.01 27.65
CA LEU A 209 24.21 -10.29 26.19
C LEU A 209 23.40 -11.57 26.00
N ARG A 210 23.49 -12.47 26.95
CA ARG A 210 22.72 -13.74 26.86
C ARG A 210 21.23 -13.43 27.10
N ALA A 211 20.96 -12.48 27.94
CA ALA A 211 19.54 -12.12 28.22
C ALA A 211 18.89 -11.59 26.94
N GLY A 212 19.57 -10.72 26.24
CA GLY A 212 19.00 -10.17 24.97
C GLY A 212 19.06 -11.24 23.88
N LEU A 213 20.01 -12.12 23.97
CA LEU A 213 20.13 -13.20 22.95
C LEU A 213 19.19 -14.36 23.31
N ASN A 214 18.82 -14.46 24.56
CA ASN A 214 17.90 -15.56 24.99
C ASN A 214 16.44 -15.06 24.91
N CYS A 215 16.24 -13.77 24.88
CA CYS A 215 14.85 -13.24 24.77
C CYS A 215 14.52 -12.96 23.30
N SER A 216 15.20 -13.62 22.40
CA SER A 216 14.96 -13.40 20.96
C SER A 216 13.81 -14.28 20.48
N THR A 217 12.64 -13.71 20.34
CA THR A 217 11.49 -14.52 19.87
C THR A 217 10.62 -13.68 18.93
N GLU A 218 10.69 -13.96 17.65
CA GLU A 218 9.88 -13.19 16.65
C GLU A 218 10.27 -13.61 15.23
N ASN A 219 9.63 -14.63 14.71
CA ASN A 219 9.95 -15.11 13.33
C ASN A 219 11.38 -15.68 13.25
N MET A 220 12.38 -14.87 13.50
CA MET A 220 13.79 -15.37 13.42
C MET A 220 14.56 -15.07 14.72
N PRO A 221 15.83 -15.42 14.73
CA PRO A 221 16.68 -15.21 15.91
C PRO A 221 17.34 -13.82 15.93
N ILE A 222 18.01 -13.52 17.02
CA ILE A 222 18.71 -12.21 17.17
C ILE A 222 20.22 -12.46 17.32
N LYS A 223 21.05 -11.49 17.02
CA LYS A 223 22.52 -11.72 17.12
C LYS A 223 23.23 -10.44 17.57
N ILE A 224 24.03 -10.51 18.60
CA ILE A 224 24.76 -9.32 19.08
C ILE A 224 26.27 -9.59 19.04
N ASN A 225 27.01 -8.76 18.36
CA ASN A 225 28.48 -8.98 18.28
C ASN A 225 29.25 -7.77 18.82
N LEU A 226 30.53 -7.90 18.98
CA LEU A 226 31.35 -6.77 19.48
C LEU A 226 32.30 -6.27 18.39
N ILE A 227 32.18 -5.03 18.02
CA ILE A 227 33.08 -4.46 16.97
C ILE A 227 34.27 -3.79 17.66
N ALA A 228 34.01 -2.73 18.38
CA ALA A 228 35.11 -2.02 19.10
C ALA A 228 35.06 -2.40 20.58
N PRO A 229 35.82 -1.71 21.40
CA PRO A 229 35.83 -2.01 22.84
C PRO A 229 34.55 -1.51 23.55
N PRO A 230 34.43 -0.21 23.85
CA PRO A 230 33.19 0.26 24.53
C PRO A 230 32.03 0.37 23.53
N ARG A 231 31.70 -0.69 22.84
CA ARG A 231 30.58 -0.62 21.86
C ARG A 231 30.21 -2.02 21.36
N TYR A 232 28.98 -2.22 20.98
CA TYR A 232 28.55 -3.56 20.48
C TYR A 232 27.56 -3.41 19.34
N VAL A 233 27.10 -4.50 18.79
CA VAL A 233 26.11 -4.42 17.69
C VAL A 233 25.02 -5.47 17.91
N MET A 234 23.81 -5.04 18.18
CA MET A 234 22.71 -6.02 18.41
C MET A 234 21.78 -6.01 17.20
N THR A 235 21.68 -7.11 16.51
CA THR A 235 20.79 -7.15 15.31
C THR A 235 19.84 -8.32 15.40
N THR A 236 19.02 -8.52 14.41
CA THR A 236 18.06 -9.65 14.44
C THR A 236 17.14 -9.61 13.23
N THR A 237 16.27 -10.56 13.14
CA THR A 237 15.30 -10.58 12.00
C THR A 237 13.88 -10.54 12.58
N THR A 238 13.23 -9.42 12.51
CA THR A 238 11.86 -9.31 13.09
C THR A 238 10.89 -8.70 12.09
N LEU A 239 9.79 -9.36 11.83
CA LEU A 239 8.78 -8.82 10.88
C LEU A 239 8.42 -7.39 11.30
N GLU A 240 7.91 -6.59 10.40
CA GLU A 240 7.54 -5.18 10.76
C GLU A 240 8.79 -4.41 11.21
N ARG A 241 8.78 -3.11 11.08
CA ARG A 241 9.98 -2.31 11.50
C ARG A 241 9.90 -1.96 12.99
N THR A 242 8.81 -1.39 13.42
CA THR A 242 8.67 -1.01 14.86
C THR A 242 8.67 -2.26 15.74
N GLU A 243 7.80 -3.20 15.48
CA GLU A 243 7.77 -4.44 16.31
C GLU A 243 9.17 -5.03 16.45
N GLY A 244 9.91 -5.04 15.37
CA GLY A 244 11.30 -5.59 15.43
C GLY A 244 12.13 -4.76 16.41
N LEU A 245 12.37 -3.51 16.11
CA LEU A 245 13.17 -2.67 17.04
C LEU A 245 12.52 -2.74 18.43
N SER A 246 11.24 -2.99 18.48
CA SER A 246 10.56 -3.10 19.79
C SER A 246 11.20 -4.26 20.56
N VAL A 247 11.57 -5.31 19.87
CA VAL A 247 12.24 -6.45 20.57
C VAL A 247 13.68 -6.03 20.91
N LEU A 248 14.30 -5.27 20.05
CA LEU A 248 15.70 -4.82 20.33
C LEU A 248 15.72 -3.97 21.60
N SER A 249 14.86 -2.98 21.66
CA SER A 249 14.80 -2.11 22.88
C SER A 249 14.52 -2.95 24.11
N GLN A 250 13.56 -3.84 24.03
CA GLN A 250 13.23 -4.71 25.19
C GLN A 250 14.44 -5.56 25.59
N ALA A 251 15.17 -6.05 24.62
CA ALA A 251 16.36 -6.89 24.93
C ALA A 251 17.49 -6.03 25.47
N MET A 252 17.92 -5.03 24.73
CA MET A 252 19.02 -4.16 25.21
C MET A 252 18.62 -3.49 26.54
N ALA A 253 17.35 -3.44 26.83
CA ALA A 253 16.93 -2.84 28.13
C ALA A 253 17.06 -3.90 29.20
N VAL A 254 16.83 -5.13 28.83
CA VAL A 254 16.97 -6.24 29.79
C VAL A 254 18.43 -6.26 30.26
N ILE A 255 19.37 -6.21 29.35
CA ILE A 255 20.80 -6.20 29.76
C ILE A 255 21.03 -4.98 30.63
N LYS A 256 20.52 -3.84 30.23
CA LYS A 256 20.69 -2.63 31.08
C LYS A 256 20.25 -2.99 32.49
N GLU A 257 19.33 -3.93 32.60
CA GLU A 257 18.89 -4.38 33.95
C GLU A 257 19.80 -5.52 34.41
N LYS A 258 20.26 -6.35 33.50
CA LYS A 258 21.17 -7.46 33.87
C LYS A 258 22.57 -6.92 34.14
N ILE A 259 22.80 -5.68 33.86
CA ILE A 259 24.15 -5.08 34.09
C ILE A 259 24.05 -4.02 35.19
N GLU A 260 22.98 -3.28 35.23
CA GLU A 260 22.82 -2.25 36.30
C GLU A 260 22.67 -2.94 37.65
N GLU A 261 21.93 -4.02 37.69
CA GLU A 261 21.77 -4.76 38.98
C GLU A 261 23.12 -5.32 39.42
N LYS A 262 24.07 -5.39 38.52
CA LYS A 262 25.41 -5.93 38.88
C LYS A 262 26.43 -4.79 38.87
N ARG A 263 26.01 -3.60 39.19
CA ARG A 263 26.94 -2.43 39.20
C ARG A 263 27.66 -2.31 37.86
N GLY A 264 26.94 -2.13 36.80
CA GLY A 264 27.58 -2.00 35.46
C GLY A 264 27.09 -0.73 34.76
N VAL A 265 27.10 -0.73 33.45
CA VAL A 265 26.66 0.48 32.70
C VAL A 265 26.18 0.09 31.30
N PHE A 266 25.32 0.90 30.73
CA PHE A 266 24.81 0.61 29.35
C PHE A 266 24.82 1.89 28.52
N ASN A 267 25.15 1.80 27.25
CA ASN A 267 25.16 3.05 26.41
C ASN A 267 24.82 2.72 24.94
N VAL A 268 23.76 3.30 24.43
CA VAL A 268 23.36 3.06 23.01
C VAL A 268 24.28 3.86 22.08
N GLN A 269 24.45 3.43 20.85
CA GLN A 269 25.35 4.19 19.93
C GLN A 269 24.58 4.68 18.70
N MET A 270 23.60 3.94 18.25
CA MET A 270 22.83 4.39 17.05
C MET A 270 21.36 3.99 17.14
N GLU A 271 20.89 3.68 18.32
CA GLU A 271 19.47 3.30 18.50
C GLU A 271 19.08 2.17 17.55
N PRO A 272 17.87 1.71 17.67
CA PRO A 272 17.36 0.62 16.80
C PRO A 272 17.21 1.11 15.36
N LYS A 273 18.00 0.58 14.46
CA LYS A 273 17.91 1.01 13.03
C LYS A 273 17.55 -0.19 12.15
N VAL A 274 16.37 -0.22 11.60
CA VAL A 274 15.98 -1.36 10.73
C VAL A 274 16.66 -1.24 9.37
N VAL A 275 16.81 -2.34 8.67
CA VAL A 275 17.48 -2.27 7.34
C VAL A 275 16.43 -2.38 6.23
N THR A 276 16.46 -1.49 5.29
CA THR A 276 15.47 -1.51 4.19
C THR A 276 16.17 -1.20 2.85
N ASP A 277 15.99 -2.03 1.87
CA ASP A 277 16.67 -1.80 0.55
C ASP A 277 15.84 -0.85 -0.33
N THR A 278 14.55 -0.78 -0.11
CA THR A 278 13.70 0.13 -0.94
C THR A 278 13.76 1.56 -0.41
N ASP A 279 14.35 1.78 0.73
CA ASP A 279 14.43 3.16 1.29
C ASP A 279 15.72 3.85 0.86
N GLU A 280 16.74 3.10 0.57
CA GLU A 280 18.02 3.73 0.14
C GLU A 280 17.87 4.35 -1.25
N THR A 281 17.14 3.71 -2.13
CA THR A 281 16.95 4.27 -3.51
C THR A 281 16.20 5.61 -3.45
N GLU A 282 15.57 5.90 -2.35
CA GLU A 282 14.82 7.19 -2.23
C GLU A 282 15.78 8.39 -2.23
N LEU A 283 17.07 8.15 -2.14
CA LEU A 283 18.04 9.29 -2.14
C LEU A 283 18.13 9.91 -3.54
N ALA A 284 17.63 9.22 -4.54
CA ALA A 284 17.69 9.78 -5.93
C ALA A 284 16.60 10.84 -6.12
N ARG A 285 15.63 10.88 -5.24
CA ARG A 285 14.54 11.89 -5.38
C ARG A 285 14.88 13.16 -4.58
N GLN A 286 15.69 13.03 -3.56
CA GLN A 286 16.07 14.23 -2.75
C GLN A 286 17.23 14.98 -3.40
N MET A 287 17.93 14.33 -4.31
CA MET A 287 19.07 15.00 -5.00
C MET A 287 20.04 15.61 -3.97
N GLU A 288 20.26 14.94 -2.87
CA GLU A 288 21.18 15.46 -1.81
C GLU A 288 20.69 16.79 -1.27
N ARG A 289 20.82 17.01 0.02
CA ARG A 289 20.38 18.30 0.61
C ARG A 289 21.38 19.42 0.28
N LEU A 290 22.50 19.07 -0.32
CA LEU A 290 23.52 20.10 -0.68
C LEU A 290 23.03 20.95 -1.87
N GLU A 291 21.89 20.61 -2.43
CA GLU A 291 21.36 21.39 -3.58
C GLU A 291 20.49 22.56 -3.07
N ARG A 292 20.17 22.56 -1.81
CA ARG A 292 19.31 23.65 -1.25
C ARG A 292 20.18 24.74 -0.60
N GLU A 293 21.44 24.47 -0.38
CA GLU A 293 22.32 25.49 0.27
C GLU A 293 22.45 26.72 -0.62
N ASN A 294 22.00 27.86 -0.16
CA ASN A 294 22.09 29.09 -0.99
C ASN A 294 22.00 30.35 -0.13
N ALA A 295 20.82 30.68 0.34
CA ALA A 295 20.65 31.90 1.19
C ALA A 295 21.01 33.16 0.40
N GLU A 296 20.08 34.06 0.26
CA GLU A 296 20.35 35.32 -0.50
C GLU A 296 20.47 36.49 0.47
N VAL A 297 21.43 36.45 1.35
CA VAL A 297 21.60 37.57 2.33
C VAL A 297 23.08 37.92 2.48
N ASP A 298 23.78 37.99 1.37
CA ASP A 298 25.25 38.33 1.42
C ASP A 298 25.97 37.34 2.34
N GLY A 299 25.43 36.17 2.53
CA GLY A 299 26.10 35.17 3.41
C GLY A 299 26.68 34.04 2.55
N ASP A 300 27.16 33.00 3.19
CA ASP A 300 27.74 31.86 2.42
C ASP A 300 26.75 30.69 2.37
N MET A 1 17.03 -4.34 -16.63
CA MET A 1 17.78 -3.87 -15.42
C MET A 1 18.05 -2.37 -15.52
N SER A 2 17.50 -1.60 -14.64
CA SER A 2 17.72 -0.13 -14.67
C SER A 2 16.92 0.56 -13.55
N CYS A 3 17.49 0.66 -12.38
CA CYS A 3 16.75 1.29 -11.24
C CYS A 3 16.21 2.66 -11.66
N ARG A 4 14.94 2.91 -11.42
CA ARG A 4 14.33 4.22 -11.81
C ARG A 4 12.84 4.22 -11.49
N PHE A 5 12.41 4.99 -10.52
CA PHE A 5 10.95 5.03 -10.19
C PHE A 5 10.29 6.18 -10.94
N TYR A 6 10.86 6.59 -12.04
CA TYR A 6 10.30 7.71 -12.84
C TYR A 6 11.24 7.98 -14.01
N GLN A 7 10.77 7.81 -15.22
CA GLN A 7 11.65 8.05 -16.42
C GLN A 7 12.54 9.29 -16.18
N HIS A 8 11.95 10.36 -15.72
CA HIS A 8 12.74 11.61 -15.44
C HIS A 8 11.78 12.77 -15.20
N LYS A 9 12.29 13.89 -14.73
CA LYS A 9 11.43 15.08 -14.46
C LYS A 9 10.62 14.85 -13.19
N PHE A 10 11.21 15.13 -12.06
CA PHE A 10 10.49 14.93 -10.78
C PHE A 10 10.22 16.29 -10.09
N PRO A 11 8.95 16.62 -9.98
CA PRO A 11 8.57 17.89 -9.33
C PRO A 11 8.49 17.69 -7.81
N GLU A 12 9.60 17.80 -7.13
CA GLU A 12 9.58 17.60 -5.65
C GLU A 12 10.61 18.51 -4.97
N VAL A 13 10.19 19.67 -4.53
CA VAL A 13 11.14 20.60 -3.84
C VAL A 13 11.17 20.29 -2.34
N GLU A 14 10.19 19.59 -1.83
CA GLU A 14 10.17 19.27 -0.38
C GLU A 14 9.55 17.90 -0.13
N ASP A 15 9.66 17.01 -1.08
CA ASP A 15 9.09 15.64 -0.89
C ASP A 15 9.97 14.84 0.07
N VAL A 16 9.42 14.43 1.19
CA VAL A 16 10.22 13.65 2.17
C VAL A 16 10.60 12.29 1.58
N VAL A 17 11.86 12.08 1.30
CA VAL A 17 12.27 10.77 0.71
C VAL A 17 13.48 10.20 1.46
N MET A 18 13.97 9.06 1.04
CA MET A 18 15.15 8.46 1.73
C MET A 18 16.26 8.22 0.71
N VAL A 19 17.49 8.41 1.09
CA VAL A 19 18.61 8.20 0.12
C VAL A 19 19.80 7.52 0.81
N ASN A 20 20.92 7.45 0.14
CA ASN A 20 22.11 6.81 0.75
C ASN A 20 23.35 7.68 0.51
N VAL A 21 24.24 7.75 1.45
CA VAL A 21 25.47 8.59 1.27
C VAL A 21 26.27 8.13 0.05
N ARG A 22 26.69 9.05 -0.78
CA ARG A 22 27.49 8.69 -1.99
C ARG A 22 28.84 9.39 -1.93
N SER A 23 28.85 10.70 -1.97
CA SER A 23 30.14 11.43 -1.89
C SER A 23 29.99 12.62 -0.94
N ILE A 24 30.67 12.60 0.17
CA ILE A 24 30.53 13.73 1.14
C ILE A 24 31.57 14.82 0.84
N GLN A 25 31.21 16.07 1.02
CA GLN A 25 32.16 17.17 0.73
C GLN A 25 32.45 17.97 2.01
N GLU A 26 33.07 19.11 1.87
CA GLU A 26 33.39 19.93 3.07
C GLU A 26 32.18 20.79 3.46
N MET A 27 31.57 21.46 2.52
CA MET A 27 30.40 22.32 2.85
C MET A 27 29.10 21.67 2.37
N GLY A 28 29.07 20.37 2.27
CA GLY A 28 27.83 19.68 1.80
C GLY A 28 28.07 18.18 1.71
N ALA A 29 27.03 17.41 1.59
CA ALA A 29 27.20 15.92 1.50
C ALA A 29 26.40 15.39 0.32
N TYR A 30 26.99 14.55 -0.48
CA TYR A 30 26.25 14.00 -1.65
C TYR A 30 25.73 12.60 -1.35
N VAL A 31 24.56 12.29 -1.83
CA VAL A 31 23.98 10.94 -1.59
C VAL A 31 23.36 10.40 -2.88
N SER A 32 23.23 9.11 -2.98
CA SER A 32 22.62 8.51 -4.20
C SER A 32 21.26 7.92 -3.84
N LEU A 33 20.25 8.21 -4.60
CA LEU A 33 18.90 7.67 -4.27
C LEU A 33 18.96 6.16 -4.06
N LEU A 34 18.84 5.74 -2.82
CA LEU A 34 18.87 4.27 -2.49
C LEU A 34 19.70 3.47 -3.52
N GLU A 35 19.05 2.75 -4.42
CA GLU A 35 19.82 1.96 -5.42
C GLU A 35 19.75 2.61 -6.80
N TYR A 36 19.76 3.93 -6.86
CA TYR A 36 19.72 4.63 -8.19
C TYR A 36 18.33 4.52 -8.82
N ASN A 37 17.31 4.34 -8.03
CA ASN A 37 15.94 4.25 -8.60
C ASN A 37 15.45 5.65 -9.03
N ASN A 38 16.32 6.62 -9.00
CA ASN A 38 15.91 8.00 -9.40
C ASN A 38 17.12 8.80 -9.89
N ILE A 39 17.97 9.20 -8.99
CA ILE A 39 19.18 9.99 -9.38
C ILE A 39 20.13 10.11 -8.17
N GLU A 40 20.82 11.21 -8.04
CA GLU A 40 21.74 11.40 -6.88
C GLU A 40 21.08 12.36 -5.88
N GLY A 41 21.85 13.04 -5.09
CA GLY A 41 21.24 13.99 -4.10
C GLY A 41 22.31 14.83 -3.42
N MET A 42 21.99 16.05 -3.10
CA MET A 42 22.98 16.94 -2.42
C MET A 42 22.33 17.51 -1.15
N ILE A 43 22.94 17.29 -0.03
CA ILE A 43 22.36 17.83 1.24
C ILE A 43 23.20 19.00 1.74
N HIS A 44 22.63 19.84 2.57
CA HIS A 44 23.40 21.01 3.08
C HIS A 44 23.93 20.73 4.49
N LEU A 45 25.21 20.60 4.63
CA LEU A 45 25.80 20.34 5.98
C LEU A 45 25.41 21.46 6.93
N SER A 46 25.08 22.61 6.40
CA SER A 46 24.67 23.77 7.23
C SER A 46 23.31 23.50 7.87
N GLU A 47 22.67 22.41 7.54
CA GLU A 47 21.36 22.09 8.14
C GLU A 47 21.47 20.71 8.78
N LEU A 48 22.66 20.21 8.92
CA LEU A 48 22.85 18.89 9.53
C LEU A 48 23.28 19.09 10.98
N SER A 49 24.16 20.02 11.22
CA SER A 49 24.62 20.28 12.60
C SER A 49 24.01 21.59 13.12
N ARG A 50 24.66 22.27 14.03
CA ARG A 50 24.11 23.54 14.55
C ARG A 50 25.14 24.67 14.43
N ARG A 51 26.38 24.38 14.73
CA ARG A 51 27.44 25.43 14.63
C ARG A 51 28.14 25.36 13.27
N ARG A 52 28.91 26.35 12.94
CA ARG A 52 29.63 26.34 11.63
C ARG A 52 30.49 25.08 11.50
N ILE A 53 29.98 24.06 10.86
CA ILE A 53 30.76 22.80 10.71
C ILE A 53 31.57 22.82 9.41
N ARG A 54 32.68 22.13 9.38
CA ARG A 54 33.51 22.10 8.15
C ARG A 54 33.51 20.69 7.55
N SER A 55 33.42 19.68 8.37
CA SER A 55 33.40 18.29 7.86
C SER A 55 32.39 17.45 8.64
N ILE A 56 32.15 16.23 8.24
CA ILE A 56 31.17 15.38 8.96
C ILE A 56 31.70 13.93 9.06
N ASN A 57 31.30 13.06 8.16
CA ASN A 57 31.77 11.65 8.22
C ASN A 57 31.42 11.01 9.56
N LYS A 58 30.47 11.57 10.27
CA LYS A 58 30.07 10.99 11.59
C LYS A 58 28.57 10.64 11.56
N LEU A 59 28.14 10.02 10.51
CA LEU A 59 26.70 9.66 10.40
C LEU A 59 26.50 8.62 9.30
N ILE A 60 26.92 8.92 8.10
CA ILE A 60 26.77 7.96 6.97
C ILE A 60 28.03 7.95 6.10
N ARG A 61 28.65 6.81 5.95
CA ARG A 61 29.90 6.74 5.12
C ARG A 61 29.76 5.66 4.05
N ILE A 62 29.35 6.04 2.87
CA ILE A 62 29.20 5.06 1.75
C ILE A 62 28.54 3.75 2.23
N GLY A 63 27.24 3.68 2.21
CA GLY A 63 26.55 2.44 2.66
C GLY A 63 25.68 2.72 3.87
N ARG A 64 25.07 3.88 3.92
CA ARG A 64 24.20 4.22 5.09
C ARG A 64 22.92 4.92 4.60
N ASN A 65 21.93 4.17 4.24
CA ASN A 65 20.66 4.79 3.76
C ASN A 65 19.91 5.45 4.91
N GLU A 66 19.37 6.63 4.69
CA GLU A 66 18.63 7.32 5.78
C GLU A 66 17.39 8.01 5.20
N CYS A 67 16.52 8.51 6.05
CA CYS A 67 15.29 9.19 5.55
C CYS A 67 15.35 10.70 5.83
N VAL A 68 15.35 11.50 4.80
CA VAL A 68 15.40 12.98 5.00
C VAL A 68 14.41 13.66 4.05
N LYS A 69 14.42 14.97 4.00
CA LYS A 69 13.48 15.68 3.09
C LYS A 69 14.23 16.63 2.16
N VAL A 70 13.73 16.84 0.97
CA VAL A 70 14.40 17.76 0.02
C VAL A 70 14.04 19.21 0.38
N ILE A 71 14.92 20.14 0.13
CA ILE A 71 14.60 21.55 0.47
C ILE A 71 14.40 22.39 -0.80
N ARG A 72 14.93 21.95 -1.92
CA ARG A 72 14.75 22.72 -3.19
C ARG A 72 15.48 22.04 -4.35
N VAL A 73 14.80 21.79 -5.43
CA VAL A 73 15.45 21.14 -6.61
C VAL A 73 15.79 22.21 -7.65
N ASP A 74 16.54 21.84 -8.64
CA ASP A 74 16.91 22.81 -9.70
C ASP A 74 16.24 22.42 -11.02
N LYS A 75 15.37 23.27 -11.53
CA LYS A 75 14.68 22.96 -12.80
C LYS A 75 15.54 23.36 -13.99
N GLU A 76 16.66 23.94 -13.72
CA GLU A 76 17.58 24.34 -14.82
C GLU A 76 18.32 23.11 -15.35
N LYS A 77 18.18 22.00 -14.67
CA LYS A 77 18.86 20.75 -15.11
C LYS A 77 18.20 19.54 -14.45
N GLY A 78 17.79 19.67 -13.22
CA GLY A 78 17.14 18.53 -12.51
C GLY A 78 18.00 18.12 -11.32
N TYR A 79 18.14 18.98 -10.34
CA TYR A 79 18.96 18.62 -9.15
C TYR A 79 18.04 18.54 -7.93
N ILE A 80 18.53 18.04 -6.84
CA ILE A 80 17.66 17.93 -5.64
C ILE A 80 18.45 18.20 -4.36
N ASP A 81 18.11 19.24 -3.64
CA ASP A 81 18.83 19.54 -2.38
C ASP A 81 18.18 18.75 -1.24
N LEU A 82 18.92 18.43 -0.21
CA LEU A 82 18.31 17.64 0.90
C LEU A 82 18.68 18.20 2.27
N SER A 83 17.86 17.94 3.24
CA SER A 83 18.10 18.41 4.63
C SER A 83 17.32 17.52 5.58
N LYS A 84 17.85 17.21 6.73
CA LYS A 84 17.12 16.34 7.68
C LYS A 84 16.47 17.19 8.77
N ARG A 85 17.17 18.18 9.27
CA ARG A 85 16.60 19.03 10.35
C ARG A 85 15.94 18.13 11.40
N ARG A 86 16.46 16.94 11.54
CA ARG A 86 15.88 15.96 12.52
C ARG A 86 14.50 15.51 12.03
N VAL A 87 14.46 14.65 11.04
CA VAL A 87 13.15 14.18 10.51
C VAL A 87 12.45 13.30 11.54
N SER A 88 11.17 13.09 11.37
CA SER A 88 10.41 12.24 12.34
C SER A 88 10.24 10.81 11.79
N PRO A 89 9.89 9.91 12.66
CA PRO A 89 9.69 8.50 12.25
C PRO A 89 8.41 8.37 11.43
N GLU A 90 7.43 9.18 11.71
CA GLU A 90 6.16 9.12 10.94
C GLU A 90 6.44 9.46 9.46
N GLU A 91 7.35 10.36 9.22
CA GLU A 91 7.68 10.72 7.82
C GLU A 91 8.53 9.61 7.18
N ALA A 92 9.49 9.09 7.90
CA ALA A 92 10.33 8.01 7.32
C ALA A 92 9.52 6.74 7.14
N ILE A 93 8.44 6.64 7.85
CA ILE A 93 7.56 5.45 7.74
C ILE A 93 6.66 5.62 6.52
N LYS A 94 6.15 6.81 6.30
CA LYS A 94 5.28 7.04 5.11
C LYS A 94 6.09 6.83 3.83
N CYS A 95 7.35 7.21 3.87
CA CYS A 95 8.22 7.03 2.67
C CYS A 95 8.50 5.55 2.47
N GLU A 96 8.82 4.84 3.53
CA GLU A 96 9.11 3.38 3.40
C GLU A 96 7.93 2.68 2.72
N ASP A 97 6.73 2.98 3.12
CA ASP A 97 5.54 2.34 2.48
C ASP A 97 5.43 2.81 1.02
N LYS A 98 5.43 4.10 0.81
CA LYS A 98 5.33 4.63 -0.58
C LYS A 98 6.26 3.85 -1.52
N PHE A 99 7.45 3.53 -1.08
CA PHE A 99 8.39 2.75 -1.94
C PHE A 99 8.04 1.27 -1.89
N THR A 100 7.46 0.81 -0.81
CA THR A 100 7.10 -0.63 -0.73
C THR A 100 6.21 -0.96 -1.93
N LYS A 101 5.27 -0.11 -2.24
CA LYS A 101 4.42 -0.37 -3.42
C LYS A 101 5.13 0.12 -4.67
N SER A 102 5.84 1.22 -4.57
CA SER A 102 6.58 1.75 -5.75
C SER A 102 7.65 0.74 -6.16
N LYS A 103 8.07 -0.09 -5.25
CA LYS A 103 9.09 -1.12 -5.58
C LYS A 103 8.37 -2.32 -6.19
N THR A 104 7.25 -2.70 -5.63
CA THR A 104 6.47 -3.83 -6.19
C THR A 104 5.99 -3.48 -7.59
N VAL A 105 5.42 -2.31 -7.76
CA VAL A 105 4.95 -1.89 -9.11
C VAL A 105 6.16 -1.72 -10.01
N TYR A 106 7.21 -1.17 -9.47
CA TYR A 106 8.46 -0.97 -10.25
C TYR A 106 8.93 -2.34 -10.76
N SER A 107 9.07 -3.29 -9.88
CA SER A 107 9.52 -4.64 -10.30
C SER A 107 8.41 -5.31 -11.11
N ILE A 108 7.17 -5.05 -10.76
CA ILE A 108 6.03 -5.64 -11.52
C ILE A 108 6.16 -5.23 -12.99
N LEU A 109 6.65 -4.05 -13.23
CA LEU A 109 6.81 -3.59 -14.62
C LEU A 109 8.09 -4.17 -15.22
N ARG A 110 9.12 -4.37 -14.42
CA ARG A 110 10.38 -4.96 -14.97
C ARG A 110 10.15 -6.45 -15.23
N HIS A 111 9.32 -7.08 -14.43
CA HIS A 111 9.04 -8.53 -14.63
C HIS A 111 8.16 -8.69 -15.86
N VAL A 112 7.06 -7.97 -15.93
CA VAL A 112 6.20 -8.08 -17.13
C VAL A 112 7.05 -7.76 -18.36
N ALA A 113 8.04 -6.92 -18.19
CA ALA A 113 8.94 -6.58 -19.31
C ALA A 113 9.79 -7.80 -19.66
N GLU A 114 10.27 -8.50 -18.66
CA GLU A 114 11.09 -9.71 -18.93
C GLU A 114 10.19 -10.88 -19.31
N VAL A 115 8.91 -10.76 -19.02
CA VAL A 115 7.96 -11.86 -19.36
C VAL A 115 7.35 -11.63 -20.75
N LEU A 116 7.16 -10.39 -21.13
CA LEU A 116 6.58 -10.09 -22.48
C LEU A 116 7.69 -9.94 -23.51
N GLU A 117 8.88 -10.28 -23.13
CA GLU A 117 10.06 -10.19 -24.05
C GLU A 117 10.40 -8.73 -24.34
N TYR A 118 9.95 -7.83 -23.51
CA TYR A 118 10.26 -6.39 -23.72
C TYR A 118 11.05 -5.86 -22.51
N THR A 119 12.33 -5.63 -22.67
CA THR A 119 13.15 -5.13 -21.54
C THR A 119 14.43 -4.49 -22.07
N LYS A 120 14.32 -3.49 -22.91
CA LYS A 120 15.53 -2.84 -23.46
C LYS A 120 15.86 -1.57 -22.67
N ASP A 121 15.80 -1.64 -21.36
CA ASP A 121 16.10 -0.44 -20.51
C ASP A 121 15.15 0.72 -20.83
N GLU A 122 15.39 1.41 -21.92
CA GLU A 122 14.51 2.54 -22.30
C GLU A 122 13.04 2.13 -22.22
N GLN A 123 12.76 0.87 -22.42
CA GLN A 123 11.34 0.40 -22.35
C GLN A 123 10.92 0.24 -20.89
N LEU A 124 11.85 -0.06 -20.02
CA LEU A 124 11.50 -0.22 -18.58
C LEU A 124 11.12 1.15 -18.00
N GLU A 125 11.87 2.17 -18.33
CA GLU A 125 11.55 3.52 -17.81
C GLU A 125 10.38 4.11 -18.60
N SER A 126 10.26 3.75 -19.84
CA SER A 126 9.14 4.25 -20.68
C SER A 126 7.82 3.72 -20.14
N LEU A 127 7.76 2.44 -19.89
CA LEU A 127 6.51 1.85 -19.35
C LEU A 127 6.31 2.37 -17.92
N PHE A 128 7.38 2.41 -17.17
CA PHE A 128 7.32 2.92 -15.77
C PHE A 128 6.54 4.22 -15.72
N GLN A 129 6.83 5.14 -16.61
CA GLN A 129 6.11 6.44 -16.62
C GLN A 129 4.78 6.32 -17.36
N ARG A 130 4.62 5.31 -18.18
CA ARG A 130 3.34 5.17 -18.94
C ARG A 130 2.31 4.39 -18.13
N THR A 131 2.55 4.14 -16.87
CA THR A 131 1.55 3.37 -16.07
C THR A 131 1.73 3.61 -14.56
N ALA A 132 2.69 2.94 -13.97
CA ALA A 132 2.91 3.10 -12.50
C ALA A 132 3.00 4.56 -12.10
N TRP A 133 3.88 5.30 -12.72
CA TRP A 133 4.02 6.74 -12.36
C TRP A 133 2.93 7.55 -13.06
N VAL A 134 2.22 6.97 -13.99
CA VAL A 134 1.11 7.72 -14.65
C VAL A 134 -0.03 7.82 -13.64
N PHE A 135 -0.25 6.77 -12.89
CA PHE A 135 -1.32 6.80 -11.86
C PHE A 135 -0.86 7.65 -10.70
N ASP A 136 0.34 7.42 -10.23
CA ASP A 136 0.86 8.23 -9.10
C ASP A 136 0.78 9.72 -9.46
N ASP A 137 0.88 10.04 -10.72
CA ASP A 137 0.79 11.47 -11.14
C ASP A 137 -0.66 11.82 -11.45
N LYS A 138 -1.46 10.83 -11.67
CA LYS A 138 -2.91 11.07 -11.96
C LYS A 138 -3.58 11.66 -10.71
N TYR A 139 -3.26 11.15 -9.55
CA TYR A 139 -3.88 11.69 -8.32
C TYR A 139 -2.88 12.59 -7.58
N LYS A 140 -1.93 13.12 -8.30
CA LYS A 140 -0.91 14.01 -7.65
C LYS A 140 -0.29 13.30 -6.44
N ARG A 141 0.31 12.16 -6.64
CA ARG A 141 0.94 11.43 -5.50
C ARG A 141 2.32 10.88 -5.90
N PRO A 142 3.24 10.91 -4.97
CA PRO A 142 4.60 10.41 -5.26
C PRO A 142 4.64 8.87 -5.25
N GLY A 143 3.89 8.25 -6.11
CA GLY A 143 3.87 6.76 -6.16
C GLY A 143 2.62 6.22 -5.48
N TYR A 144 2.20 6.84 -4.40
CA TYR A 144 0.98 6.36 -3.67
C TYR A 144 -0.17 6.10 -4.66
N GLY A 145 -0.31 6.94 -5.65
CA GLY A 145 -1.40 6.72 -6.65
C GLY A 145 -1.09 5.49 -7.48
N ALA A 146 0.15 5.30 -7.83
CA ALA A 146 0.53 4.10 -8.64
C ALA A 146 0.02 2.83 -7.96
N TYR A 147 0.17 2.73 -6.67
CA TYR A 147 -0.32 1.51 -5.96
C TYR A 147 -1.82 1.61 -5.73
N ASP A 148 -2.26 2.57 -4.96
CA ASP A 148 -3.72 2.72 -4.71
C ASP A 148 -4.51 2.47 -6.00
N ALA A 149 -4.01 2.95 -7.11
CA ALA A 149 -4.71 2.73 -8.40
C ALA A 149 -4.47 1.30 -8.89
N PHE A 150 -3.29 0.79 -8.67
CA PHE A 150 -2.99 -0.61 -9.10
C PHE A 150 -3.58 -1.61 -8.11
N LYS A 151 -3.99 -1.15 -6.96
CA LYS A 151 -4.59 -2.08 -5.95
C LYS A 151 -6.10 -2.08 -6.12
N HIS A 152 -6.65 -0.98 -6.56
CA HIS A 152 -8.13 -0.91 -6.76
C HIS A 152 -8.48 -1.23 -8.22
N ALA A 153 -7.54 -1.08 -9.12
CA ALA A 153 -7.82 -1.39 -10.56
C ALA A 153 -7.77 -2.90 -10.80
N VAL A 154 -7.41 -3.67 -9.82
CA VAL A 154 -7.34 -5.15 -10.01
C VAL A 154 -8.74 -5.71 -10.29
N SER A 155 -9.74 -5.14 -9.68
CA SER A 155 -11.13 -5.63 -9.89
C SER A 155 -11.92 -4.59 -10.71
N ASP A 156 -11.40 -3.40 -10.84
CA ASP A 156 -12.12 -2.36 -11.62
C ASP A 156 -11.24 -1.87 -12.77
N PRO A 157 -11.32 -2.58 -13.88
CA PRO A 157 -10.51 -2.21 -15.06
C PRO A 157 -11.02 -0.92 -15.72
N SER A 158 -12.12 -0.38 -15.23
CA SER A 158 -12.65 0.88 -15.82
C SER A 158 -11.64 2.02 -15.61
N ILE A 159 -10.71 1.84 -14.71
CA ILE A 159 -9.70 2.91 -14.46
C ILE A 159 -8.52 2.77 -15.43
N LEU A 160 -8.39 1.64 -16.07
CA LEU A 160 -7.27 1.45 -17.02
C LEU A 160 -7.76 1.62 -18.47
N ASP A 161 -8.87 2.27 -18.65
CA ASP A 161 -9.41 2.46 -20.03
C ASP A 161 -8.52 3.43 -20.80
N SER A 162 -8.01 4.44 -20.15
CA SER A 162 -7.12 5.42 -20.86
C SER A 162 -5.69 4.87 -20.95
N LEU A 163 -5.47 3.68 -20.46
CA LEU A 163 -4.09 3.08 -20.52
C LEU A 163 -3.95 2.23 -21.78
N ASP A 164 -3.65 2.85 -22.89
CA ASP A 164 -3.49 2.07 -24.15
C ASP A 164 -2.33 1.09 -24.03
N LEU A 165 -2.59 -0.09 -23.54
CA LEU A 165 -1.50 -1.10 -23.38
C LEU A 165 -1.86 -2.39 -24.13
N ASN A 166 -1.05 -3.41 -24.01
CA ASN A 166 -1.34 -4.69 -24.72
C ASN A 166 -2.18 -5.60 -23.82
N GLU A 167 -2.95 -6.47 -24.42
CA GLU A 167 -3.79 -7.40 -23.60
C GLU A 167 -2.89 -8.33 -22.78
N ASP A 168 -1.65 -8.39 -23.14
CA ASP A 168 -0.69 -9.25 -22.41
C ASP A 168 -0.03 -8.44 -21.28
N GLU A 169 0.22 -7.19 -21.51
CA GLU A 169 0.84 -6.34 -20.45
C GLU A 169 -0.21 -5.94 -19.42
N ARG A 170 -1.45 -5.83 -19.84
CA ARG A 170 -2.53 -5.46 -18.88
C ARG A 170 -2.86 -6.65 -17.98
N GLU A 171 -2.86 -7.83 -18.54
CA GLU A 171 -3.19 -9.04 -17.73
C GLU A 171 -2.04 -9.37 -16.77
N VAL A 172 -0.83 -9.34 -17.26
CA VAL A 172 0.32 -9.67 -16.37
C VAL A 172 0.43 -8.61 -15.27
N LEU A 173 0.19 -7.37 -15.60
CA LEU A 173 0.27 -6.30 -14.57
C LEU A 173 -0.89 -6.40 -13.59
N ILE A 174 -2.08 -6.62 -14.10
CA ILE A 174 -3.27 -6.72 -13.19
C ILE A 174 -3.07 -7.84 -12.16
N ASN A 175 -2.48 -8.94 -12.57
CA ASN A 175 -2.24 -10.06 -11.61
C ASN A 175 -1.06 -9.72 -10.70
N ASN A 176 -0.11 -8.98 -11.20
CA ASN A 176 1.06 -8.61 -10.37
C ASN A 176 0.66 -7.58 -9.32
N ILE A 177 -0.02 -6.53 -9.73
CA ILE A 177 -0.44 -5.48 -8.75
C ILE A 177 -1.45 -6.05 -7.74
N ASN A 178 -2.32 -6.91 -8.20
CA ASN A 178 -3.32 -7.50 -7.27
C ASN A 178 -2.62 -8.44 -6.28
N ARG A 179 -1.69 -9.22 -6.76
CA ARG A 179 -0.96 -10.15 -5.85
C ARG A 179 0.18 -9.43 -5.15
N ARG A 180 0.48 -8.22 -5.53
CA ARG A 180 1.60 -7.48 -4.87
C ARG A 180 1.06 -6.28 -4.06
N LEU A 181 -0.02 -5.68 -4.48
CA LEU A 181 -0.55 -4.50 -3.71
C LEU A 181 -1.74 -4.92 -2.85
N THR A 182 -2.36 -6.03 -3.16
CA THR A 182 -3.52 -6.47 -2.35
C THR A 182 -3.19 -7.75 -1.57
N PRO A 183 -2.79 -7.57 -0.34
CA PRO A 183 -2.43 -8.73 0.53
C PRO A 183 -3.70 -9.48 0.96
N GLN A 184 -3.60 -10.28 1.99
CA GLN A 184 -4.81 -11.02 2.47
C GLN A 184 -5.75 -10.07 3.22
N ALA A 185 -6.93 -10.52 3.55
CA ALA A 185 -7.89 -9.64 4.27
C ALA A 185 -7.89 -9.99 5.76
N VAL A 186 -8.93 -9.63 6.47
CA VAL A 186 -8.96 -9.93 7.93
C VAL A 186 -10.19 -10.76 8.31
N LYS A 187 -10.09 -11.48 9.40
CA LYS A 187 -11.25 -12.29 9.87
C LYS A 187 -12.10 -11.38 10.74
N ILE A 188 -13.18 -10.89 10.21
CA ILE A 188 -14.04 -9.97 10.97
C ILE A 188 -15.25 -10.69 11.54
N ARG A 189 -15.75 -10.24 12.67
CA ARG A 189 -16.93 -10.90 13.24
C ARG A 189 -17.71 -9.98 14.19
N ALA A 190 -19.00 -9.93 14.02
CA ALA A 190 -19.86 -9.11 14.91
C ALA A 190 -21.00 -10.00 15.45
N ASP A 191 -21.59 -9.64 16.56
CA ASP A 191 -22.68 -10.49 17.11
C ASP A 191 -24.02 -9.79 16.93
N ILE A 192 -25.08 -10.52 16.71
CA ILE A 192 -26.41 -9.87 16.55
C ILE A 192 -27.52 -10.74 17.13
N GLU A 193 -28.69 -10.19 17.25
CA GLU A 193 -29.83 -10.96 17.79
C GLU A 193 -30.99 -10.90 16.81
N VAL A 194 -31.22 -11.95 16.08
CA VAL A 194 -32.31 -11.96 15.07
C VAL A 194 -33.58 -12.59 15.67
N ALA A 195 -34.72 -12.06 15.34
CA ALA A 195 -35.99 -12.62 15.89
C ALA A 195 -37.11 -12.50 14.85
N CYS A 196 -38.14 -13.30 14.97
CA CYS A 196 -39.26 -13.22 13.99
C CYS A 196 -40.59 -13.53 14.68
N TYR A 197 -41.02 -12.68 15.57
CA TYR A 197 -42.30 -12.93 16.30
C TYR A 197 -43.44 -13.19 15.31
N GLY A 198 -43.89 -14.40 15.23
CA GLY A 198 -45.00 -14.73 14.29
C GLY A 198 -44.70 -16.05 13.58
N TYR A 199 -45.71 -16.79 13.22
CA TYR A 199 -45.48 -18.09 12.52
C TYR A 199 -45.04 -17.84 11.07
N GLU A 200 -45.22 -16.64 10.59
CA GLU A 200 -44.79 -16.33 9.18
C GLU A 200 -43.48 -15.55 9.17
N GLY A 201 -42.90 -15.30 10.33
CA GLY A 201 -41.62 -14.54 10.38
C GLY A 201 -40.46 -15.50 10.19
N ILE A 202 -40.67 -16.77 10.46
CA ILE A 202 -39.57 -17.77 10.29
C ILE A 202 -38.97 -17.64 8.88
N ASP A 203 -39.74 -17.17 7.94
CA ASP A 203 -39.22 -17.00 6.56
C ASP A 203 -38.31 -15.78 6.49
N ALA A 204 -38.42 -14.89 7.43
CA ALA A 204 -37.55 -13.68 7.42
C ALA A 204 -36.27 -14.03 8.16
N VAL A 205 -36.37 -14.90 9.11
CA VAL A 205 -35.18 -15.33 9.88
C VAL A 205 -34.26 -16.09 8.93
N LYS A 206 -34.81 -16.99 8.17
CA LYS A 206 -34.00 -17.78 7.20
C LYS A 206 -33.47 -16.85 6.10
N GLU A 207 -34.34 -16.10 5.48
CA GLU A 207 -33.88 -15.16 4.42
C GLU A 207 -32.92 -14.12 5.00
N ALA A 208 -33.07 -13.82 6.26
CA ALA A 208 -32.17 -12.82 6.90
C ALA A 208 -30.73 -13.35 6.91
N LEU A 209 -30.48 -14.39 7.66
CA LEU A 209 -29.10 -14.95 7.72
C LEU A 209 -28.57 -15.17 6.30
N ARG A 210 -29.40 -15.61 5.41
CA ARG A 210 -28.96 -15.82 4.00
C ARG A 210 -28.72 -14.47 3.33
N ALA A 211 -29.44 -13.46 3.73
CA ALA A 211 -29.25 -12.12 3.13
C ALA A 211 -27.85 -11.59 3.48
N GLY A 212 -27.42 -11.81 4.70
CA GLY A 212 -26.06 -11.33 5.10
C GLY A 212 -25.01 -12.31 4.58
N LEU A 213 -25.39 -13.55 4.38
CA LEU A 213 -24.42 -14.55 3.85
C LEU A 213 -24.28 -14.40 2.33
N ASN A 214 -25.31 -13.94 1.68
CA ASN A 214 -25.25 -13.76 0.20
C ASN A 214 -24.87 -12.31 -0.14
N CYS A 215 -24.97 -11.41 0.81
CA CYS A 215 -24.62 -9.99 0.53
C CYS A 215 -23.09 -9.82 0.42
N SER A 216 -22.35 -10.86 0.65
CA SER A 216 -20.86 -10.74 0.56
C SER A 216 -20.46 -10.21 -0.82
N THR A 217 -19.18 -10.14 -1.09
CA THR A 217 -18.72 -9.63 -2.41
C THR A 217 -17.75 -10.62 -3.06
N GLU A 218 -17.26 -10.31 -4.22
CA GLU A 218 -16.31 -11.24 -4.92
C GLU A 218 -15.12 -11.56 -4.01
N ASN A 219 -14.72 -12.81 -3.97
CA ASN A 219 -13.56 -13.20 -3.11
C ASN A 219 -13.79 -12.74 -1.66
N MET A 220 -14.82 -13.25 -1.02
CA MET A 220 -15.10 -12.85 0.39
C MET A 220 -16.07 -13.85 1.02
N PRO A 221 -15.52 -14.91 1.56
CA PRO A 221 -16.36 -15.96 2.20
C PRO A 221 -16.88 -15.47 3.55
N ILE A 222 -18.18 -15.52 3.73
CA ILE A 222 -18.79 -15.07 5.02
C ILE A 222 -19.44 -16.26 5.73
N LYS A 223 -19.48 -16.25 7.04
CA LYS A 223 -20.10 -17.40 7.77
C LYS A 223 -20.85 -16.93 9.01
N ILE A 224 -22.11 -17.27 9.11
CA ILE A 224 -22.91 -16.87 10.30
C ILE A 224 -23.37 -18.13 11.03
N ASN A 225 -23.09 -18.22 12.29
CA ASN A 225 -23.49 -19.44 13.07
C ASN A 225 -24.51 -19.05 14.15
N LEU A 226 -25.21 -20.02 14.68
CA LEU A 226 -26.22 -19.72 15.73
C LEU A 226 -26.00 -20.61 16.95
N ILE A 227 -25.83 -20.02 18.10
CA ILE A 227 -25.64 -20.82 19.34
C ILE A 227 -26.86 -20.64 20.25
N ALA A 228 -27.55 -19.54 20.06
CA ALA A 228 -28.77 -19.26 20.89
C ALA A 228 -29.57 -18.16 20.19
N PRO A 229 -30.85 -18.11 20.45
CA PRO A 229 -31.72 -17.09 19.82
C PRO A 229 -31.42 -15.66 20.32
N PRO A 230 -31.01 -15.50 21.57
CA PRO A 230 -30.72 -14.13 22.07
C PRO A 230 -29.37 -13.61 21.55
N ARG A 231 -28.68 -14.36 20.73
CA ARG A 231 -27.37 -13.88 20.21
C ARG A 231 -26.93 -14.68 18.99
N TYR A 232 -26.15 -14.08 18.13
CA TYR A 232 -25.67 -14.81 16.90
C TYR A 232 -24.21 -14.45 16.62
N VAL A 233 -23.65 -15.05 15.62
CA VAL A 233 -22.23 -14.75 15.27
C VAL A 233 -22.10 -14.62 13.75
N MET A 234 -21.56 -13.52 13.28
CA MET A 234 -21.42 -13.32 11.81
C MET A 234 -19.98 -12.92 11.49
N THR A 235 -19.26 -13.71 10.75
CA THR A 235 -17.86 -13.35 10.42
C THR A 235 -17.60 -13.48 8.92
N THR A 236 -16.42 -13.12 8.49
CA THR A 236 -16.09 -13.22 7.05
C THR A 236 -14.67 -12.76 6.80
N THR A 237 -14.18 -12.96 5.62
CA THR A 237 -12.80 -12.50 5.28
C THR A 237 -12.92 -11.27 4.40
N THR A 238 -12.75 -10.11 4.97
CA THR A 238 -12.88 -8.86 4.17
C THR A 238 -11.61 -8.04 4.26
N LEU A 239 -11.01 -7.77 3.13
CA LEU A 239 -9.77 -6.95 3.12
C LEU A 239 -9.99 -5.64 3.90
N GLU A 240 -8.96 -5.10 4.48
CA GLU A 240 -9.12 -3.84 5.28
C GLU A 240 -10.03 -4.09 6.48
N ARG A 241 -9.69 -3.55 7.63
CA ARG A 241 -10.53 -3.77 8.83
C ARG A 241 -11.79 -2.92 8.77
N THR A 242 -11.64 -1.63 8.62
CA THR A 242 -12.82 -0.72 8.56
C THR A 242 -13.75 -1.14 7.42
N GLU A 243 -13.27 -1.12 6.21
CA GLU A 243 -14.14 -1.51 5.05
C GLU A 243 -14.73 -2.90 5.29
N GLY A 244 -13.96 -3.78 5.87
CA GLY A 244 -14.46 -5.16 6.15
C GLY A 244 -15.70 -5.05 7.05
N LEU A 245 -15.55 -4.45 8.20
CA LEU A 245 -16.72 -4.31 9.11
C LEU A 245 -17.80 -3.46 8.43
N SER A 246 -17.44 -2.77 7.39
CA SER A 246 -18.44 -1.96 6.66
C SER A 246 -19.33 -2.93 5.91
N VAL A 247 -18.75 -4.01 5.47
CA VAL A 247 -19.51 -5.06 4.77
C VAL A 247 -20.39 -5.79 5.80
N LEU A 248 -19.85 -6.03 6.97
CA LEU A 248 -20.66 -6.71 8.03
C LEU A 248 -21.88 -5.85 8.35
N SER A 249 -21.66 -4.61 8.70
CA SER A 249 -22.81 -3.71 9.01
C SER A 249 -23.81 -3.73 7.84
N GLN A 250 -23.30 -3.75 6.64
CA GLN A 250 -24.20 -3.80 5.45
C GLN A 250 -25.14 -5.00 5.59
N ALA A 251 -24.60 -6.10 6.04
CA ALA A 251 -25.43 -7.32 6.23
C ALA A 251 -26.25 -7.18 7.52
N MET A 252 -25.76 -6.43 8.46
CA MET A 252 -26.50 -6.24 9.74
C MET A 252 -27.78 -5.43 9.47
N ALA A 253 -27.74 -4.54 8.53
CA ALA A 253 -28.96 -3.74 8.22
C ALA A 253 -29.82 -4.53 7.24
N VAL A 254 -29.18 -5.28 6.40
CA VAL A 254 -29.94 -6.10 5.42
C VAL A 254 -30.83 -7.08 6.19
N ILE A 255 -30.28 -7.81 7.12
CA ILE A 255 -31.12 -8.75 7.91
C ILE A 255 -32.08 -7.92 8.75
N LYS A 256 -31.61 -6.82 9.29
CA LYS A 256 -32.52 -5.96 10.08
C LYS A 256 -33.72 -5.61 9.18
N GLU A 257 -33.51 -5.62 7.88
CA GLU A 257 -34.63 -5.35 6.95
C GLU A 257 -35.34 -6.66 6.64
N LYS A 258 -34.60 -7.75 6.50
CA LYS A 258 -35.25 -9.05 6.20
C LYS A 258 -35.84 -9.65 7.49
N ILE A 259 -35.68 -8.97 8.60
CA ILE A 259 -36.23 -9.50 9.88
C ILE A 259 -37.29 -8.54 10.42
N GLU A 260 -37.10 -7.26 10.22
CA GLU A 260 -38.10 -6.27 10.73
C GLU A 260 -39.31 -6.21 9.79
N GLU A 261 -39.08 -6.30 8.51
CA GLU A 261 -40.24 -6.24 7.56
C GLU A 261 -41.16 -7.44 7.78
N LYS A 262 -40.69 -8.44 8.49
CA LYS A 262 -41.54 -9.64 8.74
C LYS A 262 -41.82 -9.78 10.25
N ARG A 263 -42.03 -8.68 10.92
CA ARG A 263 -42.31 -8.73 12.39
C ARG A 263 -41.18 -9.45 13.13
N GLY A 264 -39.96 -8.97 12.99
CA GLY A 264 -38.83 -9.62 13.69
C GLY A 264 -38.08 -8.57 14.51
N VAL A 265 -36.85 -8.83 14.85
CA VAL A 265 -36.06 -7.83 15.64
C VAL A 265 -34.55 -8.08 15.45
N PHE A 266 -33.75 -7.07 15.62
CA PHE A 266 -32.28 -7.23 15.46
C PHE A 266 -31.54 -6.53 16.60
N ASN A 267 -30.52 -7.16 17.12
CA ASN A 267 -29.74 -6.51 18.23
C ASN A 267 -28.28 -6.96 18.20
N VAL A 268 -27.37 -6.05 17.97
CA VAL A 268 -25.92 -6.39 17.94
C VAL A 268 -25.44 -6.73 19.36
N GLN A 269 -24.38 -7.51 19.50
CA GLN A 269 -23.90 -7.85 20.87
C GLN A 269 -22.42 -7.48 21.04
N MET A 270 -21.65 -7.56 20.00
CA MET A 270 -20.20 -7.22 20.11
C MET A 270 -19.77 -6.33 18.94
N GLU A 271 -20.72 -5.77 18.25
CA GLU A 271 -20.40 -4.89 17.10
C GLU A 271 -19.39 -5.55 16.16
N PRO A 272 -19.01 -4.83 15.14
CA PRO A 272 -18.03 -5.37 14.15
C PRO A 272 -16.62 -5.33 14.75
N LYS A 273 -15.99 -6.45 14.88
CA LYS A 273 -14.61 -6.49 15.45
C LYS A 273 -13.67 -7.30 14.55
N VAL A 274 -12.70 -6.65 13.95
CA VAL A 274 -11.76 -7.39 13.07
C VAL A 274 -10.76 -8.19 13.91
N VAL A 275 -10.17 -9.22 13.36
CA VAL A 275 -9.20 -10.03 14.15
C VAL A 275 -7.78 -9.77 13.61
N THR A 276 -6.84 -9.57 14.49
CA THR A 276 -5.43 -9.32 14.04
C THR A 276 -4.45 -9.62 15.18
N ASP A 277 -3.19 -9.31 14.99
CA ASP A 277 -2.17 -9.57 16.06
C ASP A 277 -2.11 -11.06 16.39
N THR A 278 -3.10 -11.57 17.08
CA THR A 278 -3.10 -13.02 17.44
C THR A 278 -3.27 -13.89 16.18
N ASP A 279 -3.53 -13.29 15.05
CA ASP A 279 -3.70 -14.10 13.81
C ASP A 279 -2.34 -14.31 13.12
N GLU A 280 -1.41 -13.41 13.34
CA GLU A 280 -0.07 -13.56 12.71
C GLU A 280 0.87 -14.31 13.65
N THR A 281 0.65 -14.22 14.93
CA THR A 281 1.53 -14.93 15.91
C THR A 281 1.57 -16.43 15.59
N GLU A 282 0.60 -16.92 14.87
CA GLU A 282 0.59 -18.39 14.53
C GLU A 282 1.24 -18.63 13.16
N LEU A 283 1.17 -17.67 12.28
CA LEU A 283 1.78 -17.86 10.93
C LEU A 283 3.29 -17.59 10.98
N ALA A 284 3.76 -16.95 12.02
CA ALA A 284 5.22 -16.66 12.13
C ALA A 284 6.01 -17.95 12.29
N ARG A 285 5.36 -19.04 12.60
CA ARG A 285 6.07 -20.34 12.76
C ARG A 285 6.11 -21.08 11.42
N GLN A 286 5.19 -20.81 10.54
CA GLN A 286 5.18 -21.51 9.22
C GLN A 286 6.23 -20.92 8.28
N MET A 287 6.99 -19.95 8.74
CA MET A 287 8.03 -19.33 7.86
C MET A 287 7.40 -18.83 6.56
N GLU A 288 8.19 -18.26 5.68
CA GLU A 288 7.62 -17.76 4.39
C GLU A 288 8.60 -18.03 3.24
N ARG A 289 9.84 -17.70 3.42
CA ARG A 289 10.85 -17.94 2.33
C ARG A 289 11.20 -19.43 2.25
N LEU A 290 10.73 -20.22 3.17
CA LEU A 290 11.04 -21.68 3.15
C LEU A 290 9.85 -22.47 2.59
N GLU A 291 8.66 -21.91 2.65
CA GLU A 291 7.47 -22.64 2.11
C GLU A 291 7.10 -22.13 0.72
N ARG A 292 7.45 -20.92 0.40
CA ARG A 292 7.12 -20.37 -0.95
C ARG A 292 8.28 -20.63 -1.92
N GLU A 293 9.40 -21.07 -1.42
CA GLU A 293 10.57 -21.33 -2.31
C GLU A 293 10.87 -20.09 -3.18
N ASN A 294 11.11 -18.97 -2.56
CA ASN A 294 11.41 -17.73 -3.34
C ASN A 294 12.55 -18.01 -4.34
N ALA A 295 12.87 -17.05 -5.17
CA ALA A 295 13.97 -17.25 -6.16
C ALA A 295 15.20 -17.87 -5.48
N GLU A 296 16.03 -18.54 -6.22
CA GLU A 296 17.24 -19.16 -5.61
C GLU A 296 18.23 -18.08 -5.16
N VAL A 297 18.33 -17.85 -3.88
CA VAL A 297 19.29 -16.82 -3.38
C VAL A 297 20.13 -17.41 -2.25
N ASP A 298 21.14 -18.18 -2.58
CA ASP A 298 22.00 -18.79 -1.52
C ASP A 298 23.02 -17.77 -1.00
N GLY A 299 22.54 -16.67 -0.47
CA GLY A 299 23.48 -15.64 0.06
C GLY A 299 22.84 -14.26 -0.02
N ASP A 300 23.62 -13.23 -0.20
CA ASP A 300 23.06 -11.86 -0.29
C ASP A 300 22.79 -11.49 -1.75
N MET A 1 -13.39 -16.59 -9.87
CA MET A 1 -13.40 -17.27 -8.55
C MET A 1 -13.32 -16.23 -7.41
N SER A 2 -12.34 -15.38 -7.44
CA SER A 2 -12.21 -14.36 -6.36
C SER A 2 -11.61 -13.06 -6.92
N CYS A 3 -12.12 -12.60 -8.03
CA CYS A 3 -11.59 -11.35 -8.63
C CYS A 3 -12.51 -10.17 -8.31
N ARG A 4 -12.37 -9.08 -9.04
CA ARG A 4 -13.23 -7.88 -8.79
C ARG A 4 -12.94 -7.28 -7.40
N PHE A 5 -12.26 -6.17 -7.35
CA PHE A 5 -11.99 -5.56 -6.02
C PHE A 5 -11.70 -4.07 -6.11
N TYR A 6 -12.66 -3.29 -6.50
CA TYR A 6 -12.43 -1.82 -6.58
C TYR A 6 -13.65 -1.07 -6.03
N GLN A 7 -13.87 -1.14 -4.75
CA GLN A 7 -15.05 -0.45 -4.14
C GLN A 7 -16.30 -0.68 -4.99
N HIS A 8 -16.39 -1.84 -5.61
CA HIS A 8 -17.57 -2.18 -6.48
C HIS A 8 -18.85 -1.48 -6.02
N LYS A 9 -19.10 -0.30 -6.53
CA LYS A 9 -20.32 0.47 -6.14
C LYS A 9 -20.25 1.85 -6.79
N PHE A 10 -20.68 1.96 -8.02
CA PHE A 10 -20.64 3.27 -8.71
C PHE A 10 -22.05 3.78 -8.98
N PRO A 11 -22.15 5.06 -9.22
CA PRO A 11 -23.49 5.67 -9.48
C PRO A 11 -24.06 5.18 -10.81
N GLU A 12 -24.96 5.92 -11.39
CA GLU A 12 -25.56 5.52 -12.69
C GLU A 12 -25.11 6.50 -13.77
N VAL A 13 -24.49 6.00 -14.80
CA VAL A 13 -24.01 6.87 -15.93
C VAL A 13 -22.82 7.71 -15.45
N GLU A 14 -21.86 7.07 -14.86
CA GLU A 14 -20.65 7.81 -14.37
C GLU A 14 -19.52 6.82 -14.07
N ASP A 15 -19.52 5.69 -14.72
CA ASP A 15 -18.45 4.69 -14.49
C ASP A 15 -17.51 4.62 -15.70
N VAL A 16 -16.24 4.71 -15.47
CA VAL A 16 -15.26 4.65 -16.60
C VAL A 16 -14.12 3.71 -16.24
N VAL A 17 -13.86 2.72 -17.04
CA VAL A 17 -12.76 1.76 -16.71
C VAL A 17 -12.24 1.08 -17.98
N MET A 18 -11.25 0.22 -17.84
CA MET A 18 -10.70 -0.48 -19.03
C MET A 18 -11.16 -1.94 -19.00
N VAL A 19 -11.43 -2.51 -20.15
CA VAL A 19 -11.88 -3.93 -20.17
C VAL A 19 -11.34 -4.63 -21.42
N ASN A 20 -11.77 -5.84 -21.65
CA ASN A 20 -11.30 -6.60 -22.85
C ASN A 20 -12.50 -7.15 -23.62
N VAL A 21 -12.50 -7.01 -24.92
CA VAL A 21 -13.64 -7.53 -25.73
C VAL A 21 -13.91 -9.01 -25.41
N ARG A 22 -15.16 -9.38 -25.34
CA ARG A 22 -15.50 -10.80 -25.04
C ARG A 22 -16.45 -11.33 -26.12
N SER A 23 -17.60 -10.73 -26.25
CA SER A 23 -18.57 -11.19 -27.30
C SER A 23 -18.92 -10.03 -28.24
N ILE A 24 -18.60 -10.17 -29.51
CA ILE A 24 -18.91 -9.07 -30.47
C ILE A 24 -20.41 -9.07 -30.78
N GLN A 25 -20.99 -7.92 -31.01
CA GLN A 25 -22.44 -7.86 -31.32
C GLN A 25 -22.68 -7.00 -32.57
N GLU A 26 -23.69 -7.30 -33.33
CA GLU A 26 -23.96 -6.50 -34.55
C GLU A 26 -24.51 -5.12 -34.17
N MET A 27 -25.21 -5.03 -33.07
CA MET A 27 -25.75 -3.71 -32.63
C MET A 27 -25.05 -3.25 -31.36
N GLY A 28 -23.82 -3.67 -31.17
CA GLY A 28 -23.07 -3.27 -29.95
C GLY A 28 -21.87 -4.19 -29.78
N ALA A 29 -21.13 -4.03 -28.72
CA ALA A 29 -19.95 -4.92 -28.50
C ALA A 29 -19.88 -5.35 -27.05
N TYR A 30 -19.74 -6.62 -26.80
CA TYR A 30 -19.67 -7.09 -25.39
C TYR A 30 -18.22 -7.27 -24.95
N VAL A 31 -17.91 -6.83 -23.77
CA VAL A 31 -16.51 -6.97 -23.26
C VAL A 31 -16.51 -7.65 -21.89
N SER A 32 -15.36 -7.75 -21.28
CA SER A 32 -15.27 -8.39 -19.94
C SER A 32 -14.19 -7.67 -19.13
N LEU A 33 -14.56 -7.07 -18.03
CA LEU A 33 -13.56 -6.33 -17.20
C LEU A 33 -12.27 -7.15 -17.01
N LEU A 34 -11.21 -6.77 -17.69
CA LEU A 34 -9.89 -7.47 -17.56
C LEU A 34 -10.00 -8.97 -17.25
N GLU A 35 -11.04 -9.62 -17.72
CA GLU A 35 -11.21 -11.08 -17.42
C GLU A 35 -10.94 -11.37 -15.95
N TYR A 36 -11.13 -10.39 -15.09
CA TYR A 36 -10.88 -10.60 -13.65
C TYR A 36 -12.17 -10.32 -12.88
N ASN A 37 -12.51 -9.08 -12.71
CA ASN A 37 -13.76 -8.74 -11.98
C ASN A 37 -14.95 -9.52 -12.59
N ASN A 38 -14.81 -9.96 -13.81
CA ASN A 38 -15.90 -10.73 -14.49
C ASN A 38 -17.10 -9.81 -14.80
N ILE A 39 -16.97 -8.53 -14.55
CA ILE A 39 -18.11 -7.61 -14.86
C ILE A 39 -18.31 -7.53 -16.37
N GLU A 40 -19.40 -8.07 -16.86
CA GLU A 40 -19.66 -8.03 -18.33
C GLU A 40 -19.96 -6.60 -18.76
N GLY A 41 -19.26 -6.09 -19.73
CA GLY A 41 -19.51 -4.70 -20.19
C GLY A 41 -20.29 -4.73 -21.51
N MET A 42 -21.07 -3.72 -21.76
CA MET A 42 -21.85 -3.68 -23.04
C MET A 42 -21.70 -2.29 -23.68
N ILE A 43 -21.09 -2.23 -24.84
CA ILE A 43 -20.94 -0.89 -25.50
C ILE A 43 -21.95 -0.76 -26.64
N HIS A 44 -22.08 0.42 -27.19
CA HIS A 44 -23.06 0.60 -28.31
C HIS A 44 -22.34 0.85 -29.64
N LEU A 45 -22.70 0.13 -30.67
CA LEU A 45 -22.04 0.32 -32.00
C LEU A 45 -22.58 1.58 -32.68
N SER A 46 -23.71 2.07 -32.23
CA SER A 46 -24.30 3.30 -32.84
C SER A 46 -23.48 4.53 -32.45
N GLU A 47 -22.58 4.39 -31.51
CA GLU A 47 -21.73 5.54 -31.09
C GLU A 47 -20.28 5.05 -31.04
N LEU A 48 -20.02 3.94 -31.67
CA LEU A 48 -18.65 3.38 -31.65
C LEU A 48 -17.96 3.64 -32.99
N SER A 49 -18.73 3.72 -34.04
CA SER A 49 -18.13 3.96 -35.38
C SER A 49 -18.40 5.41 -35.82
N ARG A 50 -17.74 5.83 -36.87
CA ARG A 50 -17.95 7.22 -37.36
C ARG A 50 -18.86 7.20 -38.58
N ARG A 51 -18.93 6.09 -39.27
CA ARG A 51 -19.82 6.00 -40.48
C ARG A 51 -20.36 4.57 -40.62
N ARG A 52 -20.92 4.25 -41.76
CA ARG A 52 -21.47 2.88 -41.98
C ARG A 52 -20.45 1.81 -41.55
N ILE A 53 -20.85 0.91 -40.70
CA ILE A 53 -19.90 -0.15 -40.24
C ILE A 53 -20.50 -1.55 -40.39
N ARG A 54 -19.73 -2.48 -40.85
CA ARG A 54 -20.23 -3.87 -41.03
C ARG A 54 -19.72 -4.77 -39.89
N SER A 55 -18.58 -4.44 -39.35
CA SER A 55 -18.01 -5.26 -38.24
C SER A 55 -16.91 -4.47 -37.51
N ILE A 56 -16.97 -4.41 -36.21
CA ILE A 56 -15.92 -3.65 -35.44
C ILE A 56 -14.77 -4.57 -35.06
N ASN A 57 -14.58 -5.65 -35.77
CA ASN A 57 -13.46 -6.58 -35.45
C ASN A 57 -12.12 -5.93 -35.79
N LYS A 58 -12.13 -4.82 -36.48
CA LYS A 58 -10.86 -4.13 -36.83
C LYS A 58 -10.48 -3.12 -35.75
N LEU A 59 -10.97 -3.31 -34.56
CA LEU A 59 -10.65 -2.36 -33.46
C LEU A 59 -10.20 -3.14 -32.22
N ILE A 60 -11.08 -3.86 -31.58
CA ILE A 60 -10.71 -4.64 -30.38
C ILE A 60 -11.36 -6.02 -30.41
N ARG A 61 -10.56 -7.05 -30.33
CA ARG A 61 -11.12 -8.45 -30.36
C ARG A 61 -10.72 -9.20 -29.09
N ILE A 62 -11.49 -10.19 -28.70
CA ILE A 62 -11.16 -10.98 -27.46
C ILE A 62 -9.65 -11.11 -27.28
N GLY A 63 -9.10 -10.30 -26.43
CA GLY A 63 -7.63 -10.33 -26.19
C GLY A 63 -7.07 -8.91 -26.29
N ARG A 64 -7.81 -8.00 -26.87
CA ARG A 64 -7.30 -6.61 -26.99
C ARG A 64 -7.97 -5.71 -25.95
N ASN A 65 -7.31 -5.46 -24.86
CA ASN A 65 -7.89 -4.59 -23.79
C ASN A 65 -8.03 -3.15 -24.30
N GLU A 66 -9.07 -2.47 -23.90
CA GLU A 66 -9.26 -1.07 -24.37
C GLU A 66 -9.92 -0.21 -23.27
N CYS A 67 -9.99 1.07 -23.47
CA CYS A 67 -10.61 1.96 -22.44
C CYS A 67 -12.03 2.37 -22.88
N VAL A 68 -12.98 2.26 -22.00
CA VAL A 68 -14.38 2.64 -22.37
C VAL A 68 -15.07 3.32 -21.19
N LYS A 69 -16.11 4.07 -21.46
CA LYS A 69 -16.85 4.77 -20.35
C LYS A 69 -18.31 4.28 -20.33
N VAL A 70 -18.88 4.19 -19.16
CA VAL A 70 -20.30 3.73 -19.05
C VAL A 70 -21.26 4.89 -19.32
N ILE A 71 -22.41 4.61 -19.88
CA ILE A 71 -23.39 5.70 -20.17
C ILE A 71 -24.70 5.47 -19.41
N ARG A 72 -25.00 4.25 -19.06
CA ARG A 72 -26.27 3.97 -18.31
C ARG A 72 -26.36 2.48 -17.96
N VAL A 73 -26.74 2.17 -16.75
CA VAL A 73 -26.88 0.73 -16.36
C VAL A 73 -28.36 0.34 -16.40
N ASP A 74 -28.64 -0.93 -16.29
CA ASP A 74 -30.05 -1.39 -16.34
C ASP A 74 -30.43 -2.04 -15.01
N LYS A 75 -31.67 -1.86 -14.59
CA LYS A 75 -32.15 -2.44 -13.32
C LYS A 75 -31.57 -1.66 -12.16
N GLU A 76 -31.20 -2.34 -11.13
CA GLU A 76 -30.60 -1.66 -9.94
C GLU A 76 -29.11 -1.38 -10.21
N LYS A 77 -28.68 -1.62 -11.43
CA LYS A 77 -27.24 -1.42 -11.85
C LYS A 77 -26.66 -2.80 -12.18
N GLY A 78 -27.47 -3.67 -12.71
CA GLY A 78 -26.99 -5.03 -13.05
C GLY A 78 -26.34 -5.02 -14.43
N TYR A 79 -26.83 -4.21 -15.34
CA TYR A 79 -26.20 -4.16 -16.69
C TYR A 79 -25.44 -2.84 -16.82
N ILE A 80 -24.49 -2.75 -17.73
CA ILE A 80 -23.74 -1.47 -17.86
C ILE A 80 -23.44 -1.17 -19.34
N ASP A 81 -24.00 -0.11 -19.85
CA ASP A 81 -23.75 0.27 -21.28
C ASP A 81 -22.46 1.08 -21.34
N LEU A 82 -21.77 1.07 -22.45
CA LEU A 82 -20.48 1.83 -22.53
C LEU A 82 -20.30 2.47 -23.91
N SER A 83 -19.42 3.44 -23.99
CA SER A 83 -19.16 4.13 -25.30
C SER A 83 -17.68 4.49 -25.42
N LYS A 84 -17.16 4.56 -26.62
CA LYS A 84 -15.73 4.91 -26.79
C LYS A 84 -15.55 6.42 -27.01
N ARG A 85 -16.62 7.11 -27.35
CA ARG A 85 -16.51 8.58 -27.57
C ARG A 85 -16.21 9.33 -26.26
N ARG A 86 -16.24 8.65 -25.14
CA ARG A 86 -15.95 9.33 -23.85
C ARG A 86 -14.73 8.68 -23.19
N VAL A 87 -13.77 8.27 -23.97
CA VAL A 87 -12.56 7.61 -23.39
C VAL A 87 -11.40 8.60 -23.27
N SER A 88 -11.18 9.13 -22.10
CA SER A 88 -10.04 10.06 -21.90
C SER A 88 -8.86 9.28 -21.32
N PRO A 89 -7.67 9.79 -21.54
CA PRO A 89 -6.46 9.11 -21.02
C PRO A 89 -6.38 9.22 -19.50
N GLU A 90 -6.83 10.32 -18.95
CA GLU A 90 -6.77 10.47 -17.47
C GLU A 90 -7.61 9.38 -16.81
N GLU A 91 -8.65 8.95 -17.47
CA GLU A 91 -9.52 7.89 -16.89
C GLU A 91 -8.92 6.52 -17.19
N ALA A 92 -8.29 6.36 -18.33
CA ALA A 92 -7.67 5.04 -18.65
C ALA A 92 -6.43 4.83 -17.80
N ILE A 93 -5.90 5.90 -17.29
CA ILE A 93 -4.69 5.82 -16.43
C ILE A 93 -5.10 5.59 -14.97
N LYS A 94 -6.11 6.29 -14.53
CA LYS A 94 -6.59 6.12 -13.12
C LYS A 94 -7.20 4.73 -12.94
N CYS A 95 -7.81 4.21 -13.97
CA CYS A 95 -8.42 2.85 -13.86
C CYS A 95 -7.37 1.78 -14.12
N GLU A 96 -6.56 1.94 -15.14
CA GLU A 96 -5.52 0.93 -15.42
C GLU A 96 -4.65 0.72 -14.18
N ASP A 97 -4.18 1.80 -13.60
CA ASP A 97 -3.34 1.68 -12.37
C ASP A 97 -4.22 1.22 -11.20
N LYS A 98 -5.37 1.81 -11.05
CA LYS A 98 -6.29 1.42 -9.94
C LYS A 98 -6.31 -0.11 -9.79
N PHE A 99 -6.36 -0.83 -10.88
CA PHE A 99 -6.37 -2.31 -10.77
C PHE A 99 -4.94 -2.84 -10.70
N THR A 100 -4.02 -2.19 -11.37
CA THR A 100 -2.60 -2.66 -11.31
C THR A 100 -2.14 -2.67 -9.85
N LYS A 101 -2.35 -1.57 -9.16
CA LYS A 101 -1.96 -1.50 -7.73
C LYS A 101 -2.93 -2.36 -6.92
N SER A 102 -4.21 -2.24 -7.17
CA SER A 102 -5.20 -3.06 -6.43
C SER A 102 -4.99 -4.53 -6.75
N LYS A 103 -4.34 -4.83 -7.87
CA LYS A 103 -4.10 -6.25 -8.24
C LYS A 103 -2.92 -6.80 -7.43
N THR A 104 -1.91 -6.01 -7.23
CA THR A 104 -0.76 -6.50 -6.43
C THR A 104 -1.22 -6.70 -4.99
N VAL A 105 -1.82 -5.69 -4.42
CA VAL A 105 -2.35 -5.80 -3.04
C VAL A 105 -3.45 -6.87 -3.03
N TYR A 106 -4.11 -7.03 -4.15
CA TYR A 106 -5.16 -8.06 -4.25
C TYR A 106 -4.48 -9.43 -4.15
N SER A 107 -3.52 -9.66 -5.00
CA SER A 107 -2.79 -10.96 -4.96
C SER A 107 -2.23 -11.17 -3.56
N ILE A 108 -1.79 -10.11 -2.93
CA ILE A 108 -1.26 -10.22 -1.54
C ILE A 108 -2.41 -10.58 -0.60
N LEU A 109 -3.52 -9.89 -0.74
CA LEU A 109 -4.69 -10.19 0.13
C LEU A 109 -5.11 -11.65 -0.06
N ARG A 110 -5.01 -12.14 -1.27
CA ARG A 110 -5.37 -13.55 -1.55
C ARG A 110 -4.41 -14.50 -0.82
N HIS A 111 -3.15 -14.18 -0.82
CA HIS A 111 -2.16 -15.07 -0.12
C HIS A 111 -2.42 -15.02 1.38
N VAL A 112 -2.63 -13.84 1.92
CA VAL A 112 -2.91 -13.74 3.38
C VAL A 112 -4.10 -14.63 3.72
N ALA A 113 -5.05 -14.68 2.83
CA ALA A 113 -6.24 -15.53 3.07
C ALA A 113 -5.85 -17.00 2.91
N GLU A 114 -5.03 -17.32 1.95
CA GLU A 114 -4.61 -18.74 1.78
C GLU A 114 -3.79 -19.19 2.99
N VAL A 115 -3.29 -18.25 3.76
CA VAL A 115 -2.49 -18.61 4.96
C VAL A 115 -3.41 -18.76 6.18
N LEU A 116 -4.43 -17.96 6.25
CA LEU A 116 -5.37 -18.05 7.41
C LEU A 116 -6.59 -18.90 7.07
N GLU A 117 -6.47 -19.68 6.03
CA GLU A 117 -7.60 -20.57 5.59
C GLU A 117 -8.78 -19.72 5.08
N TYR A 118 -8.62 -19.03 3.98
CA TYR A 118 -9.74 -18.20 3.45
C TYR A 118 -10.03 -18.57 1.99
N THR A 119 -10.31 -19.82 1.72
CA THR A 119 -10.62 -20.24 0.32
C THR A 119 -12.13 -20.39 0.15
N LYS A 120 -12.90 -19.50 0.72
CA LYS A 120 -14.38 -19.60 0.60
C LYS A 120 -14.90 -18.48 -0.31
N ASP A 121 -14.07 -17.98 -1.20
CA ASP A 121 -14.52 -16.87 -2.12
C ASP A 121 -14.99 -15.67 -1.30
N GLU A 122 -16.15 -15.77 -0.71
CA GLU A 122 -16.68 -14.63 0.11
C GLU A 122 -15.65 -14.25 1.20
N GLN A 123 -14.74 -15.13 1.51
CA GLN A 123 -13.72 -14.84 2.55
C GLN A 123 -12.77 -13.75 2.07
N LEU A 124 -12.09 -13.98 0.97
CA LEU A 124 -11.14 -12.95 0.45
C LEU A 124 -11.90 -11.67 0.06
N GLU A 125 -13.04 -11.81 -0.56
CA GLU A 125 -13.82 -10.61 -0.96
C GLU A 125 -14.24 -9.84 0.29
N SER A 126 -14.49 -10.54 1.37
CA SER A 126 -14.89 -9.86 2.63
C SER A 126 -13.69 -9.10 3.18
N LEU A 127 -12.55 -9.73 3.21
CA LEU A 127 -11.33 -9.05 3.71
C LEU A 127 -11.04 -7.87 2.79
N PHE A 128 -11.19 -8.09 1.50
CA PHE A 128 -10.95 -7.00 0.52
C PHE A 128 -11.74 -5.76 0.91
N GLN A 129 -13.00 -5.93 1.22
CA GLN A 129 -13.84 -4.77 1.62
C GLN A 129 -13.53 -4.35 3.06
N ARG A 130 -12.86 -5.20 3.80
CA ARG A 130 -12.54 -4.86 5.22
C ARG A 130 -11.13 -4.27 5.33
N THR A 131 -10.44 -4.04 4.24
CA THR A 131 -9.06 -3.46 4.35
C THR A 131 -8.65 -2.78 3.05
N ALA A 132 -8.49 -3.52 1.99
CA ALA A 132 -8.06 -2.92 0.69
C ALA A 132 -8.97 -1.74 0.32
N TRP A 133 -10.25 -1.94 0.31
CA TRP A 133 -11.17 -0.82 -0.07
C TRP A 133 -11.38 0.11 1.12
N VAL A 134 -11.05 -0.33 2.31
CA VAL A 134 -11.19 0.56 3.49
C VAL A 134 -10.16 1.68 3.36
N PHE A 135 -9.00 1.34 2.88
CA PHE A 135 -7.94 2.37 2.69
C PHE A 135 -8.29 3.20 1.45
N ASP A 136 -8.63 2.56 0.36
CA ASP A 136 -9.00 3.32 -0.87
C ASP A 136 -10.03 4.39 -0.52
N ASP A 137 -10.87 4.10 0.44
CA ASP A 137 -11.90 5.10 0.84
C ASP A 137 -11.33 6.03 1.90
N LYS A 138 -10.34 5.57 2.59
CA LYS A 138 -9.68 6.39 3.63
C LYS A 138 -9.06 7.64 2.99
N TYR A 139 -8.53 7.49 1.80
CA TYR A 139 -7.92 8.67 1.11
C TYR A 139 -8.71 8.99 -0.16
N LYS A 140 -9.93 8.53 -0.24
CA LYS A 140 -10.76 8.79 -1.46
C LYS A 140 -9.96 8.51 -2.73
N ARG A 141 -9.18 7.45 -2.73
CA ARG A 141 -8.36 7.12 -3.93
C ARG A 141 -8.75 5.76 -4.51
N PRO A 142 -8.80 5.68 -5.82
CA PRO A 142 -9.18 4.41 -6.49
C PRO A 142 -8.03 3.38 -6.41
N GLY A 143 -8.04 2.53 -5.41
CA GLY A 143 -6.95 1.51 -5.29
C GLY A 143 -5.67 2.15 -4.75
N TYR A 144 -5.28 3.27 -5.31
CA TYR A 144 -4.03 3.96 -4.84
C TYR A 144 -3.99 4.04 -3.31
N GLY A 145 -5.14 4.10 -2.68
CA GLY A 145 -5.17 4.19 -1.19
C GLY A 145 -4.80 2.82 -0.60
N ALA A 146 -5.56 1.80 -0.92
CA ALA A 146 -5.25 0.44 -0.38
C ALA A 146 -3.78 0.10 -0.58
N TYR A 147 -3.28 0.28 -1.78
CA TYR A 147 -1.85 -0.04 -2.03
C TYR A 147 -0.95 0.79 -1.11
N ASP A 148 -0.96 2.09 -1.28
CA ASP A 148 -0.12 2.97 -0.42
C ASP A 148 -0.23 2.56 1.05
N ALA A 149 -1.43 2.30 1.51
CA ALA A 149 -1.60 1.90 2.93
C ALA A 149 -0.97 0.53 3.17
N PHE A 150 -0.96 -0.32 2.18
CA PHE A 150 -0.34 -1.67 2.35
C PHE A 150 1.19 -1.54 2.28
N LYS A 151 1.68 -0.43 1.78
CA LYS A 151 3.15 -0.22 1.69
C LYS A 151 3.62 0.54 2.93
N HIS A 152 2.74 1.32 3.51
CA HIS A 152 3.12 2.10 4.73
C HIS A 152 2.76 1.30 5.98
N ALA A 153 1.90 0.32 5.86
CA ALA A 153 1.52 -0.51 7.04
C ALA A 153 2.67 -1.45 7.43
N VAL A 154 3.77 -1.40 6.72
CA VAL A 154 4.92 -2.28 7.06
C VAL A 154 5.79 -1.62 8.13
N SER A 155 5.93 -0.32 8.08
CA SER A 155 6.76 0.39 9.09
C SER A 155 5.94 1.44 9.85
N ASP A 156 4.77 1.76 9.37
CA ASP A 156 3.93 2.78 10.06
C ASP A 156 2.55 2.19 10.37
N PRO A 157 2.49 1.38 11.41
CA PRO A 157 1.19 0.76 11.80
C PRO A 157 0.29 1.78 12.49
N SER A 158 0.75 3.00 12.64
CA SER A 158 -0.10 4.04 13.30
C SER A 158 -1.40 4.24 12.51
N ILE A 159 -1.46 3.74 11.30
CA ILE A 159 -2.69 3.89 10.48
C ILE A 159 -3.69 2.77 10.82
N LEU A 160 -3.24 1.70 11.41
CA LEU A 160 -4.16 0.58 11.76
C LEU A 160 -4.58 0.67 13.24
N ASP A 161 -4.36 1.79 13.86
CA ASP A 161 -4.76 1.94 15.29
C ASP A 161 -6.25 1.71 15.47
N SER A 162 -7.01 1.78 14.41
CA SER A 162 -8.48 1.57 14.51
C SER A 162 -8.92 0.30 13.78
N LEU A 163 -8.04 -0.32 13.04
CA LEU A 163 -8.43 -1.56 12.30
C LEU A 163 -8.47 -2.75 13.26
N ASP A 164 -9.60 -2.99 13.87
CA ASP A 164 -9.72 -4.12 14.83
C ASP A 164 -9.50 -5.45 14.10
N LEU A 165 -8.29 -5.93 14.06
CA LEU A 165 -8.01 -7.23 13.38
C LEU A 165 -7.40 -8.22 14.36
N ASN A 166 -7.11 -9.41 13.92
CA ASN A 166 -6.51 -10.43 14.83
C ASN A 166 -4.99 -10.31 14.81
N GLU A 167 -4.33 -10.73 15.87
CA GLU A 167 -2.84 -10.65 15.90
C GLU A 167 -2.25 -11.59 14.85
N ASP A 168 -3.06 -12.46 14.34
CA ASP A 168 -2.59 -13.41 13.29
C ASP A 168 -2.77 -12.76 11.92
N GLU A 169 -3.80 -11.97 11.76
CA GLU A 169 -4.04 -11.29 10.46
C GLU A 169 -3.15 -10.05 10.36
N ARG A 170 -2.90 -9.41 11.48
CA ARG A 170 -2.05 -8.19 11.48
C ARG A 170 -0.59 -8.59 11.22
N GLU A 171 -0.19 -9.74 11.69
CA GLU A 171 1.21 -10.20 11.49
C GLU A 171 1.38 -10.76 10.07
N VAL A 172 0.47 -11.59 9.64
CA VAL A 172 0.60 -12.17 8.27
C VAL A 172 0.33 -11.10 7.21
N LEU A 173 -0.55 -10.18 7.48
CA LEU A 173 -0.84 -9.10 6.50
C LEU A 173 0.31 -8.10 6.46
N ILE A 174 0.80 -7.70 7.60
CA ILE A 174 1.92 -6.73 7.64
C ILE A 174 3.21 -7.41 7.15
N ASN A 175 3.37 -8.67 7.46
CA ASN A 175 4.59 -9.40 7.02
C ASN A 175 4.57 -9.62 5.51
N ASN A 176 3.44 -10.01 4.97
CA ASN A 176 3.36 -10.25 3.50
C ASN A 176 3.62 -8.94 2.74
N ILE A 177 3.01 -7.86 3.15
CA ILE A 177 3.23 -6.57 2.42
C ILE A 177 4.70 -6.12 2.57
N ASN A 178 5.28 -6.36 3.70
CA ASN A 178 6.70 -5.96 3.90
C ASN A 178 7.61 -6.89 3.09
N ARG A 179 7.35 -8.17 3.16
CA ARG A 179 8.18 -9.14 2.38
C ARG A 179 7.81 -9.06 0.88
N ARG A 180 6.73 -8.40 0.57
CA ARG A 180 6.33 -8.29 -0.87
C ARG A 180 6.54 -6.87 -1.37
N LEU A 181 6.54 -5.89 -0.50
CA LEU A 181 6.76 -4.48 -0.96
C LEU A 181 8.15 -4.00 -0.57
N THR A 182 8.78 -4.63 0.39
CA THR A 182 10.15 -4.19 0.79
C THR A 182 11.19 -5.18 0.25
N PRO A 183 11.88 -4.78 -0.80
CA PRO A 183 12.92 -5.65 -1.40
C PRO A 183 14.17 -5.69 -0.52
N GLN A 184 15.05 -4.74 -0.64
CA GLN A 184 16.28 -4.72 0.20
C GLN A 184 16.19 -3.56 1.19
N ALA A 185 17.30 -3.15 1.76
CA ALA A 185 17.32 -2.02 2.75
C ALA A 185 16.96 -2.52 4.14
N VAL A 186 17.73 -2.15 5.13
CA VAL A 186 17.46 -2.62 6.52
C VAL A 186 16.98 -1.47 7.40
N LYS A 187 16.40 -1.79 8.53
CA LYS A 187 15.95 -0.74 9.47
C LYS A 187 17.05 -0.56 10.50
N ILE A 188 17.81 0.48 10.38
CA ILE A 188 18.94 0.69 11.31
C ILE A 188 18.55 1.63 12.43
N ARG A 189 19.15 1.48 13.58
CA ARG A 189 18.81 2.39 14.70
C ARG A 189 19.94 2.46 15.75
N ALA A 190 20.31 3.65 16.13
CA ALA A 190 21.37 3.83 17.17
C ALA A 190 20.84 4.79 18.25
N ASP A 191 21.41 4.79 19.43
CA ASP A 191 20.91 5.72 20.48
C ASP A 191 21.88 6.88 20.63
N ILE A 192 21.37 8.07 20.82
CA ILE A 192 22.28 9.25 20.97
C ILE A 192 21.74 10.19 22.06
N GLU A 193 22.60 10.90 22.72
CA GLU A 193 22.13 11.84 23.77
C GLU A 193 22.52 13.26 23.40
N VAL A 194 21.58 14.04 22.94
CA VAL A 194 21.88 15.44 22.54
C VAL A 194 21.59 16.39 23.71
N ALA A 195 22.39 17.39 23.88
CA ALA A 195 22.15 18.35 25.00
C ALA A 195 22.79 19.71 24.68
N CYS A 196 22.21 20.77 25.17
CA CYS A 196 22.77 22.12 24.91
C CYS A 196 22.91 22.89 26.22
N TYR A 197 24.10 23.19 26.62
CA TYR A 197 24.31 23.93 27.90
C TYR A 197 24.03 25.43 27.70
N GLY A 198 22.77 25.79 27.66
CA GLY A 198 22.42 27.23 27.45
C GLY A 198 21.01 27.32 26.87
N TYR A 199 20.52 28.51 26.63
CA TYR A 199 19.15 28.66 26.06
C TYR A 199 19.23 28.89 24.54
N GLU A 200 20.25 29.57 24.10
CA GLU A 200 20.39 29.82 22.63
C GLU A 200 20.89 28.55 21.93
N GLY A 201 21.19 27.53 22.68
CA GLY A 201 21.69 26.26 22.08
C GLY A 201 20.49 25.46 21.59
N ILE A 202 19.30 25.81 22.04
CA ILE A 202 18.09 25.07 21.60
C ILE A 202 18.04 25.06 20.06
N ASP A 203 18.64 26.05 19.45
CA ASP A 203 18.67 26.12 17.96
C ASP A 203 19.70 25.13 17.42
N ALA A 204 20.69 24.80 18.20
CA ALA A 204 21.71 23.81 17.76
C ALA A 204 21.15 22.42 18.01
N VAL A 205 20.30 22.31 18.99
CA VAL A 205 19.67 21.01 19.31
C VAL A 205 18.70 20.65 18.17
N LYS A 206 17.90 21.59 17.73
CA LYS A 206 16.95 21.30 16.62
C LYS A 206 17.72 21.16 15.31
N GLU A 207 18.63 22.05 15.03
CA GLU A 207 19.43 21.94 13.78
C GLU A 207 20.28 20.66 13.81
N ALA A 208 20.56 20.17 14.99
CA ALA A 208 21.36 18.91 15.09
C ALA A 208 20.51 17.73 14.62
N LEU A 209 19.42 17.47 15.30
CA LEU A 209 18.54 16.33 14.89
C LEU A 209 18.24 16.45 13.39
N ARG A 210 18.07 17.64 12.91
CA ARG A 210 17.80 17.85 11.46
C ARG A 210 19.04 17.44 10.65
N ALA A 211 20.21 17.68 11.19
CA ALA A 211 21.46 17.31 10.48
C ALA A 211 21.51 15.79 10.29
N GLY A 212 21.11 15.04 11.28
CA GLY A 212 21.13 13.56 11.16
C GLY A 212 20.02 13.15 10.19
N LEU A 213 18.93 13.86 10.20
CA LEU A 213 17.81 13.53 9.27
C LEU A 213 18.13 14.05 7.87
N ASN A 214 19.08 14.94 7.75
CA ASN A 214 19.46 15.49 6.42
C ASN A 214 20.69 14.77 5.87
N CYS A 215 21.41 14.08 6.71
CA CYS A 215 22.63 13.36 6.24
C CYS A 215 22.26 12.06 5.52
N SER A 216 20.99 11.82 5.29
CA SER A 216 20.58 10.57 4.59
C SER A 216 21.29 10.45 3.23
N THR A 217 21.06 9.39 2.52
CA THR A 217 21.71 9.22 1.19
C THR A 217 20.75 8.58 0.20
N GLU A 218 21.13 8.50 -1.05
CA GLU A 218 20.25 7.90 -2.09
C GLU A 218 19.78 6.50 -1.66
N ASN A 219 18.61 6.41 -1.07
CA ASN A 219 18.10 5.08 -0.63
C ASN A 219 16.74 5.26 0.09
N MET A 220 16.77 5.65 1.33
CA MET A 220 15.49 5.84 2.08
C MET A 220 15.66 6.98 3.11
N PRO A 221 14.57 7.32 3.76
CA PRO A 221 14.61 8.42 4.76
C PRO A 221 15.10 7.94 6.13
N ILE A 222 15.39 8.88 7.00
CA ILE A 222 15.87 8.55 8.38
C ILE A 222 14.89 9.13 9.40
N LYS A 223 14.81 8.58 10.59
CA LYS A 223 13.86 9.13 11.60
C LYS A 223 14.51 9.19 12.98
N ILE A 224 14.48 10.33 13.60
CA ILE A 224 15.09 10.47 14.95
C ILE A 224 14.05 11.06 15.93
N ASN A 225 13.81 10.39 17.02
CA ASN A 225 12.81 10.92 18.00
C ASN A 225 13.38 10.90 19.42
N LEU A 226 12.69 11.53 20.35
CA LEU A 226 13.18 11.54 21.76
C LEU A 226 12.23 10.72 22.64
N ILE A 227 12.74 9.71 23.29
CA ILE A 227 11.88 8.89 24.18
C ILE A 227 12.38 9.01 25.62
N ALA A 228 13.54 9.57 25.80
CA ALA A 228 14.12 9.74 27.15
C ALA A 228 15.29 10.72 27.10
N PRO A 229 15.52 11.42 28.18
CA PRO A 229 16.65 12.39 28.23
C PRO A 229 18.04 11.72 28.20
N PRO A 230 18.17 10.51 28.74
CA PRO A 230 19.50 9.86 28.74
C PRO A 230 19.86 9.32 27.34
N ARG A 231 18.91 9.16 26.45
CA ARG A 231 19.26 8.63 25.10
C ARG A 231 18.10 8.83 24.11
N TYR A 232 18.42 9.18 22.89
CA TYR A 232 17.37 9.41 21.87
C TYR A 232 17.31 8.21 20.92
N VAL A 233 16.44 8.24 19.96
CA VAL A 233 16.34 7.11 19.00
C VAL A 233 16.55 7.62 17.57
N MET A 234 17.50 7.06 16.87
CA MET A 234 17.76 7.50 15.47
C MET A 234 17.78 6.25 14.58
N THR A 235 16.79 6.10 13.73
CA THR A 235 16.77 4.90 12.85
C THR A 235 16.56 5.33 11.40
N THR A 236 16.49 4.39 10.49
CA THR A 236 16.28 4.75 9.06
C THR A 236 16.24 3.50 8.20
N THR A 237 16.13 3.69 6.92
CA THR A 237 16.13 2.53 5.98
C THR A 237 17.32 2.68 5.03
N THR A 238 18.35 1.91 5.22
CA THR A 238 19.53 2.05 4.34
C THR A 238 19.99 0.69 3.80
N LEU A 239 20.22 0.61 2.53
CA LEU A 239 20.68 -0.68 1.92
C LEU A 239 22.04 -1.04 2.50
N GLU A 240 22.47 -2.27 2.35
CA GLU A 240 23.79 -2.69 2.91
C GLU A 240 23.73 -2.68 4.44
N ARG A 241 24.42 -3.59 5.09
CA ARG A 241 24.39 -3.65 6.58
C ARG A 241 25.36 -2.62 7.17
N THR A 242 26.54 -2.50 6.60
CA THR A 242 27.52 -1.52 7.15
C THR A 242 27.31 -0.12 6.56
N GLU A 243 27.06 -0.01 5.28
CA GLU A 243 26.84 1.34 4.68
C GLU A 243 25.71 2.08 5.41
N GLY A 244 24.64 1.39 5.68
CA GLY A 244 23.51 2.04 6.40
C GLY A 244 24.01 2.66 7.70
N LEU A 245 24.46 1.85 8.61
CA LEU A 245 24.98 2.40 9.90
C LEU A 245 26.07 3.44 9.58
N SER A 246 26.77 3.26 8.48
CA SER A 246 27.82 4.25 8.10
C SER A 246 27.17 5.63 7.99
N VAL A 247 25.95 5.69 7.53
CA VAL A 247 25.27 7.02 7.43
C VAL A 247 24.84 7.44 8.84
N LEU A 248 24.41 6.49 9.63
CA LEU A 248 23.99 6.82 11.02
C LEU A 248 25.18 7.44 11.77
N SER A 249 26.31 6.77 11.78
CA SER A 249 27.50 7.32 12.48
C SER A 249 27.82 8.72 11.92
N GLN A 250 27.90 8.85 10.61
CA GLN A 250 28.19 10.18 10.00
C GLN A 250 27.26 11.24 10.61
N ALA A 251 26.02 10.89 10.82
CA ALA A 251 25.06 11.86 11.40
C ALA A 251 25.37 12.04 12.89
N MET A 252 25.56 10.95 13.60
CA MET A 252 25.89 11.05 15.05
C MET A 252 27.14 11.92 15.24
N ALA A 253 27.99 11.94 14.25
CA ALA A 253 29.21 12.78 14.35
C ALA A 253 28.85 14.19 13.91
N VAL A 254 28.01 14.28 12.92
CA VAL A 254 27.57 15.61 12.44
C VAL A 254 26.81 16.32 13.56
N ILE A 255 25.78 15.72 14.09
CA ILE A 255 25.04 16.37 15.21
C ILE A 255 26.03 16.60 16.35
N LYS A 256 26.85 15.63 16.66
CA LYS A 256 27.87 15.84 17.72
C LYS A 256 28.60 17.14 17.41
N GLU A 257 28.68 17.49 16.15
CA GLU A 257 29.33 18.77 15.75
C GLU A 257 28.29 19.90 15.77
N LYS A 258 27.07 19.62 15.36
CA LYS A 258 26.02 20.68 15.37
C LYS A 258 25.54 20.95 16.80
N ILE A 259 26.05 20.21 17.76
CA ILE A 259 25.64 20.42 19.17
C ILE A 259 26.84 20.89 20.00
N GLU A 260 28.02 20.43 19.69
CA GLU A 260 29.23 20.86 20.46
C GLU A 260 29.64 22.28 20.04
N GLU A 261 29.53 22.61 18.78
CA GLU A 261 29.91 23.98 18.34
C GLU A 261 29.01 25.03 19.00
N LYS A 262 27.93 24.60 19.62
CA LYS A 262 27.02 25.56 20.28
C LYS A 262 26.93 25.27 21.79
N ARG A 263 27.99 24.77 22.37
CA ARG A 263 27.97 24.47 23.85
C ARG A 263 26.93 23.39 24.18
N GLY A 264 27.02 22.24 23.54
CA GLY A 264 26.06 21.15 23.81
C GLY A 264 26.84 19.85 24.07
N VAL A 265 26.19 18.72 23.94
CA VAL A 265 26.89 17.43 24.17
C VAL A 265 26.24 16.30 23.38
N PHE A 266 26.96 15.22 23.16
CA PHE A 266 26.40 14.06 22.41
C PHE A 266 26.84 12.76 23.09
N ASN A 267 25.96 11.80 23.20
CA ASN A 267 26.37 10.51 23.85
C ASN A 267 25.63 9.32 23.22
N VAL A 268 26.36 8.38 22.66
CA VAL A 268 25.71 7.19 22.06
C VAL A 268 25.32 6.20 23.16
N GLN A 269 24.33 5.37 22.94
CA GLN A 269 23.93 4.40 24.02
C GLN A 269 23.99 2.96 23.51
N MET A 270 23.72 2.75 22.25
CA MET A 270 23.77 1.36 21.71
C MET A 270 24.45 1.35 20.35
N GLU A 271 25.12 2.41 20.00
CA GLU A 271 25.82 2.48 18.70
C GLU A 271 24.87 2.11 17.54
N PRO A 272 25.38 2.18 16.34
CA PRO A 272 24.56 1.86 15.15
C PRO A 272 24.25 0.35 15.12
N LYS A 273 22.99 0.00 15.25
CA LYS A 273 22.63 -1.45 15.23
C LYS A 273 21.54 -1.70 14.19
N VAL A 274 21.83 -2.52 13.21
CA VAL A 274 20.83 -2.81 12.14
C VAL A 274 19.74 -3.75 12.68
N VAL A 275 18.57 -3.71 12.10
CA VAL A 275 17.47 -4.61 12.58
C VAL A 275 17.21 -5.72 11.56
N THR A 276 16.84 -6.88 12.02
CA THR A 276 16.56 -8.01 11.08
C THR A 276 15.44 -8.89 11.65
N ASP A 277 15.31 -10.09 11.15
CA ASP A 277 14.23 -10.99 11.67
C ASP A 277 14.80 -12.01 12.67
N THR A 278 15.81 -12.73 12.28
CA THR A 278 16.41 -13.74 13.22
C THR A 278 17.15 -13.03 14.36
N ASP A 279 17.33 -11.73 14.27
CA ASP A 279 18.03 -11.00 15.36
C ASP A 279 17.03 -10.43 16.36
N GLU A 280 15.82 -10.17 15.93
CA GLU A 280 14.78 -9.61 16.84
C GLU A 280 14.25 -10.69 17.78
N THR A 281 14.45 -11.94 17.43
CA THR A 281 13.95 -13.05 18.30
C THR A 281 14.70 -13.06 19.65
N GLU A 282 15.84 -12.40 19.71
CA GLU A 282 16.62 -12.37 20.99
C GLU A 282 15.92 -11.50 22.03
N LEU A 283 14.85 -10.84 21.67
CA LEU A 283 14.13 -9.97 22.65
C LEU A 283 13.40 -10.83 23.69
N ALA A 284 13.10 -12.06 23.35
CA ALA A 284 12.39 -12.94 24.31
C ALA A 284 13.34 -13.37 25.44
N ARG A 285 14.55 -13.69 25.12
CA ARG A 285 15.53 -14.10 26.18
C ARG A 285 15.78 -12.94 27.15
N GLN A 286 15.36 -11.75 26.81
CA GLN A 286 15.57 -10.59 27.71
C GLN A 286 14.33 -10.36 28.58
N MET A 287 13.20 -10.11 27.96
CA MET A 287 11.95 -9.90 28.75
C MET A 287 11.66 -11.11 29.63
N GLU A 288 12.14 -11.10 30.84
CA GLU A 288 11.91 -12.26 31.76
C GLU A 288 10.45 -12.33 32.20
N ARG A 289 9.66 -11.35 31.85
CA ARG A 289 8.22 -11.37 32.25
C ARG A 289 7.42 -12.24 31.27
N LEU A 290 7.97 -12.54 30.12
CA LEU A 290 7.24 -13.39 29.13
C LEU A 290 7.63 -14.86 29.33
N GLU A 291 8.71 -15.11 30.03
CA GLU A 291 9.13 -16.53 30.25
C GLU A 291 8.87 -16.92 31.70
N ARG A 292 8.12 -16.13 32.42
CA ARG A 292 7.82 -16.47 33.85
C ARG A 292 6.58 -17.38 33.93
N GLU A 293 6.26 -18.07 32.86
CA GLU A 293 5.07 -18.97 32.87
C GLU A 293 5.07 -19.86 31.62
N ASN A 294 5.34 -21.13 31.78
CA ASN A 294 5.34 -22.04 30.60
C ASN A 294 4.02 -21.88 29.82
N ALA A 295 4.00 -22.24 28.57
CA ALA A 295 2.74 -22.07 27.78
C ALA A 295 2.38 -23.36 27.02
N GLU A 296 3.22 -23.77 26.10
CA GLU A 296 2.92 -25.00 25.32
C GLU A 296 1.67 -24.77 24.46
N VAL A 297 1.47 -23.56 24.00
CA VAL A 297 0.28 -23.24 23.16
C VAL A 297 0.11 -24.28 22.04
N ASP A 298 -0.66 -25.29 22.27
CA ASP A 298 -0.87 -26.34 21.23
C ASP A 298 -1.97 -25.90 20.27
N GLY A 299 -1.75 -26.05 18.98
CA GLY A 299 -2.79 -25.63 18.00
C GLY A 299 -3.54 -26.87 17.49
N ASP A 300 -2.82 -27.81 16.93
CA ASP A 300 -3.47 -29.04 16.39
C ASP A 300 -4.44 -29.63 17.43
N MET A 1 15.39 -15.61 -10.09
CA MET A 1 15.64 -15.01 -11.43
C MET A 1 15.96 -13.52 -11.28
N SER A 2 17.08 -13.22 -10.67
CA SER A 2 17.48 -11.78 -10.46
C SER A 2 16.41 -11.07 -9.62
N CYS A 3 15.31 -10.70 -10.21
CA CYS A 3 14.22 -10.00 -9.46
C CYS A 3 14.81 -8.88 -8.58
N ARG A 4 15.12 -9.17 -7.34
CA ARG A 4 15.71 -8.12 -6.45
C ARG A 4 14.76 -6.93 -6.32
N PHE A 5 15.00 -6.07 -5.36
CA PHE A 5 14.12 -4.88 -5.16
C PHE A 5 14.44 -3.76 -6.16
N TYR A 6 15.33 -3.98 -7.09
CA TYR A 6 15.65 -2.90 -8.07
C TYR A 6 16.20 -3.48 -9.38
N GLN A 7 15.40 -4.24 -10.07
CA GLN A 7 15.85 -4.87 -11.37
C GLN A 7 17.29 -5.40 -11.26
N HIS A 8 17.71 -5.76 -10.08
CA HIS A 8 19.10 -6.29 -9.90
C HIS A 8 20.13 -5.41 -10.60
N LYS A 9 20.69 -4.47 -9.90
CA LYS A 9 21.72 -3.57 -10.52
C LYS A 9 22.06 -2.43 -9.55
N PHE A 10 22.94 -2.66 -8.61
CA PHE A 10 23.30 -1.58 -7.65
C PHE A 10 24.77 -1.17 -7.81
N PRO A 11 25.04 0.08 -7.53
CA PRO A 11 26.41 0.61 -7.65
C PRO A 11 27.27 0.19 -6.44
N GLU A 12 28.34 0.91 -6.18
CA GLU A 12 29.21 0.57 -5.02
C GLU A 12 28.35 0.37 -3.76
N VAL A 13 28.03 -0.85 -3.47
CA VAL A 13 27.17 -1.16 -2.27
C VAL A 13 27.66 -0.43 -1.00
N GLU A 14 28.31 -1.12 -0.10
CA GLU A 14 28.78 -0.46 1.16
C GLU A 14 27.59 0.04 1.98
N ASP A 15 26.44 -0.52 1.74
CA ASP A 15 25.22 -0.10 2.51
C ASP A 15 24.91 -1.12 3.61
N VAL A 16 24.66 -0.67 4.80
CA VAL A 16 24.34 -1.61 5.90
C VAL A 16 22.99 -2.29 5.64
N VAL A 17 22.98 -3.56 5.38
CA VAL A 17 21.70 -4.26 5.10
C VAL A 17 21.68 -5.63 5.80
N MET A 18 20.53 -6.24 5.88
CA MET A 18 20.47 -7.58 6.53
C MET A 18 20.79 -8.65 5.49
N VAL A 19 21.43 -9.72 5.90
CA VAL A 19 21.77 -10.80 4.93
C VAL A 19 21.49 -12.16 5.57
N ASN A 20 21.44 -13.20 4.78
CA ASN A 20 21.17 -14.56 5.37
C ASN A 20 22.31 -15.53 4.99
N VAL A 21 22.81 -16.26 5.95
CA VAL A 21 23.91 -17.23 5.64
C VAL A 21 23.48 -18.26 4.60
N ARG A 22 24.35 -18.57 3.67
CA ARG A 22 24.00 -19.59 2.62
C ARG A 22 25.08 -20.66 2.55
N SER A 23 26.30 -20.29 2.20
CA SER A 23 27.40 -21.29 2.10
C SER A 23 28.50 -20.94 3.11
N ILE A 24 28.78 -21.82 4.04
CA ILE A 24 29.84 -21.53 5.05
C ILE A 24 31.23 -21.81 4.46
N GLN A 25 32.19 -20.97 4.73
CA GLN A 25 33.56 -21.19 4.20
C GLN A 25 34.57 -21.13 5.35
N GLU A 26 35.70 -21.78 5.20
CA GLU A 26 36.72 -21.75 6.28
C GLU A 26 37.47 -20.42 6.28
N MET A 27 37.60 -19.82 5.12
CA MET A 27 38.32 -18.51 5.03
C MET A 27 37.31 -17.39 4.81
N GLY A 28 36.09 -17.60 5.20
CA GLY A 28 35.05 -16.55 5.03
C GLY A 28 33.68 -17.23 5.10
N ALA A 29 32.62 -16.51 4.92
CA ALA A 29 31.28 -17.15 4.98
C ALA A 29 30.38 -16.61 3.87
N TYR A 30 29.93 -17.47 3.01
CA TYR A 30 29.05 -17.01 1.90
C TYR A 30 27.62 -16.85 2.39
N VAL A 31 26.96 -15.80 1.97
CA VAL A 31 25.56 -15.57 2.41
C VAL A 31 24.78 -14.90 1.27
N SER A 32 23.51 -14.70 1.45
CA SER A 32 22.71 -14.04 0.39
C SER A 32 22.08 -12.77 0.95
N LEU A 33 22.02 -11.71 0.17
CA LEU A 33 21.41 -10.44 0.68
C LEU A 33 20.15 -10.75 1.49
N LEU A 34 19.70 -9.82 2.33
CA LEU A 34 18.49 -10.06 3.20
C LEU A 34 17.97 -11.51 3.09
N GLU A 35 16.82 -11.72 2.49
CA GLU A 35 16.29 -13.10 2.37
C GLU A 35 15.08 -13.11 1.42
N TYR A 36 15.25 -12.65 0.21
CA TYR A 36 14.09 -12.64 -0.73
C TYR A 36 14.54 -13.09 -2.14
N ASN A 37 14.89 -12.16 -2.99
CA ASN A 37 15.32 -12.54 -4.37
C ASN A 37 16.30 -11.50 -4.89
N ASN A 38 17.22 -11.08 -4.06
CA ASN A 38 18.20 -10.07 -4.50
C ASN A 38 19.42 -10.75 -5.10
N ILE A 39 20.37 -11.12 -4.29
CA ILE A 39 21.61 -11.81 -4.82
C ILE A 39 22.33 -12.56 -3.68
N GLU A 40 23.52 -13.03 -3.95
CA GLU A 40 24.29 -13.75 -2.90
C GLU A 40 25.24 -12.76 -2.21
N GLY A 41 26.26 -13.23 -1.53
CA GLY A 41 27.19 -12.29 -0.84
C GLY A 41 28.32 -13.08 -0.20
N MET A 42 29.45 -12.46 0.00
CA MET A 42 30.60 -13.17 0.63
C MET A 42 31.14 -12.34 1.78
N ILE A 43 31.15 -12.86 2.97
CA ILE A 43 31.67 -12.07 4.13
C ILE A 43 33.09 -12.50 4.50
N HIS A 44 33.80 -11.67 5.21
CA HIS A 44 35.20 -12.04 5.60
C HIS A 44 35.30 -12.36 7.09
N LEU A 45 35.53 -13.61 7.41
CA LEU A 45 35.66 -13.98 8.86
C LEU A 45 36.96 -13.41 9.42
N SER A 46 37.87 -13.05 8.57
CA SER A 46 39.17 -12.46 9.03
C SER A 46 38.94 -11.06 9.61
N GLU A 47 37.75 -10.53 9.43
CA GLU A 47 37.45 -9.17 9.98
C GLU A 47 36.03 -9.17 10.55
N LEU A 48 35.44 -10.33 10.67
CA LEU A 48 34.06 -10.40 11.23
C LEU A 48 34.11 -10.79 12.70
N SER A 49 34.61 -11.97 12.98
CA SER A 49 34.69 -12.42 14.40
C SER A 49 35.94 -11.87 15.07
N ARG A 50 36.04 -12.00 16.37
CA ARG A 50 37.24 -11.48 17.09
C ARG A 50 38.49 -12.20 16.59
N ARG A 51 38.81 -13.34 17.14
CA ARG A 51 40.02 -14.09 16.68
C ARG A 51 39.59 -15.18 15.70
N ARG A 52 40.51 -15.82 15.04
CA ARG A 52 40.14 -16.90 14.08
C ARG A 52 39.19 -17.89 14.74
N ILE A 53 37.94 -17.88 14.35
CA ILE A 53 36.96 -18.81 14.98
C ILE A 53 36.76 -20.03 14.09
N ARG A 54 37.20 -21.19 14.55
CA ARG A 54 37.03 -22.43 13.75
C ARG A 54 35.58 -22.90 13.80
N SER A 55 34.72 -22.18 14.47
CA SER A 55 33.29 -22.61 14.55
C SER A 55 32.37 -21.42 14.24
N ILE A 56 32.22 -21.09 12.99
CA ILE A 56 31.33 -19.95 12.60
C ILE A 56 29.88 -20.23 13.01
N ASN A 57 29.56 -21.46 13.32
CA ASN A 57 28.17 -21.80 13.72
C ASN A 57 27.70 -20.92 14.89
N LYS A 58 28.61 -20.25 15.54
CA LYS A 58 28.22 -19.36 16.68
C LYS A 58 27.74 -18.01 16.18
N LEU A 59 27.49 -17.88 14.89
CA LEU A 59 27.01 -16.60 14.34
C LEU A 59 25.83 -16.85 13.40
N ILE A 60 26.10 -17.44 12.26
CA ILE A 60 25.00 -17.74 11.30
C ILE A 60 25.24 -19.11 10.65
N ARG A 61 24.31 -20.02 10.77
CA ARG A 61 24.50 -21.37 10.15
C ARG A 61 23.24 -21.77 9.38
N ILE A 62 23.21 -21.50 8.10
CA ILE A 62 22.03 -21.87 7.26
C ILE A 62 20.72 -21.60 8.00
N GLY A 63 20.24 -20.38 7.97
CA GLY A 63 18.96 -20.07 8.67
C GLY A 63 19.22 -19.05 9.79
N ARG A 64 20.14 -18.15 9.58
CA ARG A 64 20.43 -17.13 10.63
C ARG A 64 20.54 -15.73 10.01
N ASN A 65 19.43 -15.07 9.82
CA ASN A 65 19.47 -13.71 9.23
C ASN A 65 20.05 -12.71 10.23
N GLU A 66 20.85 -11.79 9.78
CA GLU A 66 21.45 -10.80 10.72
C GLU A 66 21.71 -9.48 9.98
N CYS A 67 21.84 -8.41 10.70
CA CYS A 67 22.10 -7.11 10.04
C CYS A 67 23.60 -6.97 9.77
N VAL A 68 24.00 -7.14 8.54
CA VAL A 68 25.45 -7.04 8.21
C VAL A 68 25.69 -5.81 7.33
N LYS A 69 26.92 -5.50 7.04
CA LYS A 69 27.20 -4.31 6.18
C LYS A 69 28.14 -4.69 5.03
N VAL A 70 27.67 -4.60 3.82
CA VAL A 70 28.53 -4.94 2.65
C VAL A 70 29.70 -3.96 2.57
N ILE A 71 30.84 -4.39 2.07
CA ILE A 71 32.02 -3.46 2.01
C ILE A 71 32.24 -2.98 0.57
N ARG A 72 32.25 -3.87 -0.37
CA ARG A 72 32.48 -3.45 -1.79
C ARG A 72 32.37 -4.65 -2.73
N VAL A 73 32.09 -4.40 -3.97
CA VAL A 73 31.96 -5.52 -4.97
C VAL A 73 33.21 -5.61 -5.84
N ASP A 74 33.33 -6.68 -6.59
CA ASP A 74 34.51 -6.83 -7.48
C ASP A 74 34.10 -6.60 -8.92
N LYS A 75 34.58 -5.54 -9.53
CA LYS A 75 34.21 -5.26 -10.94
C LYS A 75 34.99 -6.17 -11.89
N GLU A 76 35.91 -6.89 -11.34
CA GLU A 76 36.70 -7.84 -12.17
C GLU A 76 35.80 -9.01 -12.61
N LYS A 77 34.60 -9.07 -12.07
CA LYS A 77 33.66 -10.17 -12.44
C LYS A 77 32.24 -9.80 -11.96
N GLY A 78 32.14 -9.15 -10.83
CA GLY A 78 30.80 -8.76 -10.30
C GLY A 78 30.53 -9.52 -9.00
N TYR A 79 31.36 -9.31 -8.01
CA TYR A 79 31.16 -10.02 -6.71
C TYR A 79 30.73 -9.01 -5.62
N ILE A 80 30.49 -9.48 -4.42
CA ILE A 80 30.08 -8.56 -3.32
C ILE A 80 30.63 -9.04 -1.98
N ASP A 81 31.35 -8.20 -1.27
CA ASP A 81 31.92 -8.61 0.05
C ASP A 81 31.00 -8.18 1.19
N LEU A 82 31.11 -8.81 2.33
CA LEU A 82 30.24 -8.42 3.47
C LEU A 82 31.01 -8.40 4.80
N SER A 83 30.63 -7.51 5.67
CA SER A 83 31.29 -7.40 7.00
C SER A 83 30.35 -6.68 7.96
N LYS A 84 30.43 -6.96 9.23
CA LYS A 84 29.51 -6.28 10.19
C LYS A 84 30.31 -5.31 11.04
N ARG A 85 31.49 -5.70 11.47
CA ARG A 85 32.31 -4.80 12.33
C ARG A 85 31.46 -4.24 13.47
N ARG A 86 30.42 -4.94 13.84
CA ARG A 86 29.52 -4.47 14.94
C ARG A 86 28.68 -3.28 14.44
N VAL A 87 27.64 -3.53 13.69
CA VAL A 87 26.79 -2.41 13.18
C VAL A 87 25.89 -1.87 14.29
N SER A 88 25.39 -0.67 14.14
CA SER A 88 24.53 -0.07 15.19
C SER A 88 23.04 -0.24 14.83
N PRO A 89 22.19 0.03 15.79
CA PRO A 89 20.73 -0.09 15.57
C PRO A 89 20.22 1.08 14.73
N GLU A 90 20.87 2.20 14.80
CA GLU A 90 20.42 3.37 13.98
C GLU A 90 20.42 3.01 12.50
N GLU A 91 21.45 2.32 12.05
CA GLU A 91 21.52 1.92 10.62
C GLU A 91 20.69 0.67 10.38
N ALA A 92 20.68 -0.24 11.32
CA ALA A 92 19.87 -1.49 11.16
C ALA A 92 18.39 -1.15 11.18
N ILE A 93 18.08 -0.02 11.74
CA ILE A 93 16.66 0.43 11.81
C ILE A 93 16.30 1.20 10.54
N LYS A 94 17.16 2.09 10.12
CA LYS A 94 16.88 2.87 8.88
C LYS A 94 16.72 1.90 7.70
N CYS A 95 17.63 0.95 7.59
CA CYS A 95 17.53 -0.04 6.48
C CYS A 95 16.34 -0.96 6.73
N GLU A 96 16.21 -1.47 7.94
CA GLU A 96 15.05 -2.38 8.26
C GLU A 96 13.76 -1.73 7.73
N ASP A 97 13.69 -0.43 7.77
CA ASP A 97 12.49 0.26 7.26
C ASP A 97 12.53 0.29 5.73
N LYS A 98 13.66 0.63 5.15
CA LYS A 98 13.78 0.67 3.66
C LYS A 98 13.16 -0.59 3.06
N PHE A 99 13.40 -1.73 3.65
CA PHE A 99 12.79 -2.98 3.11
C PHE A 99 11.35 -3.09 3.56
N THR A 100 11.04 -2.64 4.76
CA THR A 100 9.63 -2.71 5.23
C THR A 100 8.72 -2.09 4.17
N LYS A 101 9.09 -0.94 3.68
CA LYS A 101 8.28 -0.26 2.64
C LYS A 101 8.59 -0.89 1.29
N SER A 102 9.84 -1.01 0.95
CA SER A 102 10.21 -1.61 -0.35
C SER A 102 9.68 -3.04 -0.46
N LYS A 103 9.37 -3.65 0.66
CA LYS A 103 8.84 -5.04 0.64
C LYS A 103 7.31 -5.00 0.54
N THR A 104 6.68 -4.04 1.16
CA THR A 104 5.20 -3.95 1.05
C THR A 104 4.87 -3.61 -0.40
N VAL A 105 5.54 -2.63 -0.95
CA VAL A 105 5.32 -2.25 -2.37
C VAL A 105 5.76 -3.41 -3.27
N TYR A 106 6.87 -4.02 -2.95
CA TYR A 106 7.36 -5.15 -3.75
C TYR A 106 6.35 -6.30 -3.66
N SER A 107 6.02 -6.73 -2.47
CA SER A 107 5.03 -7.82 -2.31
C SER A 107 3.68 -7.39 -2.90
N ILE A 108 3.33 -6.14 -2.72
CA ILE A 108 2.04 -5.65 -3.30
C ILE A 108 2.02 -5.98 -4.79
N LEU A 109 3.12 -5.79 -5.46
CA LEU A 109 3.18 -6.12 -6.91
C LEU A 109 3.02 -7.62 -7.11
N ARG A 110 3.72 -8.41 -6.32
CA ARG A 110 3.61 -9.89 -6.45
C ARG A 110 2.14 -10.31 -6.44
N HIS A 111 1.42 -9.95 -5.41
CA HIS A 111 -0.02 -10.31 -5.33
C HIS A 111 -0.78 -9.64 -6.47
N VAL A 112 -0.55 -8.38 -6.70
CA VAL A 112 -1.26 -7.66 -7.81
C VAL A 112 -1.19 -8.53 -9.06
N ALA A 113 -0.03 -9.03 -9.37
CA ALA A 113 0.14 -9.90 -10.55
C ALA A 113 -0.57 -11.24 -10.32
N GLU A 114 -0.43 -11.78 -9.13
CA GLU A 114 -1.10 -13.09 -8.84
C GLU A 114 -2.61 -12.98 -9.05
N VAL A 115 -3.15 -11.79 -8.98
CA VAL A 115 -4.61 -11.61 -9.18
C VAL A 115 -4.89 -11.33 -10.65
N LEU A 116 -3.99 -10.68 -11.34
CA LEU A 116 -4.21 -10.38 -12.78
C LEU A 116 -3.62 -11.50 -13.64
N GLU A 117 -3.28 -12.59 -13.01
CA GLU A 117 -2.72 -13.76 -13.75
C GLU A 117 -1.32 -13.43 -14.27
N TYR A 118 -0.41 -13.11 -13.39
CA TYR A 118 0.98 -12.78 -13.83
C TYR A 118 1.96 -13.80 -13.23
N THR A 119 1.56 -15.04 -13.17
CA THR A 119 2.45 -16.09 -12.59
C THR A 119 3.32 -16.71 -13.69
N LYS A 120 3.70 -15.94 -14.67
CA LYS A 120 4.55 -16.48 -15.77
C LYS A 120 6.02 -16.14 -15.52
N ASP A 121 6.42 -16.04 -14.27
CA ASP A 121 7.84 -15.70 -13.95
C ASP A 121 8.24 -14.37 -14.62
N GLU A 122 8.64 -14.42 -15.87
CA GLU A 122 9.05 -13.18 -16.59
C GLU A 122 7.98 -12.08 -16.42
N GLN A 123 6.73 -12.47 -16.36
CA GLN A 123 5.62 -11.47 -16.20
C GLN A 123 5.69 -10.80 -14.83
N LEU A 124 5.54 -11.56 -13.78
CA LEU A 124 5.60 -10.97 -12.40
C LEU A 124 6.82 -10.07 -12.28
N GLU A 125 7.95 -10.54 -12.72
CA GLU A 125 9.19 -9.72 -12.65
C GLU A 125 9.06 -8.53 -13.61
N SER A 126 8.27 -8.69 -14.64
CA SER A 126 8.08 -7.57 -15.60
C SER A 126 7.34 -6.43 -14.91
N LEU A 127 6.32 -6.76 -14.16
CA LEU A 127 5.55 -5.70 -13.44
C LEU A 127 6.49 -5.02 -12.44
N PHE A 128 7.25 -5.80 -11.73
CA PHE A 128 8.22 -5.24 -10.76
C PHE A 128 9.10 -4.19 -11.43
N GLN A 129 9.63 -4.50 -12.59
CA GLN A 129 10.50 -3.53 -13.31
C GLN A 129 9.66 -2.43 -13.94
N ARG A 130 8.38 -2.63 -14.07
CA ARG A 130 7.53 -1.57 -14.69
C ARG A 130 6.91 -0.65 -13.63
N THR A 131 7.17 -0.87 -12.36
CA THR A 131 6.57 0.03 -11.32
C THR A 131 7.50 0.19 -10.11
N ALA A 132 7.51 -0.77 -9.22
CA ALA A 132 8.38 -0.66 -8.00
C ALA A 132 9.79 -0.23 -8.38
N TRP A 133 10.25 -0.61 -9.54
CA TRP A 133 11.63 -0.23 -9.96
C TRP A 133 11.60 1.06 -10.77
N VAL A 134 10.46 1.42 -11.31
CA VAL A 134 10.39 2.69 -12.07
C VAL A 134 10.45 3.84 -11.07
N PHE A 135 9.75 3.70 -9.97
CA PHE A 135 9.78 4.75 -8.92
C PHE A 135 11.07 4.61 -8.12
N ASP A 136 11.42 3.40 -7.75
CA ASP A 136 12.69 3.20 -7.00
C ASP A 136 13.84 3.84 -7.79
N ASP A 137 13.71 3.88 -9.10
CA ASP A 137 14.76 4.49 -9.95
C ASP A 137 14.43 5.96 -10.22
N LYS A 138 13.19 6.29 -10.05
CA LYS A 138 12.74 7.69 -10.31
C LYS A 138 13.38 8.65 -9.28
N TYR A 139 13.45 8.26 -8.04
CA TYR A 139 14.06 9.17 -7.02
C TYR A 139 15.41 8.63 -6.57
N LYS A 140 16.07 7.87 -7.41
CA LYS A 140 17.41 7.31 -7.04
C LYS A 140 17.39 6.79 -5.59
N ARG A 141 16.34 6.11 -5.21
CA ARG A 141 16.24 5.59 -3.82
C ARG A 141 16.16 4.06 -3.83
N PRO A 142 16.57 3.47 -2.72
CA PRO A 142 16.55 1.99 -2.61
C PRO A 142 15.13 1.49 -2.33
N GLY A 143 14.23 1.68 -3.26
CA GLY A 143 12.83 1.21 -3.05
C GLY A 143 12.00 2.27 -2.33
N TYR A 144 12.58 2.93 -1.36
CA TYR A 144 11.82 3.98 -0.60
C TYR A 144 11.03 4.87 -1.57
N GLY A 145 11.55 5.07 -2.75
CA GLY A 145 10.83 5.90 -3.75
C GLY A 145 9.61 5.13 -4.25
N ALA A 146 9.77 3.86 -4.50
CA ALA A 146 8.62 3.03 -4.98
C ALA A 146 7.46 3.14 -4.00
N TYR A 147 7.74 3.11 -2.72
CA TYR A 147 6.63 3.21 -1.73
C TYR A 147 6.03 4.61 -1.74
N ASP A 148 6.80 5.61 -1.38
CA ASP A 148 6.27 7.01 -1.37
C ASP A 148 5.45 7.28 -2.64
N ALA A 149 5.91 6.77 -3.75
CA ALA A 149 5.17 6.96 -5.03
C ALA A 149 3.88 6.13 -5.00
N PHE A 150 3.91 4.99 -4.37
CA PHE A 150 2.69 4.13 -4.31
C PHE A 150 1.70 4.70 -3.29
N LYS A 151 2.13 5.63 -2.47
CA LYS A 151 1.20 6.22 -1.48
C LYS A 151 0.61 7.52 -2.04
N HIS A 152 1.34 8.20 -2.88
CA HIS A 152 0.84 9.48 -3.46
C HIS A 152 0.16 9.23 -4.82
N ALA A 153 0.37 8.08 -5.41
CA ALA A 153 -0.26 7.79 -6.74
C ALA A 153 -1.76 7.53 -6.56
N VAL A 154 -2.21 7.43 -5.33
CA VAL A 154 -3.67 7.16 -5.08
C VAL A 154 -4.49 8.41 -5.42
N SER A 155 -3.96 9.57 -5.14
CA SER A 155 -4.71 10.83 -5.43
C SER A 155 -3.90 11.73 -6.38
N ASP A 156 -2.59 11.60 -6.37
CA ASP A 156 -1.76 12.44 -7.27
C ASP A 156 -1.15 11.59 -8.39
N PRO A 157 -1.94 11.33 -9.39
CA PRO A 157 -1.47 10.51 -10.54
C PRO A 157 -0.52 11.33 -11.43
N SER A 158 -0.19 12.53 -11.04
CA SER A 158 0.72 13.37 -11.88
C SER A 158 2.16 12.82 -11.83
N ILE A 159 2.48 12.02 -10.84
CA ILE A 159 3.86 11.45 -10.75
C ILE A 159 4.00 10.25 -11.69
N LEU A 160 2.91 9.67 -12.09
CA LEU A 160 2.97 8.50 -13.01
C LEU A 160 2.37 8.85 -14.36
N ASP A 161 2.43 10.11 -14.74
CA ASP A 161 1.86 10.53 -16.04
C ASP A 161 2.53 9.75 -17.19
N SER A 162 3.77 9.41 -17.03
CA SER A 162 4.49 8.64 -18.08
C SER A 162 4.43 7.14 -17.76
N LEU A 163 3.50 6.74 -16.93
CA LEU A 163 3.37 5.30 -16.58
C LEU A 163 2.36 4.64 -17.51
N ASP A 164 2.64 4.60 -18.78
CA ASP A 164 1.69 3.98 -19.75
C ASP A 164 1.31 2.57 -19.31
N LEU A 165 0.25 2.44 -18.55
CA LEU A 165 -0.18 1.09 -18.09
C LEU A 165 -1.60 0.81 -18.59
N ASN A 166 -2.11 -0.36 -18.33
CA ASN A 166 -3.49 -0.69 -18.80
C ASN A 166 -4.54 -0.14 -17.83
N GLU A 167 -5.75 0.00 -18.29
CA GLU A 167 -6.83 0.51 -17.40
C GLU A 167 -7.21 -0.56 -16.39
N ASP A 168 -6.79 -1.75 -16.64
CA ASP A 168 -7.07 -2.89 -15.73
C ASP A 168 -5.95 -2.99 -14.69
N GLU A 169 -4.73 -2.91 -15.15
CA GLU A 169 -3.57 -2.99 -14.20
C GLU A 169 -3.45 -1.67 -13.41
N ARG A 170 -3.87 -0.59 -13.99
CA ARG A 170 -3.78 0.72 -13.29
C ARG A 170 -4.83 0.78 -12.18
N GLU A 171 -5.94 0.13 -12.37
CA GLU A 171 -7.01 0.14 -11.33
C GLU A 171 -6.66 -0.82 -10.20
N VAL A 172 -6.21 -1.99 -10.53
CA VAL A 172 -5.87 -2.99 -9.47
C VAL A 172 -4.62 -2.53 -8.69
N LEU A 173 -3.66 -1.96 -9.37
CA LEU A 173 -2.44 -1.50 -8.66
C LEU A 173 -2.77 -0.26 -7.82
N ILE A 174 -3.47 0.69 -8.38
CA ILE A 174 -3.83 1.93 -7.63
C ILE A 174 -4.86 1.60 -6.54
N ASN A 175 -5.73 0.67 -6.79
CA ASN A 175 -6.76 0.33 -5.76
C ASN A 175 -6.10 -0.36 -4.57
N ASN A 176 -5.13 -1.18 -4.82
CA ASN A 176 -4.43 -1.88 -3.71
C ASN A 176 -3.62 -0.89 -2.89
N ILE A 177 -2.85 -0.04 -3.53
CA ILE A 177 -2.03 0.95 -2.77
C ILE A 177 -2.94 1.91 -1.98
N ASN A 178 -4.08 2.23 -2.50
CA ASN A 178 -4.99 3.16 -1.78
C ASN A 178 -5.77 2.40 -0.71
N ARG A 179 -6.22 1.21 -1.02
CA ARG A 179 -6.97 0.42 0.00
C ARG A 179 -5.99 -0.10 1.06
N ARG A 180 -4.72 0.04 0.82
CA ARG A 180 -3.71 -0.45 1.80
C ARG A 180 -2.91 0.72 2.39
N LEU A 181 -2.69 1.76 1.63
CA LEU A 181 -1.92 2.92 2.18
C LEU A 181 -2.88 4.03 2.61
N THR A 182 -4.10 3.97 2.17
CA THR A 182 -5.08 5.02 2.55
C THR A 182 -6.29 4.37 3.26
N PRO A 183 -6.23 4.32 4.57
CA PRO A 183 -7.34 3.74 5.36
C PRO A 183 -8.42 4.78 5.63
N GLN A 184 -8.72 5.60 4.66
CA GLN A 184 -9.76 6.64 4.86
C GLN A 184 -10.76 6.57 3.70
N ALA A 185 -11.53 7.61 3.48
CA ALA A 185 -12.54 7.61 2.37
C ALA A 185 -13.75 6.80 2.80
N VAL A 186 -14.74 7.46 3.33
CA VAL A 186 -15.95 6.73 3.81
C VAL A 186 -17.15 7.01 2.89
N LYS A 187 -18.24 6.33 3.15
CA LYS A 187 -19.48 6.54 2.34
C LYS A 187 -20.33 7.58 3.05
N ILE A 188 -20.48 8.73 2.47
CA ILE A 188 -21.29 9.78 3.13
C ILE A 188 -22.67 9.86 2.49
N ARG A 189 -23.67 10.20 3.25
CA ARG A 189 -25.04 10.31 2.66
C ARG A 189 -25.94 11.25 3.47
N ALA A 190 -26.50 12.22 2.80
CA ALA A 190 -27.42 13.18 3.48
C ALA A 190 -28.76 13.18 2.75
N ASP A 191 -29.78 13.76 3.31
CA ASP A 191 -31.09 13.79 2.61
C ASP A 191 -31.42 15.22 2.20
N ILE A 192 -31.98 15.40 1.04
CA ILE A 192 -32.31 16.78 0.60
C ILE A 192 -33.55 16.77 -0.31
N GLU A 193 -34.29 17.84 -0.33
CA GLU A 193 -35.50 17.88 -1.18
C GLU A 193 -35.35 18.99 -2.22
N VAL A 194 -35.05 18.61 -3.44
CA VAL A 194 -34.89 19.63 -4.52
C VAL A 194 -36.18 19.71 -5.33
N ALA A 195 -36.55 20.88 -5.76
CA ALA A 195 -37.80 21.03 -6.56
C ALA A 195 -37.78 22.32 -7.37
N CYS A 196 -38.44 22.35 -8.50
CA CYS A 196 -38.45 23.58 -9.33
C CYS A 196 -39.89 24.07 -9.59
N TYR A 197 -40.83 23.56 -8.84
CA TYR A 197 -42.26 23.97 -9.00
C TYR A 197 -42.60 24.27 -10.48
N GLY A 198 -42.64 23.25 -11.30
CA GLY A 198 -42.95 23.48 -12.74
C GLY A 198 -42.36 22.34 -13.58
N TYR A 199 -42.75 22.23 -14.81
CA TYR A 199 -42.21 21.15 -15.68
C TYR A 199 -40.98 21.66 -16.46
N GLU A 200 -40.90 22.94 -16.66
CA GLU A 200 -39.73 23.51 -17.40
C GLU A 200 -38.52 23.66 -16.46
N GLY A 201 -38.72 23.39 -15.20
CA GLY A 201 -37.60 23.52 -14.21
C GLY A 201 -36.88 22.19 -14.06
N ILE A 202 -37.46 21.12 -14.57
CA ILE A 202 -36.80 19.79 -14.45
C ILE A 202 -35.34 19.89 -14.93
N ASP A 203 -35.07 20.84 -15.77
CA ASP A 203 -33.67 21.01 -16.27
C ASP A 203 -32.79 21.58 -15.15
N ALA A 204 -33.38 22.27 -14.22
CA ALA A 204 -32.58 22.83 -13.10
C ALA A 204 -32.44 21.75 -12.02
N VAL A 205 -33.40 20.87 -11.94
CA VAL A 205 -33.34 19.78 -10.94
C VAL A 205 -32.18 18.84 -11.31
N LYS A 206 -32.17 18.35 -12.53
CA LYS A 206 -31.07 17.44 -12.96
C LYS A 206 -29.74 18.19 -12.97
N GLU A 207 -29.72 19.38 -13.51
CA GLU A 207 -28.45 20.16 -13.54
C GLU A 207 -27.99 20.48 -12.12
N ALA A 208 -28.91 20.57 -11.19
CA ALA A 208 -28.51 20.86 -9.79
C ALA A 208 -27.74 19.67 -9.22
N LEU A 209 -28.37 18.53 -9.16
CA LEU A 209 -27.67 17.32 -8.62
C LEU A 209 -26.29 17.21 -9.27
N ARG A 210 -26.19 17.47 -10.55
CA ARG A 210 -24.88 17.41 -11.22
C ARG A 210 -23.95 18.46 -10.62
N ALA A 211 -24.50 19.58 -10.22
CA ALA A 211 -23.66 20.65 -9.61
C ALA A 211 -23.02 20.11 -8.33
N GLY A 212 -23.78 19.34 -7.58
CA GLY A 212 -23.22 18.75 -6.33
C GLY A 212 -22.32 17.58 -6.72
N LEU A 213 -22.63 16.94 -7.83
CA LEU A 213 -21.79 15.80 -8.28
C LEU A 213 -20.54 16.33 -9.00
N ASN A 214 -20.56 17.59 -9.39
CA ASN A 214 -19.36 18.18 -10.07
C ASN A 214 -18.50 18.87 -9.02
N CYS A 215 -19.09 19.26 -7.92
CA CYS A 215 -18.32 19.92 -6.83
C CYS A 215 -17.79 18.84 -5.87
N SER A 216 -17.55 17.67 -6.40
CA SER A 216 -17.05 16.57 -5.55
C SER A 216 -15.52 16.59 -5.46
N THR A 217 -14.89 15.45 -5.49
CA THR A 217 -13.40 15.39 -5.40
C THR A 217 -12.85 14.59 -6.58
N GLU A 218 -11.58 14.28 -6.57
CA GLU A 218 -10.99 13.49 -7.70
C GLU A 218 -11.90 12.31 -8.06
N ASN A 219 -12.13 12.08 -9.33
CA ASN A 219 -13.03 10.96 -9.76
C ASN A 219 -14.50 11.34 -9.49
N MET A 220 -14.73 12.49 -8.89
CA MET A 220 -16.12 12.95 -8.59
C MET A 220 -17.05 11.77 -8.26
N PRO A 221 -16.69 11.03 -7.24
CA PRO A 221 -17.49 9.85 -6.85
C PRO A 221 -18.65 10.26 -5.93
N ILE A 222 -19.80 10.49 -6.49
CA ILE A 222 -20.98 10.87 -5.66
C ILE A 222 -22.27 10.38 -6.32
N LYS A 223 -23.23 9.95 -5.55
CA LYS A 223 -24.51 9.45 -6.16
C LYS A 223 -25.72 10.18 -5.56
N ILE A 224 -26.41 10.97 -6.34
CA ILE A 224 -27.61 11.68 -5.82
C ILE A 224 -28.84 11.28 -6.63
N ASN A 225 -29.76 10.57 -6.03
CA ASN A 225 -30.98 10.12 -6.78
C ASN A 225 -32.22 10.34 -5.93
N LEU A 226 -33.39 10.20 -6.51
CA LEU A 226 -34.64 10.40 -5.74
C LEU A 226 -35.19 9.04 -5.29
N ILE A 227 -35.41 8.88 -4.03
CA ILE A 227 -35.98 7.60 -3.51
C ILE A 227 -37.40 7.86 -3.00
N ALA A 228 -37.78 9.12 -2.94
CA ALA A 228 -39.15 9.47 -2.46
C ALA A 228 -39.41 10.96 -2.71
N PRO A 229 -40.67 11.32 -2.75
CA PRO A 229 -41.04 12.73 -2.99
C PRO A 229 -40.73 13.67 -1.79
N PRO A 230 -40.78 13.17 -0.57
CA PRO A 230 -40.48 14.05 0.60
C PRO A 230 -38.99 14.40 0.68
N ARG A 231 -38.13 13.65 0.03
CA ARG A 231 -36.68 13.97 0.10
C ARG A 231 -35.88 13.15 -0.91
N TYR A 232 -34.63 13.49 -1.09
CA TYR A 232 -33.77 12.76 -2.07
C TYR A 232 -32.60 12.11 -1.32
N VAL A 233 -31.74 11.44 -2.01
CA VAL A 233 -30.57 10.81 -1.34
C VAL A 233 -29.27 11.21 -2.04
N MET A 234 -28.33 11.75 -1.32
CA MET A 234 -27.05 12.16 -1.95
C MET A 234 -25.88 11.54 -1.18
N THR A 235 -25.20 10.61 -1.78
CA THR A 235 -24.07 9.95 -1.07
C THR A 235 -22.78 10.09 -1.88
N THR A 236 -21.69 9.58 -1.37
CA THR A 236 -20.39 9.69 -2.10
C THR A 236 -19.27 9.02 -1.31
N THR A 237 -18.10 9.02 -1.87
CA THR A 237 -16.92 8.43 -1.17
C THR A 237 -15.85 9.52 -1.03
N THR A 238 -15.54 9.93 0.17
CA THR A 238 -14.53 11.01 0.33
C THR A 238 -13.60 10.74 1.50
N LEU A 239 -12.33 10.92 1.30
CA LEU A 239 -11.34 10.70 2.39
C LEU A 239 -11.72 11.52 3.63
N GLU A 240 -11.45 11.02 4.81
CA GLU A 240 -11.83 11.76 6.05
C GLU A 240 -13.35 11.88 6.11
N ARG A 241 -13.94 11.67 7.26
CA ARG A 241 -15.43 11.76 7.35
C ARG A 241 -15.90 13.21 7.23
N THR A 242 -15.14 14.13 7.75
CA THR A 242 -15.54 15.57 7.68
C THR A 242 -15.44 16.07 6.24
N GLU A 243 -14.27 16.04 5.64
CA GLU A 243 -14.11 16.53 4.24
C GLU A 243 -15.23 15.99 3.35
N GLY A 244 -15.54 14.72 3.46
CA GLY A 244 -16.63 14.14 2.62
C GLY A 244 -17.91 14.93 2.86
N LEU A 245 -18.49 14.81 4.02
CA LEU A 245 -19.73 15.57 4.32
C LEU A 245 -19.52 17.05 3.97
N SER A 246 -18.28 17.49 4.00
CA SER A 246 -17.99 18.90 3.65
C SER A 246 -18.36 19.12 2.17
N VAL A 247 -18.15 18.13 1.35
CA VAL A 247 -18.53 18.27 -0.09
C VAL A 247 -20.05 18.11 -0.19
N LEU A 248 -20.64 17.39 0.73
CA LEU A 248 -22.12 17.21 0.72
C LEU A 248 -22.79 18.56 0.97
N SER A 249 -22.54 19.15 2.11
CA SER A 249 -23.17 20.48 2.40
C SER A 249 -22.82 21.47 1.28
N GLN A 250 -21.55 21.59 0.97
CA GLN A 250 -21.13 22.52 -0.13
C GLN A 250 -22.01 22.30 -1.36
N ALA A 251 -22.31 21.06 -1.66
CA ALA A 251 -23.18 20.76 -2.84
C ALA A 251 -24.64 21.05 -2.47
N MET A 252 -25.03 20.75 -1.26
CA MET A 252 -26.42 21.01 -0.83
C MET A 252 -26.75 22.50 -1.01
N ALA A 253 -25.75 23.34 -0.92
CA ALA A 253 -25.99 24.80 -1.11
C ALA A 253 -25.92 25.10 -2.60
N VAL A 254 -25.02 24.43 -3.27
CA VAL A 254 -24.89 24.65 -4.74
C VAL A 254 -26.19 24.23 -5.43
N ILE A 255 -26.67 23.05 -5.18
CA ILE A 255 -27.96 22.62 -5.80
C ILE A 255 -29.06 23.53 -5.27
N LYS A 256 -29.05 23.81 -3.98
CA LYS A 256 -30.07 24.74 -3.44
C LYS A 256 -29.99 26.04 -4.26
N GLU A 257 -28.84 26.30 -4.84
CA GLU A 257 -28.69 27.51 -5.68
C GLU A 257 -29.11 27.16 -7.12
N LYS A 258 -28.80 25.97 -7.59
CA LYS A 258 -29.21 25.60 -8.98
C LYS A 258 -30.73 25.39 -9.03
N ILE A 259 -31.38 25.41 -7.90
CA ILE A 259 -32.85 25.22 -7.89
C ILE A 259 -33.54 26.51 -7.44
N GLU A 260 -32.89 27.28 -6.60
CA GLU A 260 -33.49 28.56 -6.13
C GLU A 260 -33.48 29.59 -7.26
N GLU A 261 -32.47 29.56 -8.10
CA GLU A 261 -32.42 30.54 -9.22
C GLU A 261 -33.57 30.30 -10.19
N LYS A 262 -34.09 29.10 -10.22
CA LYS A 262 -35.23 28.80 -11.15
C LYS A 262 -36.53 28.69 -10.35
N ARG A 263 -36.67 29.49 -9.33
CA ARG A 263 -37.91 29.43 -8.50
C ARG A 263 -38.18 28.00 -8.04
N GLY A 264 -37.24 27.41 -7.35
CA GLY A 264 -37.43 26.02 -6.87
C GLY A 264 -37.38 25.99 -5.35
N VAL A 265 -37.00 24.87 -4.78
CA VAL A 265 -36.93 24.77 -3.29
C VAL A 265 -35.94 23.67 -2.88
N PHE A 266 -35.38 23.80 -1.71
CA PHE A 266 -34.41 22.77 -1.22
C PHE A 266 -34.70 22.44 0.24
N ASN A 267 -34.57 21.21 0.63
CA ASN A 267 -34.83 20.86 2.06
C ASN A 267 -34.03 19.63 2.51
N VAL A 268 -33.14 19.81 3.44
CA VAL A 268 -32.34 18.66 3.95
C VAL A 268 -33.24 17.76 4.81
N GLN A 269 -32.93 16.50 4.96
CA GLN A 269 -33.80 15.62 5.78
C GLN A 269 -33.00 14.86 6.85
N MET A 270 -31.72 14.70 6.68
CA MET A 270 -30.92 13.97 7.71
C MET A 270 -29.50 14.53 7.79
N GLU A 271 -29.29 15.73 7.31
CA GLU A 271 -27.92 16.33 7.36
C GLU A 271 -26.90 15.35 6.74
N PRO A 272 -25.67 15.75 6.75
CA PRO A 272 -24.60 14.88 6.19
C PRO A 272 -24.28 13.78 7.21
N LYS A 273 -24.54 12.54 6.86
CA LYS A 273 -24.25 11.43 7.82
C LYS A 273 -23.30 10.41 7.19
N VAL A 274 -22.08 10.37 7.65
CA VAL A 274 -21.10 9.40 7.10
C VAL A 274 -21.58 7.96 7.34
N VAL A 275 -21.11 7.03 6.54
CA VAL A 275 -21.54 5.61 6.73
C VAL A 275 -20.37 4.79 7.28
N THR A 276 -20.60 4.09 8.36
CA THR A 276 -19.51 3.27 8.97
C THR A 276 -19.93 1.79 8.99
N ASP A 277 -19.26 0.96 8.24
CA ASP A 277 -19.61 -0.48 8.22
C ASP A 277 -19.12 -1.19 9.47
N THR A 278 -18.33 -0.54 10.29
CA THR A 278 -17.83 -1.19 11.53
C THR A 278 -18.83 -1.01 12.66
N ASP A 279 -19.77 -0.12 12.53
CA ASP A 279 -20.77 0.09 13.62
C ASP A 279 -21.84 -1.01 13.56
N GLU A 280 -21.93 -1.72 12.47
CA GLU A 280 -22.95 -2.80 12.35
C GLU A 280 -22.53 -4.03 13.15
N THR A 281 -21.40 -4.61 12.83
CA THR A 281 -20.95 -5.83 13.57
C THR A 281 -20.83 -5.53 15.07
N GLU A 282 -20.75 -4.27 15.45
CA GLU A 282 -20.65 -3.92 16.89
C GLU A 282 -21.73 -4.65 17.69
N LEU A 283 -22.84 -4.96 17.05
CA LEU A 283 -23.94 -5.67 17.76
C LEU A 283 -23.57 -7.14 18.00
N ALA A 284 -22.54 -7.63 17.36
CA ALA A 284 -22.14 -9.05 17.56
C ALA A 284 -21.48 -9.23 18.93
N ARG A 285 -20.97 -8.17 19.49
CA ARG A 285 -20.32 -8.28 20.83
C ARG A 285 -21.38 -8.35 21.92
N GLN A 286 -22.60 -7.96 21.62
CA GLN A 286 -23.68 -8.02 22.64
C GLN A 286 -24.39 -9.38 22.54
N MET A 287 -25.14 -9.61 21.51
CA MET A 287 -25.85 -10.91 21.36
C MET A 287 -24.83 -12.03 21.09
N GLU A 288 -24.57 -12.85 22.08
CA GLU A 288 -23.59 -13.96 21.87
C GLU A 288 -24.19 -15.00 20.91
N ARG A 289 -23.48 -15.32 19.86
CA ARG A 289 -23.99 -16.33 18.88
C ARG A 289 -23.32 -17.68 19.12
N LEU A 290 -22.12 -17.68 19.64
CA LEU A 290 -21.41 -18.97 19.90
C LEU A 290 -21.79 -19.52 21.27
N GLU A 291 -22.33 -18.69 22.13
CA GLU A 291 -22.72 -19.18 23.49
C GLU A 291 -24.24 -19.37 23.54
N ARG A 292 -24.86 -19.63 22.42
CA ARG A 292 -26.34 -19.81 22.41
C ARG A 292 -26.69 -21.29 22.71
N GLU A 293 -25.70 -22.14 22.85
CA GLU A 293 -25.98 -23.57 23.14
C GLU A 293 -25.98 -23.82 24.65
N ASN A 294 -26.73 -24.79 25.11
CA ASN A 294 -26.77 -25.10 26.58
C ASN A 294 -26.42 -26.57 26.81
N ALA A 295 -27.28 -27.47 26.41
CA ALA A 295 -27.00 -28.91 26.62
C ALA A 295 -27.71 -29.74 25.55
N GLU A 296 -27.12 -29.87 24.38
CA GLU A 296 -27.77 -30.67 23.30
C GLU A 296 -29.20 -30.18 23.07
N VAL A 297 -29.94 -30.82 22.20
CA VAL A 297 -31.34 -30.38 21.95
C VAL A 297 -32.28 -31.05 22.96
N ASP A 298 -32.62 -30.34 24.01
CA ASP A 298 -33.52 -30.92 25.06
C ASP A 298 -34.90 -30.25 25.03
N GLY A 299 -35.41 -29.95 23.87
CA GLY A 299 -36.75 -29.29 23.79
C GLY A 299 -37.81 -30.32 24.19
N ASP A 300 -38.73 -30.61 23.31
CA ASP A 300 -39.79 -31.61 23.64
C ASP A 300 -39.74 -32.77 22.66
N MET A 1 17.51 -5.46 -3.69
CA MET A 1 18.18 -5.37 -5.02
C MET A 1 17.49 -4.31 -5.88
N SER A 2 17.71 -3.05 -5.60
CA SER A 2 17.08 -1.98 -6.40
C SER A 2 17.37 -2.20 -7.89
N CYS A 3 16.46 -1.82 -8.75
CA CYS A 3 16.68 -2.02 -10.21
C CYS A 3 16.09 -0.85 -11.01
N ARG A 4 16.50 0.35 -10.69
CA ARG A 4 15.99 1.56 -11.42
C ARG A 4 14.55 1.87 -11.04
N PHE A 5 14.31 3.03 -10.48
CA PHE A 5 12.92 3.41 -10.07
C PHE A 5 12.33 4.40 -11.09
N TYR A 6 13.15 4.98 -11.92
CA TYR A 6 12.65 5.95 -12.93
C TYR A 6 13.35 5.71 -14.27
N GLN A 7 12.60 5.36 -15.29
CA GLN A 7 13.22 5.12 -16.63
C GLN A 7 14.30 6.17 -16.93
N HIS A 8 14.00 7.42 -16.66
CA HIS A 8 15.00 8.52 -16.91
C HIS A 8 14.28 9.88 -16.84
N LYS A 9 14.31 10.53 -15.70
CA LYS A 9 13.65 11.87 -15.56
C LYS A 9 13.76 12.34 -14.11
N PHE A 10 14.86 12.93 -13.75
CA PHE A 10 15.03 13.43 -12.36
C PHE A 10 15.02 14.96 -12.34
N PRO A 11 14.86 15.51 -11.16
CA PRO A 11 14.84 16.98 -11.02
C PRO A 11 16.23 17.56 -11.23
N GLU A 12 16.38 18.84 -11.09
CA GLU A 12 17.72 19.46 -11.29
C GLU A 12 18.17 20.18 -10.03
N VAL A 13 19.20 19.68 -9.38
CA VAL A 13 19.69 20.34 -8.13
C VAL A 13 18.58 20.31 -7.08
N GLU A 14 17.78 19.29 -7.10
CA GLU A 14 16.66 19.19 -6.11
C GLU A 14 16.26 17.72 -5.89
N ASP A 15 17.17 16.82 -6.14
CA ASP A 15 16.84 15.37 -5.93
C ASP A 15 17.36 14.89 -4.58
N VAL A 16 16.49 14.42 -3.71
CA VAL A 16 16.95 13.93 -2.38
C VAL A 16 16.70 12.43 -2.25
N VAL A 17 17.75 11.63 -2.20
CA VAL A 17 17.56 10.16 -2.07
C VAL A 17 18.73 9.54 -1.30
N MET A 18 18.72 8.24 -1.13
CA MET A 18 19.84 7.57 -0.40
C MET A 18 20.82 7.00 -1.42
N VAL A 19 22.08 6.93 -1.08
CA VAL A 19 23.08 6.42 -2.08
C VAL A 19 24.15 5.56 -1.39
N ASN A 20 24.88 4.78 -2.13
CA ASN A 20 25.96 3.96 -1.52
C ASN A 20 27.32 4.38 -2.08
N VAL A 21 28.35 4.35 -1.27
CA VAL A 21 29.70 4.77 -1.74
C VAL A 21 30.27 3.76 -2.74
N ARG A 22 30.60 4.20 -3.93
CA ARG A 22 31.19 3.28 -4.94
C ARG A 22 32.69 3.53 -5.02
N SER A 23 33.08 4.72 -5.43
CA SER A 23 34.53 5.04 -5.51
C SER A 23 34.84 6.33 -4.72
N ILE A 24 35.60 6.25 -3.67
CA ILE A 24 35.90 7.48 -2.88
C ILE A 24 37.17 8.15 -3.43
N GLN A 25 37.15 9.45 -3.53
CA GLN A 25 38.34 10.18 -4.07
C GLN A 25 38.84 11.23 -3.06
N GLU A 26 40.02 11.74 -3.26
CA GLU A 26 40.56 12.77 -2.32
C GLU A 26 39.94 14.14 -2.61
N MET A 27 39.61 14.41 -3.85
CA MET A 27 38.99 15.72 -4.20
C MET A 27 37.50 15.57 -4.43
N GLY A 28 36.89 14.60 -3.81
CA GLY A 28 35.43 14.38 -4.00
C GLY A 28 35.10 12.92 -3.68
N ALA A 29 33.85 12.57 -3.66
CA ALA A 29 33.47 11.17 -3.36
C ALA A 29 32.53 10.63 -4.43
N TYR A 30 32.75 9.43 -4.88
CA TYR A 30 31.86 8.85 -5.92
C TYR A 30 30.89 7.88 -5.27
N VAL A 31 29.61 8.16 -5.34
CA VAL A 31 28.61 7.26 -4.71
C VAL A 31 27.62 6.75 -5.76
N SER A 32 26.63 6.00 -5.35
CA SER A 32 25.65 5.48 -6.33
C SER A 32 24.24 5.90 -5.89
N LEU A 33 23.70 6.92 -6.52
CA LEU A 33 22.34 7.39 -6.12
C LEU A 33 21.34 6.25 -6.20
N LEU A 34 21.04 5.65 -5.09
CA LEU A 34 20.07 4.51 -5.10
C LEU A 34 18.71 4.99 -5.59
N GLU A 35 18.44 4.80 -6.85
CA GLU A 35 17.14 5.22 -7.43
C GLU A 35 17.09 4.85 -8.91
N TYR A 36 18.21 4.90 -9.59
CA TYR A 36 18.25 4.54 -11.03
C TYR A 36 19.15 3.32 -11.23
N ASN A 37 18.83 2.21 -10.60
CA ASN A 37 19.68 0.99 -10.76
C ASN A 37 21.07 1.23 -10.16
N ASN A 38 21.13 1.93 -9.07
CA ASN A 38 22.44 2.21 -8.41
C ASN A 38 23.34 3.01 -9.37
N ILE A 39 22.89 4.17 -9.77
CA ILE A 39 23.71 5.00 -10.70
C ILE A 39 24.80 5.72 -9.92
N GLU A 40 26.05 5.55 -10.32
CA GLU A 40 27.15 6.23 -9.59
C GLU A 40 26.89 7.74 -9.51
N GLY A 41 27.77 8.49 -8.93
CA GLY A 41 27.55 9.95 -8.84
C GLY A 41 28.75 10.61 -8.18
N MET A 42 28.82 11.92 -8.25
CA MET A 42 29.97 12.63 -7.63
C MET A 42 29.45 13.58 -6.55
N ILE A 43 29.91 13.41 -5.34
CA ILE A 43 29.45 14.27 -4.24
C ILE A 43 30.60 15.18 -3.77
N HIS A 44 30.29 16.24 -3.05
CA HIS A 44 31.37 17.16 -2.59
C HIS A 44 31.74 16.88 -1.13
N LEU A 45 32.96 16.43 -0.89
CA LEU A 45 33.39 16.14 0.51
C LEU A 45 33.74 17.44 1.24
N SER A 46 34.03 18.47 0.48
CA SER A 46 34.39 19.77 1.11
C SER A 46 33.16 20.45 1.73
N GLU A 47 31.99 19.85 1.63
CA GLU A 47 30.79 20.49 2.23
C GLU A 47 30.18 19.53 3.24
N LEU A 48 30.54 18.28 3.19
CA LEU A 48 29.97 17.33 4.18
C LEU A 48 30.90 17.21 5.40
N SER A 49 32.00 17.92 5.39
CA SER A 49 32.95 17.85 6.52
C SER A 49 32.84 19.11 7.40
N ARG A 50 33.67 19.20 8.41
CA ARG A 50 33.64 20.39 9.31
C ARG A 50 35.05 20.92 9.54
N ARG A 51 35.89 20.13 10.15
CA ARG A 51 37.29 20.58 10.41
C ARG A 51 38.23 19.99 9.35
N ARG A 52 39.52 19.95 9.63
CA ARG A 52 40.48 19.39 8.64
C ARG A 52 40.01 18.00 8.17
N ILE A 53 40.48 17.54 7.04
CA ILE A 53 40.06 16.20 6.54
C ILE A 53 40.91 15.10 7.19
N ARG A 54 40.48 13.88 7.11
CA ARG A 54 41.26 12.76 7.73
C ARG A 54 40.69 11.41 7.31
N SER A 55 40.95 11.01 6.09
CA SER A 55 40.43 9.69 5.60
C SER A 55 38.91 9.62 5.77
N ILE A 56 38.16 10.18 4.86
CA ILE A 56 36.68 10.15 4.96
C ILE A 56 36.17 8.70 4.90
N ASN A 57 37.03 7.75 4.60
CA ASN A 57 36.59 6.33 4.52
C ASN A 57 36.10 5.83 5.90
N LYS A 58 36.26 6.62 6.92
CA LYS A 58 35.78 6.18 8.28
C LYS A 58 34.27 6.40 8.41
N LEU A 59 33.60 6.75 7.34
CA LEU A 59 32.13 6.99 7.41
C LEU A 59 31.38 5.99 6.54
N ILE A 60 31.54 6.08 5.25
CA ILE A 60 30.85 5.13 4.34
C ILE A 60 31.80 4.64 3.24
N ARG A 61 32.01 3.35 3.15
CA ARG A 61 32.93 2.81 2.11
C ARG A 61 32.38 1.48 1.58
N ILE A 62 31.83 1.50 0.40
CA ILE A 62 31.28 0.24 -0.23
C ILE A 62 30.44 -0.55 0.79
N GLY A 63 29.15 -0.47 0.70
CA GLY A 63 28.27 -1.22 1.65
C GLY A 63 27.72 -0.25 2.71
N ARG A 64 28.04 1.01 2.60
CA ARG A 64 27.53 1.99 3.59
C ARG A 64 26.61 3.01 2.89
N ASN A 65 25.33 2.75 2.88
CA ASN A 65 24.39 3.70 2.22
C ASN A 65 24.27 4.97 3.06
N GLU A 66 23.83 6.05 2.47
CA GLU A 66 23.71 7.32 3.24
C GLU A 66 22.59 8.19 2.66
N CYS A 67 22.24 9.24 3.35
CA CYS A 67 21.16 10.14 2.83
C CYS A 67 21.78 11.44 2.30
N VAL A 68 21.59 11.72 1.03
CA VAL A 68 22.17 12.97 0.45
C VAL A 68 21.20 13.57 -0.58
N LYS A 69 21.50 14.73 -1.08
CA LYS A 69 20.61 15.37 -2.09
C LYS A 69 21.42 15.86 -3.29
N VAL A 70 20.91 15.68 -4.47
CA VAL A 70 21.65 16.13 -5.69
C VAL A 70 21.87 17.65 -5.63
N ILE A 71 22.98 18.11 -6.13
CA ILE A 71 23.26 19.57 -6.09
C ILE A 71 23.42 20.12 -7.51
N ARG A 72 23.61 19.26 -8.48
CA ARG A 72 23.75 19.76 -9.89
C ARG A 72 23.99 18.59 -10.84
N VAL A 73 23.29 18.56 -11.94
CA VAL A 73 23.50 17.46 -12.93
C VAL A 73 24.00 18.03 -14.24
N ASP A 74 24.45 17.18 -15.10
CA ASP A 74 24.95 17.67 -16.42
C ASP A 74 23.99 17.18 -17.50
N LYS A 75 23.26 18.07 -18.10
CA LYS A 75 22.30 17.67 -19.18
C LYS A 75 23.03 17.54 -20.52
N GLU A 76 24.32 17.69 -20.48
CA GLU A 76 25.13 17.57 -21.72
C GLU A 76 25.74 16.16 -21.75
N LYS A 77 25.99 15.61 -20.60
CA LYS A 77 26.58 14.25 -20.52
C LYS A 77 25.71 13.34 -19.63
N GLY A 78 24.77 13.91 -18.91
CA GLY A 78 23.91 13.08 -18.02
C GLY A 78 24.70 12.71 -16.77
N TYR A 79 25.03 13.68 -15.96
CA TYR A 79 25.81 13.38 -14.73
C TYR A 79 25.00 13.79 -13.49
N ILE A 80 25.38 13.34 -12.33
CA ILE A 80 24.60 13.70 -11.10
C ILE A 80 25.54 14.11 -9.97
N ASP A 81 25.40 15.30 -9.46
CA ASP A 81 26.27 15.75 -8.33
C ASP A 81 25.53 15.50 -7.02
N LEU A 82 26.24 15.37 -5.93
CA LEU A 82 25.56 15.10 -4.63
C LEU A 82 26.12 15.98 -3.52
N SER A 83 25.36 16.21 -2.49
CA SER A 83 25.83 17.05 -1.35
C SER A 83 25.08 16.66 -0.07
N LYS A 84 25.77 16.57 1.03
CA LYS A 84 25.11 16.21 2.32
C LYS A 84 24.66 17.47 3.07
N ARG A 85 25.14 18.61 2.66
CA ARG A 85 24.75 19.88 3.37
C ARG A 85 23.31 20.26 3.03
N ARG A 86 22.65 19.51 2.18
CA ARG A 86 21.23 19.85 1.84
C ARG A 86 20.28 18.72 2.25
N VAL A 87 20.62 17.98 3.28
CA VAL A 87 19.72 16.87 3.71
C VAL A 87 18.75 17.37 4.79
N SER A 88 17.59 17.83 4.40
CA SER A 88 16.61 18.33 5.40
C SER A 88 15.61 17.23 5.76
N PRO A 89 14.92 17.42 6.86
CA PRO A 89 13.93 16.42 7.31
C PRO A 89 12.71 16.45 6.38
N GLU A 90 12.38 17.60 5.86
CA GLU A 90 11.22 17.70 4.92
C GLU A 90 11.47 16.81 3.71
N GLU A 91 12.65 16.89 3.14
CA GLU A 91 12.95 16.03 1.96
C GLU A 91 13.29 14.61 2.43
N ALA A 92 13.69 14.47 3.67
CA ALA A 92 14.00 13.11 4.19
C ALA A 92 12.71 12.34 4.42
N ILE A 93 11.64 13.04 4.59
CA ILE A 93 10.31 12.41 4.78
C ILE A 93 9.70 12.13 3.42
N LYS A 94 9.67 13.13 2.57
CA LYS A 94 9.10 12.93 1.20
C LYS A 94 9.87 11.81 0.50
N CYS A 95 11.13 11.70 0.78
CA CYS A 95 11.95 10.63 0.16
C CYS A 95 11.67 9.30 0.85
N GLU A 96 11.64 9.31 2.17
CA GLU A 96 11.38 8.04 2.93
C GLU A 96 10.19 7.31 2.29
N ASP A 97 9.13 8.02 2.00
CA ASP A 97 7.95 7.37 1.37
C ASP A 97 8.19 7.24 -0.14
N LYS A 98 8.85 8.20 -0.73
CA LYS A 98 9.14 8.12 -2.20
C LYS A 98 9.65 6.73 -2.56
N PHE A 99 10.56 6.19 -1.77
CA PHE A 99 11.07 4.83 -2.09
C PHE A 99 10.15 3.78 -1.48
N THR A 100 9.62 4.01 -0.30
CA THR A 100 8.70 3.00 0.29
C THR A 100 7.61 2.65 -0.73
N LYS A 101 7.00 3.64 -1.31
CA LYS A 101 5.95 3.38 -2.32
C LYS A 101 6.60 2.97 -3.65
N SER A 102 7.60 3.69 -4.07
CA SER A 102 8.29 3.33 -5.34
C SER A 102 8.89 1.93 -5.22
N LYS A 103 9.05 1.46 -4.00
CA LYS A 103 9.63 0.10 -3.79
C LYS A 103 8.51 -0.95 -3.81
N THR A 104 7.36 -0.62 -3.26
CA THR A 104 6.24 -1.60 -3.30
C THR A 104 5.79 -1.75 -4.75
N VAL A 105 5.64 -0.66 -5.44
CA VAL A 105 5.26 -0.72 -6.88
C VAL A 105 6.40 -1.38 -7.65
N TYR A 106 7.61 -1.00 -7.33
CA TYR A 106 8.79 -1.58 -7.99
C TYR A 106 8.79 -3.11 -7.79
N SER A 107 8.69 -3.53 -6.55
CA SER A 107 8.67 -4.99 -6.26
C SER A 107 7.40 -5.62 -6.85
N ILE A 108 6.29 -4.91 -6.78
CA ILE A 108 5.02 -5.46 -7.37
C ILE A 108 5.30 -5.89 -8.82
N LEU A 109 6.05 -5.10 -9.52
CA LEU A 109 6.39 -5.46 -10.93
C LEU A 109 7.40 -6.61 -10.89
N ARG A 110 8.30 -6.57 -9.94
CA ARG A 110 9.31 -7.68 -9.82
C ARG A 110 8.58 -9.01 -9.66
N HIS A 111 7.56 -9.03 -8.85
CA HIS A 111 6.80 -10.29 -8.65
C HIS A 111 6.01 -10.62 -9.93
N VAL A 112 5.33 -9.65 -10.50
CA VAL A 112 4.58 -9.90 -11.76
C VAL A 112 5.50 -10.62 -12.75
N ALA A 113 6.74 -10.21 -12.78
CA ALA A 113 7.72 -10.88 -13.68
C ALA A 113 8.01 -12.27 -13.11
N GLU A 114 8.28 -12.35 -11.84
CA GLU A 114 8.54 -13.69 -11.21
C GLU A 114 7.28 -14.56 -11.33
N VAL A 115 6.16 -13.95 -11.62
CA VAL A 115 4.90 -14.71 -11.76
C VAL A 115 4.78 -15.22 -13.21
N LEU A 116 5.32 -14.49 -14.14
CA LEU A 116 5.24 -14.91 -15.57
C LEU A 116 6.58 -15.48 -16.05
N GLU A 117 7.43 -15.80 -15.12
CA GLU A 117 8.77 -16.39 -15.45
C GLU A 117 9.67 -15.37 -16.15
N TYR A 118 9.87 -14.22 -15.56
CA TYR A 118 10.76 -13.20 -16.18
C TYR A 118 12.17 -13.32 -15.61
N THR A 119 12.88 -14.35 -16.00
CA THR A 119 14.27 -14.56 -15.48
C THR A 119 15.28 -13.65 -16.20
N LYS A 120 14.82 -12.60 -16.85
CA LYS A 120 15.76 -11.69 -17.57
C LYS A 120 15.73 -10.30 -16.93
N ASP A 121 16.87 -9.69 -16.74
CA ASP A 121 16.89 -8.32 -16.13
C ASP A 121 16.13 -7.35 -17.04
N GLU A 122 16.26 -7.51 -18.32
CA GLU A 122 15.54 -6.61 -19.27
C GLU A 122 14.03 -6.79 -19.13
N GLN A 123 13.60 -7.97 -18.73
CA GLN A 123 12.14 -8.24 -18.57
C GLN A 123 11.57 -7.30 -17.50
N LEU A 124 12.05 -7.39 -16.28
CA LEU A 124 11.52 -6.49 -15.21
C LEU A 124 11.71 -5.02 -15.61
N GLU A 125 12.86 -4.70 -16.15
CA GLU A 125 13.11 -3.29 -16.56
C GLU A 125 12.16 -2.92 -17.70
N SER A 126 11.78 -3.89 -18.49
CA SER A 126 10.84 -3.60 -19.61
C SER A 126 9.45 -3.31 -19.01
N LEU A 127 9.03 -4.12 -18.09
CA LEU A 127 7.71 -3.88 -17.44
C LEU A 127 7.79 -2.56 -16.68
N PHE A 128 8.86 -2.37 -15.97
CA PHE A 128 9.06 -1.10 -15.21
C PHE A 128 8.77 0.10 -16.12
N GLN A 129 9.35 0.09 -17.28
CA GLN A 129 9.12 1.21 -18.25
C GLN A 129 7.68 1.13 -18.78
N ARG A 130 7.08 -0.03 -18.70
CA ARG A 130 5.69 -0.18 -19.21
C ARG A 130 4.64 -0.03 -18.09
N THR A 131 5.03 0.34 -16.90
CA THR A 131 3.98 0.50 -15.83
C THR A 131 4.41 1.52 -14.76
N ALA A 132 5.16 1.09 -13.78
CA ALA A 132 5.60 2.03 -12.71
C ALA A 132 6.24 3.28 -13.31
N TRP A 133 6.80 3.15 -14.49
CA TRP A 133 7.47 4.32 -15.11
C TRP A 133 6.47 5.13 -15.94
N VAL A 134 5.44 4.50 -16.43
CA VAL A 134 4.43 5.26 -17.22
C VAL A 134 3.72 6.22 -16.29
N PHE A 135 3.29 5.75 -15.15
CA PHE A 135 2.60 6.64 -14.18
C PHE A 135 3.65 7.54 -13.52
N ASP A 136 4.75 6.99 -13.08
CA ASP A 136 5.81 7.82 -12.45
C ASP A 136 6.13 9.02 -13.36
N ASP A 137 5.99 8.82 -14.65
CA ASP A 137 6.25 9.94 -15.60
C ASP A 137 4.94 10.62 -15.99
N LYS A 138 3.87 9.92 -15.81
CA LYS A 138 2.53 10.48 -16.15
C LYS A 138 2.25 11.74 -15.33
N TYR A 139 2.61 11.74 -14.08
CA TYR A 139 2.35 12.96 -13.23
C TYR A 139 3.65 13.68 -12.92
N LYS A 140 4.67 13.51 -13.72
CA LYS A 140 5.97 14.19 -13.45
C LYS A 140 6.37 14.02 -11.98
N ARG A 141 6.13 12.85 -11.43
CA ARG A 141 6.48 12.62 -9.99
C ARG A 141 7.53 11.50 -9.85
N PRO A 142 8.29 11.58 -8.80
CA PRO A 142 9.36 10.58 -8.54
C PRO A 142 8.76 9.25 -8.06
N GLY A 143 8.02 8.57 -8.89
CA GLY A 143 7.43 7.26 -8.48
C GLY A 143 6.11 7.48 -7.74
N TYR A 144 6.04 8.48 -6.90
CA TYR A 144 4.78 8.74 -6.13
C TYR A 144 3.55 8.65 -7.05
N GLY A 145 3.70 9.04 -8.28
CA GLY A 145 2.55 8.96 -9.24
C GLY A 145 2.31 7.49 -9.58
N ALA A 146 3.38 6.74 -9.75
CA ALA A 146 3.21 5.29 -10.08
C ALA A 146 2.39 4.61 -9.00
N TYR A 147 2.74 4.83 -7.75
CA TYR A 147 1.96 4.19 -6.64
C TYR A 147 0.54 4.74 -6.60
N ASP A 148 0.40 6.00 -6.27
CA ASP A 148 -0.96 6.63 -6.21
C ASP A 148 -1.82 6.19 -7.39
N ALA A 149 -1.24 6.17 -8.56
CA ALA A 149 -2.00 5.73 -9.77
C ALA A 149 -2.40 4.25 -9.64
N PHE A 150 -1.55 3.45 -9.05
CA PHE A 150 -1.89 2.00 -8.89
C PHE A 150 -2.93 1.84 -7.78
N LYS A 151 -3.04 2.82 -6.91
CA LYS A 151 -4.05 2.75 -5.82
C LYS A 151 -5.40 3.29 -6.33
N HIS A 152 -5.35 4.10 -7.35
CA HIS A 152 -6.62 4.68 -7.90
C HIS A 152 -7.11 3.84 -9.09
N ALA A 153 -6.26 3.04 -9.67
CA ALA A 153 -6.69 2.22 -10.84
C ALA A 153 -7.66 1.11 -10.40
N VAL A 154 -7.79 0.90 -9.11
CA VAL A 154 -8.72 -0.15 -8.63
C VAL A 154 -10.16 0.36 -8.67
N SER A 155 -10.35 1.63 -8.43
CA SER A 155 -11.74 2.19 -8.45
C SER A 155 -11.88 3.18 -9.61
N ASP A 156 -10.81 3.83 -9.99
CA ASP A 156 -10.89 4.81 -11.12
C ASP A 156 -10.09 4.31 -12.32
N PRO A 157 -10.73 3.49 -13.13
CA PRO A 157 -10.06 2.95 -14.34
C PRO A 157 -9.98 4.01 -15.44
N SER A 158 -10.47 5.20 -15.18
CA SER A 158 -10.43 6.27 -16.23
C SER A 158 -8.97 6.65 -16.52
N ILE A 159 -8.05 6.22 -15.70
CA ILE A 159 -6.61 6.56 -15.93
C ILE A 159 -5.94 5.46 -16.77
N LEU A 160 -6.49 4.28 -16.77
CA LEU A 160 -5.88 3.17 -17.57
C LEU A 160 -6.70 2.93 -18.84
N ASP A 161 -7.37 3.94 -19.33
CA ASP A 161 -8.18 3.77 -20.56
C ASP A 161 -7.27 3.63 -21.79
N SER A 162 -6.16 4.32 -21.80
CA SER A 162 -5.24 4.23 -22.96
C SER A 162 -4.00 3.39 -22.62
N LEU A 163 -4.07 2.59 -21.59
CA LEU A 163 -2.88 1.76 -21.24
C LEU A 163 -2.93 0.44 -22.02
N ASP A 164 -2.47 0.46 -23.24
CA ASP A 164 -2.49 -0.77 -24.08
C ASP A 164 -1.51 -1.81 -23.51
N LEU A 165 -1.98 -2.68 -22.66
CA LEU A 165 -1.09 -3.71 -22.07
C LEU A 165 -1.51 -5.11 -22.53
N ASN A 166 -0.71 -6.11 -22.25
CA ASN A 166 -1.07 -7.49 -22.67
C ASN A 166 -2.17 -8.05 -21.75
N GLU A 167 -2.78 -9.13 -22.14
CA GLU A 167 -3.86 -9.72 -21.30
C GLU A 167 -3.27 -10.42 -20.09
N ASP A 168 -2.02 -10.73 -20.16
CA ASP A 168 -1.34 -11.44 -19.02
C ASP A 168 -0.73 -10.40 -18.07
N GLU A 169 -0.12 -9.38 -18.60
CA GLU A 169 0.50 -8.35 -17.71
C GLU A 169 -0.59 -7.47 -17.10
N ARG A 170 -1.68 -7.30 -17.78
CA ARG A 170 -2.79 -6.46 -17.24
C ARG A 170 -3.55 -7.24 -16.17
N GLU A 171 -3.85 -8.48 -16.43
CA GLU A 171 -4.59 -9.30 -15.43
C GLU A 171 -3.73 -9.53 -14.18
N VAL A 172 -2.45 -9.76 -14.35
CA VAL A 172 -1.57 -9.98 -13.15
C VAL A 172 -1.32 -8.63 -12.49
N LEU A 173 -1.12 -7.60 -13.27
CA LEU A 173 -0.88 -6.25 -12.68
C LEU A 173 -2.05 -5.88 -11.78
N ILE A 174 -3.26 -6.01 -12.25
CA ILE A 174 -4.44 -5.66 -11.40
C ILE A 174 -4.56 -6.67 -10.24
N ASN A 175 -4.21 -7.91 -10.48
CA ASN A 175 -4.29 -8.92 -9.39
C ASN A 175 -3.41 -8.46 -8.23
N ASN A 176 -2.29 -7.86 -8.52
CA ASN A 176 -1.39 -7.36 -7.45
C ASN A 176 -1.96 -6.08 -6.85
N ILE A 177 -2.51 -5.21 -7.68
CA ILE A 177 -3.11 -3.95 -7.15
C ILE A 177 -4.07 -4.29 -6.00
N ASN A 178 -4.83 -5.33 -6.16
CA ASN A 178 -5.79 -5.72 -5.09
C ASN A 178 -5.08 -6.54 -4.02
N ARG A 179 -4.20 -7.42 -4.40
CA ARG A 179 -3.47 -8.24 -3.40
C ARG A 179 -2.49 -7.37 -2.61
N ARG A 180 -2.27 -6.15 -3.04
CA ARG A 180 -1.32 -5.27 -2.32
C ARG A 180 -1.98 -3.95 -1.93
N LEU A 181 -3.06 -3.56 -2.58
CA LEU A 181 -3.72 -2.27 -2.22
C LEU A 181 -5.15 -2.52 -1.72
N THR A 182 -5.67 -3.70 -1.93
CA THR A 182 -7.05 -4.00 -1.46
C THR A 182 -7.00 -5.03 -0.31
N PRO A 183 -7.24 -4.56 0.89
CA PRO A 183 -7.20 -5.46 2.07
C PRO A 183 -8.43 -6.38 2.07
N GLN A 184 -8.71 -7.01 3.18
CA GLN A 184 -9.89 -7.91 3.25
C GLN A 184 -10.98 -7.26 4.11
N ALA A 185 -12.14 -7.82 4.13
CA ALA A 185 -13.24 -7.24 4.94
C ALA A 185 -13.30 -7.90 6.31
N VAL A 186 -14.43 -7.85 6.96
CA VAL A 186 -14.52 -8.46 8.31
C VAL A 186 -15.60 -9.56 8.37
N LYS A 187 -15.56 -10.35 9.41
CA LYS A 187 -16.58 -11.43 9.59
C LYS A 187 -17.68 -10.90 10.51
N ILE A 188 -18.89 -10.81 10.02
CA ILE A 188 -19.98 -10.27 10.88
C ILE A 188 -20.96 -11.37 11.27
N ARG A 189 -21.54 -11.28 12.45
CA ARG A 189 -22.54 -12.31 12.86
C ARG A 189 -23.50 -11.78 13.94
N ALA A 190 -24.78 -11.91 13.71
CA ALA A 190 -25.80 -11.46 14.71
C ALA A 190 -26.80 -12.60 14.98
N ASP A 191 -27.60 -12.49 16.01
CA ASP A 191 -28.57 -13.58 16.31
C ASP A 191 -30.00 -13.08 16.10
N ILE A 192 -30.86 -13.89 15.55
CA ILE A 192 -32.26 -13.45 15.33
C ILE A 192 -33.23 -14.60 15.62
N GLU A 193 -34.44 -14.31 15.97
CA GLU A 193 -35.42 -15.39 16.25
C GLU A 193 -36.67 -15.19 15.38
N VAL A 194 -36.79 -15.95 14.33
CA VAL A 194 -37.98 -15.79 13.43
C VAL A 194 -39.10 -16.74 13.86
N ALA A 195 -40.32 -16.41 13.52
CA ALA A 195 -41.46 -17.29 13.90
C ALA A 195 -42.72 -16.87 13.14
N CYS A 196 -43.27 -17.74 12.32
CA CYS A 196 -44.48 -17.36 11.56
C CYS A 196 -45.71 -18.12 12.07
N TYR A 197 -46.85 -17.48 12.12
CA TYR A 197 -48.07 -18.16 12.62
C TYR A 197 -49.00 -18.50 11.44
N GLY A 198 -48.44 -18.59 10.26
CA GLY A 198 -49.27 -18.92 9.07
C GLY A 198 -48.90 -20.33 8.61
N TYR A 199 -49.82 -21.26 8.72
CA TYR A 199 -49.52 -22.65 8.29
C TYR A 199 -48.44 -23.25 9.20
N GLU A 200 -47.51 -23.99 8.65
CA GLU A 200 -46.43 -24.59 9.49
C GLU A 200 -45.41 -23.52 9.87
N GLY A 201 -45.57 -22.32 9.37
CA GLY A 201 -44.61 -21.23 9.69
C GLY A 201 -43.28 -21.56 9.02
N ILE A 202 -43.29 -22.46 8.08
CA ILE A 202 -42.04 -22.85 7.39
C ILE A 202 -41.95 -22.14 6.02
N ASP A 203 -43.07 -21.79 5.44
CA ASP A 203 -43.04 -21.09 4.12
C ASP A 203 -42.53 -19.67 4.30
N ALA A 204 -42.89 -19.05 5.40
CA ALA A 204 -42.41 -17.67 5.67
C ALA A 204 -41.04 -17.74 6.32
N VAL A 205 -40.75 -18.86 6.92
CA VAL A 205 -39.43 -19.06 7.57
C VAL A 205 -38.35 -19.18 6.48
N LYS A 206 -38.58 -20.02 5.51
CA LYS A 206 -37.58 -20.18 4.41
C LYS A 206 -37.57 -18.93 3.52
N GLU A 207 -38.73 -18.47 3.12
CA GLU A 207 -38.80 -17.26 2.26
C GLU A 207 -38.09 -16.08 2.96
N ALA A 208 -38.43 -15.84 4.20
CA ALA A 208 -37.78 -14.71 4.94
C ALA A 208 -36.26 -14.90 4.97
N LEU A 209 -35.80 -15.97 5.56
CA LEU A 209 -34.32 -16.20 5.63
C LEU A 209 -33.69 -15.94 4.26
N ARG A 210 -34.36 -16.30 3.20
CA ARG A 210 -33.80 -16.05 1.83
C ARG A 210 -33.75 -14.55 1.58
N ALA A 211 -34.70 -13.82 2.12
CA ALA A 211 -34.71 -12.34 1.93
C ALA A 211 -33.56 -11.72 2.71
N GLY A 212 -33.38 -12.13 3.95
CA GLY A 212 -32.25 -11.57 4.75
C GLY A 212 -30.94 -12.11 4.21
N LEU A 213 -31.00 -13.16 3.43
CA LEU A 213 -29.74 -13.75 2.85
C LEU A 213 -29.44 -13.10 1.50
N ASN A 214 -30.44 -12.68 0.78
CA ASN A 214 -30.20 -12.04 -0.54
C ASN A 214 -30.02 -10.53 -0.37
N CYS A 215 -30.42 -10.00 0.75
CA CYS A 215 -30.25 -8.53 0.99
C CYS A 215 -28.76 -8.16 0.90
N SER A 216 -27.89 -9.13 0.98
CA SER A 216 -26.43 -8.84 0.91
C SER A 216 -26.11 -8.03 -0.35
N THR A 217 -24.87 -7.74 -0.57
CA THR A 217 -24.48 -6.94 -1.78
C THR A 217 -23.38 -7.66 -2.55
N GLU A 218 -22.95 -7.11 -3.65
CA GLU A 218 -21.88 -7.76 -4.46
C GLU A 218 -20.64 -7.99 -3.58
N ASN A 219 -19.95 -9.08 -3.78
CA ASN A 219 -18.75 -9.38 -2.94
C ASN A 219 -19.12 -9.34 -1.45
N MET A 220 -20.30 -9.81 -1.12
CA MET A 220 -20.75 -9.81 0.30
C MET A 220 -21.60 -11.07 0.57
N PRO A 221 -20.95 -12.20 0.65
CA PRO A 221 -21.66 -13.47 0.90
C PRO A 221 -22.14 -13.54 2.36
N ILE A 222 -23.37 -13.96 2.56
CA ILE A 222 -23.92 -14.06 3.94
C ILE A 222 -24.40 -15.49 4.22
N LYS A 223 -24.42 -15.89 5.46
CA LYS A 223 -24.86 -17.28 5.80
C LYS A 223 -25.70 -17.31 7.07
N ILE A 224 -26.83 -17.93 7.03
CA ILE A 224 -27.69 -18.03 8.24
C ILE A 224 -27.86 -19.51 8.62
N ASN A 225 -27.46 -19.88 9.80
CA ASN A 225 -27.58 -21.31 10.21
C ASN A 225 -28.54 -21.43 11.40
N LEU A 226 -29.09 -22.59 11.62
CA LEU A 226 -30.04 -22.74 12.77
C LEU A 226 -29.41 -23.56 13.90
N ILE A 227 -29.28 -22.96 15.05
CA ILE A 227 -28.72 -23.69 16.22
C ILE A 227 -29.85 -23.96 17.22
N ALA A 228 -30.94 -23.24 17.07
CA ALA A 228 -32.10 -23.42 17.98
C ALA A 228 -33.28 -22.59 17.46
N PRO A 229 -34.48 -22.99 17.79
CA PRO A 229 -35.67 -22.24 17.32
C PRO A 229 -35.80 -20.85 17.99
N PRO A 230 -35.34 -20.70 19.23
CA PRO A 230 -35.46 -19.38 19.89
C PRO A 230 -34.40 -18.40 19.35
N ARG A 231 -33.40 -18.87 18.66
CA ARG A 231 -32.36 -17.92 18.14
C ARG A 231 -31.60 -18.53 16.96
N TYR A 232 -31.41 -17.74 15.92
CA TYR A 232 -30.66 -18.23 14.73
C TYR A 232 -29.29 -17.57 14.68
N VAL A 233 -28.47 -17.93 13.74
CA VAL A 233 -27.13 -17.30 13.64
C VAL A 233 -26.93 -16.77 12.21
N MET A 234 -26.78 -15.48 12.06
CA MET A 234 -26.61 -14.91 10.69
C MET A 234 -25.25 -14.21 10.60
N THR A 235 -24.42 -14.65 9.69
CA THR A 235 -23.08 -14.02 9.57
C THR A 235 -22.76 -13.71 8.10
N THR A 236 -21.64 -13.10 7.85
CA THR A 236 -21.26 -12.78 6.45
C THR A 236 -19.87 -12.14 6.43
N THR A 237 -19.45 -11.74 5.27
CA THR A 237 -18.12 -11.07 5.14
C THR A 237 -18.31 -9.73 4.44
N THR A 238 -18.12 -8.65 5.14
CA THR A 238 -18.32 -7.31 4.51
C THR A 238 -17.23 -6.34 4.95
N LEU A 239 -16.60 -5.69 4.01
CA LEU A 239 -15.53 -4.70 4.35
C LEU A 239 -16.07 -3.72 5.41
N GLU A 240 -15.23 -3.27 6.31
CA GLU A 240 -15.71 -2.32 7.37
C GLU A 240 -16.70 -3.03 8.29
N ARG A 241 -16.58 -2.82 9.56
CA ARG A 241 -17.51 -3.49 10.53
C ARG A 241 -18.88 -2.81 10.54
N THR A 242 -18.92 -1.53 10.28
CA THR A 242 -20.23 -0.81 10.29
C THR A 242 -21.05 -1.21 9.05
N GLU A 243 -20.57 -0.89 7.87
CA GLU A 243 -21.33 -1.25 6.63
C GLU A 243 -21.74 -2.73 6.67
N GLY A 244 -20.84 -3.60 7.01
CA GLY A 244 -21.18 -5.05 7.08
C GLY A 244 -22.40 -5.23 7.97
N LEU A 245 -22.22 -5.02 9.25
CA LEU A 245 -23.38 -5.15 10.18
C LEU A 245 -24.55 -4.32 9.67
N SER A 246 -24.25 -3.29 8.91
CA SER A 246 -25.35 -2.46 8.34
C SER A 246 -26.21 -3.31 7.42
N VAL A 247 -25.61 -4.25 6.73
CA VAL A 247 -26.42 -5.13 5.83
C VAL A 247 -27.10 -6.21 6.69
N LEU A 248 -26.44 -6.64 7.74
CA LEU A 248 -27.06 -7.66 8.63
C LEU A 248 -28.37 -7.11 9.17
N SER A 249 -28.31 -5.96 9.81
CA SER A 249 -29.55 -5.34 10.36
C SER A 249 -30.57 -5.12 9.24
N GLN A 250 -30.17 -4.45 8.18
CA GLN A 250 -31.12 -4.21 7.05
C GLN A 250 -31.72 -5.54 6.57
N ALA A 251 -30.89 -6.54 6.42
CA ALA A 251 -31.41 -7.86 5.96
C ALA A 251 -32.31 -8.45 7.05
N MET A 252 -31.77 -8.61 8.23
CA MET A 252 -32.58 -9.16 9.36
C MET A 252 -33.83 -8.30 9.56
N ALA A 253 -33.80 -7.08 9.08
CA ALA A 253 -34.99 -6.19 9.23
C ALA A 253 -35.96 -6.55 8.10
N VAL A 254 -35.43 -7.00 7.00
CA VAL A 254 -36.29 -7.40 5.87
C VAL A 254 -37.08 -8.64 6.30
N ILE A 255 -36.41 -9.69 6.69
CA ILE A 255 -37.14 -10.90 7.15
C ILE A 255 -38.02 -10.53 8.33
N LYS A 256 -37.58 -9.59 9.15
CA LYS A 256 -38.43 -9.14 10.28
C LYS A 256 -39.71 -8.57 9.66
N GLU A 257 -39.57 -7.96 8.51
CA GLU A 257 -40.75 -7.40 7.82
C GLU A 257 -41.42 -8.52 7.03
N LYS A 258 -40.68 -9.53 6.64
CA LYS A 258 -41.30 -10.65 5.88
C LYS A 258 -41.88 -11.67 6.85
N ILE A 259 -41.61 -11.53 8.13
CA ILE A 259 -42.17 -12.47 9.12
C ILE A 259 -43.27 -11.77 9.90
N GLU A 260 -43.23 -10.46 9.95
CA GLU A 260 -44.29 -9.71 10.68
C GLU A 260 -45.47 -9.43 9.75
N GLU A 261 -45.19 -9.00 8.54
CA GLU A 261 -46.29 -8.70 7.58
C GLU A 261 -47.07 -9.98 7.25
N LYS A 262 -46.50 -11.13 7.50
CA LYS A 262 -47.21 -12.41 7.22
C LYS A 262 -47.61 -13.08 8.52
N ARG A 263 -47.82 -12.31 9.57
CA ARG A 263 -48.22 -12.89 10.89
C ARG A 263 -47.11 -13.78 11.45
N GLY A 264 -46.02 -13.19 11.87
CA GLY A 264 -44.90 -13.98 12.45
C GLY A 264 -44.25 -13.20 13.60
N VAL A 265 -42.99 -13.46 13.86
CA VAL A 265 -42.30 -12.76 14.98
C VAL A 265 -40.78 -12.74 14.73
N PHE A 266 -40.10 -11.74 15.22
CA PHE A 266 -38.62 -11.64 15.04
C PHE A 266 -38.00 -11.18 16.35
N ASN A 267 -36.88 -11.73 16.73
CA ASN A 267 -36.23 -11.28 18.00
C ASN A 267 -34.72 -11.46 17.93
N VAL A 268 -33.99 -10.38 17.82
CA VAL A 268 -32.50 -10.47 17.76
C VAL A 268 -31.99 -11.04 19.09
N GLN A 269 -30.83 -11.66 19.10
CA GLN A 269 -30.33 -12.22 20.40
C GLN A 269 -28.90 -11.76 20.69
N MET A 270 -28.20 -11.25 19.71
CA MET A 270 -26.80 -10.79 19.98
C MET A 270 -26.44 -9.62 19.05
N GLU A 271 -27.42 -8.96 18.50
CA GLU A 271 -27.16 -7.80 17.59
C GLU A 271 -26.02 -8.12 16.60
N PRO A 272 -25.65 -7.13 15.83
CA PRO A 272 -24.55 -7.32 14.85
C PRO A 272 -23.21 -7.45 15.59
N LYS A 273 -22.50 -8.51 15.35
CA LYS A 273 -21.19 -8.71 16.03
C LYS A 273 -20.07 -8.90 15.00
N VAL A 274 -19.47 -7.83 14.59
CA VAL A 274 -18.36 -7.92 13.60
C VAL A 274 -17.15 -8.58 14.28
N VAL A 275 -16.41 -9.38 13.56
CA VAL A 275 -15.24 -10.06 14.18
C VAL A 275 -13.94 -9.45 13.65
N THR A 276 -13.18 -8.86 14.53
CA THR A 276 -11.88 -8.24 14.10
C THR A 276 -10.74 -8.76 14.98
N ASP A 277 -9.82 -9.50 14.42
CA ASP A 277 -8.69 -10.03 15.23
C ASP A 277 -7.61 -8.97 15.41
N THR A 278 -7.66 -7.90 14.66
CA THR A 278 -6.63 -6.82 14.81
C THR A 278 -7.08 -5.78 15.85
N ASP A 279 -8.35 -5.75 16.16
CA ASP A 279 -8.84 -4.75 17.16
C ASP A 279 -8.20 -4.99 18.54
N GLU A 280 -7.50 -6.09 18.71
CA GLU A 280 -6.84 -6.36 20.02
C GLU A 280 -5.39 -5.87 20.00
N THR A 281 -4.67 -6.18 18.96
CA THR A 281 -3.25 -5.74 18.88
C THR A 281 -3.18 -4.23 18.60
N GLU A 282 -4.26 -3.65 18.14
CA GLU A 282 -4.24 -2.18 17.88
C GLU A 282 -4.43 -1.40 19.18
N LEU A 283 -4.87 -2.07 20.22
CA LEU A 283 -5.06 -1.37 21.52
C LEU A 283 -3.72 -1.31 22.28
N ALA A 284 -2.78 -2.13 21.88
CA ALA A 284 -1.45 -2.13 22.58
C ALA A 284 -0.57 -0.99 22.06
N ARG A 285 -0.81 -0.55 20.85
CA ARG A 285 0.03 0.56 20.30
C ARG A 285 -0.11 1.82 21.16
N GLN A 286 -1.06 1.84 22.07
CA GLN A 286 -1.24 3.03 22.94
C GLN A 286 -0.12 3.10 24.00
N MET A 287 0.69 2.07 24.09
CA MET A 287 1.78 2.08 25.10
C MET A 287 3.07 2.63 24.48
N GLU A 288 3.21 2.57 23.19
CA GLU A 288 4.44 3.10 22.54
C GLU A 288 4.67 4.57 22.91
N ARG A 289 5.73 4.86 23.60
CA ARG A 289 6.00 6.27 23.98
C ARG A 289 6.77 6.98 22.86
N LEU A 290 7.40 6.22 21.99
CA LEU A 290 8.16 6.83 20.87
C LEU A 290 7.22 7.11 19.69
N GLU A 291 6.00 6.63 19.77
CA GLU A 291 5.02 6.88 18.66
C GLU A 291 4.53 8.33 18.71
N ARG A 292 4.91 9.07 19.72
CA ARG A 292 4.47 10.49 19.81
C ARG A 292 5.41 11.39 18.98
N GLU A 293 6.42 10.83 18.38
CA GLU A 293 7.37 11.67 17.57
C GLU A 293 6.58 12.63 16.69
N ASN A 294 6.99 13.87 16.64
CA ASN A 294 6.26 14.86 15.80
C ASN A 294 7.17 16.04 15.44
N ALA A 295 7.55 16.14 14.20
CA ALA A 295 8.45 17.26 13.77
C ALA A 295 7.98 18.58 14.38
N GLU A 296 8.82 19.24 15.13
CA GLU A 296 8.42 20.52 15.76
C GLU A 296 8.78 21.70 14.85
N VAL A 297 7.79 22.34 14.29
CA VAL A 297 8.06 23.51 13.39
C VAL A 297 8.39 24.75 14.23
N ASP A 298 9.63 25.18 14.21
CA ASP A 298 10.01 26.38 15.01
C ASP A 298 11.36 26.92 14.55
N GLY A 299 12.24 26.06 14.09
CA GLY A 299 13.57 26.54 13.62
C GLY A 299 14.58 25.38 13.69
N ASP A 300 14.32 24.41 14.53
CA ASP A 300 15.27 23.26 14.64
C ASP A 300 14.57 21.97 14.19
#